data_8FM1
#
_entry.id   8FM1
#
_cell.length_a   159.428
_cell.length_b   159.428
_cell.length_c   433.875
_cell.angle_alpha   90.000
_cell.angle_beta   90.000
_cell.angle_gamma   90.000
#
_symmetry.space_group_name_H-M   'P 41 21 2'
#
loop_
_entity.id
_entity.type
_entity.pdbx_description
1 polymer 'SAVED domain-containing protein'
2 non-polymer 'ZINC ION'
#
_entity_poly.entity_id   1
_entity_poly.type   'polypeptide(L)'
_entity_poly.pdbx_seq_one_letter_code
;MAEKEDAKPASGRFNTNDETKRIVWTQTAGHCELCGTDLTFDYRAGKPMKWGEVAHILPASPKGPRGRADHDAEAHTNDT
ANLMLLCPGCHDKIDRDADGYPENDLSGLHQAYLERIRLAATTPDGGRAIPLIVQSQHFQTINDIPVRDLLTAMSAEGLT
AFDQGIKIAFAAPGPRGRDTTYWQNVKDSVQYELEQQLKRRGGTYGDSPALAVVGLADIPALMMLGQSIGDRSKRLIFSF
HREHLLRWPDQSAEPPSFLFTPPPNGDGPLALVLSISAQVPVRDVTDALPGARIAELSIPEPSYAMVQNRRVIHAFRDAL
QIRLSQLEALTPDPIHVFAAIPAALAIEFGALLTTQHQHTYLIFDRDKENQDRFTQTLQLGPVAQEAM
;
_entity_poly.pdbx_strand_id   A,B,C,D,E,F,G,H,I,J,K,L
#
# COMPACT_ATOMS: atom_id res chain seq x y z
N PHE A 14 32.96 -35.95 44.08
CA PHE A 14 31.69 -35.78 43.39
C PHE A 14 31.79 -36.23 41.94
N ASN A 15 33.01 -36.24 41.39
CA ASN A 15 33.18 -36.75 40.03
C ASN A 15 32.62 -38.16 39.96
N THR A 16 31.93 -38.46 38.86
CA THR A 16 31.11 -39.65 38.77
C THR A 16 31.18 -40.21 37.36
N ASN A 17 30.79 -41.47 37.20
CA ASN A 17 31.01 -42.13 35.93
C ASN A 17 30.11 -41.53 34.84
N ASP A 18 30.46 -41.85 33.60
CA ASP A 18 29.88 -41.18 32.43
C ASP A 18 28.41 -41.51 32.24
N GLU A 19 28.02 -42.77 32.42
CA GLU A 19 26.60 -43.10 32.22
C GLU A 19 25.76 -42.37 33.24
N THR A 20 26.28 -42.18 34.45
CA THR A 20 25.58 -41.39 35.45
C THR A 20 25.40 -39.95 34.98
N LYS A 21 26.43 -39.39 34.31
CA LYS A 21 26.30 -38.04 33.76
C LYS A 21 25.13 -37.98 32.78
N ARG A 22 25.05 -38.96 31.87
CA ARG A 22 24.00 -38.92 30.85
C ARG A 22 22.62 -38.99 31.48
N ILE A 23 22.44 -39.80 32.53
CA ILE A 23 21.15 -39.90 33.18
C ILE A 23 20.76 -38.58 33.81
N VAL A 24 21.70 -37.95 34.52
CA VAL A 24 21.42 -36.68 35.18
C VAL A 24 21.06 -35.60 34.16
N TRP A 25 21.87 -35.49 33.09
CA TRP A 25 21.53 -34.52 32.05
C TRP A 25 20.13 -34.78 31.49
N THR A 26 19.77 -36.05 31.32
CA THR A 26 18.48 -36.40 30.73
C THR A 26 17.33 -36.05 31.67
N GLN A 27 17.35 -36.61 32.89
CA GLN A 27 16.22 -36.44 33.80
C GLN A 27 15.98 -34.97 34.12
N THR A 28 17.01 -34.13 34.06
CA THR A 28 16.86 -32.70 34.30
C THR A 28 16.58 -31.89 33.03
N ALA A 29 16.56 -32.53 31.86
CA ALA A 29 16.34 -31.85 30.58
C ALA A 29 17.40 -30.79 30.30
N GLY A 30 18.61 -30.99 30.82
CA GLY A 30 19.75 -30.18 30.44
C GLY A 30 19.67 -28.72 30.83
N HIS A 31 18.94 -28.39 31.90
CA HIS A 31 18.90 -27.04 32.43
C HIS A 31 19.43 -27.00 33.85
N CYS A 32 20.00 -25.87 34.23
CA CYS A 32 20.43 -25.67 35.61
C CYS A 32 19.19 -25.56 36.50
N GLU A 33 19.10 -26.45 37.49
CA GLU A 33 17.90 -26.56 38.30
C GLU A 33 17.64 -25.30 39.13
N LEU A 34 18.68 -24.55 39.48
CA LEU A 34 18.51 -23.40 40.33
C LEU A 34 18.22 -22.10 39.58
N CYS A 35 18.34 -22.11 38.23
CA CYS A 35 18.14 -20.84 37.50
C CYS A 35 17.78 -21.02 36.03
N GLY A 36 17.27 -22.17 35.62
CA GLY A 36 16.75 -22.38 34.29
C GLY A 36 17.66 -22.13 33.09
N THR A 37 18.96 -21.95 33.29
CA THR A 37 19.83 -21.73 32.14
C THR A 37 19.95 -23.03 31.33
N ASP A 38 19.71 -22.95 30.02
CA ASP A 38 19.84 -24.10 29.15
C ASP A 38 21.33 -24.35 28.92
N LEU A 39 21.82 -25.51 29.35
CA LEU A 39 23.25 -25.78 29.27
C LEU A 39 23.66 -26.30 27.88
N THR A 40 22.71 -26.54 26.98
CA THR A 40 23.04 -26.92 25.61
C THR A 40 23.20 -25.71 24.69
N PHE A 41 23.36 -24.50 25.24
CA PHE A 41 23.28 -23.32 24.39
C PHE A 41 24.45 -23.27 23.40
N ASP A 42 25.59 -23.85 23.76
CA ASP A 42 26.71 -23.91 22.83
C ASP A 42 26.54 -25.02 21.79
N TYR A 43 25.85 -26.13 22.13
CA TYR A 43 25.50 -27.08 21.10
C TYR A 43 24.54 -26.43 20.10
N ARG A 44 23.68 -25.56 20.60
CA ARG A 44 22.77 -24.86 19.70
C ARG A 44 23.54 -23.90 18.80
N ALA A 45 24.87 -23.83 18.96
CA ALA A 45 25.75 -23.18 17.99
C ALA A 45 26.94 -24.05 17.57
N GLY A 46 26.95 -25.33 17.96
CA GLY A 46 27.95 -26.29 17.51
C GLY A 46 29.10 -26.67 18.44
N LYS A 47 28.95 -26.75 19.77
CA LYS A 47 30.04 -27.15 20.71
C LYS A 47 29.66 -28.30 21.67
N PRO A 48 30.62 -28.96 22.38
CA PRO A 48 30.34 -30.17 23.25
C PRO A 48 29.54 -30.06 24.55
N MET A 49 29.69 -30.98 25.54
CA MET A 49 28.85 -31.06 26.76
C MET A 49 29.62 -31.12 28.10
N LYS A 50 30.24 -30.01 28.58
CA LYS A 50 30.80 -29.92 29.96
C LYS A 50 30.58 -28.48 30.47
N TRP A 51 29.53 -27.78 30.02
CA TRP A 51 29.16 -26.47 30.57
C TRP A 51 28.36 -26.61 31.87
N GLY A 52 28.36 -27.80 32.49
CA GLY A 52 27.55 -28.07 33.66
C GLY A 52 28.22 -28.97 34.68
N GLU A 53 27.83 -28.77 35.95
CA GLU A 53 28.41 -29.45 37.10
C GLU A 53 27.33 -30.29 37.80
N VAL A 54 27.65 -31.53 38.16
CA VAL A 54 26.72 -32.40 38.87
C VAL A 54 27.03 -32.35 40.37
N ALA A 55 26.01 -32.12 41.19
CA ALA A 55 26.16 -32.07 42.63
C ALA A 55 25.21 -33.06 43.28
N HIS A 56 25.60 -33.59 44.42
CA HIS A 56 24.66 -34.35 45.19
C HIS A 56 23.72 -33.37 45.90
N ILE A 57 22.58 -33.87 46.33
CA ILE A 57 21.59 -32.99 46.93
C ILE A 57 21.78 -32.97 48.43
N LEU A 58 21.97 -34.14 48.99
CA LEU A 58 21.98 -34.27 50.42
C LEU A 58 23.40 -34.16 50.96
N PRO A 59 23.57 -33.51 52.11
CA PRO A 59 24.87 -33.53 52.77
C PRO A 59 25.27 -34.93 53.19
N ALA A 60 26.51 -35.03 53.69
CA ALA A 60 27.05 -36.28 54.23
C ALA A 60 26.86 -37.44 53.27
N ASN A 78 24.15 -43.57 44.29
CA ASN A 78 24.08 -44.36 43.03
C ASN A 78 22.74 -44.07 42.38
N ASP A 79 21.68 -44.14 43.16
CA ASP A 79 20.35 -43.77 42.64
C ASP A 79 20.58 -42.38 42.09
N THR A 80 20.48 -42.20 40.78
CA THR A 80 20.74 -40.93 40.10
C THR A 80 19.74 -39.87 40.55
N ALA A 81 18.57 -40.24 41.07
CA ALA A 81 17.55 -39.30 41.55
C ALA A 81 18.07 -38.42 42.69
N ASN A 82 19.26 -38.70 43.20
CA ASN A 82 19.86 -37.96 44.30
C ASN A 82 20.87 -36.90 43.82
N LEU A 83 20.93 -36.63 42.51
CA LEU A 83 21.96 -35.78 41.91
C LEU A 83 21.34 -34.63 41.13
N MET A 84 21.85 -33.41 41.36
CA MET A 84 21.36 -32.21 40.68
C MET A 84 22.30 -31.83 39.54
N LEU A 85 21.73 -31.19 38.51
CA LEU A 85 22.51 -30.60 37.43
C LEU A 85 22.54 -29.09 37.63
N LEU A 86 23.73 -28.51 37.63
CA LEU A 86 23.89 -27.08 37.89
C LEU A 86 24.79 -26.44 36.85
N CYS A 87 24.61 -25.11 36.65
CA CYS A 87 25.62 -24.39 35.89
C CYS A 87 26.75 -24.03 36.86
N PRO A 88 27.98 -23.89 36.37
CA PRO A 88 29.07 -23.53 37.28
C PRO A 88 28.78 -22.27 38.09
N GLY A 89 28.03 -21.33 37.52
CA GLY A 89 27.69 -20.12 38.26
C GLY A 89 26.95 -20.42 39.55
N CYS A 90 25.93 -21.28 39.50
CA CYS A 90 25.21 -21.65 40.71
C CYS A 90 26.02 -22.59 41.59
N HIS A 91 26.74 -23.55 40.98
CA HIS A 91 27.55 -24.49 41.74
C HIS A 91 28.57 -23.76 42.63
N ASP A 92 29.14 -22.66 42.14
CA ASP A 92 30.10 -21.91 42.94
C ASP A 92 29.46 -21.32 44.19
N LYS A 93 28.18 -20.94 44.11
CA LYS A 93 27.51 -20.27 45.21
C LYS A 93 27.07 -21.24 46.31
N ILE A 94 27.38 -22.51 46.19
CA ILE A 94 26.97 -23.52 47.16
C ILE A 94 28.14 -23.90 48.03
N ASP A 95 27.87 -24.13 49.31
CA ASP A 95 28.90 -24.58 50.23
C ASP A 95 29.12 -26.07 49.98
N ARG A 96 30.32 -26.56 50.28
CA ARG A 96 30.67 -27.92 49.90
C ARG A 96 31.79 -28.44 50.78
N ASP A 97 31.81 -29.77 50.94
CA ASP A 97 32.78 -30.47 51.76
C ASP A 97 33.88 -31.09 50.89
N ALA A 98 34.82 -31.77 51.55
CA ALA A 98 36.01 -32.25 50.87
C ALA A 98 35.70 -33.21 49.73
N ASP A 99 34.60 -33.96 49.81
CA ASP A 99 34.24 -34.86 48.73
C ASP A 99 33.36 -34.21 47.67
N GLY A 100 32.77 -33.04 47.95
CA GLY A 100 31.91 -32.37 47.00
C GLY A 100 30.45 -32.29 47.37
N TYR A 101 30.05 -32.85 48.51
CA TYR A 101 28.65 -32.81 48.91
C TYR A 101 28.29 -31.45 49.49
N PRO A 102 27.03 -31.04 49.35
CA PRO A 102 26.61 -29.74 49.87
C PRO A 102 26.48 -29.74 51.37
N GLU A 103 26.63 -28.55 51.96
CA GLU A 103 26.48 -28.45 53.41
C GLU A 103 25.02 -28.26 53.80
N ASN A 104 24.17 -27.70 52.93
CA ASN A 104 22.75 -27.60 53.19
C ASN A 104 21.96 -28.50 52.27
N ASP A 105 20.86 -29.05 52.79
CA ASP A 105 20.01 -29.97 52.04
C ASP A 105 19.09 -29.22 51.08
N LEU A 106 19.04 -29.68 49.82
CA LEU A 106 18.15 -29.10 48.81
C LEU A 106 17.21 -30.14 48.21
N SER A 107 17.00 -31.26 48.89
CA SER A 107 16.17 -32.33 48.34
C SER A 107 14.83 -31.78 47.86
N GLY A 108 14.28 -30.80 48.57
CA GLY A 108 13.00 -30.24 48.16
C GLY A 108 13.03 -29.61 46.78
N LEU A 109 13.99 -28.71 46.55
CA LEU A 109 14.10 -28.07 45.24
C LEU A 109 14.26 -29.11 44.13
N HIS A 110 15.23 -30.01 44.27
CA HIS A 110 15.48 -31.01 43.25
C HIS A 110 14.21 -31.79 42.91
N GLN A 111 13.64 -32.47 43.91
CA GLN A 111 12.45 -33.27 43.67
C GLN A 111 11.32 -32.43 43.09
N ALA A 112 11.13 -31.21 43.60
CA ALA A 112 10.19 -30.29 42.99
C ALA A 112 10.47 -30.12 41.50
N TYR A 113 11.72 -29.73 41.17
CA TYR A 113 12.11 -29.58 39.78
C TYR A 113 11.79 -30.82 38.97
N LEU A 114 12.26 -31.98 39.43
CA LEU A 114 12.00 -33.22 38.69
C LEU A 114 10.49 -33.46 38.55
N GLU A 115 9.74 -33.20 39.63
CA GLU A 115 8.28 -33.33 39.57
C GLU A 115 7.72 -32.48 38.43
N ARG A 116 8.15 -31.22 38.34
CA ARG A 116 7.68 -30.36 37.26
C ARG A 116 7.94 -31.01 35.90
N ILE A 117 9.18 -31.47 35.69
CA ILE A 117 9.53 -32.16 34.46
C ILE A 117 8.58 -33.33 34.24
N ARG A 118 8.48 -34.20 35.24
CA ARG A 118 7.65 -35.40 35.12
C ARG A 118 6.27 -35.06 34.57
N LEU A 119 5.58 -34.09 35.18
CA LEU A 119 4.26 -33.72 34.68
C LEU A 119 4.32 -33.28 33.21
N ALA A 120 5.24 -32.36 32.89
CA ALA A 120 5.33 -31.87 31.52
C ALA A 120 5.55 -33.02 30.55
N ALA A 121 6.50 -33.89 30.84
CA ALA A 121 6.84 -34.97 29.93
C ALA A 121 5.69 -35.96 29.78
N THR A 122 4.98 -36.26 30.86
CA THR A 122 3.93 -37.27 30.87
C THR A 122 2.55 -36.75 30.48
N THR A 123 2.43 -35.49 30.07
CA THR A 123 1.11 -34.89 29.84
C THR A 123 0.26 -35.68 28.86
N PRO A 124 -0.92 -36.16 29.26
CA PRO A 124 -1.82 -36.84 28.31
C PRO A 124 -2.41 -35.88 27.31
N ASP A 125 -2.63 -36.40 26.10
CA ASP A 125 -3.20 -35.59 25.01
C ASP A 125 -2.34 -34.35 24.78
N GLY A 126 -1.03 -34.57 24.71
CA GLY A 126 -0.10 -33.47 24.53
C GLY A 126 -0.39 -32.64 23.29
N GLY A 127 -1.18 -33.17 22.37
CA GLY A 127 -1.52 -32.44 21.17
C GLY A 127 -2.82 -31.67 21.21
N ARG A 128 -3.60 -31.79 22.28
CA ARG A 128 -4.84 -31.04 22.35
C ARG A 128 -4.55 -29.62 22.83
N ALA A 129 -5.20 -28.66 22.17
CA ALA A 129 -5.07 -27.25 22.47
C ALA A 129 -6.42 -26.62 22.19
N ILE A 130 -6.69 -25.50 22.83
CA ILE A 130 -7.97 -24.82 22.71
C ILE A 130 -7.86 -23.78 21.59
N PRO A 131 -8.71 -23.83 20.57
CA PRO A 131 -8.71 -22.77 19.56
C PRO A 131 -9.10 -21.43 20.17
N LEU A 132 -8.31 -20.40 19.85
CA LEU A 132 -8.55 -19.05 20.37
C LEU A 132 -8.35 -18.06 19.24
N ILE A 133 -9.45 -17.51 18.71
CA ILE A 133 -9.42 -16.55 17.61
C ILE A 133 -9.92 -15.22 18.16
N VAL A 134 -9.14 -14.15 17.96
CA VAL A 134 -9.53 -12.82 18.41
C VAL A 134 -9.36 -11.83 17.28
N GLN A 135 -10.44 -11.15 16.90
CA GLN A 135 -10.40 -10.20 15.80
C GLN A 135 -11.05 -8.88 16.20
N SER A 136 -10.63 -7.81 15.53
CA SER A 136 -11.16 -6.46 15.77
C SER A 136 -12.26 -6.25 14.78
N GLN A 137 -13.35 -5.61 15.19
CA GLN A 137 -14.54 -5.42 14.34
C GLN A 137 -14.14 -5.20 12.89
N HIS A 138 -13.20 -4.32 12.60
CA HIS A 138 -12.80 -3.98 11.21
C HIS A 138 -12.25 -5.18 10.45
N PHE A 139 -11.40 -6.00 11.05
CA PHE A 139 -10.69 -7.11 10.36
C PHE A 139 -11.58 -8.33 10.27
N GLN A 140 -12.57 -8.50 11.12
CA GLN A 140 -13.61 -9.50 10.95
C GLN A 140 -14.53 -9.19 9.77
N THR A 141 -14.88 -7.91 9.59
CA THR A 141 -15.75 -7.53 8.47
C THR A 141 -15.05 -7.74 7.14
N ILE A 142 -13.76 -7.39 7.06
CA ILE A 142 -12.99 -7.63 5.85
C ILE A 142 -12.71 -9.12 5.68
N ASN A 143 -12.03 -9.74 6.68
CA ASN A 143 -11.57 -11.12 6.57
C ASN A 143 -11.77 -11.92 7.86
N ASP A 144 -13.03 -12.26 8.12
CA ASP A 144 -13.38 -13.09 9.27
C ASP A 144 -12.67 -14.44 9.21
N ILE A 145 -12.00 -14.80 10.30
CA ILE A 145 -11.35 -16.10 10.44
C ILE A 145 -12.36 -17.04 11.10
N PRO A 146 -12.90 -18.03 10.39
CA PRO A 146 -13.77 -19.00 11.02
C PRO A 146 -12.98 -20.02 11.84
N VAL A 147 -13.64 -20.55 12.87
CA VAL A 147 -12.96 -21.46 13.78
C VAL A 147 -12.41 -22.66 13.03
N ARG A 148 -13.16 -23.15 12.04
CA ARG A 148 -12.72 -24.28 11.22
C ARG A 148 -11.35 -24.04 10.60
N ASP A 149 -11.07 -22.81 10.15
CA ASP A 149 -9.78 -22.56 9.51
C ASP A 149 -8.62 -22.72 10.49
N LEU A 150 -8.79 -22.28 11.74
CA LEU A 150 -7.73 -22.52 12.72
C LEU A 150 -7.57 -24.02 12.96
N LEU A 151 -8.68 -24.74 13.06
CA LEU A 151 -8.61 -26.19 13.21
C LEU A 151 -7.81 -26.80 12.06
N THR A 152 -8.03 -26.30 10.84
CA THR A 152 -7.30 -26.80 9.69
C THR A 152 -5.79 -26.63 9.88
N ALA A 153 -5.36 -25.42 10.25
CA ALA A 153 -3.95 -25.18 10.46
C ALA A 153 -3.40 -26.06 11.58
N MET A 154 -4.19 -26.28 12.62
CA MET A 154 -3.77 -27.17 13.70
C MET A 154 -3.54 -28.58 13.18
N SER A 155 -4.53 -29.14 12.47
CA SER A 155 -4.37 -30.47 11.89
C SER A 155 -3.09 -30.56 11.05
N ALA A 156 -2.77 -29.48 10.32
CA ALA A 156 -1.57 -29.49 9.49
C ALA A 156 -0.30 -29.58 10.33
N GLU A 157 -0.35 -29.24 11.61
CA GLU A 157 0.79 -29.37 12.50
C GLU A 157 0.75 -30.62 13.36
N GLY A 158 -0.32 -31.42 13.27
CA GLY A 158 -0.48 -32.53 14.16
C GLY A 158 -1.14 -32.20 15.48
N LEU A 159 -1.77 -31.03 15.59
CA LEU A 159 -2.52 -30.65 16.79
C LEU A 159 -4.00 -30.97 16.60
N THR A 160 -4.67 -31.15 17.72
CA THR A 160 -6.09 -31.51 17.77
C THR A 160 -6.76 -30.57 18.77
N ALA A 161 -8.09 -30.58 18.77
CA ALA A 161 -8.87 -29.56 19.44
C ALA A 161 -9.59 -30.09 20.67
N PHE A 162 -9.63 -29.26 21.72
CA PHE A 162 -10.37 -29.64 22.91
C PHE A 162 -11.86 -29.65 22.64
N ASP A 163 -12.36 -28.63 21.94
CA ASP A 163 -13.79 -28.47 21.71
C ASP A 163 -13.99 -27.31 20.74
N GLN A 164 -15.25 -26.88 20.61
CA GLN A 164 -15.59 -25.78 19.73
C GLN A 164 -14.66 -24.57 19.90
N GLY A 165 -14.07 -24.38 21.08
CA GLY A 165 -13.12 -23.29 21.21
C GLY A 165 -13.74 -21.92 21.41
N ILE A 166 -12.84 -20.94 21.44
CA ILE A 166 -13.13 -19.55 21.78
C ILE A 166 -12.98 -18.67 20.54
N LYS A 167 -14.01 -17.88 20.24
CA LYS A 167 -13.91 -16.81 19.25
C LYS A 167 -14.41 -15.50 19.87
N ILE A 168 -13.53 -14.51 19.94
CA ILE A 168 -13.78 -13.23 20.59
C ILE A 168 -13.67 -12.14 19.53
N ALA A 169 -14.50 -11.12 19.65
CA ALA A 169 -14.42 -9.93 18.80
C ALA A 169 -14.15 -8.72 19.69
N PHE A 170 -12.98 -8.09 19.52
CA PHE A 170 -12.69 -6.90 20.29
C PHE A 170 -13.77 -5.85 20.04
N ALA A 171 -14.23 -5.23 21.12
CA ALA A 171 -15.31 -4.25 21.01
C ALA A 171 -14.82 -3.02 20.28
N ALA A 172 -15.70 -2.42 19.49
CA ALA A 172 -15.36 -1.15 18.87
C ALA A 172 -15.33 -0.09 19.96
N PRO A 173 -14.27 0.71 20.07
CA PRO A 173 -14.24 1.74 21.13
C PRO A 173 -15.29 2.80 20.89
N GLY A 174 -15.89 3.27 21.99
CA GLY A 174 -16.87 4.32 21.94
C GLY A 174 -16.21 5.67 21.76
N PRO A 175 -16.97 6.75 21.98
CA PRO A 175 -16.37 8.09 21.94
C PRO A 175 -15.30 8.29 22.98
N ARG A 176 -15.31 7.51 24.06
CA ARG A 176 -14.24 7.61 25.03
C ARG A 176 -12.90 7.14 24.48
N GLY A 177 -12.86 6.63 23.25
CA GLY A 177 -11.63 6.12 22.71
C GLY A 177 -11.20 4.87 23.46
N ARG A 178 -9.94 4.50 23.29
CA ARG A 178 -9.35 3.37 23.99
C ARG A 178 -8.64 3.89 25.24
N ASP A 179 -9.46 4.27 26.22
CA ASP A 179 -8.99 4.74 27.52
C ASP A 179 -8.72 3.55 28.45
N THR A 180 -8.29 3.85 29.67
CA THR A 180 -7.94 2.80 30.60
C THR A 180 -9.12 1.86 30.85
N THR A 181 -10.33 2.40 30.91
CA THR A 181 -11.50 1.56 31.16
C THR A 181 -11.74 0.59 30.01
N TYR A 182 -11.66 1.08 28.78
CA TYR A 182 -11.81 0.21 27.61
C TYR A 182 -10.86 -0.98 27.68
N TRP A 183 -9.56 -0.71 27.88
CA TRP A 183 -8.59 -1.80 27.88
C TRP A 183 -8.90 -2.82 28.96
N GLN A 184 -9.27 -2.37 30.15
CA GLN A 184 -9.63 -3.30 31.21
C GLN A 184 -10.79 -4.19 30.79
N ASN A 185 -11.83 -3.59 30.21
CA ASN A 185 -12.97 -4.39 29.77
C ASN A 185 -12.55 -5.42 28.73
N VAL A 186 -11.63 -5.05 27.84
CA VAL A 186 -11.11 -5.98 26.85
C VAL A 186 -10.44 -7.17 27.53
N LYS A 187 -9.49 -6.87 28.43
CA LYS A 187 -8.78 -7.93 29.13
C LYS A 187 -9.73 -8.87 29.85
N ASP A 188 -10.68 -8.30 30.61
CA ASP A 188 -11.65 -9.13 31.33
C ASP A 188 -12.39 -10.06 30.39
N SER A 189 -12.85 -9.55 29.24
CA SER A 189 -13.60 -10.40 28.31
C SER A 189 -12.77 -11.61 27.90
N VAL A 190 -11.49 -11.41 27.59
CA VAL A 190 -10.62 -12.54 27.26
C VAL A 190 -10.53 -13.48 28.46
N GLN A 191 -10.09 -12.95 29.60
CA GLN A 191 -9.89 -13.77 30.78
C GLN A 191 -11.17 -14.49 31.20
N TYR A 192 -12.32 -13.86 31.01
CA TYR A 192 -13.58 -14.55 31.27
C TYR A 192 -13.61 -15.86 30.49
N GLU A 193 -13.48 -15.77 29.16
CA GLU A 193 -13.53 -16.96 28.32
C GLU A 193 -12.49 -17.99 28.71
N LEU A 194 -11.32 -17.54 29.18
CA LEU A 194 -10.28 -18.50 29.59
C LEU A 194 -10.72 -19.27 30.83
N GLU A 195 -11.27 -18.55 31.83
CA GLU A 195 -11.75 -19.20 33.04
C GLU A 195 -12.82 -20.24 32.73
N GLN A 196 -13.66 -19.98 31.74
CA GLN A 196 -14.77 -20.90 31.45
C GLN A 196 -14.25 -22.28 31.05
N GLN A 197 -13.09 -22.33 30.37
CA GLN A 197 -12.52 -23.63 30.01
C GLN A 197 -11.98 -24.38 31.21
N LEU A 198 -11.49 -23.65 32.22
CA LEU A 198 -11.04 -24.30 33.44
C LEU A 198 -12.19 -24.81 34.28
N LYS A 199 -13.36 -24.18 34.17
CA LYS A 199 -14.53 -24.69 34.87
C LYS A 199 -15.03 -26.00 34.27
N ARG A 200 -14.40 -26.50 33.20
CA ARG A 200 -14.72 -27.85 32.64
C ARG A 200 -13.95 -28.93 33.42
N ARG A 201 -13.40 -28.64 34.62
CA ARG A 201 -12.73 -29.61 35.54
C ARG A 201 -11.26 -29.85 35.12
N GLY A 202 -11.02 -30.40 33.93
CA GLY A 202 -9.65 -30.75 33.48
C GLY A 202 -8.65 -29.63 33.67
N GLY A 203 -9.05 -28.38 33.39
CA GLY A 203 -8.14 -27.22 33.48
C GLY A 203 -7.95 -26.72 34.90
N THR A 204 -9.03 -26.45 35.64
CA THR A 204 -8.98 -25.82 37.00
C THR A 204 -7.73 -26.24 37.78
N TYR A 205 -7.45 -27.54 37.90
CA TYR A 205 -6.28 -28.06 38.65
C TYR A 205 -5.55 -29.11 37.82
N GLY A 206 -4.31 -29.45 38.20
CA GLY A 206 -3.47 -30.43 37.46
C GLY A 206 -2.60 -29.73 36.44
N ASP A 207 -3.18 -29.28 35.32
CA ASP A 207 -2.45 -28.57 34.24
C ASP A 207 -3.43 -27.67 33.49
N SER A 208 -3.05 -26.43 33.14
CA SER A 208 -3.92 -25.51 32.42
C SER A 208 -3.73 -25.80 30.93
N PRO A 209 -4.80 -25.87 30.15
CA PRO A 209 -4.66 -26.37 28.79
C PRO A 209 -3.84 -25.44 27.92
N ALA A 210 -3.39 -25.98 26.80
CA ALA A 210 -2.62 -25.20 25.84
C ALA A 210 -3.56 -24.40 24.95
N LEU A 211 -3.04 -23.27 24.45
CA LEU A 211 -3.84 -22.36 23.65
C LEU A 211 -3.27 -22.27 22.24
N ALA A 212 -4.06 -22.70 21.26
CA ALA A 212 -3.80 -22.43 19.86
C ALA A 212 -4.44 -21.09 19.54
N VAL A 213 -3.64 -20.03 19.60
CA VAL A 213 -4.13 -18.66 19.54
C VAL A 213 -3.69 -18.00 18.24
N VAL A 214 -4.59 -17.24 17.64
CA VAL A 214 -4.31 -16.44 16.45
C VAL A 214 -5.08 -15.13 16.58
N GLY A 215 -4.48 -14.04 16.15
CA GLY A 215 -5.08 -12.73 16.27
C GLY A 215 -4.96 -11.94 14.98
N LEU A 216 -5.94 -11.07 14.75
CA LEU A 216 -5.95 -10.23 13.55
C LEU A 216 -6.50 -8.84 13.94
N ALA A 217 -5.71 -8.06 14.66
CA ALA A 217 -6.07 -6.70 15.03
C ALA A 217 -4.83 -5.82 15.00
N ASP A 218 -5.00 -4.55 15.40
CA ASP A 218 -3.87 -3.66 15.50
C ASP A 218 -2.94 -4.10 16.64
N ILE A 219 -1.72 -3.52 16.62
CA ILE A 219 -0.70 -3.95 17.60
C ILE A 219 -1.18 -3.80 19.02
N PRO A 220 -1.66 -2.63 19.47
CA PRO A 220 -2.03 -2.49 20.87
C PRO A 220 -2.99 -3.56 21.36
N ALA A 221 -4.04 -3.84 20.58
CA ALA A 221 -5.01 -4.85 20.97
C ALA A 221 -4.34 -6.21 21.16
N LEU A 222 -3.57 -6.65 20.17
CA LEU A 222 -2.95 -7.97 20.25
C LEU A 222 -1.99 -8.06 21.42
N MET A 223 -1.23 -6.99 21.69
CA MET A 223 -0.40 -6.98 22.90
C MET A 223 -1.25 -7.23 24.14
N MET A 224 -2.42 -6.61 24.21
CA MET A 224 -3.29 -6.82 25.37
C MET A 224 -3.75 -8.26 25.45
N LEU A 225 -4.08 -8.87 24.31
CA LEU A 225 -4.34 -10.30 24.29
C LEU A 225 -3.17 -11.08 24.87
N GLY A 226 -1.95 -10.69 24.50
CA GLY A 226 -0.77 -11.32 25.08
C GLY A 226 -0.73 -11.16 26.59
N GLN A 227 -1.03 -9.96 27.09
CA GLN A 227 -1.09 -9.75 28.54
C GLN A 227 -2.10 -10.68 29.20
N SER A 228 -3.23 -10.91 28.54
CA SER A 228 -4.29 -11.72 29.15
C SER A 228 -3.86 -13.17 29.34
N ILE A 229 -3.27 -13.79 28.31
CA ILE A 229 -2.89 -15.19 28.43
C ILE A 229 -1.62 -15.35 29.29
N GLY A 230 -0.73 -14.38 29.27
CA GLY A 230 0.40 -14.37 30.17
C GLY A 230 1.61 -15.13 29.66
N ASP A 231 2.77 -14.74 30.20
CA ASP A 231 4.05 -15.30 29.76
C ASP A 231 4.18 -16.77 30.07
N ARG A 232 3.67 -17.22 31.22
CA ARG A 232 3.85 -18.60 31.67
C ARG A 232 2.83 -19.57 31.10
N SER A 233 1.97 -19.15 30.17
CA SER A 233 0.99 -20.06 29.60
C SER A 233 1.59 -20.92 28.51
N LYS A 234 1.03 -22.12 28.34
CA LYS A 234 1.39 -23.03 27.24
C LYS A 234 0.64 -22.55 25.99
N ARG A 235 1.24 -21.60 25.30
CA ARG A 235 0.64 -20.92 24.15
C ARG A 235 1.29 -21.42 22.86
N LEU A 236 0.46 -21.72 21.86
CA LEU A 236 0.93 -22.08 20.52
C LEU A 236 0.40 -21.03 19.53
N ILE A 237 1.24 -20.06 19.18
CA ILE A 237 0.80 -18.91 18.39
C ILE A 237 0.80 -19.27 16.92
N PHE A 238 -0.15 -18.73 16.17
CA PHE A 238 -0.26 -18.91 14.73
C PHE A 238 -0.11 -17.57 14.01
N SER A 239 0.28 -17.65 12.72
CA SER A 239 0.56 -16.46 11.91
C SER A 239 -0.17 -16.50 10.56
N PHE A 240 -1.43 -16.04 10.57
CA PHE A 240 -2.23 -15.91 9.37
C PHE A 240 -1.96 -14.58 8.66
N HIS A 241 -0.71 -14.32 8.29
CA HIS A 241 -0.35 -13.08 7.61
C HIS A 241 -0.76 -13.08 6.15
N ARG A 242 -0.84 -14.25 5.52
CA ARG A 242 -1.25 -14.41 4.13
C ARG A 242 -2.62 -15.01 4.16
N GLU A 243 -3.62 -14.28 3.72
CA GLU A 243 -4.98 -14.47 4.22
C GLU A 243 -5.44 -15.93 4.26
N HIS A 244 -5.43 -16.61 3.12
CA HIS A 244 -5.91 -17.99 3.06
C HIS A 244 -4.78 -19.03 3.04
N LEU A 245 -3.59 -18.69 3.52
CA LEU A 245 -2.55 -19.67 3.78
C LEU A 245 -2.69 -20.17 5.21
N LEU A 246 -2.97 -21.46 5.37
CA LEU A 246 -3.18 -22.09 6.67
C LEU A 246 -2.03 -23.03 7.03
N ARG A 247 -0.81 -22.67 6.65
CA ARG A 247 0.42 -23.43 6.92
C ARG A 247 1.52 -22.49 7.30
N TRP A 248 2.49 -22.96 8.05
CA TRP A 248 3.74 -22.24 8.19
C TRP A 248 4.46 -22.21 6.86
N PRO A 249 4.97 -21.06 6.40
CA PRO A 249 5.62 -20.98 5.11
C PRO A 249 6.78 -21.93 4.92
N ASP A 250 7.71 -22.07 5.80
CA ASP A 250 8.90 -22.88 5.66
C ASP A 250 9.28 -23.36 7.01
N GLN A 251 8.94 -24.59 7.39
CA GLN A 251 9.20 -25.08 8.74
C GLN A 251 10.70 -25.35 8.97
N SER A 252 11.48 -25.45 7.88
CA SER A 252 12.92 -25.65 7.96
C SER A 252 13.67 -24.35 8.19
N ALA A 253 13.05 -23.22 7.83
CA ALA A 253 13.73 -21.94 7.83
C ALA A 253 14.35 -21.62 9.18
N GLU A 254 15.55 -21.07 9.14
CA GLU A 254 16.20 -20.60 10.36
C GLU A 254 15.71 -19.19 10.72
N PRO A 255 15.44 -18.92 11.98
CA PRO A 255 15.02 -17.57 12.36
C PRO A 255 16.07 -16.56 11.97
N PRO A 256 15.67 -15.32 11.67
CA PRO A 256 16.65 -14.28 11.35
C PRO A 256 17.40 -13.83 12.59
N SER A 257 18.50 -13.12 12.34
CA SER A 257 19.19 -12.43 13.42
C SER A 257 18.44 -11.14 13.73
N PHE A 258 18.39 -10.79 15.01
CA PHE A 258 17.72 -9.59 15.45
C PHE A 258 18.80 -8.56 15.79
N LEU A 259 18.88 -7.53 14.97
CA LEU A 259 19.97 -6.55 15.03
C LEU A 259 19.56 -5.43 15.98
N PHE A 260 20.32 -5.27 17.06
CA PHE A 260 20.01 -4.27 18.06
C PHE A 260 20.91 -3.06 17.88
N THR A 261 20.32 -1.88 17.97
CA THR A 261 21.04 -0.60 17.89
C THR A 261 20.77 0.10 19.21
N PRO A 262 21.73 0.15 20.13
CA PRO A 262 21.47 0.78 21.42
C PRO A 262 21.15 2.26 21.24
N PRO A 263 20.53 2.89 22.23
CA PRO A 263 20.07 4.28 22.04
C PRO A 263 21.20 5.26 22.30
N PRO A 264 21.12 6.45 21.69
CA PRO A 264 22.11 7.51 21.95
C PRO A 264 21.89 8.16 23.31
N ASN A 265 22.93 8.81 23.80
CA ASN A 265 22.71 9.47 25.09
C ASN A 265 21.96 10.78 24.99
N GLY A 266 21.37 11.16 26.11
CA GLY A 266 20.71 12.43 26.21
C GLY A 266 19.68 12.49 27.32
N ASP A 267 18.91 13.57 27.26
CA ASP A 267 17.84 13.90 28.19
C ASP A 267 16.48 13.51 27.64
N GLY A 268 16.41 13.05 26.40
CA GLY A 268 15.16 12.70 25.78
C GLY A 268 14.47 11.47 26.34
N PRO A 269 13.20 11.31 25.98
CA PRO A 269 12.46 10.11 26.38
C PRO A 269 13.00 8.89 25.65
N LEU A 270 13.17 7.80 26.37
CA LEU A 270 13.70 6.58 25.77
C LEU A 270 12.61 5.91 24.95
N ALA A 271 12.93 5.56 23.70
CA ALA A 271 11.99 4.98 22.76
C ALA A 271 12.55 3.71 22.15
N LEU A 272 11.71 2.70 22.03
CA LEU A 272 12.07 1.43 21.44
C LEU A 272 11.36 1.27 20.11
N VAL A 273 12.11 0.99 19.05
CA VAL A 273 11.58 0.82 17.71
C VAL A 273 11.78 -0.62 17.28
N LEU A 274 10.71 -1.25 16.81
CA LEU A 274 10.75 -2.61 16.29
C LEU A 274 10.49 -2.56 14.78
N SER A 275 11.55 -2.73 14.01
CA SER A 275 11.50 -2.70 12.55
C SER A 275 11.66 -4.14 12.05
N ILE A 276 10.55 -4.88 12.01
CA ILE A 276 10.52 -6.27 11.59
C ILE A 276 9.59 -6.48 10.39
N SER A 277 8.34 -6.04 10.51
CA SER A 277 7.47 -6.02 9.34
C SER A 277 7.98 -5.02 8.31
N ALA A 278 8.54 -3.90 8.77
CA ALA A 278 9.05 -2.86 7.90
C ALA A 278 10.09 -2.06 8.66
N GLN A 279 10.73 -1.12 7.94
CA GLN A 279 11.68 -0.20 8.55
C GLN A 279 10.92 1.04 9.02
N VAL A 280 10.96 1.31 10.31
CA VAL A 280 10.24 2.43 10.90
C VAL A 280 10.98 3.73 10.61
N PRO A 281 10.37 4.71 9.94
CA PRO A 281 11.05 5.99 9.69
C PRO A 281 11.31 6.74 10.98
N VAL A 282 12.58 7.07 11.22
CA VAL A 282 12.92 7.82 12.44
C VAL A 282 12.16 9.13 12.48
N ARG A 283 11.88 9.72 11.31
CA ARG A 283 11.15 10.98 11.27
C ARG A 283 9.76 10.83 11.90
N ASP A 284 9.11 9.68 11.67
CA ASP A 284 7.78 9.46 12.25
C ASP A 284 7.84 9.31 13.76
N VAL A 285 8.91 8.70 14.29
CA VAL A 285 9.03 8.55 15.73
C VAL A 285 9.13 9.92 16.39
N THR A 286 10.14 10.71 16.00
CA THR A 286 10.38 11.99 16.65
C THR A 286 9.21 12.95 16.49
N ASP A 287 8.49 12.89 15.36
CA ASP A 287 7.35 13.79 15.20
C ASP A 287 6.28 13.50 16.25
N ALA A 288 6.08 12.23 16.58
CA ALA A 288 5.12 11.89 17.63
C ALA A 288 5.74 12.00 19.02
N LEU A 289 7.05 11.79 19.12
CA LEU A 289 7.77 11.82 20.40
C LEU A 289 9.02 12.66 20.18
N PRO A 290 8.94 13.97 20.46
CA PRO A 290 10.09 14.84 20.22
C PRO A 290 11.31 14.46 21.06
N GLY A 291 12.47 14.51 20.43
CA GLY A 291 13.71 14.25 21.14
C GLY A 291 13.90 12.82 21.58
N ALA A 292 13.28 11.86 20.88
CA ALA A 292 13.32 10.48 21.29
C ALA A 292 14.73 9.91 21.13
N ARG A 293 15.24 9.29 22.19
CA ARG A 293 16.49 8.54 22.14
C ARG A 293 16.15 7.14 21.66
N ILE A 294 16.43 6.86 20.39
CA ILE A 294 15.87 5.69 19.70
C ILE A 294 16.83 4.51 19.85
N ALA A 295 16.37 3.49 20.58
CA ALA A 295 16.90 2.15 20.46
C ALA A 295 16.05 1.41 19.43
N GLU A 296 16.68 0.52 18.66
CA GLU A 296 15.97 -0.15 17.58
C GLU A 296 16.34 -1.63 17.56
N LEU A 297 15.33 -2.47 17.37
CA LEU A 297 15.51 -3.89 17.10
C LEU A 297 14.95 -4.18 15.73
N SER A 298 15.73 -4.87 14.89
CA SER A 298 15.34 -5.10 13.51
C SER A 298 15.95 -6.41 13.03
N ILE A 299 15.50 -6.86 11.86
CA ILE A 299 16.12 -7.99 11.17
C ILE A 299 16.70 -7.47 9.87
N PRO A 300 17.60 -8.24 9.26
CA PRO A 300 18.22 -7.78 8.00
C PRO A 300 17.22 -7.40 6.91
N GLU A 301 16.21 -8.24 6.67
CA GLU A 301 15.23 -8.02 5.60
C GLU A 301 13.82 -7.97 6.19
N PRO A 302 13.40 -6.80 6.67
CA PRO A 302 12.03 -6.67 7.19
C PRO A 302 11.00 -7.17 6.20
N SER A 303 10.05 -7.97 6.69
CA SER A 303 9.03 -8.57 5.87
C SER A 303 7.77 -8.78 6.70
N TYR A 304 6.61 -8.65 6.06
CA TYR A 304 5.37 -8.98 6.75
C TYR A 304 5.25 -10.48 6.97
N ALA A 305 5.93 -11.28 6.14
CA ALA A 305 5.86 -12.73 6.18
C ALA A 305 7.09 -13.34 6.85
N MET A 306 7.79 -12.56 7.68
CA MET A 306 9.05 -13.02 8.23
C MET A 306 8.86 -14.14 9.26
N VAL A 307 7.62 -14.39 9.67
CA VAL A 307 7.34 -15.46 10.63
C VAL A 307 7.18 -16.73 9.79
N GLN A 308 8.32 -17.31 9.42
CA GLN A 308 8.30 -18.48 8.55
C GLN A 308 7.86 -19.74 9.27
N ASN A 309 8.08 -19.79 10.59
CA ASN A 309 7.62 -20.92 11.39
C ASN A 309 7.64 -20.48 12.85
N ARG A 310 6.99 -21.27 13.71
CA ARG A 310 6.82 -20.87 15.10
C ARG A 310 8.15 -20.60 15.80
N ARG A 311 9.20 -21.32 15.43
CA ARG A 311 10.50 -21.11 16.08
C ARG A 311 10.98 -19.66 15.97
N VAL A 312 10.60 -18.94 14.91
CA VAL A 312 10.93 -17.53 14.83
C VAL A 312 10.41 -16.78 16.05
N ILE A 313 9.17 -17.07 16.47
CA ILE A 313 8.60 -16.38 17.62
C ILE A 313 9.46 -16.60 18.85
N HIS A 314 9.84 -17.84 19.14
CA HIS A 314 10.71 -18.09 20.28
C HIS A 314 11.99 -17.27 20.18
N ALA A 315 12.60 -17.23 18.99
CA ALA A 315 13.76 -16.38 18.77
C ALA A 315 13.46 -14.93 19.11
N PHE A 316 12.37 -14.39 18.57
CA PHE A 316 11.95 -13.04 18.91
C PHE A 316 11.94 -12.83 20.42
N ARG A 317 11.19 -13.68 21.13
CA ARG A 317 11.11 -13.61 22.58
C ARG A 317 12.50 -13.57 23.21
N ASP A 318 13.28 -14.63 23.01
CA ASP A 318 14.62 -14.69 23.59
C ASP A 318 15.42 -13.44 23.29
N ALA A 319 15.43 -13.02 22.03
CA ALA A 319 16.15 -11.81 21.65
C ALA A 319 15.61 -10.60 22.40
N LEU A 320 14.30 -10.36 22.29
CA LEU A 320 13.70 -9.17 22.91
C LEU A 320 13.83 -9.19 24.42
N GLN A 321 13.53 -10.33 25.03
CA GLN A 321 13.59 -10.45 26.49
C GLN A 321 14.91 -9.91 27.03
N ILE A 322 16.00 -10.12 26.28
CA ILE A 322 17.30 -9.59 26.67
C ILE A 322 17.30 -8.07 26.60
N ARG A 323 17.05 -7.52 25.41
CA ARG A 323 17.19 -6.07 25.20
C ARG A 323 16.30 -5.29 26.15
N LEU A 324 15.11 -5.80 26.46
CA LEU A 324 14.23 -5.11 27.40
C LEU A 324 14.90 -4.96 28.76
N SER A 325 15.53 -6.03 29.25
CA SER A 325 16.25 -5.94 30.52
C SER A 325 17.32 -4.87 30.46
N GLN A 326 18.05 -4.77 29.35
CA GLN A 326 19.08 -3.75 29.21
C GLN A 326 18.48 -2.35 29.26
N LEU A 327 17.40 -2.13 28.50
CA LEU A 327 16.82 -0.80 28.40
C LEU A 327 16.24 -0.33 29.74
N GLU A 328 15.59 -1.23 30.47
CA GLU A 328 15.03 -0.87 31.77
C GLU A 328 16.11 -0.40 32.73
N ALA A 329 17.34 -0.88 32.54
CA ALA A 329 18.44 -0.51 33.42
C ALA A 329 18.90 0.94 33.21
N LEU A 330 18.60 1.55 32.06
CA LEU A 330 19.16 2.87 31.78
C LEU A 330 18.36 4.00 32.42
N THR A 331 17.12 3.74 32.81
CA THR A 331 16.28 4.76 33.42
C THR A 331 15.00 4.10 33.93
N PRO A 332 14.40 4.61 35.00
CA PRO A 332 13.06 4.16 35.40
C PRO A 332 11.95 4.83 34.61
N ASP A 333 12.27 5.74 33.70
CA ASP A 333 11.23 6.46 32.99
C ASP A 333 10.58 5.52 31.97
N PRO A 334 9.38 5.87 31.50
CA PRO A 334 8.69 4.94 30.60
C PRO A 334 9.47 4.71 29.32
N ILE A 335 9.25 3.54 28.72
CA ILE A 335 9.80 3.21 27.42
C ILE A 335 8.68 3.36 26.39
N HIS A 336 8.93 4.16 25.37
CA HIS A 336 7.94 4.44 24.34
C HIS A 336 8.21 3.49 23.18
N VAL A 337 7.19 2.72 22.80
CA VAL A 337 7.37 1.61 21.87
C VAL A 337 6.72 2.00 20.54
N PHE A 338 7.50 1.91 19.47
CA PHE A 338 7.02 2.12 18.12
C PHE A 338 7.35 0.85 17.35
N ALA A 339 6.33 0.06 17.02
CA ALA A 339 6.50 -1.30 16.55
C ALA A 339 5.89 -1.50 15.18
N ALA A 340 6.64 -2.18 14.31
CA ALA A 340 6.14 -2.65 13.02
C ALA A 340 6.45 -4.14 12.97
N ILE A 341 5.54 -4.94 13.55
CA ILE A 341 5.77 -6.38 13.71
C ILE A 341 4.50 -7.13 13.34
N PRO A 342 4.64 -8.38 12.90
CA PRO A 342 3.45 -9.16 12.57
C PRO A 342 2.58 -9.39 13.79
N ALA A 343 1.33 -9.76 13.54
CA ALA A 343 0.38 -10.02 14.61
C ALA A 343 0.96 -10.97 15.64
N ALA A 344 1.44 -12.13 15.18
CA ALA A 344 1.91 -13.17 16.11
C ALA A 344 2.93 -12.62 17.09
N LEU A 345 3.86 -11.79 16.64
CA LEU A 345 4.85 -11.22 17.55
C LEU A 345 4.21 -10.21 18.50
N ALA A 346 3.26 -9.42 18.01
CA ALA A 346 2.58 -8.47 18.89
C ALA A 346 1.99 -9.18 20.10
N ILE A 347 1.41 -10.36 19.90
CA ILE A 347 0.90 -11.16 21.02
C ILE A 347 2.05 -11.53 21.95
N GLU A 348 3.08 -12.18 21.41
CA GLU A 348 4.21 -12.60 22.23
C GLU A 348 4.80 -11.43 23.01
N PHE A 349 5.02 -10.30 22.34
CA PHE A 349 5.52 -9.11 23.03
C PHE A 349 4.64 -8.77 24.22
N GLY A 350 3.32 -8.79 24.01
CA GLY A 350 2.42 -8.53 25.12
C GLY A 350 2.60 -9.52 26.25
N ALA A 351 2.90 -10.78 25.92
CA ALA A 351 3.09 -11.79 26.95
C ALA A 351 4.36 -11.55 27.78
N LEU A 352 5.48 -11.25 27.12
CA LEU A 352 6.79 -10.99 27.80
C LEU A 352 6.57 -9.93 28.88
N LEU A 353 5.89 -8.83 28.54
CA LEU A 353 5.74 -7.69 29.48
C LEU A 353 4.96 -8.09 30.72
N THR A 354 4.19 -9.18 30.68
CA THR A 354 3.45 -9.69 31.87
C THR A 354 4.44 -9.94 32.99
N THR A 355 5.55 -10.63 32.73
CA THR A 355 6.60 -10.95 33.74
C THR A 355 7.39 -9.68 34.08
N GLN A 356 7.48 -8.71 33.17
CA GLN A 356 8.19 -7.41 33.38
C GLN A 356 7.18 -6.37 33.89
N HIS A 357 6.46 -6.65 34.98
CA HIS A 357 5.43 -5.74 35.56
C HIS A 357 6.10 -4.74 36.51
N GLN A 358 7.42 -4.64 36.52
CA GLN A 358 8.14 -3.62 37.30
C GLN A 358 8.29 -2.37 36.45
N HIS A 359 8.15 -2.47 35.11
CA HIS A 359 8.44 -1.33 34.20
C HIS A 359 7.25 -0.86 33.35
N THR A 360 7.17 0.45 33.10
CA THR A 360 6.11 1.13 32.38
C THR A 360 6.50 1.29 30.92
N TYR A 361 5.63 0.82 30.04
CA TYR A 361 5.79 0.94 28.60
C TYR A 361 4.59 1.68 28.03
N LEU A 362 4.85 2.60 27.12
CA LEU A 362 3.79 3.33 26.41
C LEU A 362 3.83 2.89 24.96
N ILE A 363 2.70 2.38 24.47
CA ILE A 363 2.63 1.78 23.14
C ILE A 363 2.01 2.78 22.19
N PHE A 364 2.71 3.07 21.10
CA PHE A 364 2.22 3.94 20.05
C PHE A 364 1.86 3.10 18.83
N ASP A 365 0.78 3.46 18.15
CA ASP A 365 0.35 2.80 16.93
C ASP A 365 -0.09 3.86 15.94
N ARG A 366 -0.01 3.53 14.65
CA ARG A 366 -0.49 4.43 13.61
C ARG A 366 -1.96 4.75 13.86
N ASP A 367 -2.29 6.04 13.81
CA ASP A 367 -3.65 6.52 13.99
C ASP A 367 -4.18 7.03 12.67
N LYS A 368 -5.16 6.30 12.12
CA LYS A 368 -5.73 6.67 10.83
C LYS A 368 -6.42 8.02 10.89
N GLU A 369 -6.98 8.37 12.06
CA GLU A 369 -7.67 9.62 12.25
C GLU A 369 -6.74 10.82 12.44
N ASN A 370 -5.44 10.59 12.64
CA ASN A 370 -4.46 11.66 12.75
C ASN A 370 -3.39 11.56 11.65
N GLN A 371 -3.81 11.22 10.44
CA GLN A 371 -2.90 11.12 9.30
C GLN A 371 -1.84 10.04 9.50
N ASP A 372 -2.24 8.91 10.08
CA ASP A 372 -1.36 7.75 10.26
C ASP A 372 -0.10 8.10 11.06
N ARG A 373 -0.18 9.13 11.90
CA ARG A 373 0.93 9.42 12.79
C ARG A 373 0.86 8.49 14.00
N PHE A 374 2.02 8.14 14.54
CA PHE A 374 2.03 7.29 15.72
C PHE A 374 1.34 8.05 16.84
N THR A 375 0.43 7.39 17.55
CA THR A 375 -0.32 8.03 18.62
C THR A 375 -0.41 7.06 19.80
N GLN A 376 -0.16 7.56 21.00
CA GLN A 376 -0.21 6.71 22.18
C GLN A 376 -1.64 6.25 22.44
N THR A 377 -1.83 4.93 22.51
CA THR A 377 -3.14 4.36 22.81
C THR A 377 -3.15 3.51 24.07
N LEU A 378 -2.01 2.98 24.51
CA LEU A 378 -1.97 1.98 25.57
C LEU A 378 -0.79 2.19 26.50
N GLN A 379 -1.06 2.04 27.80
CA GLN A 379 -0.02 2.04 28.83
C GLN A 379 -0.04 0.68 29.52
N LEU A 380 1.11 0.03 29.57
CA LEU A 380 1.24 -1.27 30.20
C LEU A 380 2.16 -1.16 31.42
N GLY A 381 2.13 -2.21 32.24
CA GLY A 381 2.90 -2.22 33.47
C GLY A 381 2.33 -1.24 34.48
N PRO A 382 3.14 -0.87 35.48
CA PRO A 382 2.64 0.01 36.53
C PRO A 382 1.91 1.24 36.01
N VAL A 383 1.03 1.81 36.84
CA VAL A 383 0.18 2.92 36.42
C VAL A 383 0.97 4.22 36.41
N SER B 11 16.50 -48.44 5.63
CA SER B 11 16.35 -49.16 6.88
C SER B 11 14.99 -48.87 7.51
N GLY B 12 14.38 -47.75 7.14
CA GLY B 12 13.16 -47.24 7.75
C GLY B 12 13.44 -46.34 8.94
N ARG B 13 14.47 -46.66 9.72
CA ARG B 13 14.89 -45.83 10.84
C ARG B 13 15.71 -44.65 10.34
N PHE B 14 15.44 -43.47 10.89
CA PHE B 14 16.21 -42.27 10.58
C PHE B 14 17.54 -42.33 11.33
N ASN B 15 18.63 -42.56 10.61
CA ASN B 15 19.94 -42.75 11.22
C ASN B 15 20.52 -41.41 11.70
N THR B 16 21.29 -41.47 12.78
CA THR B 16 21.87 -40.26 13.36
C THR B 16 23.09 -40.61 14.19
N ASN B 17 24.00 -39.64 14.34
CA ASN B 17 25.27 -39.84 15.02
C ASN B 17 25.08 -39.89 16.54
N ASP B 18 26.14 -40.28 17.25
CA ASP B 18 26.03 -40.52 18.68
C ASP B 18 25.81 -39.25 19.49
N GLU B 19 26.54 -38.17 19.20
CA GLU B 19 26.38 -36.95 20.01
C GLU B 19 25.00 -36.34 19.84
N THR B 20 24.48 -36.33 18.60
CA THR B 20 23.15 -35.78 18.38
C THR B 20 22.07 -36.56 19.13
N LYS B 21 22.20 -37.89 19.21
CA LYS B 21 21.26 -38.67 20.01
C LYS B 21 21.23 -38.21 21.46
N ARG B 22 22.40 -38.01 22.05
CA ARG B 22 22.48 -37.60 23.45
C ARG B 22 21.73 -36.29 23.66
N ILE B 23 21.83 -35.36 22.71
CA ILE B 23 21.14 -34.08 22.81
C ILE B 23 19.62 -34.28 22.74
N VAL B 24 19.15 -35.13 21.83
CA VAL B 24 17.70 -35.35 21.72
C VAL B 24 17.15 -35.94 23.00
N TRP B 25 17.82 -36.98 23.53
CA TRP B 25 17.38 -37.56 24.79
C TRP B 25 17.30 -36.50 25.88
N THR B 26 18.25 -35.56 25.86
CA THR B 26 18.31 -34.51 26.89
C THR B 26 17.15 -33.53 26.75
N GLN B 27 17.02 -32.90 25.58
CA GLN B 27 16.02 -31.84 25.43
C GLN B 27 14.60 -32.35 25.67
N THR B 28 14.33 -33.64 25.42
CA THR B 28 13.03 -34.22 25.69
C THR B 28 12.91 -34.89 27.05
N ALA B 29 13.99 -34.95 27.83
CA ALA B 29 14.01 -35.61 29.13
C ALA B 29 13.66 -37.10 29.03
N GLY B 30 13.98 -37.73 27.90
CA GLY B 30 13.90 -39.17 27.77
C GLY B 30 12.51 -39.79 27.88
N HIS B 31 11.46 -39.06 27.48
CA HIS B 31 10.11 -39.59 27.41
C HIS B 31 9.65 -39.56 25.95
N CYS B 32 8.77 -40.49 25.59
CA CYS B 32 8.20 -40.49 24.25
C CYS B 32 7.26 -39.31 24.05
N GLU B 33 7.53 -38.49 23.04
CA GLU B 33 6.76 -37.26 22.84
C GLU B 33 5.30 -37.53 22.51
N LEU B 34 4.99 -38.69 21.93
CA LEU B 34 3.62 -38.98 21.57
C LEU B 34 2.81 -39.63 22.68
N CYS B 35 3.44 -40.40 23.59
CA CYS B 35 2.65 -41.06 24.62
C CYS B 35 3.22 -41.00 26.04
N GLY B 36 4.13 -40.09 26.32
CA GLY B 36 4.63 -39.92 27.68
C GLY B 36 5.28 -41.11 28.36
N THR B 37 5.55 -42.20 27.65
CA THR B 37 6.21 -43.33 28.30
C THR B 37 7.63 -42.90 28.64
N ASP B 38 8.04 -43.11 29.89
CA ASP B 38 9.41 -42.79 30.30
C ASP B 38 10.33 -43.86 29.76
N LEU B 39 11.24 -43.46 28.87
CA LEU B 39 12.11 -44.43 28.23
C LEU B 39 13.34 -44.76 29.06
N THR B 40 13.53 -44.08 30.21
CA THR B 40 14.64 -44.41 31.08
C THR B 40 14.32 -45.57 32.02
N PHE B 41 13.23 -46.31 31.77
CA PHE B 41 12.81 -47.30 32.74
C PHE B 41 13.75 -48.48 32.83
N ASP B 42 14.55 -48.74 31.80
CA ASP B 42 15.54 -49.81 31.91
C ASP B 42 16.69 -49.43 32.82
N TYR B 43 16.77 -48.18 33.30
CA TYR B 43 17.79 -47.87 34.29
C TYR B 43 17.52 -48.58 35.62
N ARG B 44 16.43 -49.35 35.70
CA ARG B 44 16.18 -50.24 36.82
C ARG B 44 17.09 -51.45 36.76
N ALA B 45 17.54 -51.79 35.55
CA ALA B 45 18.42 -52.94 35.35
C ALA B 45 19.73 -52.49 34.74
N GLY B 46 19.76 -52.17 33.43
CA GLY B 46 20.90 -51.80 32.63
C GLY B 46 20.51 -51.49 31.19
N LYS B 47 21.13 -50.48 30.55
CA LYS B 47 20.50 -49.93 29.37
C LYS B 47 21.39 -49.31 28.31
N PRO B 48 21.37 -49.82 27.08
CA PRO B 48 21.77 -49.02 25.93
C PRO B 48 20.64 -48.12 25.47
N MET B 49 21.01 -46.97 24.86
CA MET B 49 20.01 -46.03 24.36
C MET B 49 19.44 -46.65 23.10
N LYS B 50 18.74 -47.76 23.26
CA LYS B 50 18.27 -48.59 22.17
C LYS B 50 16.76 -48.72 22.11
N TRP B 51 16.03 -48.43 23.20
CA TRP B 51 14.59 -48.56 23.18
C TRP B 51 13.91 -47.20 22.94
N GLY B 52 14.59 -46.31 22.22
CA GLY B 52 14.06 -45.01 21.89
C GLY B 52 14.52 -44.70 20.48
N GLU B 53 13.59 -44.35 19.60
CA GLU B 53 13.89 -44.21 18.17
C GLU B 53 13.67 -42.75 17.81
N VAL B 54 14.63 -42.16 17.10
CA VAL B 54 14.60 -40.75 16.73
C VAL B 54 13.90 -40.57 15.40
N ALA B 55 12.99 -39.60 15.34
CA ALA B 55 12.28 -39.25 14.12
C ALA B 55 12.45 -37.77 13.83
N HIS B 56 12.54 -37.41 12.56
CA HIS B 56 12.45 -36.02 12.18
C HIS B 56 10.97 -35.62 12.14
N ILE B 57 10.69 -34.33 12.23
CA ILE B 57 9.32 -33.87 12.30
C ILE B 57 8.80 -33.45 10.95
N LEU B 58 9.54 -32.54 10.32
CA LEU B 58 9.00 -32.01 9.09
C LEU B 58 9.40 -32.95 7.96
N PRO B 59 8.50 -33.23 7.02
CA PRO B 59 8.89 -34.06 5.87
C PRO B 59 10.05 -33.44 5.13
N ALA B 60 10.85 -34.32 4.50
CA ALA B 60 12.10 -33.90 3.90
C ALA B 60 11.87 -33.01 2.69
N SER B 61 12.92 -32.27 2.33
CA SER B 61 12.99 -31.50 1.11
C SER B 61 14.42 -31.58 0.60
N PRO B 62 14.63 -31.74 -0.72
CA PRO B 62 16.01 -31.78 -1.23
C PRO B 62 16.69 -30.43 -1.23
N THR B 77 18.58 -29.64 10.64
CA THR B 77 19.24 -30.92 10.95
C THR B 77 20.50 -30.68 11.76
N ASN B 78 21.32 -29.71 11.36
CA ASN B 78 22.28 -29.17 12.31
C ASN B 78 21.56 -28.41 13.40
N ASP B 79 20.38 -27.89 13.10
CA ASP B 79 19.33 -27.68 14.08
C ASP B 79 18.73 -29.04 14.44
N THR B 80 19.08 -29.55 15.62
CA THR B 80 18.52 -30.82 16.10
C THR B 80 17.24 -30.61 16.87
N ALA B 81 16.81 -29.37 17.10
CA ALA B 81 15.60 -29.09 17.85
C ALA B 81 14.34 -29.56 17.12
N ASN B 82 14.46 -29.99 15.86
CA ASN B 82 13.35 -30.53 15.10
C ASN B 82 13.35 -32.07 15.07
N LEU B 83 14.02 -32.70 16.02
CA LEU B 83 14.11 -34.16 16.09
C LEU B 83 13.31 -34.62 17.32
N MET B 84 12.43 -35.59 17.12
CA MET B 84 11.59 -36.12 18.17
C MET B 84 12.17 -37.40 18.73
N LEU B 85 11.86 -37.67 20.00
CA LEU B 85 12.19 -38.93 20.64
C LEU B 85 10.90 -39.75 20.75
N LEU B 86 10.92 -40.98 20.26
CA LEU B 86 9.73 -41.82 20.27
C LEU B 86 10.06 -43.20 20.81
N CYS B 87 9.05 -43.88 21.37
CA CYS B 87 9.23 -45.29 21.69
C CYS B 87 8.95 -46.11 20.44
N PRO B 88 9.53 -47.30 20.34
CA PRO B 88 9.30 -48.11 19.13
C PRO B 88 7.83 -48.30 18.83
N GLY B 89 6.99 -48.40 19.86
CA GLY B 89 5.56 -48.56 19.62
C GLY B 89 4.96 -47.41 18.84
N CYS B 90 5.26 -46.18 19.23
CA CYS B 90 4.73 -45.02 18.50
C CYS B 90 5.41 -44.83 17.15
N HIS B 91 6.71 -45.08 17.08
CA HIS B 91 7.43 -44.88 15.82
C HIS B 91 6.84 -45.73 14.69
N ASP B 92 6.48 -46.97 14.99
CA ASP B 92 5.91 -47.84 13.96
C ASP B 92 4.59 -47.28 13.43
N LYS B 93 3.83 -46.61 14.29
CA LYS B 93 2.48 -46.15 13.98
C LYS B 93 2.44 -44.86 13.16
N ILE B 94 3.58 -44.43 12.63
CA ILE B 94 3.70 -43.23 11.82
C ILE B 94 4.06 -43.63 10.40
N ASP B 95 3.36 -43.07 9.42
CA ASP B 95 3.76 -43.38 8.05
C ASP B 95 5.12 -42.72 7.83
N ARG B 96 5.89 -43.27 6.91
CA ARG B 96 7.28 -42.84 6.75
C ARG B 96 7.79 -43.15 5.36
N ASP B 97 8.73 -42.34 4.92
CA ASP B 97 9.38 -42.56 3.64
C ASP B 97 10.62 -43.41 3.88
N ALA B 98 11.27 -43.81 2.79
CA ALA B 98 12.36 -44.77 2.91
C ALA B 98 13.50 -44.25 3.78
N ASP B 99 13.65 -42.94 3.88
CA ASP B 99 14.76 -42.39 4.64
C ASP B 99 14.48 -42.27 6.13
N GLY B 100 13.21 -42.37 6.54
CA GLY B 100 12.84 -42.25 7.94
C GLY B 100 12.06 -41.01 8.29
N TYR B 101 11.81 -40.13 7.33
CA TYR B 101 11.02 -38.94 7.62
C TYR B 101 9.52 -39.25 7.55
N PRO B 102 8.71 -38.53 8.31
CA PRO B 102 7.27 -38.76 8.29
C PRO B 102 6.60 -38.20 7.05
N GLU B 103 5.44 -38.76 6.73
CA GLU B 103 4.69 -38.27 5.57
C GLU B 103 3.82 -37.07 5.94
N ASN B 104 3.39 -36.97 7.19
CA ASN B 104 2.65 -35.81 7.68
C ASN B 104 3.47 -35.03 8.72
N ASP B 105 3.27 -33.71 8.74
CA ASP B 105 4.01 -32.82 9.62
C ASP B 105 3.49 -32.91 11.06
N LEU B 106 4.41 -33.00 12.02
CA LEU B 106 4.05 -33.08 13.44
C LEU B 106 4.65 -31.94 14.26
N SER B 107 5.10 -30.87 13.62
CA SER B 107 5.79 -29.79 14.34
C SER B 107 5.01 -29.31 15.56
N GLY B 108 3.67 -29.30 15.46
CA GLY B 108 2.89 -28.78 16.57
C GLY B 108 3.14 -29.52 17.88
N LEU B 109 3.03 -30.85 17.86
CA LEU B 109 3.28 -31.62 19.07
C LEU B 109 4.68 -31.36 19.62
N HIS B 110 5.69 -31.54 18.77
CA HIS B 110 7.07 -31.37 19.21
C HIS B 110 7.24 -30.01 19.89
N GLN B 111 6.93 -28.94 19.15
CA GLN B 111 7.08 -27.60 19.72
C GLN B 111 6.29 -27.46 21.01
N ALA B 112 5.05 -27.95 21.02
CA ALA B 112 4.27 -27.99 22.24
C ALA B 112 5.03 -28.71 23.36
N TYR B 113 5.44 -29.95 23.10
CA TYR B 113 6.14 -30.73 24.10
C TYR B 113 7.34 -29.99 24.67
N LEU B 114 8.25 -29.54 23.79
CA LEU B 114 9.46 -28.88 24.26
C LEU B 114 9.14 -27.63 25.06
N GLU B 115 8.17 -26.82 24.57
CA GLU B 115 7.75 -25.65 25.34
C GLU B 115 7.31 -26.06 26.75
N ARG B 116 6.50 -27.12 26.87
CA ARG B 116 6.09 -27.60 28.19
C ARG B 116 7.32 -27.85 29.07
N ILE B 117 8.30 -28.58 28.54
CA ILE B 117 9.55 -28.81 29.28
C ILE B 117 10.17 -27.48 29.67
N ARG B 118 10.41 -26.61 28.69
CA ARG B 118 11.04 -25.32 28.95
C ARG B 118 10.36 -24.60 30.10
N LEU B 119 9.02 -24.51 30.05
CA LEU B 119 8.27 -23.87 31.12
C LEU B 119 8.62 -24.47 32.48
N ALA B 120 8.59 -25.80 32.59
CA ALA B 120 8.94 -26.45 33.85
C ALA B 120 10.35 -26.07 34.27
N ALA B 121 11.30 -26.18 33.35
CA ALA B 121 12.69 -25.92 33.67
C ALA B 121 12.92 -24.47 34.07
N THR B 122 12.20 -23.53 33.44
CA THR B 122 12.37 -22.11 33.69
C THR B 122 11.47 -21.55 34.79
N THR B 123 10.74 -22.40 35.52
CA THR B 123 9.82 -21.90 36.55
C THR B 123 10.56 -21.05 37.58
N PRO B 124 10.22 -19.77 37.73
CA PRO B 124 10.85 -18.96 38.78
C PRO B 124 10.38 -19.37 40.17
N ASP B 125 11.30 -19.28 41.14
CA ASP B 125 10.98 -19.64 42.52
C ASP B 125 10.39 -21.05 42.57
N GLY B 126 11.06 -21.97 41.89
CA GLY B 126 10.62 -23.34 41.81
C GLY B 126 10.42 -24.02 43.15
N GLY B 127 10.92 -23.44 44.23
CA GLY B 127 10.80 -24.00 45.56
C GLY B 127 9.60 -23.55 46.36
N ARG B 128 8.75 -22.69 45.81
CA ARG B 128 7.56 -22.26 46.53
C ARG B 128 6.49 -23.34 46.49
N ALA B 129 5.87 -23.58 47.64
CA ALA B 129 4.88 -24.63 47.77
C ALA B 129 3.82 -24.22 48.77
N ILE B 130 2.65 -24.85 48.65
CA ILE B 130 1.53 -24.60 49.53
C ILE B 130 1.63 -25.57 50.72
N PRO B 131 1.80 -25.08 51.94
CA PRO B 131 1.69 -26.00 53.10
C PRO B 131 0.25 -26.49 53.22
N LEU B 132 0.10 -27.81 53.34
CA LEU B 132 -1.23 -28.42 53.41
C LEU B 132 -1.21 -29.51 54.45
N ILE B 133 -1.89 -29.29 55.58
CA ILE B 133 -1.99 -30.25 56.67
C ILE B 133 -3.43 -30.72 56.73
N VAL B 134 -3.64 -32.04 56.71
CA VAL B 134 -4.97 -32.62 56.73
C VAL B 134 -5.05 -33.66 57.84
N GLN B 135 -5.98 -33.48 58.78
CA GLN B 135 -6.09 -34.35 59.95
C GLN B 135 -7.53 -34.84 60.09
N SER B 136 -7.69 -35.95 60.80
CA SER B 136 -9.03 -36.43 61.16
C SER B 136 -9.52 -35.61 62.37
N GLN B 137 -10.79 -35.24 62.36
CA GLN B 137 -11.39 -34.62 63.56
C GLN B 137 -11.32 -35.67 64.66
N HIS B 138 -11.49 -36.95 64.29
CA HIS B 138 -11.58 -38.08 65.25
C HIS B 138 -10.86 -37.83 66.56
N PHE B 139 -9.54 -37.97 66.64
CA PHE B 139 -8.86 -37.93 67.95
C PHE B 139 -7.37 -37.63 67.96
N GLN B 140 -6.72 -37.77 69.12
CA GLN B 140 -5.26 -37.62 69.31
C GLN B 140 -4.89 -36.15 69.20
N THR B 141 -5.14 -35.38 70.26
CA THR B 141 -4.66 -33.99 70.36
C THR B 141 -3.17 -34.14 70.60
N ILE B 142 -2.76 -35.32 71.04
CA ILE B 142 -1.35 -35.65 71.25
C ILE B 142 -0.61 -35.55 69.92
N ASN B 143 -1.27 -35.96 68.83
CA ASN B 143 -0.64 -35.98 67.52
C ASN B 143 -1.23 -34.84 66.68
N ASP B 144 -1.08 -33.61 67.16
CA ASP B 144 -1.54 -32.41 66.44
C ASP B 144 -0.36 -31.83 65.69
N ILE B 145 -0.50 -31.66 64.37
CA ILE B 145 0.56 -31.15 63.52
C ILE B 145 0.37 -29.63 63.38
N PRO B 146 1.24 -28.81 63.96
CA PRO B 146 1.16 -27.36 63.72
C PRO B 146 1.80 -26.94 62.40
N VAL B 147 1.29 -25.83 61.86
CA VAL B 147 1.81 -25.34 60.58
C VAL B 147 3.29 -25.01 60.71
N ARG B 148 3.67 -24.43 61.86
CA ARG B 148 5.04 -23.97 62.08
C ARG B 148 6.06 -25.08 61.87
N ASP B 149 5.78 -26.29 62.36
CA ASP B 149 6.75 -27.38 62.22
C ASP B 149 6.91 -27.82 60.76
N LEU B 150 5.82 -27.82 59.99
CA LEU B 150 5.93 -28.17 58.58
C LEU B 150 6.79 -27.14 57.84
N LEU B 151 6.55 -25.86 58.10
CA LEU B 151 7.39 -24.83 57.50
C LEU B 151 8.85 -25.06 57.83
N THR B 152 9.14 -25.47 59.06
CA THR B 152 10.52 -25.80 59.44
C THR B 152 11.07 -26.91 58.57
N ALA B 153 10.32 -28.01 58.43
CA ALA B 153 10.78 -29.12 57.61
C ALA B 153 10.95 -28.70 56.15
N MET B 154 10.05 -27.84 55.66
CA MET B 154 10.17 -27.35 54.29
C MET B 154 11.47 -26.57 54.12
N SER B 155 11.69 -25.57 54.97
CA SER B 155 12.93 -24.81 54.91
C SER B 155 14.14 -25.73 54.96
N ALA B 156 14.06 -26.80 55.76
CA ALA B 156 15.17 -27.73 55.86
C ALA B 156 15.46 -28.47 54.56
N GLU B 157 14.49 -28.54 53.64
CA GLU B 157 14.69 -29.18 52.35
C GLU B 157 15.02 -28.19 51.24
N GLY B 158 15.11 -26.90 51.57
CA GLY B 158 15.29 -25.88 50.56
C GLY B 158 14.01 -25.37 49.94
N LEU B 159 12.86 -25.69 50.52
CA LEU B 159 11.58 -25.18 50.05
C LEU B 159 11.19 -23.96 50.87
N THR B 160 10.31 -23.15 50.29
CA THR B 160 9.81 -21.95 50.95
C THR B 160 8.30 -21.92 50.78
N ALA B 161 7.64 -21.09 51.59
CA ALA B 161 6.20 -21.13 51.65
C ALA B 161 5.59 -20.23 50.58
N PHE B 162 4.56 -20.74 49.92
CA PHE B 162 3.83 -19.98 48.92
C PHE B 162 2.87 -19.00 49.57
N ASP B 163 2.19 -19.42 50.63
CA ASP B 163 1.17 -18.60 51.26
C ASP B 163 1.17 -18.90 52.76
N GLN B 164 0.10 -18.48 53.43
CA GLN B 164 -0.03 -18.75 54.87
C GLN B 164 -0.09 -20.23 55.18
N GLY B 165 -0.53 -21.04 54.23
CA GLY B 165 -0.62 -22.48 54.47
C GLY B 165 -2.03 -22.87 54.86
N ILE B 166 -2.41 -24.09 54.50
CA ILE B 166 -3.75 -24.61 54.69
C ILE B 166 -3.70 -25.73 55.72
N LYS B 167 -4.58 -25.67 56.72
CA LYS B 167 -4.76 -26.77 57.67
C LYS B 167 -6.23 -27.17 57.67
N ILE B 168 -6.50 -28.42 57.33
CA ILE B 168 -7.85 -28.93 57.16
C ILE B 168 -8.09 -30.08 58.12
N ALA B 169 -9.34 -30.17 58.60
CA ALA B 169 -9.83 -31.29 59.38
C ALA B 169 -10.99 -31.93 58.65
N PHE B 170 -10.87 -33.20 58.30
CA PHE B 170 -11.98 -33.92 57.68
C PHE B 170 -13.21 -33.78 58.56
N ALA B 171 -14.36 -33.48 57.95
CA ALA B 171 -15.56 -33.26 58.73
C ALA B 171 -16.00 -34.55 59.40
N ALA B 172 -16.55 -34.43 60.60
CA ALA B 172 -17.10 -35.61 61.28
C ALA B 172 -18.35 -36.08 60.54
N PRO B 173 -18.46 -37.37 60.21
CA PRO B 173 -19.66 -37.85 59.51
C PRO B 173 -20.91 -37.76 60.37
N GLY B 174 -22.03 -37.44 59.72
CA GLY B 174 -23.31 -37.40 60.37
C GLY B 174 -23.86 -38.80 60.60
N PRO B 175 -25.16 -38.93 60.88
CA PRO B 175 -25.73 -40.28 61.02
C PRO B 175 -25.64 -41.08 59.74
N ARG B 176 -25.59 -40.44 58.57
CA ARG B 176 -25.39 -41.19 57.34
C ARG B 176 -24.04 -41.87 57.33
N GLY B 177 -23.11 -41.43 58.17
CA GLY B 177 -21.79 -42.00 58.20
C GLY B 177 -20.90 -41.47 57.10
N ARG B 178 -19.85 -42.22 56.81
CA ARG B 178 -18.93 -41.82 55.76
C ARG B 178 -19.42 -42.44 54.45
N ASP B 179 -20.53 -41.90 53.96
CA ASP B 179 -21.08 -42.35 52.70
C ASP B 179 -20.37 -41.60 51.58
N THR B 180 -20.72 -41.94 50.35
CA THR B 180 -20.03 -41.34 49.20
C THR B 180 -20.20 -39.83 49.17
N THR B 181 -21.36 -39.32 49.56
CA THR B 181 -21.52 -37.86 49.56
C THR B 181 -20.52 -37.23 50.51
N TYR B 182 -20.36 -37.81 51.71
CA TYR B 182 -19.29 -37.38 52.59
C TYR B 182 -17.97 -37.38 51.84
N TRP B 183 -17.64 -38.50 51.20
CA TRP B 183 -16.37 -38.60 50.49
C TRP B 183 -16.28 -37.53 49.40
N GLN B 184 -17.37 -37.31 48.66
CA GLN B 184 -17.37 -36.28 47.63
C GLN B 184 -17.15 -34.90 48.24
N ASN B 185 -17.89 -34.57 49.31
CA ASN B 185 -17.68 -33.26 49.94
C ASN B 185 -16.25 -33.12 50.44
N VAL B 186 -15.66 -34.21 50.94
CA VAL B 186 -14.25 -34.18 51.33
C VAL B 186 -13.39 -33.77 50.14
N LYS B 187 -13.56 -34.48 49.02
CA LYS B 187 -12.80 -34.16 47.81
C LYS B 187 -13.03 -32.71 47.39
N ASP B 188 -14.30 -32.30 47.29
CA ASP B 188 -14.61 -30.93 46.91
C ASP B 188 -14.00 -29.93 47.87
N SER B 189 -14.14 -30.17 49.18
CA SER B 189 -13.64 -29.22 50.17
C SER B 189 -12.14 -28.99 50.01
N VAL B 190 -11.37 -30.08 49.85
CA VAL B 190 -9.94 -29.93 49.63
C VAL B 190 -9.68 -29.17 48.34
N GLN B 191 -10.23 -29.69 47.24
CA GLN B 191 -9.98 -29.07 45.94
C GLN B 191 -10.36 -27.60 45.95
N TYR B 192 -11.45 -27.26 46.63
CA TYR B 192 -11.83 -25.86 46.77
C TYR B 192 -10.70 -25.02 47.34
N GLU B 193 -10.18 -25.42 48.50
CA GLU B 193 -9.14 -24.66 49.18
C GLU B 193 -7.94 -24.41 48.27
N LEU B 194 -7.61 -25.38 47.43
CA LEU B 194 -6.48 -25.23 46.53
C LEU B 194 -6.78 -24.20 45.44
N GLU B 195 -7.99 -24.23 44.87
CA GLU B 195 -8.34 -23.25 43.85
C GLU B 195 -8.15 -21.83 44.37
N GLN B 196 -8.56 -21.60 45.63
CA GLN B 196 -8.47 -20.27 46.22
C GLN B 196 -7.02 -19.81 46.37
N GLN B 197 -6.08 -20.74 46.59
CA GLN B 197 -4.69 -20.33 46.75
C GLN B 197 -4.11 -19.79 45.45
N LEU B 198 -4.50 -20.35 44.30
CA LEU B 198 -4.04 -19.77 43.04
C LEU B 198 -4.81 -18.53 42.65
N LYS B 199 -6.09 -18.46 43.02
CA LYS B 199 -6.91 -17.33 42.63
C LYS B 199 -6.58 -16.06 43.41
N ARG B 200 -6.01 -16.18 44.62
CA ARG B 200 -5.58 -14.95 45.29
C ARG B 200 -4.31 -14.37 44.66
N ARG B 201 -3.43 -15.23 44.15
CA ARG B 201 -2.21 -14.79 43.49
C ARG B 201 -2.30 -14.90 41.98
N GLY B 202 -3.50 -15.12 41.45
CA GLY B 202 -3.74 -15.15 40.01
C GLY B 202 -2.83 -16.06 39.21
N GLY B 203 -2.79 -15.83 37.90
CA GLY B 203 -1.96 -16.62 37.00
C GLY B 203 -2.40 -18.06 36.82
N THR B 204 -3.71 -18.34 36.96
CA THR B 204 -4.21 -19.70 36.77
C THR B 204 -3.58 -20.32 35.52
N TYR B 205 -3.46 -19.54 34.44
CA TYR B 205 -2.80 -20.00 33.22
C TYR B 205 -1.30 -19.81 33.39
N GLY B 206 -0.69 -20.68 34.17
CA GLY B 206 0.75 -20.64 34.29
C GLY B 206 1.32 -21.67 35.24
N ASP B 207 2.20 -21.22 36.12
CA ASP B 207 2.92 -22.11 37.02
C ASP B 207 2.09 -22.30 38.28
N SER B 208 1.53 -23.50 38.44
CA SER B 208 0.79 -23.86 39.64
C SER B 208 1.76 -24.25 40.75
N PRO B 209 1.54 -23.81 41.98
CA PRO B 209 2.52 -24.09 43.04
C PRO B 209 2.50 -25.56 43.42
N ALA B 210 3.56 -25.97 44.12
CA ALA B 210 3.66 -27.33 44.62
C ALA B 210 2.93 -27.46 45.95
N LEU B 211 2.59 -28.70 46.29
CA LEU B 211 1.87 -28.99 47.52
C LEU B 211 2.84 -29.74 48.44
N ALA B 212 3.20 -29.10 49.55
CA ALA B 212 3.87 -29.78 50.65
C ALA B 212 2.74 -30.32 51.51
N VAL B 213 2.38 -31.57 51.26
CA VAL B 213 1.16 -32.15 51.81
C VAL B 213 1.55 -33.22 52.82
N VAL B 214 0.85 -33.22 53.96
CA VAL B 214 1.00 -34.23 55.00
C VAL B 214 -0.37 -34.52 55.59
N GLY B 215 -0.61 -35.78 55.91
CA GLY B 215 -1.90 -36.21 56.41
C GLY B 215 -1.76 -37.08 57.63
N LEU B 216 -2.78 -37.02 58.50
CA LEU B 216 -2.84 -37.79 59.73
C LEU B 216 -4.26 -38.27 59.98
N ALA B 217 -4.69 -39.26 59.18
CA ALA B 217 -5.98 -39.89 59.34
C ALA B 217 -5.85 -41.37 59.01
N ASP B 218 -6.99 -42.06 59.03
CA ASP B 218 -7.02 -43.46 58.64
C ASP B 218 -6.71 -43.60 57.14
N ILE B 219 -6.43 -44.87 56.74
CA ILE B 219 -5.99 -45.11 55.36
C ILE B 219 -7.02 -44.61 54.38
N PRO B 220 -8.30 -44.99 54.44
CA PRO B 220 -9.27 -44.54 53.45
C PRO B 220 -9.27 -43.02 53.29
N ALA B 221 -9.28 -42.28 54.40
CA ALA B 221 -9.25 -40.83 54.34
C ALA B 221 -8.02 -40.33 53.59
N LEU B 222 -6.83 -40.81 53.99
CA LEU B 222 -5.59 -40.35 53.35
C LEU B 222 -5.57 -40.68 51.87
N MET B 223 -6.04 -41.86 51.49
CA MET B 223 -6.19 -42.18 50.08
C MET B 223 -7.07 -41.16 49.38
N MET B 224 -8.19 -40.79 50.03
CA MET B 224 -9.09 -39.81 49.43
C MET B 224 -8.40 -38.47 49.26
N LEU B 225 -7.60 -38.06 50.24
CA LEU B 225 -6.76 -36.87 50.05
C LEU B 225 -5.89 -37.02 48.82
N GLY B 226 -5.28 -38.19 48.64
CA GLY B 226 -4.49 -38.43 47.44
C GLY B 226 -5.32 -38.28 46.18
N GLN B 227 -6.53 -38.84 46.19
CA GLN B 227 -7.44 -38.66 45.05
C GLN B 227 -7.69 -37.18 44.80
N SER B 228 -7.83 -36.39 45.86
CA SER B 228 -8.18 -34.99 45.70
C SER B 228 -7.08 -34.20 45.00
N ILE B 229 -5.82 -34.39 45.43
CA ILE B 229 -4.75 -33.62 44.81
C ILE B 229 -4.49 -34.13 43.41
N GLY B 230 -4.65 -35.43 43.19
CA GLY B 230 -4.58 -35.97 41.85
C GLY B 230 -3.16 -36.25 41.40
N ASP B 231 -3.04 -37.16 40.43
CA ASP B 231 -1.72 -37.50 39.91
C ASP B 231 -1.06 -36.29 39.26
N ARG B 232 -1.85 -35.40 38.67
CA ARG B 232 -1.29 -34.29 37.92
C ARG B 232 -0.83 -33.12 38.77
N SER B 233 -0.91 -33.22 40.10
CA SER B 233 -0.41 -32.17 40.97
C SER B 233 1.08 -32.36 41.23
N LYS B 234 1.76 -31.24 41.43
CA LYS B 234 3.17 -31.24 41.85
C LYS B 234 3.22 -31.44 43.36
N ARG B 235 3.26 -32.71 43.77
CA ARG B 235 3.16 -33.07 45.18
C ARG B 235 4.53 -33.43 45.76
N LEU B 236 4.85 -32.85 46.91
CA LEU B 236 6.02 -33.20 47.71
C LEU B 236 5.50 -33.67 49.07
N ILE B 237 5.37 -34.97 49.26
CA ILE B 237 4.67 -35.47 50.44
C ILE B 237 5.66 -35.45 51.61
N PHE B 238 5.14 -35.14 52.80
CA PHE B 238 5.89 -35.19 54.04
C PHE B 238 5.28 -36.24 54.95
N SER B 239 6.07 -36.71 55.92
CA SER B 239 5.66 -37.79 56.79
C SER B 239 5.79 -37.36 58.24
N PHE B 240 4.68 -37.48 58.98
CA PHE B 240 4.67 -37.21 60.41
C PHE B 240 5.13 -38.43 61.21
N HIS B 241 6.11 -38.20 62.08
CA HIS B 241 6.64 -39.20 63.02
C HIS B 241 6.67 -38.57 64.40
N ARG B 242 6.26 -39.27 65.45
CA ARG B 242 6.09 -38.60 66.76
C ARG B 242 7.40 -38.05 67.28
N GLU B 243 8.47 -38.80 67.16
CA GLU B 243 9.78 -38.41 67.73
C GLU B 243 10.47 -37.40 66.84
N HIS B 244 10.20 -37.39 65.56
CA HIS B 244 10.93 -36.54 64.59
C HIS B 244 10.00 -35.51 64.02
N LEU B 245 8.81 -35.31 64.56
CA LEU B 245 7.86 -34.42 63.90
C LEU B 245 7.87 -34.70 62.40
N LEU B 246 8.04 -33.66 61.59
CA LEU B 246 7.91 -33.79 60.14
C LEU B 246 9.23 -33.90 59.38
N ARG B 247 10.37 -33.91 60.09
CA ARG B 247 11.65 -33.97 59.44
C ARG B 247 11.96 -35.45 59.17
N TRP B 248 12.62 -35.70 58.05
CA TRP B 248 12.83 -37.06 57.58
C TRP B 248 13.76 -37.87 58.48
N PRO B 249 13.42 -39.12 58.72
CA PRO B 249 14.32 -39.94 59.53
C PRO B 249 15.72 -40.04 58.99
N ASP B 250 15.90 -40.30 57.69
CA ASP B 250 17.28 -40.51 57.21
C ASP B 250 17.37 -40.21 55.71
N GLN B 251 17.85 -39.02 55.35
CA GLN B 251 17.86 -38.72 53.92
C GLN B 251 18.81 -39.62 53.13
N SER B 252 19.80 -40.22 53.79
CA SER B 252 20.77 -41.07 53.09
C SER B 252 20.28 -42.50 52.89
N ALA B 253 19.32 -42.97 53.71
CA ALA B 253 18.90 -44.36 53.60
C ALA B 253 18.44 -44.68 52.19
N GLU B 254 18.80 -45.87 51.70
CA GLU B 254 18.40 -46.28 50.36
C GLU B 254 17.01 -46.91 50.38
N PRO B 255 16.17 -46.62 49.39
CA PRO B 255 14.82 -47.21 49.37
C PRO B 255 14.89 -48.72 49.37
N PRO B 256 13.91 -49.38 49.97
CA PRO B 256 13.84 -50.85 49.91
C PRO B 256 13.33 -51.35 48.56
N SER B 257 13.55 -52.64 48.33
CA SER B 257 12.94 -53.34 47.20
C SER B 257 11.51 -53.76 47.55
N PHE B 258 10.62 -53.69 46.57
CA PHE B 258 9.21 -54.06 46.76
C PHE B 258 8.96 -55.40 46.08
N LEU B 259 8.68 -56.42 46.89
CA LEU B 259 8.55 -57.80 46.41
C LEU B 259 7.10 -58.05 46.03
N PHE B 260 6.87 -58.35 44.75
CA PHE B 260 5.53 -58.58 44.23
C PHE B 260 5.24 -60.07 44.10
N THR B 261 4.04 -60.47 44.51
CA THR B 261 3.58 -61.86 44.41
C THR B 261 2.35 -61.86 43.51
N PRO B 262 2.46 -62.31 42.26
CA PRO B 262 1.31 -62.26 41.36
C PRO B 262 0.18 -63.11 41.89
N PRO B 263 -1.05 -62.89 41.41
CA PRO B 263 -2.20 -63.60 41.96
C PRO B 263 -2.35 -64.97 41.35
N PRO B 264 -3.01 -65.90 42.05
CA PRO B 264 -3.35 -67.17 41.42
C PRO B 264 -4.40 -66.99 40.33
N ASN B 265 -4.43 -67.97 39.43
CA ASN B 265 -5.35 -67.96 38.31
C ASN B 265 -6.77 -68.32 38.75
N GLY B 266 -7.74 -67.75 38.05
CA GLY B 266 -9.13 -68.05 38.30
C GLY B 266 -10.03 -66.90 37.90
N ASP B 267 -11.32 -67.07 38.20
CA ASP B 267 -12.33 -66.04 38.00
C ASP B 267 -12.84 -65.49 39.33
N GLY B 268 -12.32 -65.99 40.45
CA GLY B 268 -12.73 -65.52 41.76
C GLY B 268 -12.37 -64.06 41.92
N PRO B 269 -12.84 -63.44 43.01
CA PRO B 269 -12.59 -62.00 43.18
C PRO B 269 -11.10 -61.73 43.37
N LEU B 270 -10.59 -60.76 42.61
CA LEU B 270 -9.17 -60.40 42.67
C LEU B 270 -8.92 -59.46 43.84
N ALA B 271 -7.89 -59.77 44.63
CA ALA B 271 -7.55 -58.99 45.80
C ALA B 271 -6.07 -58.61 45.79
N LEU B 272 -5.78 -57.36 46.12
CA LEU B 272 -4.43 -56.83 46.21
C LEU B 272 -4.11 -56.52 47.67
N VAL B 273 -3.01 -57.05 48.17
CA VAL B 273 -2.60 -56.87 49.56
C VAL B 273 -1.29 -56.09 49.59
N LEU B 274 -1.26 -55.03 50.38
CA LEU B 274 -0.07 -54.20 50.58
C LEU B 274 0.39 -54.41 52.02
N SER B 275 1.46 -55.19 52.19
CA SER B 275 2.01 -55.50 53.51
C SER B 275 3.35 -54.78 53.66
N ILE B 276 3.29 -53.53 54.12
CA ILE B 276 4.47 -52.69 54.32
C ILE B 276 4.62 -52.29 55.78
N SER B 277 3.57 -51.72 56.37
CA SER B 277 3.59 -51.46 57.80
C SER B 277 3.64 -52.75 58.59
N ALA B 278 2.94 -53.78 58.12
CA ALA B 278 2.88 -55.07 58.78
C ALA B 278 2.47 -56.11 57.75
N GLN B 279 2.46 -57.37 58.17
CA GLN B 279 2.00 -58.46 57.32
C GLN B 279 0.51 -58.64 57.51
N VAL B 280 -0.24 -58.51 56.43
CA VAL B 280 -1.69 -58.60 56.46
C VAL B 280 -2.07 -60.06 56.63
N PRO B 281 -2.84 -60.43 57.66
CA PRO B 281 -3.21 -61.85 57.80
C PRO B 281 -4.04 -62.27 56.59
N VAL B 282 -3.57 -63.30 55.91
CA VAL B 282 -4.23 -63.74 54.69
C VAL B 282 -5.67 -64.14 54.95
N ARG B 283 -5.93 -64.75 56.10
CA ARG B 283 -7.29 -65.15 56.44
C ARG B 283 -8.23 -63.96 56.62
N ASP B 284 -7.75 -62.83 57.16
CA ASP B 284 -8.63 -61.68 57.33
C ASP B 284 -9.13 -61.17 55.99
N VAL B 285 -8.31 -61.27 54.95
CA VAL B 285 -8.77 -60.92 53.61
C VAL B 285 -9.92 -61.83 53.19
N THR B 286 -9.69 -63.13 53.28
CA THR B 286 -10.69 -64.10 52.85
C THR B 286 -12.00 -63.95 53.63
N ASP B 287 -11.93 -63.60 54.90
CA ASP B 287 -13.15 -63.43 55.69
C ASP B 287 -14.03 -62.32 55.12
N ALA B 288 -13.41 -61.23 54.65
CA ALA B 288 -14.18 -60.15 54.07
C ALA B 288 -14.53 -60.41 52.60
N LEU B 289 -13.73 -61.21 51.90
CA LEU B 289 -13.88 -61.44 50.48
C LEU B 289 -13.76 -62.93 50.17
N PRO B 290 -14.89 -63.61 49.94
CA PRO B 290 -14.83 -65.07 49.71
C PRO B 290 -14.00 -65.40 48.47
N GLY B 291 -13.15 -66.42 48.60
CA GLY B 291 -12.43 -66.91 47.44
C GLY B 291 -11.43 -65.93 46.86
N ALA B 292 -10.87 -65.04 47.66
CA ALA B 292 -10.05 -63.97 47.12
C ALA B 292 -8.79 -64.51 46.47
N ARG B 293 -8.55 -64.08 45.23
CA ARG B 293 -7.31 -64.36 44.50
C ARG B 293 -6.31 -63.28 44.90
N ILE B 294 -5.38 -63.63 45.78
CA ILE B 294 -4.55 -62.64 46.47
C ILE B 294 -3.27 -62.38 45.68
N ALA B 295 -3.16 -61.16 45.16
CA ALA B 295 -1.87 -60.58 44.81
C ALA B 295 -1.38 -59.80 46.02
N GLU B 296 -0.06 -59.80 46.23
CA GLU B 296 0.50 -59.15 47.41
C GLU B 296 1.74 -58.37 47.00
N LEU B 297 1.85 -57.13 47.48
CA LEU B 297 3.04 -56.32 47.36
C LEU B 297 3.59 -56.06 48.75
N SER B 298 4.88 -56.28 48.93
CA SER B 298 5.49 -56.18 50.25
C SER B 298 6.95 -55.81 50.10
N ILE B 299 7.57 -55.53 51.25
CA ILE B 299 9.01 -55.32 51.34
C ILE B 299 9.58 -56.50 52.13
N PRO B 300 10.90 -56.73 52.10
CA PRO B 300 11.44 -57.89 52.84
C PRO B 300 11.03 -57.91 54.31
N GLU B 301 11.18 -56.79 55.02
CA GLU B 301 10.86 -56.72 56.44
C GLU B 301 9.88 -55.58 56.71
N PRO B 302 8.58 -55.84 56.62
CA PRO B 302 7.60 -54.79 56.92
C PRO B 302 7.90 -54.12 58.26
N SER B 303 7.82 -52.79 58.26
CA SER B 303 8.18 -52.00 59.42
C SER B 303 7.33 -50.74 59.47
N TYR B 304 7.08 -50.29 60.70
CA TYR B 304 6.29 -49.09 60.92
C TYR B 304 7.04 -47.83 60.50
N ALA B 305 8.37 -47.87 60.52
CA ALA B 305 9.22 -46.71 60.27
C ALA B 305 9.88 -46.73 58.89
N MET B 306 9.31 -47.45 57.92
CA MET B 306 10.02 -47.64 56.66
C MET B 306 10.07 -46.37 55.81
N VAL B 307 9.34 -45.33 56.18
CA VAL B 307 9.35 -44.07 55.41
C VAL B 307 10.52 -43.25 55.94
N GLN B 308 11.72 -43.62 55.50
CA GLN B 308 12.91 -42.90 55.96
C GLN B 308 13.13 -41.59 55.22
N ASN B 309 12.69 -41.50 53.97
CA ASN B 309 12.82 -40.27 53.19
C ASN B 309 11.88 -40.34 52.01
N ARG B 310 11.68 -39.20 51.36
CA ARG B 310 10.67 -39.12 50.30
C ARG B 310 10.95 -40.11 49.18
N ARG B 311 12.22 -40.38 48.87
CA ARG B 311 12.53 -41.33 47.81
C ARG B 311 11.88 -42.69 48.05
N VAL B 312 11.73 -43.09 49.31
CA VAL B 312 10.96 -44.31 49.61
C VAL B 312 9.58 -44.21 48.96
N ILE B 313 8.93 -43.05 49.13
CA ILE B 313 7.60 -42.85 48.57
C ILE B 313 7.67 -42.96 47.05
N HIS B 314 8.61 -42.24 46.43
CA HIS B 314 8.76 -42.32 44.98
C HIS B 314 9.01 -43.76 44.52
N ALA B 315 9.87 -44.49 45.23
CA ALA B 315 10.06 -45.90 44.92
C ALA B 315 8.74 -46.67 44.97
N PHE B 316 7.99 -46.49 46.05
CA PHE B 316 6.65 -47.08 46.16
C PHE B 316 5.85 -46.82 44.89
N ARG B 317 5.74 -45.55 44.51
CA ARG B 317 5.04 -45.16 43.29
C ARG B 317 5.54 -45.96 42.09
N ASP B 318 6.82 -45.81 41.75
CA ASP B 318 7.35 -46.47 40.56
C ASP B 318 7.02 -47.96 40.56
N ALA B 319 7.27 -48.64 41.67
CA ALA B 319 7.00 -50.07 41.75
C ALA B 319 5.52 -50.38 41.55
N LEU B 320 4.67 -49.79 42.38
CA LEU B 320 3.25 -50.13 42.36
C LEU B 320 2.60 -49.77 41.03
N GLN B 321 2.91 -48.59 40.50
CA GLN B 321 2.32 -48.15 39.23
C GLN B 321 2.38 -49.26 38.18
N ILE B 322 3.49 -50.00 38.14
CA ILE B 322 3.63 -51.09 37.17
C ILE B 322 2.63 -52.19 37.47
N ARG B 323 2.70 -52.76 38.67
CA ARG B 323 1.88 -53.92 39.01
C ARG B 323 0.41 -53.64 38.82
N LEU B 324 -0.03 -52.41 39.07
CA LEU B 324 -1.43 -52.05 38.84
C LEU B 324 -1.80 -52.28 37.38
N SER B 325 -0.94 -51.82 36.46
CA SER B 325 -1.18 -52.05 35.04
C SER B 325 -1.27 -53.53 34.71
N GLN B 326 -0.40 -54.35 35.32
CA GLN B 326 -0.45 -55.78 35.07
C GLN B 326 -1.76 -56.37 35.56
N LEU B 327 -2.16 -56.01 36.78
CA LEU B 327 -3.35 -56.61 37.38
C LEU B 327 -4.60 -56.25 36.60
N GLU B 328 -4.68 -55.00 36.11
CA GLU B 328 -5.85 -54.61 35.32
C GLU B 328 -5.98 -55.46 34.06
N ALA B 329 -4.87 -55.99 33.56
CA ALA B 329 -4.93 -56.84 32.38
C ALA B 329 -5.56 -58.20 32.67
N LEU B 330 -5.55 -58.64 33.92
CA LEU B 330 -6.03 -59.96 34.29
C LEU B 330 -7.53 -60.04 34.54
N THR B 331 -8.25 -58.93 34.44
CA THR B 331 -9.68 -58.99 34.69
C THR B 331 -10.38 -57.70 34.31
N PRO B 332 -11.63 -57.76 33.85
CA PRO B 332 -12.44 -56.54 33.75
C PRO B 332 -13.17 -56.22 35.05
N ASP B 333 -13.09 -57.11 36.06
CA ASP B 333 -13.79 -56.95 37.32
C ASP B 333 -12.93 -56.18 38.32
N PRO B 334 -13.54 -55.63 39.37
CA PRO B 334 -12.80 -54.77 40.29
C PRO B 334 -11.66 -55.47 41.01
N ILE B 335 -10.70 -54.67 41.45
CA ILE B 335 -9.57 -55.11 42.26
C ILE B 335 -9.84 -54.67 43.70
N HIS B 336 -9.80 -55.62 44.64
CA HIS B 336 -10.07 -55.35 46.04
C HIS B 336 -8.75 -55.15 46.80
N VAL B 337 -8.65 -54.04 47.51
CA VAL B 337 -7.39 -53.58 48.10
C VAL B 337 -7.45 -53.74 49.63
N PHE B 338 -6.46 -54.44 50.18
CA PHE B 338 -6.28 -54.59 51.63
C PHE B 338 -4.87 -54.10 51.96
N ALA B 339 -4.78 -52.98 52.66
CA ALA B 339 -3.52 -52.25 52.83
C ALA B 339 -3.16 -52.05 54.29
N ALA B 340 -1.88 -52.26 54.60
CA ALA B 340 -1.28 -51.90 55.88
C ALA B 340 -0.05 -51.07 55.52
N ILE B 341 -0.23 -49.77 55.31
CA ILE B 341 0.83 -48.92 54.79
C ILE B 341 0.91 -47.63 55.61
N PRO B 342 2.08 -46.99 55.67
CA PRO B 342 2.17 -45.72 56.41
C PRO B 342 1.30 -44.65 55.78
N ALA B 343 1.03 -43.60 56.57
CA ALA B 343 0.20 -42.50 56.11
C ALA B 343 0.65 -41.97 54.75
N ALA B 344 1.93 -41.62 54.64
CA ALA B 344 2.43 -40.97 53.42
C ALA B 344 2.08 -41.77 52.17
N LEU B 345 2.26 -43.09 52.22
CA LEU B 345 1.96 -43.89 51.03
C LEU B 345 0.45 -43.97 50.77
N ALA B 346 -0.36 -43.98 51.82
CA ALA B 346 -1.81 -43.95 51.61
C ALA B 346 -2.19 -42.77 50.74
N ILE B 347 -1.56 -41.61 50.98
CA ILE B 347 -1.77 -40.45 50.12
C ILE B 347 -1.30 -40.74 48.70
N GLU B 348 -0.01 -41.09 48.56
CA GLU B 348 0.54 -41.36 47.24
C GLU B 348 -0.29 -42.40 46.49
N PHE B 349 -0.63 -43.50 47.16
CA PHE B 349 -1.49 -44.51 46.55
C PHE B 349 -2.76 -43.88 45.99
N GLY B 350 -3.40 -43.01 46.78
CA GLY B 350 -4.61 -42.37 46.30
C GLY B 350 -4.39 -41.53 45.05
N ALA B 351 -3.25 -40.85 44.97
CA ALA B 351 -2.97 -40.02 43.79
C ALA B 351 -2.76 -40.87 42.55
N LEU B 352 -1.97 -41.95 42.66
CA LEU B 352 -1.73 -42.81 41.51
C LEU B 352 -3.04 -43.29 40.88
N LEU B 353 -3.99 -43.73 41.72
CA LEU B 353 -5.22 -44.31 41.21
C LEU B 353 -6.04 -43.32 40.38
N THR B 354 -5.63 -42.06 40.35
CA THR B 354 -6.29 -41.09 39.46
C THR B 354 -6.05 -41.48 37.99
N THR B 355 -4.84 -41.93 37.68
CA THR B 355 -4.52 -42.25 36.29
C THR B 355 -5.26 -43.48 35.79
N GLN B 356 -5.47 -44.49 36.65
CA GLN B 356 -6.20 -45.69 36.25
C GLN B 356 -7.69 -45.37 36.21
N HIS B 357 -8.07 -44.60 35.18
CA HIS B 357 -9.45 -44.14 35.10
C HIS B 357 -10.32 -45.26 34.56
N GLN B 358 -9.72 -46.15 33.76
CA GLN B 358 -10.43 -47.23 33.09
C GLN B 358 -10.71 -48.41 34.00
N HIS B 359 -10.42 -48.34 35.30
CA HIS B 359 -10.62 -49.49 36.17
C HIS B 359 -11.23 -49.06 37.51
N THR B 360 -11.96 -49.99 38.13
CA THR B 360 -12.62 -49.78 39.41
C THR B 360 -11.83 -50.46 40.53
N TYR B 361 -11.61 -49.73 41.63
CA TYR B 361 -10.93 -50.26 42.81
C TYR B 361 -11.84 -50.15 44.04
N LEU B 362 -11.90 -51.22 44.84
CA LEU B 362 -12.66 -51.25 46.09
C LEU B 362 -11.69 -51.35 47.25
N ILE B 363 -11.79 -50.40 48.18
CA ILE B 363 -10.85 -50.27 49.29
C ILE B 363 -11.49 -50.80 50.56
N PHE B 364 -10.81 -51.75 51.21
CA PHE B 364 -11.25 -52.31 52.48
C PHE B 364 -10.38 -51.80 53.63
N ASP B 365 -11.00 -51.53 54.78
CA ASP B 365 -10.27 -51.13 55.97
C ASP B 365 -10.89 -51.78 57.19
N ARG B 366 -10.06 -51.93 58.24
CA ARG B 366 -10.52 -52.46 59.51
C ARG B 366 -11.67 -51.65 60.09
N ASP B 367 -12.70 -52.36 60.57
CA ASP B 367 -13.86 -51.74 61.22
C ASP B 367 -13.78 -52.06 62.70
N LYS B 368 -13.52 -51.03 63.53
CA LYS B 368 -13.30 -51.26 64.95
C LYS B 368 -14.54 -51.81 65.65
N GLU B 369 -15.73 -51.35 65.27
CA GLU B 369 -16.91 -51.89 65.94
C GLU B 369 -17.30 -53.27 65.43
N ASN B 370 -16.62 -53.78 64.40
CA ASN B 370 -16.84 -55.12 63.88
C ASN B 370 -15.63 -56.02 64.13
N GLN B 371 -15.01 -55.85 65.31
CA GLN B 371 -13.87 -56.67 65.73
C GLN B 371 -12.72 -56.56 64.73
N ASP B 372 -12.50 -55.35 64.23
CA ASP B 372 -11.39 -55.07 63.32
C ASP B 372 -11.47 -55.93 62.04
N ARG B 373 -12.66 -56.37 61.65
CA ARG B 373 -12.74 -57.07 60.38
C ARG B 373 -12.77 -56.06 59.23
N PHE B 374 -12.20 -56.47 58.10
CA PHE B 374 -12.19 -55.65 56.91
C PHE B 374 -13.61 -55.48 56.39
N THR B 375 -13.95 -54.26 56.02
CA THR B 375 -15.25 -53.90 55.48
C THR B 375 -15.01 -52.99 54.29
N GLN B 376 -15.75 -53.23 53.21
CA GLN B 376 -15.61 -52.33 52.06
C GLN B 376 -16.06 -50.95 52.52
N THR B 377 -15.16 -49.98 52.44
CA THR B 377 -15.46 -48.64 52.89
C THR B 377 -15.44 -47.60 51.78
N LEU B 378 -14.72 -47.84 50.69
CA LEU B 378 -14.53 -46.82 49.68
C LEU B 378 -14.49 -47.46 48.30
N GLN B 379 -15.16 -46.81 47.34
CA GLN B 379 -15.19 -47.23 45.95
C GLN B 379 -14.52 -46.15 45.12
N LEU B 380 -13.49 -46.53 44.36
CA LEU B 380 -12.71 -45.61 43.56
C LEU B 380 -12.87 -45.95 42.09
N GLY B 381 -13.20 -44.95 41.27
CA GLY B 381 -13.49 -45.15 39.88
C GLY B 381 -14.95 -45.47 39.67
N PRO B 382 -15.36 -45.67 38.40
CA PRO B 382 -16.75 -45.93 38.05
C PRO B 382 -17.36 -47.11 38.81
N ASN C 15 47.79 -36.80 -2.02
CA ASN C 15 46.73 -35.76 -2.01
C ASN C 15 47.08 -34.66 -3.02
N THR C 16 47.27 -33.43 -2.55
CA THR C 16 47.67 -32.35 -3.44
C THR C 16 48.27 -31.22 -2.61
N ASN C 17 49.20 -30.48 -3.21
CA ASN C 17 49.72 -29.31 -2.51
C ASN C 17 48.68 -28.20 -2.63
N ASP C 18 48.79 -27.20 -1.78
CA ASP C 18 47.73 -26.18 -1.71
C ASP C 18 47.67 -25.36 -3.00
N GLU C 19 48.82 -25.03 -3.59
CA GLU C 19 48.79 -24.21 -4.80
C GLU C 19 48.13 -24.95 -5.96
N THR C 20 48.45 -26.23 -6.14
CA THR C 20 47.82 -27.01 -7.20
C THR C 20 46.32 -27.12 -7.00
N LYS C 21 45.87 -27.22 -5.74
CA LYS C 21 44.43 -27.19 -5.49
C LYS C 21 43.82 -25.89 -6.04
N ARG C 22 44.46 -24.76 -5.73
CA ARG C 22 43.95 -23.47 -6.20
C ARG C 22 43.93 -23.39 -7.72
N ILE C 23 44.97 -23.93 -8.38
CA ILE C 23 45.02 -23.89 -9.83
C ILE C 23 43.95 -24.78 -10.45
N VAL C 24 43.69 -25.96 -9.88
CA VAL C 24 42.59 -26.80 -10.37
C VAL C 24 41.27 -26.05 -10.27
N TRP C 25 41.01 -25.43 -9.11
CA TRP C 25 39.82 -24.60 -8.96
C TRP C 25 39.78 -23.51 -10.02
N THR C 26 40.94 -22.97 -10.37
CA THR C 26 41.00 -21.89 -11.37
C THR C 26 40.66 -22.40 -12.76
N GLN C 27 41.45 -23.35 -13.28
CA GLN C 27 41.27 -23.78 -14.67
C GLN C 27 39.89 -24.37 -14.91
N THR C 28 39.27 -24.95 -13.88
CA THR C 28 37.93 -25.52 -13.99
C THR C 28 36.83 -24.52 -13.67
N ALA C 29 37.18 -23.29 -13.29
CA ALA C 29 36.20 -22.25 -12.93
C ALA C 29 35.30 -22.68 -11.77
N GLY C 30 35.80 -23.55 -10.90
CA GLY C 30 35.12 -23.84 -9.65
C GLY C 30 33.78 -24.52 -9.76
N HIS C 31 33.55 -25.33 -10.79
CA HIS C 31 32.36 -26.15 -10.88
C HIS C 31 32.72 -27.63 -10.93
N CYS C 32 31.83 -28.46 -10.42
CA CYS C 32 31.98 -29.90 -10.54
C CYS C 32 31.83 -30.28 -12.02
N GLU C 33 32.85 -30.93 -12.55
CA GLU C 33 32.85 -31.24 -13.98
C GLU C 33 31.76 -32.22 -14.39
N LEU C 34 31.26 -33.06 -13.47
CA LEU C 34 30.27 -34.06 -13.87
C LEU C 34 28.83 -33.53 -13.79
N CYS C 35 28.54 -32.68 -12.82
CA CYS C 35 27.23 -32.06 -12.66
C CYS C 35 27.45 -30.56 -12.67
N GLY C 36 26.40 -29.81 -12.96
CA GLY C 36 26.51 -28.37 -13.03
C GLY C 36 26.70 -27.59 -11.76
N THR C 37 26.95 -28.25 -10.63
CA THR C 37 26.98 -27.54 -9.37
C THR C 37 28.18 -26.61 -9.25
N ASP C 38 27.88 -25.36 -8.86
CA ASP C 38 28.88 -24.36 -8.52
C ASP C 38 29.36 -24.64 -7.09
N LEU C 39 30.67 -24.84 -6.93
CA LEU C 39 31.22 -25.19 -5.62
C LEU C 39 31.47 -23.99 -4.71
N THR C 40 31.20 -22.76 -5.17
CA THR C 40 31.38 -21.57 -4.35
C THR C 40 30.16 -21.23 -3.50
N PHE C 41 30.41 -20.94 -2.21
CA PHE C 41 29.41 -20.33 -1.33
C PHE C 41 30.04 -19.18 -0.57
N ASP C 42 31.06 -18.54 -1.17
CA ASP C 42 31.49 -17.21 -0.74
C ASP C 42 30.32 -16.26 -0.90
N TYR C 43 29.25 -16.73 -1.53
CA TYR C 43 27.94 -16.12 -1.54
C TYR C 43 27.51 -15.58 -0.19
N ARG C 44 27.72 -16.37 0.86
CA ARG C 44 27.34 -15.94 2.20
C ARG C 44 28.20 -16.52 3.32
N ALA C 45 29.23 -17.31 3.04
CA ALA C 45 30.10 -17.80 4.08
C ALA C 45 31.53 -17.97 3.56
N GLY C 46 32.49 -17.88 4.47
CA GLY C 46 33.90 -18.09 4.15
C GLY C 46 34.27 -19.56 4.09
N LYS C 47 33.67 -20.27 3.14
CA LYS C 47 33.75 -21.73 3.10
C LYS C 47 35.14 -22.27 2.78
N PRO C 48 35.46 -23.47 3.28
CA PRO C 48 36.78 -24.04 3.03
C PRO C 48 36.89 -24.55 1.61
N MET C 49 38.09 -24.46 1.05
CA MET C 49 38.28 -25.02 -0.29
C MET C 49 38.63 -26.51 -0.26
N LYS C 50 38.03 -27.24 0.70
CA LYS C 50 38.09 -28.70 0.73
C LYS C 50 36.70 -29.33 0.82
N TRP C 51 35.64 -28.54 0.60
CA TRP C 51 34.29 -29.04 0.31
C TRP C 51 34.24 -28.94 -1.22
N GLY C 52 34.56 -30.05 -1.91
CA GLY C 52 34.85 -30.07 -3.31
C GLY C 52 36.19 -30.77 -3.40
N GLU C 53 36.28 -31.82 -4.22
CA GLU C 53 37.38 -32.76 -4.18
C GLU C 53 38.05 -32.90 -5.55
N VAL C 54 39.39 -32.98 -5.55
CA VAL C 54 40.19 -33.13 -6.76
C VAL C 54 40.50 -34.60 -7.02
N ALA C 55 40.32 -35.03 -8.27
CA ALA C 55 40.62 -36.39 -8.70
C ALA C 55 41.56 -36.37 -9.89
N HIS C 56 42.36 -37.42 -10.02
CA HIS C 56 43.12 -37.59 -11.24
C HIS C 56 42.17 -38.10 -12.31
N ILE C 57 42.58 -37.96 -13.57
CA ILE C 57 41.68 -38.31 -14.66
C ILE C 57 41.91 -39.75 -15.09
N LEU C 58 43.11 -40.08 -15.33
CA LEU C 58 43.45 -41.33 -15.95
C LEU C 58 43.80 -42.39 -14.92
N PRO C 59 43.48 -43.66 -15.19
CA PRO C 59 43.96 -44.74 -14.33
C PRO C 59 45.48 -44.87 -14.33
N ALA C 60 45.98 -45.93 -13.68
CA ALA C 60 47.40 -46.29 -13.70
C ALA C 60 48.26 -45.15 -13.14
N SER C 61 48.15 -44.99 -11.83
CA SER C 61 48.96 -44.02 -11.09
C SER C 61 50.40 -43.96 -11.57
N ASP C 79 50.04 -34.41 -14.12
CA ASP C 79 50.16 -33.00 -14.47
C ASP C 79 48.91 -32.24 -14.02
N THR C 80 49.07 -30.95 -13.71
CA THR C 80 47.96 -30.17 -13.16
C THR C 80 46.82 -30.04 -14.17
N ALA C 81 47.15 -29.89 -15.45
CA ALA C 81 46.11 -29.82 -16.47
C ALA C 81 45.33 -31.12 -16.60
N ASN C 82 45.77 -32.20 -15.94
CA ASN C 82 45.12 -33.50 -16.02
C ASN C 82 44.27 -33.83 -14.79
N LEU C 83 43.85 -32.84 -14.00
CA LEU C 83 43.14 -33.08 -12.75
C LEU C 83 41.72 -32.53 -12.81
N MET C 84 40.74 -33.34 -12.39
CA MET C 84 39.35 -32.94 -12.41
C MET C 84 38.94 -32.41 -11.04
N LEU C 85 37.97 -31.49 -11.04
CA LEU C 85 37.34 -30.99 -9.82
C LEU C 85 35.94 -31.57 -9.70
N LEU C 86 35.64 -32.20 -8.57
CA LEU C 86 34.36 -32.86 -8.38
C LEU C 86 33.74 -32.45 -7.04
N CYS C 87 32.39 -32.52 -6.97
CA CYS C 87 31.76 -32.45 -5.68
C CYS C 87 31.80 -33.83 -5.05
N PRO C 88 31.79 -33.93 -3.72
CA PRO C 88 31.94 -35.25 -3.10
C PRO C 88 30.92 -36.28 -3.58
N GLY C 89 29.68 -35.86 -3.86
CA GLY C 89 28.69 -36.79 -4.35
C GLY C 89 29.14 -37.50 -5.61
N CYS C 90 29.67 -36.74 -6.56
CA CYS C 90 30.16 -37.35 -7.80
C CYS C 90 31.46 -38.12 -7.57
N HIS C 91 32.36 -37.59 -6.73
CA HIS C 91 33.62 -38.26 -6.48
C HIS C 91 33.38 -39.66 -5.91
N ASP C 92 32.33 -39.80 -5.10
CA ASP C 92 31.99 -41.10 -4.53
C ASP C 92 31.56 -42.11 -5.59
N LYS C 93 30.91 -41.66 -6.67
CA LYS C 93 30.34 -42.58 -7.64
C LYS C 93 31.34 -43.18 -8.63
N ILE C 94 32.58 -42.70 -8.66
CA ILE C 94 33.56 -43.26 -9.59
C ILE C 94 34.41 -44.26 -8.84
N ASP C 95 34.63 -45.42 -9.45
CA ASP C 95 35.47 -46.42 -8.83
C ASP C 95 36.90 -45.92 -8.94
N ARG C 96 37.75 -46.41 -8.04
CA ARG C 96 39.10 -45.88 -7.91
C ARG C 96 39.99 -46.95 -7.30
N ASP C 97 41.28 -46.70 -7.38
CA ASP C 97 42.28 -47.59 -6.80
C ASP C 97 42.70 -47.02 -5.45
N ALA C 98 43.57 -47.75 -4.76
CA ALA C 98 43.92 -47.40 -3.39
C ALA C 98 44.53 -46.01 -3.29
N ASP C 99 45.16 -45.52 -4.36
CA ASP C 99 45.81 -44.22 -4.29
C ASP C 99 44.90 -43.04 -4.59
N GLY C 100 43.72 -43.27 -5.17
CA GLY C 100 42.82 -42.19 -5.53
C GLY C 100 42.62 -41.98 -7.01
N TYR C 101 43.31 -42.72 -7.86
CA TYR C 101 43.12 -42.63 -9.30
C TYR C 101 41.90 -43.46 -9.72
N PRO C 102 41.22 -43.04 -10.78
CA PRO C 102 40.03 -43.77 -11.21
C PRO C 102 40.41 -45.06 -11.93
N GLU C 103 39.46 -46.00 -11.90
CA GLU C 103 39.66 -47.27 -12.58
C GLU C 103 39.36 -47.14 -14.06
N ASN C 104 38.47 -46.22 -14.44
CA ASN C 104 38.09 -45.97 -15.82
C ASN C 104 38.57 -44.60 -16.28
N ASP C 105 38.93 -44.51 -17.56
CA ASP C 105 39.46 -43.29 -18.15
C ASP C 105 38.36 -42.28 -18.45
N LEU C 106 38.58 -41.02 -18.04
CA LEU C 106 37.64 -39.93 -18.28
C LEU C 106 38.24 -38.73 -19.01
N SER C 107 39.42 -38.87 -19.62
CA SER C 107 40.07 -37.70 -20.23
C SER C 107 39.15 -36.98 -21.20
N GLY C 108 38.35 -37.71 -21.96
CA GLY C 108 37.49 -37.07 -22.94
C GLY C 108 36.53 -36.08 -22.31
N LEU C 109 35.80 -36.53 -21.28
CA LEU C 109 34.89 -35.65 -20.57
C LEU C 109 35.63 -34.42 -20.04
N HIS C 110 36.73 -34.65 -19.32
CA HIS C 110 37.51 -33.55 -18.77
C HIS C 110 37.89 -32.55 -19.86
N GLN C 111 38.63 -33.02 -20.87
CA GLN C 111 39.09 -32.13 -21.94
C GLN C 111 37.93 -31.40 -22.59
N ALA C 112 36.82 -32.10 -22.83
CA ALA C 112 35.62 -31.41 -23.31
C ALA C 112 35.27 -30.26 -22.39
N TYR C 113 35.15 -30.53 -21.09
CA TYR C 113 34.81 -29.49 -20.12
C TYR C 113 35.79 -28.30 -20.20
N LEU C 114 37.09 -28.58 -20.05
CA LEU C 114 38.07 -27.49 -20.07
C LEU C 114 38.04 -26.75 -21.39
N GLU C 115 37.91 -27.46 -22.51
CA GLU C 115 37.78 -26.78 -23.80
C GLU C 115 36.62 -25.79 -23.77
N ARG C 116 35.46 -26.22 -23.26
CA ARG C 116 34.32 -25.33 -23.11
C ARG C 116 34.68 -24.07 -22.34
N ILE C 117 35.33 -24.22 -21.18
CA ILE C 117 35.77 -23.05 -20.44
C ILE C 117 36.67 -22.18 -21.33
N ARG C 118 37.73 -22.78 -21.87
CA ARG C 118 38.69 -22.05 -22.69
C ARG C 118 37.99 -21.25 -23.79
N LEU C 119 37.11 -21.90 -24.56
CA LEU C 119 36.38 -21.18 -25.60
C LEU C 119 35.64 -19.98 -25.03
N ALA C 120 34.90 -20.19 -23.94
CA ALA C 120 34.18 -19.08 -23.32
C ALA C 120 35.14 -17.95 -22.96
N ALA C 121 36.27 -18.29 -22.33
CA ALA C 121 37.21 -17.28 -21.86
C ALA C 121 37.84 -16.50 -23.02
N THR C 122 38.12 -17.18 -24.13
CA THR C 122 38.84 -16.59 -25.26
C THR C 122 37.93 -15.88 -26.27
N THR C 123 36.65 -15.77 -25.98
CA THR C 123 35.68 -15.24 -26.95
C THR C 123 36.07 -13.85 -27.45
N PRO C 124 36.22 -13.65 -28.76
CA PRO C 124 36.52 -12.30 -29.28
C PRO C 124 35.36 -11.34 -29.11
N ASP C 125 35.68 -10.08 -28.85
CA ASP C 125 34.68 -9.03 -28.69
C ASP C 125 33.62 -9.43 -27.68
N GLY C 126 34.08 -9.90 -26.53
CA GLY C 126 33.15 -10.32 -25.49
C GLY C 126 32.16 -9.25 -25.07
N GLY C 127 32.42 -7.99 -25.45
CA GLY C 127 31.50 -6.89 -25.13
C GLY C 127 30.47 -6.56 -26.18
N ARG C 128 30.52 -7.21 -27.34
CA ARG C 128 29.50 -6.98 -28.36
C ARG C 128 28.26 -7.83 -28.13
N ALA C 129 27.10 -7.23 -28.35
CA ALA C 129 25.81 -7.89 -28.18
C ALA C 129 24.84 -7.34 -29.22
N ILE C 130 23.80 -8.11 -29.50
CA ILE C 130 22.78 -7.72 -30.48
C ILE C 130 21.71 -6.93 -29.74
N PRO C 131 21.47 -5.67 -30.10
CA PRO C 131 20.31 -4.96 -29.51
C PRO C 131 19.02 -5.64 -29.92
N LEU C 132 18.18 -5.92 -28.94
CA LEU C 132 16.92 -6.62 -29.18
C LEU C 132 15.82 -6.02 -28.33
N ILE C 133 14.89 -5.32 -28.97
CA ILE C 133 13.76 -4.69 -28.31
C ILE C 133 12.49 -5.42 -28.74
N VAL C 134 11.68 -5.80 -27.76
CA VAL C 134 10.40 -6.47 -27.97
C VAL C 134 9.34 -5.62 -27.30
N GLN C 135 8.32 -5.25 -28.06
CA GLN C 135 7.42 -4.16 -27.72
C GLN C 135 5.97 -4.61 -27.64
N SER C 136 5.15 -3.74 -27.03
CA SER C 136 3.77 -4.07 -26.72
C SER C 136 2.95 -4.20 -28.00
N GLN C 137 2.49 -5.44 -28.23
CA GLN C 137 1.64 -5.75 -29.37
C GLN C 137 0.47 -4.80 -29.54
N HIS C 138 -0.09 -4.32 -28.44
CA HIS C 138 -1.34 -3.56 -28.48
C HIS C 138 -1.54 -2.83 -27.16
N PHE C 139 -2.65 -2.12 -27.07
CA PHE C 139 -3.00 -1.29 -25.92
C PHE C 139 -1.86 -0.38 -25.48
N GLN C 140 -1.34 -0.53 -24.26
CA GLN C 140 -0.27 0.37 -23.84
C GLN C 140 1.00 0.25 -24.69
N THR C 141 0.91 0.67 -25.95
CA THR C 141 2.04 0.71 -26.86
C THR C 141 2.57 2.13 -26.97
N ILE C 142 2.03 3.05 -26.16
CA ILE C 142 2.43 4.45 -26.15
C ILE C 142 3.76 4.67 -25.44
N ASN C 143 4.14 3.82 -24.48
CA ASN C 143 5.42 3.96 -23.77
C ASN C 143 6.46 3.25 -24.66
N ASP C 144 7.11 4.05 -25.50
CA ASP C 144 7.98 3.57 -26.58
C ASP C 144 9.45 3.50 -26.21
N ILE C 145 10.07 2.35 -26.44
CA ILE C 145 11.51 2.18 -26.23
C ILE C 145 12.21 2.45 -27.57
N PRO C 146 12.90 3.58 -27.72
CA PRO C 146 13.68 3.80 -28.94
C PRO C 146 15.03 3.11 -28.93
N VAL C 147 15.53 2.81 -30.14
CA VAL C 147 16.78 2.06 -30.25
C VAL C 147 17.94 2.84 -29.65
N ARG C 148 17.96 4.17 -29.84
CA ARG C 148 19.07 4.98 -29.34
C ARG C 148 19.29 4.77 -27.85
N ASP C 149 18.21 4.75 -27.08
CA ASP C 149 18.34 4.67 -25.63
C ASP C 149 18.93 3.33 -25.19
N LEU C 150 18.57 2.24 -25.88
CA LEU C 150 19.21 0.96 -25.60
C LEU C 150 20.69 1.00 -25.94
N LEU C 151 21.02 1.55 -27.11
CA LEU C 151 22.43 1.68 -27.48
C LEU C 151 23.20 2.50 -26.44
N THR C 152 22.62 3.60 -25.98
CA THR C 152 23.25 4.40 -24.94
C THR C 152 23.43 3.59 -23.66
N ALA C 153 22.36 2.93 -23.22
CA ALA C 153 22.45 2.13 -21.99
C ALA C 153 23.49 1.03 -22.13
N MET C 154 23.58 0.41 -23.32
CA MET C 154 24.61 -0.59 -23.53
C MET C 154 26.00 0.05 -23.44
N SER C 155 26.21 1.12 -24.21
CA SER C 155 27.50 1.82 -24.17
C SER C 155 27.88 2.21 -22.76
N ALA C 156 26.89 2.63 -21.96
CA ALA C 156 27.15 3.05 -20.58
C ALA C 156 27.65 1.91 -19.70
N GLU C 157 27.40 0.65 -20.09
CA GLU C 157 27.86 -0.49 -19.31
C GLU C 157 29.16 -1.09 -19.82
N GLY C 158 29.74 -0.51 -20.88
CA GLY C 158 30.87 -1.10 -21.53
C GLY C 158 30.51 -2.12 -22.59
N LEU C 159 29.25 -2.19 -23.00
CA LEU C 159 28.79 -3.04 -24.09
C LEU C 159 28.71 -2.24 -25.37
N THR C 160 28.80 -2.94 -26.49
CA THR C 160 28.73 -2.33 -27.81
C THR C 160 27.80 -3.16 -28.67
N ALA C 161 27.36 -2.56 -29.77
CA ALA C 161 26.35 -3.15 -30.62
C ALA C 161 27.06 -3.93 -31.71
N PHE C 162 26.55 -5.12 -32.06
CA PHE C 162 27.14 -5.88 -33.19
C PHE C 162 26.97 -4.95 -34.36
N ASP C 163 25.81 -4.31 -34.51
CA ASP C 163 25.61 -3.27 -35.54
C ASP C 163 24.13 -2.96 -35.72
N GLN C 164 23.43 -3.83 -36.42
CA GLN C 164 22.01 -3.58 -36.74
C GLN C 164 21.19 -3.89 -35.50
N GLY C 165 20.29 -3.01 -35.09
CA GLY C 165 19.40 -3.27 -33.97
C GLY C 165 18.20 -4.07 -34.43
N ILE C 166 17.51 -4.78 -33.54
CA ILE C 166 16.27 -5.51 -33.85
C ILE C 166 15.17 -4.91 -32.98
N LYS C 167 14.07 -4.49 -33.61
CA LYS C 167 12.90 -4.07 -32.85
C LYS C 167 11.68 -4.81 -33.37
N ILE C 168 11.07 -5.61 -32.49
CA ILE C 168 9.92 -6.44 -32.81
C ILE C 168 8.79 -6.06 -31.87
N ALA C 169 7.67 -5.62 -32.44
CA ALA C 169 6.44 -5.40 -31.70
C ALA C 169 5.50 -6.46 -32.26
N PHE C 170 5.69 -7.71 -31.81
CA PHE C 170 4.97 -8.81 -32.44
C PHE C 170 3.46 -8.58 -32.39
N ALA C 171 2.82 -8.96 -33.50
CA ALA C 171 1.55 -8.44 -33.96
C ALA C 171 0.37 -8.75 -33.05
N ALA C 172 -0.66 -7.92 -33.19
CA ALA C 172 -1.92 -8.10 -32.50
C ALA C 172 -2.62 -9.38 -32.95
N PRO C 173 -3.17 -10.16 -32.02
CA PRO C 173 -3.85 -11.41 -32.40
C PRO C 173 -5.07 -11.12 -33.27
N GLY C 174 -5.36 -12.05 -34.17
CA GLY C 174 -6.55 -11.92 -34.97
C GLY C 174 -7.76 -12.23 -34.12
N PRO C 175 -8.95 -12.33 -34.75
CA PRO C 175 -10.15 -12.70 -33.98
C PRO C 175 -10.09 -14.11 -33.42
N ARG C 176 -9.29 -14.99 -34.01
CA ARG C 176 -9.11 -16.31 -33.41
C ARG C 176 -8.39 -16.23 -32.08
N GLY C 177 -8.06 -15.01 -31.63
CA GLY C 177 -7.33 -14.80 -30.40
C GLY C 177 -5.88 -15.24 -30.52
N ARG C 178 -5.28 -15.42 -29.34
CA ARG C 178 -3.92 -15.91 -29.19
C ARG C 178 -4.01 -17.42 -29.08
N ASP C 179 -4.05 -18.10 -30.23
CA ASP C 179 -4.14 -19.54 -30.17
C ASP C 179 -2.77 -20.15 -29.88
N THR C 180 -2.75 -21.48 -29.74
CA THR C 180 -1.50 -22.17 -29.48
C THR C 180 -0.51 -21.84 -30.58
N THR C 181 -1.03 -21.75 -31.80
CA THR C 181 -0.24 -21.45 -33.00
C THR C 181 0.22 -19.99 -33.05
N TYR C 182 -0.65 -19.02 -32.71
CA TYR C 182 -0.22 -17.63 -32.67
C TYR C 182 1.11 -17.49 -31.95
N TRP C 183 1.20 -18.03 -30.73
CA TRP C 183 2.46 -17.95 -30.00
C TRP C 183 3.58 -18.65 -30.74
N GLN C 184 3.27 -19.76 -31.44
CA GLN C 184 4.31 -20.43 -32.22
C GLN C 184 4.92 -19.47 -33.24
N ASN C 185 4.06 -18.76 -33.99
CA ASN C 185 4.58 -17.78 -34.95
C ASN C 185 5.42 -16.73 -34.23
N VAL C 186 5.00 -16.31 -33.03
CA VAL C 186 5.81 -15.39 -32.25
C VAL C 186 7.18 -16.01 -31.99
N LYS C 187 7.20 -17.23 -31.45
CA LYS C 187 8.46 -17.92 -31.22
C LYS C 187 9.27 -18.04 -32.51
N ASP C 188 8.63 -18.53 -33.57
CA ASP C 188 9.30 -18.63 -34.87
C ASP C 188 9.83 -17.27 -35.30
N SER C 189 9.02 -16.22 -35.13
CA SER C 189 9.43 -14.88 -35.55
C SER C 189 10.73 -14.49 -34.88
N VAL C 190 10.83 -14.70 -33.57
CA VAL C 190 12.08 -14.40 -32.86
C VAL C 190 13.21 -15.28 -33.36
N GLN C 191 13.03 -16.61 -33.29
CA GLN C 191 14.10 -17.53 -33.64
C GLN C 191 14.61 -17.27 -35.05
N TYR C 192 13.69 -16.99 -35.97
CA TYR C 192 14.06 -16.59 -37.32
C TYR C 192 14.96 -15.36 -37.30
N GLU C 193 14.48 -14.27 -36.70
CA GLU C 193 15.23 -13.02 -36.67
C GLU C 193 16.64 -13.23 -36.12
N LEU C 194 16.76 -14.10 -35.11
CA LEU C 194 18.08 -14.39 -34.54
C LEU C 194 18.94 -15.19 -35.51
N GLU C 195 18.36 -16.24 -36.11
CA GLU C 195 19.11 -17.05 -37.08
C GLU C 195 19.69 -16.17 -38.18
N GLN C 196 18.95 -15.14 -38.59
CA GLN C 196 19.44 -14.26 -39.64
C GLN C 196 20.72 -13.55 -39.22
N GLN C 197 20.85 -13.23 -37.92
CA GLN C 197 22.07 -12.59 -37.45
C GLN C 197 23.24 -13.56 -37.40
N LEU C 198 22.98 -14.84 -37.13
CA LEU C 198 24.05 -15.82 -37.16
C LEU C 198 24.44 -16.19 -38.59
N LYS C 199 23.47 -16.19 -39.50
CA LYS C 199 23.78 -16.56 -40.88
C LYS C 199 24.46 -15.45 -41.65
N ARG C 200 24.19 -14.18 -41.35
CA ARG C 200 24.91 -13.09 -41.99
C ARG C 200 26.31 -12.90 -41.40
N ARG C 201 26.60 -13.51 -40.25
CA ARG C 201 27.91 -13.37 -39.64
C ARG C 201 28.84 -14.56 -39.85
N GLY C 202 28.30 -15.74 -40.16
CA GLY C 202 29.15 -16.90 -40.41
C GLY C 202 29.65 -17.49 -39.11
N GLY C 203 28.73 -17.85 -38.22
CA GLY C 203 29.05 -18.45 -36.95
C GLY C 203 29.93 -19.69 -37.05
N THR C 204 29.93 -20.31 -38.25
CA THR C 204 30.68 -21.53 -38.55
C THR C 204 30.59 -22.52 -37.39
N TYR C 205 29.38 -22.97 -37.07
CA TYR C 205 29.15 -23.97 -36.00
C TYR C 205 29.69 -23.42 -34.69
N GLY C 206 29.42 -22.16 -34.38
CA GLY C 206 29.82 -21.67 -33.06
C GLY C 206 29.59 -20.21 -32.78
N ASP C 207 29.93 -19.77 -31.58
CA ASP C 207 29.87 -18.34 -31.17
C ASP C 207 28.48 -17.79 -31.45
N SER C 208 27.51 -18.17 -30.63
CA SER C 208 26.15 -17.62 -30.72
C SER C 208 26.21 -16.22 -30.13
N PRO C 209 26.02 -15.11 -30.86
CA PRO C 209 26.23 -13.78 -30.27
C PRO C 209 25.39 -13.57 -29.02
N ALA C 210 25.80 -12.56 -28.25
CA ALA C 210 25.10 -12.20 -27.03
C ALA C 210 23.93 -11.29 -27.35
N LEU C 211 22.93 -11.29 -26.47
CA LEU C 211 21.68 -10.57 -26.69
C LEU C 211 21.50 -9.49 -25.64
N ALA C 212 21.48 -8.23 -26.08
CA ALA C 212 21.01 -7.12 -25.25
C ALA C 212 19.52 -7.01 -25.45
N VAL C 213 18.75 -7.66 -24.57
CA VAL C 213 17.31 -7.84 -24.76
C VAL C 213 16.55 -7.04 -23.71
N VAL C 214 15.47 -6.40 -24.15
CA VAL C 214 14.55 -5.68 -23.28
C VAL C 214 13.14 -5.88 -23.81
N GLY C 215 12.18 -6.01 -22.90
CA GLY C 215 10.81 -6.28 -23.30
C GLY C 215 9.82 -5.41 -22.55
N LEU C 216 8.71 -5.10 -23.24
CA LEU C 216 7.61 -4.29 -22.71
C LEU C 216 6.27 -4.83 -23.22
N ALA C 217 5.84 -5.96 -22.68
CA ALA C 217 4.56 -6.56 -23.01
C ALA C 217 3.96 -7.18 -21.75
N ASP C 218 2.81 -7.82 -21.91
CA ASP C 218 2.20 -8.55 -20.80
C ASP C 218 3.08 -9.74 -20.41
N ILE C 219 2.80 -10.30 -19.22
CA ILE C 219 3.65 -11.32 -18.63
C ILE C 219 3.79 -12.50 -19.59
N PRO C 220 2.70 -13.12 -20.04
CA PRO C 220 2.86 -14.27 -20.95
C PRO C 220 3.69 -13.95 -22.17
N ALA C 221 3.46 -12.79 -22.80
CA ALA C 221 4.22 -12.42 -23.98
C ALA C 221 5.71 -12.43 -23.70
N LEU C 222 6.14 -11.75 -22.63
CA LEU C 222 7.56 -11.70 -22.31
C LEU C 222 8.09 -13.09 -21.98
N MET C 223 7.31 -13.90 -21.27
CA MET C 223 7.70 -15.28 -21.04
C MET C 223 7.98 -16.00 -22.36
N MET C 224 7.11 -15.80 -23.34
CA MET C 224 7.29 -16.48 -24.63
C MET C 224 8.57 -15.99 -25.32
N LEU C 225 8.86 -14.69 -25.23
CA LEU C 225 10.14 -14.18 -25.69
C LEU C 225 11.30 -14.95 -25.06
N GLY C 226 11.22 -15.20 -23.75
CA GLY C 226 12.25 -15.98 -23.10
C GLY C 226 12.40 -17.38 -23.67
N GLN C 227 11.27 -18.05 -23.91
CA GLN C 227 11.32 -19.38 -24.52
C GLN C 227 12.04 -19.35 -25.87
N SER C 228 11.78 -18.33 -26.68
CA SER C 228 12.39 -18.26 -28.00
C SER C 228 13.89 -18.10 -27.88
N ILE C 229 14.32 -17.25 -26.97
CA ILE C 229 15.75 -16.98 -26.78
C ILE C 229 16.42 -18.20 -26.16
N GLY C 230 15.73 -18.93 -25.30
CA GLY C 230 16.21 -20.19 -24.80
C GLY C 230 17.11 -20.07 -23.58
N ASP C 231 17.17 -21.16 -22.83
CA ASP C 231 17.98 -21.21 -21.62
C ASP C 231 19.46 -21.04 -21.91
N ARG C 232 19.93 -21.64 -22.99
CA ARG C 232 21.36 -21.70 -23.30
C ARG C 232 21.88 -20.46 -24.01
N SER C 233 21.07 -19.41 -24.15
CA SER C 233 21.50 -18.19 -24.81
C SER C 233 22.34 -17.29 -23.90
N LYS C 234 23.26 -16.56 -24.52
CA LYS C 234 24.05 -15.54 -23.82
C LYS C 234 23.20 -14.27 -23.75
N ARG C 235 22.38 -14.16 -22.71
CA ARG C 235 21.41 -13.07 -22.59
C ARG C 235 21.84 -12.05 -21.54
N LEU C 236 21.79 -10.77 -21.93
CA LEU C 236 22.00 -9.64 -21.03
C LEU C 236 20.74 -8.79 -21.00
N ILE C 237 19.89 -8.99 -19.98
CA ILE C 237 18.55 -8.41 -19.96
C ILE C 237 18.62 -6.99 -19.43
N PHE C 238 17.78 -6.12 -19.98
CA PHE C 238 17.64 -4.74 -19.56
C PHE C 238 16.22 -4.48 -19.07
N SER C 239 16.06 -3.41 -18.28
CA SER C 239 14.77 -3.09 -17.67
C SER C 239 14.34 -1.66 -17.96
N PHE C 240 13.09 -1.46 -18.36
CA PHE C 240 12.57 -0.12 -18.71
C PHE C 240 11.85 0.49 -17.53
N HIS C 241 11.97 1.79 -17.33
CA HIS C 241 11.27 2.55 -16.27
C HIS C 241 10.83 3.81 -16.97
N ARG C 242 9.68 4.37 -16.66
CA ARG C 242 9.28 5.66 -17.22
C ARG C 242 10.32 6.70 -16.84
N GLU C 243 10.82 6.66 -15.61
CA GLU C 243 11.78 7.67 -15.12
C GLU C 243 13.16 7.36 -15.63
N HIS C 244 13.75 6.26 -15.21
CA HIS C 244 15.16 6.00 -15.55
C HIS C 244 15.34 5.54 -16.99
N LEU C 245 14.29 5.29 -17.76
CA LEU C 245 14.42 4.69 -19.11
C LEU C 245 15.17 3.38 -18.89
N LEU C 246 16.17 3.00 -19.66
CA LEU C 246 16.78 1.66 -19.55
C LEU C 246 17.96 1.69 -18.60
N ARG C 247 18.13 2.78 -17.86
CA ARG C 247 19.24 2.92 -16.90
C ARG C 247 18.88 2.20 -15.63
N TRP C 248 19.87 1.64 -14.98
CA TRP C 248 19.64 0.83 -13.77
C TRP C 248 19.48 1.78 -12.60
N PRO C 249 18.46 1.66 -11.74
CA PRO C 249 18.41 2.51 -10.56
C PRO C 249 19.61 2.55 -9.62
N ASP C 250 20.23 1.43 -9.27
CA ASP C 250 21.29 1.27 -8.34
C ASP C 250 22.17 0.06 -8.60
N GLN C 251 23.32 0.24 -9.25
CA GLN C 251 24.16 -0.92 -9.54
C GLN C 251 24.76 -1.54 -8.29
N SER C 252 24.88 -0.78 -7.19
CA SER C 252 25.51 -1.29 -5.99
C SER C 252 24.57 -2.12 -5.11
N ALA C 253 23.26 -1.94 -5.22
CA ALA C 253 22.32 -2.62 -4.34
C ALA C 253 22.48 -4.14 -4.40
N GLU C 254 22.37 -4.79 -3.22
CA GLU C 254 22.42 -6.25 -3.12
C GLU C 254 21.05 -6.87 -3.41
N PRO C 255 21.02 -8.00 -4.13
CA PRO C 255 19.74 -8.64 -4.41
C PRO C 255 19.01 -9.00 -3.13
N PRO C 256 17.69 -9.05 -3.17
CA PRO C 256 16.94 -9.60 -2.03
C PRO C 256 17.09 -11.11 -1.99
N SER C 257 16.72 -11.68 -0.84
CA SER C 257 16.59 -13.12 -0.74
C SER C 257 15.25 -13.54 -1.35
N PHE C 258 15.23 -14.71 -1.98
CA PHE C 258 14.01 -15.24 -2.57
C PHE C 258 13.51 -16.39 -1.69
N LEU C 259 12.38 -16.17 -1.03
CA LEU C 259 11.84 -17.09 -0.06
C LEU C 259 10.89 -18.08 -0.73
N PHE C 260 11.19 -19.37 -0.62
CA PHE C 260 10.39 -20.42 -1.21
C PHE C 260 9.49 -21.04 -0.14
N THR C 261 8.23 -21.26 -0.51
CA THR C 261 7.23 -21.87 0.37
C THR C 261 6.77 -23.14 -0.31
N PRO C 262 7.24 -24.30 0.13
CA PRO C 262 6.92 -25.56 -0.59
C PRO C 262 5.44 -25.85 -0.56
N PRO C 263 4.97 -26.72 -1.45
CA PRO C 263 3.54 -26.99 -1.54
C PRO C 263 3.11 -28.03 -0.53
N PRO C 264 1.84 -28.04 -0.15
CA PRO C 264 1.32 -29.12 0.70
C PRO C 264 1.22 -30.43 -0.06
N ASN C 265 1.21 -31.52 0.71
CA ASN C 265 1.03 -32.84 0.13
C ASN C 265 -0.43 -33.04 -0.26
N GLY C 266 -0.65 -33.83 -1.29
CA GLY C 266 -1.99 -34.12 -1.75
C GLY C 266 -1.98 -34.53 -3.21
N ASP C 267 -3.20 -34.67 -3.74
CA ASP C 267 -3.41 -35.01 -5.14
C ASP C 267 -3.94 -33.85 -5.96
N GLY C 268 -4.14 -32.67 -5.36
CA GLY C 268 -4.63 -31.52 -6.09
C GLY C 268 -3.63 -31.01 -7.11
N PRO C 269 -4.07 -30.11 -7.99
CA PRO C 269 -3.16 -29.58 -9.01
C PRO C 269 -2.09 -28.71 -8.40
N LEU C 270 -0.84 -28.92 -8.85
CA LEU C 270 0.29 -28.17 -8.31
C LEU C 270 0.33 -26.78 -8.93
N ALA C 271 0.49 -25.76 -8.08
CA ALA C 271 0.48 -24.37 -8.52
C ALA C 271 1.71 -23.64 -8.01
N LEU C 272 2.32 -22.84 -8.89
CA LEU C 272 3.46 -22.02 -8.53
C LEU C 272 3.02 -20.56 -8.56
N VAL C 273 3.25 -19.85 -7.47
CA VAL C 273 2.88 -18.44 -7.33
C VAL C 273 4.14 -17.62 -7.18
N LEU C 274 4.28 -16.59 -8.01
CA LEU C 274 5.42 -15.68 -7.94
C LEU C 274 4.91 -14.32 -7.46
N SER C 275 5.18 -14.02 -6.20
CA SER C 275 4.77 -12.77 -5.56
C SER C 275 6.02 -11.91 -5.39
N ILE C 276 6.36 -11.14 -6.42
CA ILE C 276 7.55 -10.31 -6.40
C ILE C 276 7.24 -8.84 -6.62
N SER C 277 6.61 -8.51 -7.74
CA SER C 277 6.11 -7.15 -7.91
C SER C 277 4.99 -6.86 -6.93
N ALA C 278 4.17 -7.87 -6.63
CA ALA C 278 3.06 -7.74 -5.71
C ALA C 278 2.78 -9.12 -5.15
N GLN C 279 1.92 -9.19 -4.14
CA GLN C 279 1.54 -10.46 -3.52
C GLN C 279 0.24 -10.97 -4.12
N VAL C 280 0.27 -12.19 -4.68
CA VAL C 280 -0.90 -12.78 -5.33
C VAL C 280 -1.88 -13.33 -4.31
N PRO C 281 -3.14 -12.88 -4.30
CA PRO C 281 -4.12 -13.43 -3.34
C PRO C 281 -4.45 -14.89 -3.60
N VAL C 282 -4.38 -15.71 -2.56
CA VAL C 282 -4.69 -17.13 -2.69
C VAL C 282 -6.11 -17.33 -3.21
N ARG C 283 -7.03 -16.42 -2.87
CA ARG C 283 -8.40 -16.53 -3.38
C ARG C 283 -8.42 -16.49 -4.91
N ASP C 284 -7.56 -15.66 -5.52
CA ASP C 284 -7.54 -15.55 -6.97
C ASP C 284 -7.04 -16.82 -7.62
N VAL C 285 -6.06 -17.49 -7.02
CA VAL C 285 -5.56 -18.74 -7.58
C VAL C 285 -6.64 -19.81 -7.54
N THR C 286 -7.18 -20.07 -6.35
CA THR C 286 -8.17 -21.13 -6.20
C THR C 286 -9.39 -20.89 -7.08
N ASP C 287 -9.75 -19.62 -7.31
CA ASP C 287 -10.90 -19.34 -8.18
C ASP C 287 -10.65 -19.84 -9.60
N ALA C 288 -9.42 -19.67 -10.11
CA ALA C 288 -9.10 -20.15 -11.44
C ALA C 288 -8.72 -21.63 -11.45
N LEU C 289 -8.17 -22.11 -10.34
CA LEU C 289 -7.68 -23.49 -10.23
C LEU C 289 -8.19 -24.06 -8.92
N PRO C 290 -9.35 -24.74 -8.94
CA PRO C 290 -9.89 -25.29 -7.69
C PRO C 290 -8.97 -26.33 -7.07
N GLY C 291 -8.85 -26.28 -5.74
CA GLY C 291 -8.06 -27.26 -5.02
C GLY C 291 -6.56 -27.17 -5.26
N ALA C 292 -6.07 -25.98 -5.60
CA ALA C 292 -4.66 -25.83 -5.96
C ALA C 292 -3.74 -26.05 -4.77
N ARG C 293 -2.72 -26.90 -4.96
CA ARG C 293 -1.65 -27.05 -3.99
C ARG C 293 -0.60 -25.98 -4.29
N ILE C 294 -0.60 -24.93 -3.48
CA ILE C 294 0.13 -23.70 -3.81
C ILE C 294 1.53 -23.74 -3.20
N ALA C 295 2.54 -23.81 -4.06
CA ALA C 295 3.91 -23.42 -3.72
C ALA C 295 4.13 -21.98 -4.15
N GLU C 296 4.97 -21.26 -3.40
CA GLU C 296 5.19 -19.85 -3.65
C GLU C 296 6.66 -19.48 -3.58
N LEU C 297 7.08 -18.62 -4.51
CA LEU C 297 8.39 -17.96 -4.46
C LEU C 297 8.13 -16.47 -4.35
N SER C 298 8.78 -15.81 -3.39
CA SER C 298 8.52 -14.40 -3.12
C SER C 298 9.78 -13.76 -2.55
N ILE C 299 9.73 -12.43 -2.42
CA ILE C 299 10.79 -11.67 -1.76
C ILE C 299 10.24 -11.06 -0.48
N PRO C 300 11.10 -10.60 0.45
CA PRO C 300 10.60 -10.03 1.70
C PRO C 300 9.60 -8.91 1.52
N GLU C 301 9.91 -7.93 0.66
CA GLU C 301 9.05 -6.76 0.43
C GLU C 301 8.73 -6.67 -1.06
N PRO C 302 7.70 -7.36 -1.54
CA PRO C 302 7.33 -7.24 -2.96
C PRO C 302 7.22 -5.79 -3.36
N SER C 303 7.82 -5.44 -4.50
CA SER C 303 7.92 -4.05 -4.91
C SER C 303 7.92 -3.93 -6.42
N TYR C 304 7.36 -2.80 -6.87
CA TYR C 304 7.33 -2.48 -8.29
C TYR C 304 8.71 -2.10 -8.79
N ALA C 305 9.58 -1.62 -7.90
CA ALA C 305 10.91 -1.12 -8.24
C ALA C 305 12.04 -2.09 -7.87
N MET C 306 11.73 -3.38 -7.72
CA MET C 306 12.73 -4.29 -7.17
C MET C 306 13.86 -4.64 -8.14
N VAL C 307 13.73 -4.31 -9.42
CA VAL C 307 14.79 -4.61 -10.41
C VAL C 307 15.75 -3.43 -10.38
N GLN C 308 16.61 -3.41 -9.36
CA GLN C 308 17.54 -2.31 -9.22
C GLN C 308 18.76 -2.45 -10.14
N ASN C 309 19.15 -3.67 -10.49
CA ASN C 309 20.28 -3.89 -11.38
C ASN C 309 20.25 -5.32 -11.89
N ARG C 310 21.07 -5.59 -12.91
CA ARG C 310 21.02 -6.90 -13.56
C ARG C 310 21.29 -8.03 -12.57
N ARG C 311 22.15 -7.80 -11.57
CA ARG C 311 22.45 -8.87 -10.62
C ARG C 311 21.19 -9.40 -9.93
N VAL C 312 20.18 -8.55 -9.72
CA VAL C 312 18.91 -9.04 -9.20
C VAL C 312 18.34 -10.13 -10.10
N ILE C 313 18.38 -9.90 -11.41
CA ILE C 313 17.85 -10.87 -12.36
C ILE C 313 18.57 -12.20 -12.23
N HIS C 314 19.90 -12.17 -12.24
CA HIS C 314 20.66 -13.41 -12.06
C HIS C 314 20.30 -14.09 -10.75
N ALA C 315 20.18 -13.32 -9.66
CA ALA C 315 19.74 -13.88 -8.38
C ALA C 315 18.39 -14.60 -8.52
N PHE C 316 17.40 -13.91 -9.11
CA PHE C 316 16.13 -14.54 -9.43
C PHE C 316 16.34 -15.89 -10.10
N ARG C 317 17.10 -15.89 -11.20
CA ARG C 317 17.41 -17.11 -11.92
C ARG C 317 17.97 -18.18 -10.97
N ASP C 318 19.10 -17.90 -10.33
CA ASP C 318 19.72 -18.89 -9.45
C ASP C 318 18.72 -19.45 -8.45
N ALA C 319 17.97 -18.57 -7.79
CA ALA C 319 16.98 -19.04 -6.81
C ALA C 319 15.94 -19.92 -7.48
N LEU C 320 15.30 -19.40 -8.53
CA LEU C 320 14.21 -20.13 -9.18
C LEU C 320 14.71 -21.45 -9.77
N GLN C 321 15.91 -21.42 -10.37
CA GLN C 321 16.48 -22.62 -11.00
C GLN C 321 16.35 -23.86 -10.13
N ILE C 322 16.62 -23.73 -8.83
CA ILE C 322 16.47 -24.86 -7.92
C ILE C 322 15.01 -25.23 -7.76
N ARG C 323 14.17 -24.26 -7.36
CA ARG C 323 12.80 -24.55 -6.98
C ARG C 323 12.04 -25.26 -8.10
N LEU C 324 12.33 -24.90 -9.35
CA LEU C 324 11.66 -25.56 -10.46
C LEU C 324 11.97 -27.06 -10.48
N SER C 325 13.26 -27.42 -10.32
CA SER C 325 13.62 -28.83 -10.27
C SER C 325 12.96 -29.56 -9.10
N GLN C 326 12.95 -28.93 -7.92
CA GLN C 326 12.33 -29.57 -6.77
C GLN C 326 10.84 -29.83 -7.04
N LEU C 327 10.13 -28.83 -7.57
CA LEU C 327 8.70 -29.00 -7.79
C LEU C 327 8.42 -30.09 -8.80
N GLU C 328 9.24 -30.18 -9.85
CA GLU C 328 9.04 -31.23 -10.86
C GLU C 328 9.19 -32.62 -10.27
N ALA C 329 9.96 -32.75 -9.19
CA ALA C 329 10.14 -34.04 -8.55
C ALA C 329 8.87 -34.53 -7.86
N LEU C 330 7.95 -33.62 -7.51
CA LEU C 330 6.79 -33.99 -6.72
C LEU C 330 5.63 -34.52 -7.56
N THR C 331 5.73 -34.48 -8.88
CA THR C 331 4.66 -35.03 -9.70
C THR C 331 5.04 -35.03 -11.18
N PRO C 332 4.52 -35.98 -11.96
CA PRO C 332 4.63 -35.88 -13.42
C PRO C 332 3.55 -35.00 -14.03
N ASP C 333 2.66 -34.42 -13.20
CA ASP C 333 1.55 -33.59 -13.69
C ASP C 333 2.01 -32.16 -13.90
N PRO C 334 1.25 -31.38 -14.67
CA PRO C 334 1.68 -30.02 -15.01
C PRO C 334 1.78 -29.11 -13.79
N ILE C 335 2.61 -28.09 -13.93
CA ILE C 335 2.75 -27.02 -12.93
C ILE C 335 2.01 -25.78 -13.45
N HIS C 336 1.08 -25.27 -12.65
CA HIS C 336 0.27 -24.11 -13.00
C HIS C 336 0.89 -22.86 -12.39
N VAL C 337 1.17 -21.86 -13.21
CA VAL C 337 1.97 -20.70 -12.82
C VAL C 337 1.09 -19.47 -12.71
N PHE C 338 1.14 -18.80 -11.56
CA PHE C 338 0.46 -17.53 -11.32
C PHE C 338 1.49 -16.52 -10.89
N ALA C 339 1.75 -15.52 -11.73
CA ALA C 339 2.91 -14.66 -11.59
C ALA C 339 2.53 -13.20 -11.44
N ALA C 340 3.20 -12.52 -10.51
CA ALA C 340 3.16 -11.07 -10.35
C ALA C 340 4.64 -10.61 -10.34
N ILE C 341 5.22 -10.44 -11.53
CA ILE C 341 6.66 -10.19 -11.64
C ILE C 341 6.91 -9.08 -12.64
N PRO C 342 8.02 -8.37 -12.46
CA PRO C 342 8.39 -7.33 -13.42
C PRO C 342 8.68 -7.92 -14.78
N ALA C 343 8.65 -7.06 -15.80
CA ALA C 343 8.91 -7.48 -17.17
C ALA C 343 10.20 -8.28 -17.28
N ALA C 344 11.32 -7.68 -16.84
CA ALA C 344 12.63 -8.30 -17.03
C ALA C 344 12.65 -9.72 -16.49
N LEU C 345 12.03 -9.95 -15.33
CA LEU C 345 12.03 -11.30 -14.77
C LEU C 345 11.17 -12.23 -15.60
N ALA C 346 10.07 -11.72 -16.15
CA ALA C 346 9.22 -12.53 -17.02
C ALA C 346 10.02 -13.13 -18.16
N ILE C 347 10.97 -12.36 -18.71
CA ILE C 347 11.86 -12.88 -19.75
C ILE C 347 12.69 -14.02 -19.19
N GLU C 348 13.46 -13.74 -18.14
CA GLU C 348 14.34 -14.76 -17.54
C GLU C 348 13.56 -16.02 -17.17
N PHE C 349 12.41 -15.86 -16.53
CA PHE C 349 11.58 -17.02 -16.23
C PHE C 349 11.28 -17.82 -17.50
N GLY C 350 10.87 -17.14 -18.57
CA GLY C 350 10.56 -17.84 -19.81
C GLY C 350 11.74 -18.60 -20.37
N ALA C 351 12.94 -18.02 -20.25
CA ALA C 351 14.12 -18.71 -20.73
C ALA C 351 14.41 -19.98 -19.92
N LEU C 352 14.29 -19.88 -18.61
CA LEU C 352 14.57 -21.04 -17.75
C LEU C 352 13.77 -22.26 -18.16
N LEU C 353 12.49 -22.10 -18.48
CA LEU C 353 11.66 -23.27 -18.75
C LEU C 353 12.16 -24.07 -19.96
N THR C 354 13.13 -23.55 -20.71
CA THR C 354 13.73 -24.33 -21.79
C THR C 354 14.49 -25.52 -21.22
N THR C 355 15.18 -25.32 -20.10
CA THR C 355 15.89 -26.44 -19.46
C THR C 355 14.87 -27.44 -18.93
N GLN C 356 13.76 -26.95 -18.43
CA GLN C 356 12.71 -27.79 -17.88
C GLN C 356 11.85 -28.42 -18.95
N HIS C 357 12.47 -28.89 -20.04
CA HIS C 357 11.68 -29.42 -21.14
C HIS C 357 11.01 -30.71 -20.71
N GLN C 358 11.62 -31.39 -19.75
CA GLN C 358 11.07 -32.62 -19.22
C GLN C 358 9.66 -32.42 -18.67
N HIS C 359 9.29 -31.18 -18.36
CA HIS C 359 8.04 -30.92 -17.67
C HIS C 359 7.20 -29.88 -18.40
N THR C 360 5.90 -29.94 -18.11
CA THR C 360 4.88 -29.09 -18.71
C THR C 360 4.54 -27.95 -17.75
N TYR C 361 4.51 -26.73 -18.26
CA TYR C 361 4.09 -25.57 -17.47
C TYR C 361 2.90 -24.88 -18.14
N LEU C 362 1.89 -24.57 -17.33
CA LEU C 362 0.70 -23.86 -17.79
C LEU C 362 0.68 -22.49 -17.13
N ILE C 363 0.61 -21.43 -17.94
CA ILE C 363 0.72 -20.07 -17.45
C ILE C 363 -0.68 -19.45 -17.40
N PHE C 364 -1.04 -18.92 -16.24
CA PHE C 364 -2.30 -18.22 -16.03
C PHE C 364 -2.02 -16.73 -15.92
N ASP C 365 -2.89 -15.91 -16.51
CA ASP C 365 -2.74 -14.48 -16.44
C ASP C 365 -4.09 -13.80 -16.21
N ARG C 366 -4.04 -12.61 -15.63
CA ARG C 366 -5.23 -11.80 -15.43
C ARG C 366 -5.93 -11.53 -16.75
N ASP C 367 -7.24 -11.73 -16.77
CA ASP C 367 -8.07 -11.45 -17.94
C ASP C 367 -8.94 -10.23 -17.61
N LYS C 368 -8.65 -9.11 -18.26
CA LYS C 368 -9.41 -7.89 -17.98
C LYS C 368 -10.88 -8.05 -18.32
N GLU C 369 -11.20 -8.87 -19.32
CA GLU C 369 -12.58 -9.07 -19.71
C GLU C 369 -13.35 -9.95 -18.73
N ASN C 370 -12.65 -10.59 -17.79
CA ASN C 370 -13.27 -11.41 -16.75
C ASN C 370 -12.97 -10.88 -15.35
N GLN C 371 -12.97 -9.57 -15.18
CA GLN C 371 -12.74 -8.95 -13.87
C GLN C 371 -11.36 -9.30 -13.32
N ASP C 372 -10.35 -9.33 -14.20
CA ASP C 372 -8.97 -9.60 -13.79
C ASP C 372 -8.82 -10.94 -13.09
N ARG C 373 -9.70 -11.88 -13.40
CA ARG C 373 -9.60 -13.25 -12.90
C ARG C 373 -8.57 -14.03 -13.73
N PHE C 374 -7.87 -14.93 -13.06
CA PHE C 374 -6.85 -15.73 -13.73
C PHE C 374 -7.46 -16.71 -14.73
N THR C 375 -6.88 -16.78 -15.92
CA THR C 375 -7.25 -17.72 -16.96
C THR C 375 -5.98 -18.24 -17.64
N GLN C 376 -5.98 -19.53 -17.95
CA GLN C 376 -4.85 -20.14 -18.65
C GLN C 376 -4.64 -19.51 -20.01
N THR C 377 -3.44 -18.99 -20.26
CA THR C 377 -3.10 -18.38 -21.54
C THR C 377 -2.01 -19.12 -22.31
N LEU C 378 -1.15 -19.86 -21.63
CA LEU C 378 0.00 -20.48 -22.28
C LEU C 378 0.25 -21.88 -21.74
N GLN C 379 0.60 -22.79 -22.64
CA GLN C 379 1.09 -24.12 -22.31
C GLN C 379 2.51 -24.16 -22.85
N LEU C 380 3.48 -24.37 -21.96
CA LEU C 380 4.89 -24.37 -22.33
C LEU C 380 5.45 -25.78 -22.12
N GLY C 381 4.95 -26.68 -22.95
CA GLY C 381 5.33 -28.07 -22.91
C GLY C 381 4.12 -28.93 -23.21
N PRO C 382 4.29 -29.93 -24.09
CA PRO C 382 3.17 -30.85 -24.36
C PRO C 382 2.73 -31.56 -23.08
N VAL C 383 1.41 -31.54 -22.85
CA VAL C 383 0.83 -32.13 -21.64
C VAL C 383 1.02 -33.64 -21.67
N PHE D 14 43.64 1.04 -4.50
CA PHE D 14 43.07 0.16 -3.45
C PHE D 14 43.29 -1.32 -3.81
N ASN D 15 43.55 -2.15 -2.79
CA ASN D 15 43.88 -3.55 -2.97
C ASN D 15 42.94 -4.43 -2.15
N THR D 16 43.19 -5.73 -2.11
CA THR D 16 42.18 -6.71 -1.68
C THR D 16 42.85 -7.88 -0.93
N ASN D 17 42.01 -8.71 -0.31
CA ASN D 17 42.44 -9.83 0.53
C ASN D 17 43.03 -10.98 -0.28
N ASP D 18 43.64 -11.93 0.44
CA ASP D 18 44.27 -13.08 -0.22
C ASP D 18 43.21 -14.01 -0.79
N GLU D 19 42.21 -14.35 0.03
CA GLU D 19 41.17 -15.29 -0.40
C GLU D 19 40.30 -14.70 -1.51
N THR D 20 39.99 -13.41 -1.41
CA THR D 20 39.14 -12.77 -2.41
C THR D 20 39.75 -12.87 -3.80
N LYS D 21 41.07 -12.69 -3.90
CA LYS D 21 41.76 -12.80 -5.19
C LYS D 21 41.58 -14.17 -5.81
N ARG D 22 41.76 -15.23 -5.02
CA ARG D 22 41.65 -16.60 -5.52
C ARG D 22 40.27 -16.88 -6.08
N ILE D 23 39.21 -16.40 -5.41
CA ILE D 23 37.86 -16.60 -5.89
C ILE D 23 37.65 -15.86 -7.21
N VAL D 24 38.19 -14.64 -7.34
CA VAL D 24 38.12 -13.93 -8.61
C VAL D 24 38.82 -14.73 -9.70
N TRP D 25 40.04 -15.20 -9.42
CA TRP D 25 40.73 -16.09 -10.36
C TRP D 25 39.88 -17.31 -10.68
N THR D 26 39.13 -17.81 -9.69
CA THR D 26 38.30 -18.99 -9.90
C THR D 26 37.15 -18.70 -10.85
N GLN D 27 36.27 -17.77 -10.46
CA GLN D 27 35.07 -17.49 -11.26
C GLN D 27 35.42 -16.99 -12.66
N THR D 28 36.59 -16.36 -12.83
CA THR D 28 37.03 -15.89 -14.13
C THR D 28 37.86 -16.92 -14.90
N ALA D 29 38.15 -18.07 -14.29
CA ALA D 29 38.96 -19.12 -14.91
C ALA D 29 40.35 -18.63 -15.33
N GLY D 30 40.88 -17.63 -14.63
CA GLY D 30 42.27 -17.26 -14.80
C GLY D 30 42.63 -16.71 -16.16
N HIS D 31 41.70 -16.04 -16.85
CA HIS D 31 41.99 -15.35 -18.09
C HIS D 31 41.71 -13.86 -17.94
N CYS D 32 42.45 -13.05 -18.69
CA CYS D 32 42.17 -11.63 -18.75
C CYS D 32 40.85 -11.38 -19.47
N GLU D 33 39.90 -10.75 -18.79
CA GLU D 33 38.55 -10.61 -19.34
C GLU D 33 38.50 -9.72 -20.56
N LEU D 34 39.40 -8.76 -20.69
CA LEU D 34 39.33 -7.83 -21.81
C LEU D 34 40.06 -8.31 -23.06
N CYS D 35 40.78 -9.46 -23.00
CA CYS D 35 41.51 -9.90 -24.19
C CYS D 35 41.82 -11.40 -24.20
N GLY D 36 41.11 -12.19 -23.42
CA GLY D 36 41.23 -13.62 -23.46
C GLY D 36 42.58 -14.25 -23.19
N THR D 37 43.57 -13.50 -22.73
CA THR D 37 44.87 -14.08 -22.46
C THR D 37 44.81 -14.99 -21.23
N ASP D 38 45.35 -16.20 -21.35
CA ASP D 38 45.43 -17.12 -20.22
C ASP D 38 46.57 -16.67 -19.30
N LEU D 39 46.25 -16.33 -18.06
CA LEU D 39 47.27 -15.83 -17.15
C LEU D 39 48.01 -16.94 -16.41
N THR D 40 47.61 -18.21 -16.58
CA THR D 40 48.33 -19.32 -15.98
C THR D 40 49.46 -19.83 -16.86
N PHE D 41 49.98 -18.99 -17.77
CA PHE D 41 50.97 -19.49 -18.71
C PHE D 41 52.29 -19.80 -18.04
N ASP D 42 52.61 -19.12 -16.96
CA ASP D 42 53.84 -19.41 -16.26
C ASP D 42 53.73 -20.68 -15.44
N TYR D 43 52.66 -21.49 -15.49
CA TYR D 43 52.73 -22.74 -14.75
C TYR D 43 53.82 -23.66 -15.32
N ARG D 44 54.32 -23.33 -16.52
CA ARG D 44 55.50 -24.03 -17.05
C ARG D 44 56.70 -23.74 -16.17
N ALA D 45 56.70 -22.60 -15.49
CA ALA D 45 57.73 -22.22 -14.54
C ALA D 45 57.40 -22.54 -13.09
N GLY D 46 56.14 -22.85 -12.77
CA GLY D 46 55.78 -23.12 -11.40
C GLY D 46 55.79 -21.91 -10.50
N LYS D 47 55.79 -20.71 -11.07
CA LYS D 47 55.88 -19.47 -10.33
C LYS D 47 54.55 -19.13 -9.65
N PRO D 48 54.56 -18.23 -8.66
CA PRO D 48 53.43 -18.12 -7.72
C PRO D 48 52.13 -17.54 -8.26
N MET D 49 51.04 -18.00 -7.63
CA MET D 49 49.67 -17.60 -7.96
C MET D 49 49.48 -16.18 -7.45
N LYS D 50 50.23 -15.25 -8.04
CA LYS D 50 50.31 -13.91 -7.53
C LYS D 50 50.20 -12.73 -8.51
N TRP D 51 50.28 -12.93 -9.82
CA TRP D 51 50.36 -11.75 -10.69
C TRP D 51 49.32 -11.77 -11.81
N GLY D 52 48.84 -10.55 -12.11
CA GLY D 52 47.62 -10.35 -12.87
C GLY D 52 46.90 -9.35 -11.98
N GLU D 53 46.04 -8.54 -12.58
CA GLU D 53 45.43 -7.39 -11.90
C GLU D 53 43.94 -7.57 -11.68
N VAL D 54 43.49 -7.34 -10.44
CA VAL D 54 42.07 -7.32 -10.08
C VAL D 54 41.61 -5.88 -9.96
N ALA D 55 40.49 -5.56 -10.61
CA ALA D 55 39.90 -4.24 -10.55
C ALA D 55 38.41 -4.34 -10.29
N HIS D 56 37.84 -3.29 -9.71
CA HIS D 56 36.39 -3.24 -9.68
C HIS D 56 35.92 -2.82 -11.07
N ILE D 57 34.66 -3.16 -11.38
CA ILE D 57 34.15 -2.93 -12.72
C ILE D 57 33.41 -1.60 -12.81
N LEU D 58 33.12 -1.01 -11.67
CA LEU D 58 32.22 0.12 -11.53
C LEU D 58 32.84 1.24 -10.71
N PRO D 59 32.47 2.49 -10.99
CA PRO D 59 32.92 3.59 -10.12
C PRO D 59 32.41 3.43 -8.70
N ALA D 60 33.08 4.13 -7.78
CA ALA D 60 32.75 4.06 -6.36
C ALA D 60 31.29 4.42 -6.11
N ASN D 78 33.35 -9.72 0.92
CA ASN D 78 32.10 -10.46 1.04
C ASN D 78 31.53 -10.78 -0.34
N ASP D 79 31.56 -9.82 -1.26
CA ASP D 79 30.98 -10.01 -2.58
C ASP D 79 31.92 -9.51 -3.67
N THR D 80 32.00 -10.30 -4.75
CA THR D 80 33.08 -10.20 -5.70
C THR D 80 32.63 -10.30 -7.15
N ALA D 81 31.33 -10.56 -7.40
CA ALA D 81 30.80 -10.54 -8.76
C ALA D 81 30.92 -9.16 -9.35
N ASN D 82 31.33 -8.18 -8.56
CA ASN D 82 31.55 -6.83 -9.02
C ASN D 82 33.04 -6.55 -9.28
N LEU D 83 33.88 -7.59 -9.24
CA LEU D 83 35.33 -7.49 -9.42
C LEU D 83 35.78 -8.35 -10.61
N MET D 84 36.60 -7.78 -11.49
CA MET D 84 37.05 -8.46 -12.69
C MET D 84 38.56 -8.69 -12.70
N LEU D 85 39.00 -9.72 -13.43
CA LEU D 85 40.41 -10.05 -13.61
C LEU D 85 40.96 -9.58 -14.95
N LEU D 86 42.10 -8.87 -14.89
CA LEU D 86 42.74 -8.28 -16.06
C LEU D 86 44.21 -8.62 -16.10
N CYS D 87 44.80 -8.58 -17.31
CA CYS D 87 46.25 -8.61 -17.38
C CYS D 87 46.77 -7.20 -17.20
N PRO D 88 48.00 -7.03 -16.72
CA PRO D 88 48.51 -5.67 -16.51
C PRO D 88 48.47 -4.83 -17.78
N GLY D 89 48.65 -5.44 -18.95
CA GLY D 89 48.60 -4.68 -20.19
C GLY D 89 47.28 -3.99 -20.40
N CYS D 90 46.17 -4.70 -20.19
CA CYS D 90 44.86 -4.07 -20.32
C CYS D 90 44.59 -3.13 -19.16
N HIS D 91 45.02 -3.50 -17.96
CA HIS D 91 44.78 -2.67 -16.77
C HIS D 91 45.35 -1.27 -16.93
N ASP D 92 46.54 -1.15 -17.54
CA ASP D 92 47.13 0.17 -17.75
C ASP D 92 46.31 1.01 -18.72
N LYS D 93 45.67 0.38 -19.71
CA LYS D 93 44.93 1.15 -20.70
C LYS D 93 43.54 1.58 -20.21
N ILE D 94 43.25 1.45 -18.92
CA ILE D 94 41.97 1.86 -18.38
C ILE D 94 42.14 3.20 -17.67
N ASP D 95 41.18 4.10 -17.90
CA ASP D 95 41.19 5.41 -17.24
C ASP D 95 40.66 5.21 -15.83
N ARG D 96 41.58 5.10 -14.87
CA ARG D 96 41.32 4.82 -13.47
C ARG D 96 41.52 6.07 -12.64
N ASP D 97 40.94 6.08 -11.44
CA ASP D 97 41.13 7.19 -10.53
C ASP D 97 42.25 6.82 -9.56
N ALA D 98 42.62 7.78 -8.71
CA ALA D 98 43.79 7.59 -7.86
C ALA D 98 43.62 6.40 -6.92
N ASP D 99 42.38 6.01 -6.61
CA ASP D 99 42.18 4.91 -5.67
C ASP D 99 42.23 3.53 -6.33
N GLY D 100 42.14 3.46 -7.67
CA GLY D 100 42.16 2.19 -8.37
C GLY D 100 40.85 1.77 -9.00
N TYR D 101 39.79 2.55 -8.79
CA TYR D 101 38.48 2.35 -9.39
C TYR D 101 38.42 2.96 -10.80
N PRO D 102 37.61 2.40 -11.68
CA PRO D 102 37.50 2.93 -13.05
C PRO D 102 36.64 4.18 -13.12
N GLU D 103 36.90 4.98 -14.16
CA GLU D 103 36.05 6.14 -14.39
C GLU D 103 34.80 5.75 -15.17
N ASN D 104 34.87 4.72 -16.00
CA ASN D 104 33.74 4.22 -16.76
C ASN D 104 33.33 2.81 -16.35
N ASP D 105 32.02 2.57 -16.41
CA ASP D 105 31.42 1.30 -16.04
C ASP D 105 31.59 0.25 -17.13
N LEU D 106 32.07 -0.94 -16.74
CA LEU D 106 32.21 -2.07 -17.67
C LEU D 106 31.40 -3.28 -17.20
N SER D 107 30.45 -3.07 -16.28
CA SER D 107 29.70 -4.16 -15.69
C SER D 107 29.10 -5.08 -16.74
N GLY D 108 28.60 -4.53 -17.85
CA GLY D 108 28.03 -5.37 -18.88
C GLY D 108 29.03 -6.35 -19.46
N LEU D 109 30.20 -5.84 -19.86
CA LEU D 109 31.27 -6.69 -20.37
C LEU D 109 31.65 -7.77 -19.36
N HIS D 110 31.89 -7.38 -18.11
CA HIS D 110 32.18 -8.36 -17.07
C HIS D 110 31.10 -9.44 -17.00
N GLN D 111 29.85 -9.03 -16.75
CA GLN D 111 28.76 -9.98 -16.62
C GLN D 111 28.64 -10.87 -17.86
N ALA D 112 28.80 -10.29 -19.05
CA ALA D 112 28.90 -11.12 -20.25
C ALA D 112 29.96 -12.19 -20.07
N TYR D 113 31.18 -11.77 -19.71
CA TYR D 113 32.26 -12.74 -19.50
C TYR D 113 31.88 -13.83 -18.50
N LEU D 114 31.43 -13.44 -17.31
CA LEU D 114 31.10 -14.45 -16.30
C LEU D 114 29.99 -15.37 -16.77
N GLU D 115 28.94 -14.81 -17.39
CA GLU D 115 27.86 -15.64 -17.93
C GLU D 115 28.40 -16.67 -18.91
N ARG D 116 29.25 -16.23 -19.86
CA ARG D 116 29.83 -17.16 -20.81
C ARG D 116 30.52 -18.32 -20.10
N ILE D 117 31.32 -18.02 -19.09
CA ILE D 117 31.97 -19.06 -18.30
C ILE D 117 30.94 -19.98 -17.67
N ARG D 118 30.01 -19.41 -16.90
CA ARG D 118 29.00 -20.22 -16.23
C ARG D 118 28.30 -21.18 -17.18
N LEU D 119 27.82 -20.67 -18.32
CA LEU D 119 27.17 -21.53 -19.31
C LEU D 119 28.07 -22.70 -19.67
N ALA D 120 29.34 -22.43 -19.96
CA ALA D 120 30.27 -23.49 -20.32
C ALA D 120 30.35 -24.55 -19.22
N ALA D 121 30.51 -24.12 -17.97
CA ALA D 121 30.69 -25.06 -16.89
C ALA D 121 29.46 -25.93 -16.66
N THR D 122 28.27 -25.35 -16.79
CA THR D 122 27.02 -26.04 -16.47
C THR D 122 26.44 -26.82 -17.64
N THR D 123 27.15 -26.93 -18.76
CA THR D 123 26.62 -27.58 -19.94
C THR D 123 26.12 -28.98 -19.59
N PRO D 124 24.84 -29.28 -19.79
CA PRO D 124 24.36 -30.65 -19.54
C PRO D 124 24.90 -31.63 -20.55
N ASP D 125 25.13 -32.86 -20.09
CA ASP D 125 25.64 -33.94 -20.95
C ASP D 125 26.97 -33.53 -21.59
N GLY D 126 27.88 -33.02 -20.76
CA GLY D 126 29.16 -32.56 -21.27
C GLY D 126 29.93 -33.59 -22.05
N GLY D 127 29.56 -34.87 -21.95
CA GLY D 127 30.24 -35.91 -22.67
C GLY D 127 29.64 -36.37 -23.99
N ARG D 128 28.47 -35.88 -24.39
CA ARG D 128 27.90 -36.31 -25.65
C ARG D 128 28.49 -35.54 -26.82
N ALA D 129 28.78 -36.27 -27.90
CA ALA D 129 29.37 -35.73 -29.12
C ALA D 129 28.85 -36.52 -30.31
N ILE D 130 28.92 -35.91 -31.49
CA ILE D 130 28.44 -36.52 -32.73
C ILE D 130 29.60 -37.29 -33.36
N PRO D 131 29.48 -38.59 -33.59
CA PRO D 131 30.54 -39.30 -34.33
C PRO D 131 30.65 -38.80 -35.76
N LEU D 132 31.88 -38.49 -36.17
CA LEU D 132 32.14 -37.93 -37.50
C LEU D 132 33.41 -38.53 -38.11
N ILE D 133 33.26 -39.32 -39.17
CA ILE D 133 34.37 -39.92 -39.90
C ILE D 133 34.42 -39.30 -41.29
N VAL D 134 35.60 -38.83 -41.71
CA VAL D 134 35.79 -38.25 -43.04
C VAL D 134 36.97 -38.93 -43.70
N GLN D 135 36.74 -39.56 -44.85
CA GLN D 135 37.78 -40.33 -45.52
C GLN D 135 37.86 -39.99 -47.01
N SER D 136 39.06 -40.16 -47.57
CA SER D 136 39.27 -40.12 -49.02
C SER D 136 39.06 -41.52 -49.59
N GLN D 137 38.62 -41.58 -50.85
CA GLN D 137 38.49 -42.85 -51.54
C GLN D 137 39.67 -43.79 -51.32
N HIS D 138 40.85 -43.23 -51.04
CA HIS D 138 42.04 -44.07 -50.97
C HIS D 138 42.12 -44.78 -49.62
N PHE D 139 41.62 -44.15 -48.57
CA PHE D 139 41.62 -44.78 -47.26
C PHE D 139 40.35 -45.61 -47.05
N GLN D 140 39.21 -45.18 -47.60
CA GLN D 140 37.99 -45.96 -47.54
C GLN D 140 38.14 -47.38 -48.11
N THR D 141 39.18 -47.63 -48.89
CA THR D 141 39.38 -48.95 -49.48
C THR D 141 40.39 -49.75 -48.70
N ILE D 142 41.44 -49.09 -48.24
CA ILE D 142 42.45 -49.68 -47.37
C ILE D 142 41.84 -49.78 -45.97
N ASN D 143 41.70 -48.62 -45.33
CA ASN D 143 41.36 -48.45 -43.91
C ASN D 143 39.99 -47.79 -43.79
N ASP D 144 38.93 -48.57 -44.00
CA ASP D 144 37.59 -48.01 -43.92
C ASP D 144 37.18 -48.05 -42.46
N ILE D 145 36.90 -46.87 -41.88
CA ILE D 145 36.59 -46.74 -40.46
C ILE D 145 35.08 -46.79 -40.29
N PRO D 146 34.53 -47.82 -39.66
CA PRO D 146 33.10 -47.82 -39.32
C PRO D 146 32.85 -46.96 -38.08
N VAL D 147 31.63 -46.43 -38.00
CA VAL D 147 31.27 -45.58 -36.86
C VAL D 147 31.45 -46.38 -35.57
N ARG D 148 31.19 -47.67 -35.64
CA ARG D 148 31.28 -48.52 -34.46
C ARG D 148 32.62 -48.29 -33.80
N ASP D 149 33.72 -48.32 -34.52
CA ASP D 149 35.04 -48.24 -33.91
C ASP D 149 35.22 -46.92 -33.16
N LEU D 150 34.72 -45.84 -33.72
CA LEU D 150 34.80 -44.54 -33.06
C LEU D 150 33.99 -44.54 -31.77
N LEU D 151 32.79 -45.11 -31.78
CA LEU D 151 32.00 -45.19 -30.55
C LEU D 151 32.80 -45.89 -29.45
N THR D 152 33.51 -46.97 -29.81
CA THR D 152 34.34 -47.67 -28.84
C THR D 152 35.41 -46.74 -28.28
N ALA D 153 36.14 -46.04 -29.16
CA ALA D 153 37.16 -45.12 -28.72
C ALA D 153 36.56 -44.04 -27.82
N MET D 154 35.35 -43.59 -28.15
CA MET D 154 34.66 -42.61 -27.33
C MET D 154 34.38 -43.15 -25.93
N SER D 155 33.76 -44.34 -25.85
CA SER D 155 33.47 -44.93 -24.56
C SER D 155 34.69 -45.01 -23.67
N ALA D 156 35.86 -45.31 -24.27
CA ALA D 156 37.07 -45.44 -23.47
C ALA D 156 37.46 -44.14 -22.78
N GLU D 157 36.99 -43.00 -23.27
CA GLU D 157 37.25 -41.71 -22.67
C GLU D 157 36.09 -41.16 -21.85
N GLY D 158 34.96 -41.87 -21.80
CA GLY D 158 33.79 -41.35 -21.13
C GLY D 158 32.86 -40.51 -21.98
N LEU D 159 32.99 -40.54 -23.30
CA LEU D 159 32.08 -39.83 -24.18
C LEU D 159 30.96 -40.74 -24.65
N THR D 160 29.83 -40.14 -25.04
CA THR D 160 28.63 -40.88 -25.44
C THR D 160 28.06 -40.27 -26.71
N ALA D 161 27.12 -40.97 -27.34
CA ALA D 161 26.65 -40.62 -28.68
C ALA D 161 25.21 -40.12 -28.68
N PHE D 162 24.98 -39.04 -29.45
CA PHE D 162 23.66 -38.43 -29.59
C PHE D 162 22.76 -39.15 -30.59
N ASP D 163 23.20 -39.24 -31.85
CA ASP D 163 22.40 -39.68 -32.97
C ASP D 163 23.24 -40.66 -33.78
N GLN D 164 22.76 -41.09 -34.94
CA GLN D 164 23.62 -41.88 -35.80
C GLN D 164 24.78 -40.98 -36.22
N GLY D 165 25.99 -41.55 -36.22
CA GLY D 165 27.15 -40.80 -36.60
C GLY D 165 27.17 -40.49 -38.08
N ILE D 166 28.19 -39.73 -38.48
CA ILE D 166 28.35 -39.26 -39.85
C ILE D 166 29.62 -39.89 -40.43
N LYS D 167 29.50 -40.47 -41.61
CA LYS D 167 30.64 -40.97 -42.38
C LYS D 167 30.62 -40.36 -43.78
N ILE D 168 31.72 -39.69 -44.14
CA ILE D 168 31.83 -38.95 -45.40
C ILE D 168 32.97 -39.54 -46.23
N ALA D 169 32.79 -39.51 -47.55
CA ALA D 169 33.84 -39.85 -48.51
C ALA D 169 34.16 -38.63 -49.36
N PHE D 170 35.39 -38.12 -49.23
CA PHE D 170 35.82 -37.03 -50.10
C PHE D 170 35.68 -37.39 -51.57
N ALA D 171 35.20 -36.44 -52.36
CA ALA D 171 35.07 -36.69 -53.78
C ALA D 171 36.46 -36.82 -54.38
N ALA D 172 36.66 -37.81 -55.24
CA ALA D 172 37.92 -37.89 -55.97
C ALA D 172 37.92 -36.78 -57.00
N PRO D 173 38.95 -35.92 -57.04
CA PRO D 173 38.92 -34.83 -58.03
C PRO D 173 38.99 -35.35 -59.46
N GLY D 174 38.27 -34.69 -60.35
CA GLY D 174 38.27 -35.01 -61.75
C GLY D 174 39.52 -34.50 -62.44
N PRO D 175 39.49 -34.43 -63.77
CA PRO D 175 40.63 -33.89 -64.50
C PRO D 175 40.97 -32.45 -64.16
N ARG D 176 40.00 -31.66 -63.70
CA ARG D 176 40.32 -30.30 -63.33
C ARG D 176 41.18 -30.21 -62.08
N GLY D 177 41.63 -31.32 -61.51
CA GLY D 177 42.41 -31.17 -60.31
C GLY D 177 41.55 -30.61 -59.19
N ARG D 178 42.23 -30.09 -58.17
CA ARG D 178 41.57 -29.47 -57.03
C ARG D 178 41.51 -27.96 -57.25
N ASP D 179 40.61 -27.58 -58.14
CA ASP D 179 40.41 -26.17 -58.45
C ASP D 179 39.49 -25.54 -57.40
N THR D 180 39.22 -24.24 -57.55
CA THR D 180 38.45 -23.53 -56.53
C THR D 180 37.08 -24.17 -56.33
N THR D 181 36.45 -24.60 -57.42
CA THR D 181 35.11 -25.18 -57.31
C THR D 181 35.15 -26.51 -56.55
N TYR D 182 36.12 -27.38 -56.88
CA TYR D 182 36.26 -28.63 -56.13
C TYR D 182 36.30 -28.36 -54.63
N TRP D 183 37.21 -27.47 -54.20
CA TRP D 183 37.34 -27.21 -52.77
C TRP D 183 36.05 -26.66 -52.18
N GLN D 184 35.40 -25.74 -52.88
CA GLN D 184 34.14 -25.20 -52.38
C GLN D 184 33.09 -26.31 -52.25
N ASN D 185 32.96 -27.16 -53.28
CA ASN D 185 31.97 -28.22 -53.20
C ASN D 185 32.24 -29.13 -52.00
N VAL D 186 33.52 -29.39 -51.70
CA VAL D 186 33.85 -30.18 -50.52
C VAL D 186 33.34 -29.48 -49.26
N LYS D 187 33.71 -28.20 -49.09
CA LYS D 187 33.28 -27.47 -47.90
C LYS D 187 31.76 -27.48 -47.78
N ASP D 188 31.05 -27.12 -48.85
CA ASP D 188 29.60 -27.14 -48.83
C ASP D 188 29.09 -28.54 -48.48
N SER D 189 29.67 -29.57 -49.11
CA SER D 189 29.24 -30.93 -48.83
C SER D 189 29.38 -31.25 -47.35
N VAL D 190 30.52 -30.88 -46.76
CA VAL D 190 30.74 -31.09 -45.33
C VAL D 190 29.72 -30.28 -44.52
N GLN D 191 29.69 -28.96 -44.73
CA GLN D 191 28.87 -28.10 -43.90
C GLN D 191 27.40 -28.51 -43.91
N TYR D 192 26.92 -29.00 -45.04
CA TYR D 192 25.55 -29.49 -45.10
C TYR D 192 25.26 -30.48 -43.98
N GLU D 193 26.05 -31.55 -43.92
CA GLU D 193 25.81 -32.59 -42.93
C GLU D 193 25.77 -32.02 -41.51
N LEU D 194 26.56 -30.99 -41.23
CA LEU D 194 26.57 -30.41 -39.91
C LEU D 194 25.25 -29.67 -39.63
N GLU D 195 24.82 -28.83 -40.57
CA GLU D 195 23.57 -28.12 -40.40
C GLU D 195 22.41 -29.08 -40.18
N GLN D 196 22.42 -30.23 -40.86
CA GLN D 196 21.31 -31.17 -40.69
C GLN D 196 21.25 -31.67 -39.25
N GLN D 197 22.41 -31.84 -38.61
CA GLN D 197 22.44 -32.22 -37.20
C GLN D 197 21.99 -31.07 -36.30
N LEU D 198 22.14 -29.82 -36.74
CA LEU D 198 21.62 -28.73 -35.92
C LEU D 198 20.10 -28.74 -35.91
N LYS D 199 19.47 -29.22 -36.99
CA LYS D 199 18.02 -29.32 -36.99
C LYS D 199 17.53 -30.50 -36.17
N ARG D 200 18.34 -31.56 -36.04
CA ARG D 200 17.97 -32.65 -35.15
C ARG D 200 18.18 -32.29 -33.67
N ARG D 201 19.03 -31.29 -33.39
CA ARG D 201 19.23 -30.81 -32.02
C ARG D 201 18.03 -30.08 -31.46
N GLY D 202 17.17 -29.53 -32.31
CA GLY D 202 15.99 -28.81 -31.85
C GLY D 202 15.91 -27.37 -32.33
N GLY D 203 16.90 -26.89 -33.09
CA GLY D 203 16.85 -25.52 -33.59
C GLY D 203 17.16 -24.44 -32.58
N THR D 204 17.00 -24.73 -31.28
CA THR D 204 17.28 -23.73 -30.25
C THR D 204 18.54 -22.91 -30.53
N TYR D 205 18.49 -21.65 -30.10
CA TYR D 205 19.58 -20.69 -30.23
C TYR D 205 20.63 -20.85 -29.14
N GLY D 206 21.89 -20.97 -29.54
CA GLY D 206 22.96 -20.95 -28.55
C GLY D 206 23.81 -22.20 -28.46
N ASP D 207 23.20 -23.33 -28.12
CA ASP D 207 23.94 -24.55 -27.82
C ASP D 207 24.27 -25.28 -29.12
N SER D 208 25.59 -25.28 -29.48
CA SER D 208 26.08 -26.05 -30.62
C SER D 208 26.67 -27.36 -30.14
N PRO D 209 26.37 -28.49 -30.79
CA PRO D 209 26.85 -29.78 -30.28
C PRO D 209 28.34 -29.96 -30.48
N ALA D 210 28.90 -30.93 -29.75
CA ALA D 210 30.31 -31.26 -29.87
C ALA D 210 30.55 -32.29 -30.98
N LEU D 211 31.77 -32.27 -31.52
CA LEU D 211 32.16 -33.14 -32.63
C LEU D 211 33.29 -34.07 -32.21
N ALA D 212 33.02 -35.37 -32.21
CA ALA D 212 34.06 -36.39 -32.14
C ALA D 212 34.48 -36.71 -33.58
N VAL D 213 35.53 -36.05 -34.05
CA VAL D 213 35.89 -36.04 -35.46
C VAL D 213 37.22 -36.76 -35.66
N VAL D 214 37.31 -37.55 -36.74
CA VAL D 214 38.54 -38.22 -37.16
C VAL D 214 38.60 -38.20 -38.69
N GLY D 215 39.80 -38.00 -39.22
CA GLY D 215 39.99 -37.86 -40.65
C GLY D 215 41.19 -38.62 -41.17
N LEU D 216 41.10 -39.07 -42.45
CA LEU D 216 42.17 -39.77 -43.15
C LEU D 216 42.26 -39.36 -44.63
N ALA D 217 42.83 -38.20 -44.88
CA ALA D 217 43.11 -37.76 -46.25
C ALA D 217 44.45 -37.04 -46.24
N ASP D 218 44.86 -36.54 -47.41
CA ASP D 218 46.09 -35.76 -47.49
C ASP D 218 45.92 -34.45 -46.75
N ILE D 219 47.03 -33.75 -46.55
CA ILE D 219 47.05 -32.57 -45.68
C ILE D 219 45.96 -31.56 -46.12
N PRO D 220 45.93 -31.11 -47.38
CA PRO D 220 44.96 -30.08 -47.77
C PRO D 220 43.51 -30.42 -47.43
N ALA D 221 43.08 -31.64 -47.72
CA ALA D 221 41.70 -32.02 -47.45
C ALA D 221 41.36 -31.85 -45.97
N LEU D 222 42.16 -32.44 -45.09
CA LEU D 222 41.86 -32.35 -43.66
C LEU D 222 41.90 -30.90 -43.20
N MET D 223 42.81 -30.10 -43.75
CA MET D 223 42.76 -28.66 -43.48
C MET D 223 41.38 -28.10 -43.84
N MET D 224 40.84 -28.50 -45.00
CA MET D 224 39.52 -28.04 -45.40
C MET D 224 38.45 -28.53 -44.43
N LEU D 225 38.56 -29.77 -43.98
CA LEU D 225 37.70 -30.25 -42.90
C LEU D 225 37.81 -29.31 -41.70
N GLY D 226 39.04 -28.91 -41.35
CA GLY D 226 39.20 -27.95 -40.27
C GLY D 226 38.49 -26.64 -40.54
N GLN D 227 38.65 -26.10 -41.75
CA GLN D 227 37.96 -24.86 -42.11
C GLN D 227 36.46 -25.00 -41.95
N SER D 228 35.91 -26.15 -42.35
CA SER D 228 34.46 -26.35 -42.30
C SER D 228 33.97 -26.34 -40.86
N ILE D 229 34.71 -27.00 -39.97
CA ILE D 229 34.30 -27.13 -38.57
C ILE D 229 34.46 -25.82 -37.82
N GLY D 230 35.51 -25.06 -38.14
CA GLY D 230 35.70 -23.74 -37.56
C GLY D 230 36.38 -23.80 -36.20
N ASP D 231 37.09 -22.73 -35.83
CA ASP D 231 37.80 -22.72 -34.56
C ASP D 231 36.84 -22.70 -33.36
N ARG D 232 35.70 -22.04 -33.49
CA ARG D 232 34.80 -21.83 -32.36
C ARG D 232 33.94 -23.06 -32.07
N SER D 233 34.19 -24.17 -32.75
CA SER D 233 33.45 -25.40 -32.55
C SER D 233 33.94 -26.17 -31.33
N LYS D 234 33.01 -26.90 -30.70
CA LYS D 234 33.36 -27.83 -29.64
C LYS D 234 33.86 -29.10 -30.30
N ARG D 235 35.14 -29.11 -30.66
CA ARG D 235 35.73 -30.21 -31.43
C ARG D 235 36.60 -31.07 -30.52
N LEU D 236 36.39 -32.39 -30.59
CA LEU D 236 37.23 -33.38 -29.90
C LEU D 236 37.85 -34.31 -30.93
N ILE D 237 39.10 -34.05 -31.30
CA ILE D 237 39.74 -34.72 -32.42
C ILE D 237 40.29 -36.07 -31.98
N PHE D 238 40.20 -37.05 -32.89
CA PHE D 238 40.79 -38.37 -32.72
C PHE D 238 41.80 -38.60 -33.84
N SER D 239 42.76 -39.50 -33.61
CA SER D 239 43.83 -39.76 -34.58
C SER D 239 43.95 -41.26 -34.86
N PHE D 240 44.33 -41.60 -36.09
CA PHE D 240 44.45 -42.98 -36.50
C PHE D 240 45.91 -43.39 -36.64
N HIS D 241 46.27 -44.53 -36.07
CA HIS D 241 47.63 -45.03 -35.98
C HIS D 241 47.65 -46.53 -36.25
N ARG D 242 48.61 -47.04 -37.01
CA ARG D 242 48.49 -48.41 -37.55
C ARG D 242 48.73 -49.53 -36.55
N GLU D 243 49.32 -49.27 -35.37
CA GLU D 243 49.35 -50.25 -34.28
C GLU D 243 48.11 -50.16 -33.39
N HIS D 244 47.66 -48.94 -33.10
CA HIS D 244 46.68 -48.66 -32.06
C HIS D 244 45.27 -48.37 -32.57
N LEU D 245 45.09 -48.27 -33.88
CA LEU D 245 43.87 -47.81 -34.53
C LEU D 245 43.48 -46.42 -34.01
N LEU D 246 42.36 -46.30 -33.29
CA LEU D 246 41.90 -45.05 -32.70
C LEU D 246 42.32 -44.86 -31.24
N ARG D 247 42.96 -45.84 -30.59
CA ARG D 247 43.48 -45.67 -29.23
C ARG D 247 44.65 -44.69 -29.23
N TRP D 248 44.78 -43.89 -28.19
CA TRP D 248 45.94 -43.03 -28.03
C TRP D 248 47.16 -43.86 -27.63
N PRO D 249 48.35 -43.62 -28.18
CA PRO D 249 49.53 -44.38 -27.81
C PRO D 249 49.88 -44.32 -26.32
N ASP D 250 49.79 -43.16 -25.69
CA ASP D 250 49.96 -43.05 -24.24
C ASP D 250 49.32 -41.78 -23.70
N GLN D 251 48.19 -41.95 -23.01
CA GLN D 251 47.53 -40.78 -22.43
C GLN D 251 48.41 -40.04 -21.44
N SER D 252 49.40 -40.72 -20.85
CA SER D 252 50.26 -40.07 -19.86
C SER D 252 51.41 -39.28 -20.49
N ALA D 253 51.80 -39.59 -21.73
CA ALA D 253 52.94 -38.94 -22.34
C ALA D 253 52.78 -37.41 -22.36
N GLU D 254 53.86 -36.70 -22.07
CA GLU D 254 53.84 -35.23 -22.12
C GLU D 254 54.11 -34.71 -23.54
N PRO D 255 53.38 -33.68 -23.96
CA PRO D 255 53.58 -33.13 -25.30
C PRO D 255 55.01 -32.68 -25.51
N PRO D 256 55.51 -32.74 -26.74
CA PRO D 256 56.82 -32.15 -27.05
C PRO D 256 56.74 -30.63 -27.12
N SER D 257 57.92 -30.00 -27.08
CA SER D 257 58.01 -28.57 -27.35
C SER D 257 57.99 -28.31 -28.85
N PHE D 258 57.36 -27.21 -29.24
CA PHE D 258 57.25 -26.80 -30.64
C PHE D 258 58.18 -25.62 -30.85
N LEU D 259 59.26 -25.85 -31.58
CA LEU D 259 60.35 -24.91 -31.76
C LEU D 259 60.13 -24.09 -33.02
N PHE D 260 60.01 -22.78 -32.86
CA PHE D 260 59.72 -21.85 -33.95
C PHE D 260 60.99 -21.16 -34.45
N THR D 261 61.10 -21.03 -35.77
CA THR D 261 62.24 -20.37 -36.41
C THR D 261 61.73 -19.18 -37.23
N PRO D 262 61.90 -17.95 -36.75
CA PRO D 262 61.38 -16.78 -37.49
C PRO D 262 62.08 -16.59 -38.83
N PRO D 263 61.47 -15.81 -39.73
CA PRO D 263 62.03 -15.67 -41.09
C PRO D 263 63.11 -14.60 -41.15
N PRO D 264 64.01 -14.68 -42.13
CA PRO D 264 64.93 -13.57 -42.39
C PRO D 264 64.20 -12.38 -43.02
N ASN D 265 64.83 -11.22 -42.88
CA ASN D 265 64.27 -9.99 -43.43
C ASN D 265 64.42 -9.94 -44.95
N GLY D 266 63.49 -9.25 -45.59
CA GLY D 266 63.51 -9.11 -47.03
C GLY D 266 62.12 -8.82 -47.56
N ASP D 267 62.03 -8.82 -48.90
CA ASP D 267 60.76 -8.63 -49.59
C ASP D 267 60.25 -9.91 -50.25
N GLY D 268 60.98 -11.01 -50.14
CA GLY D 268 60.56 -12.26 -50.75
C GLY D 268 59.29 -12.82 -50.16
N PRO D 269 58.71 -13.82 -50.83
CA PRO D 269 57.45 -14.40 -50.34
C PRO D 269 57.68 -15.16 -49.03
N LEU D 270 56.78 -14.92 -48.08
CA LEU D 270 56.88 -15.58 -46.77
C LEU D 270 56.35 -17.00 -46.87
N ALA D 271 57.11 -17.95 -46.36
CA ALA D 271 56.75 -19.36 -46.41
C ALA D 271 56.83 -19.95 -45.02
N LEU D 272 55.83 -20.76 -44.67
CA LEU D 272 55.77 -21.43 -43.38
C LEU D 272 56.01 -22.92 -43.58
N VAL D 273 56.95 -23.47 -42.81
CA VAL D 273 57.29 -24.88 -42.88
C VAL D 273 56.92 -25.51 -41.55
N LEU D 274 56.15 -26.58 -41.62
CA LEU D 274 55.74 -27.35 -40.44
C LEU D 274 56.44 -28.70 -40.55
N SER D 275 57.50 -28.87 -39.77
CA SER D 275 58.30 -30.09 -39.77
C SER D 275 57.97 -30.84 -38.49
N ILE D 276 56.89 -31.62 -38.53
CA ILE D 276 56.42 -32.34 -37.35
C ILE D 276 56.35 -33.84 -37.62
N SER D 277 55.62 -34.25 -38.66
CA SER D 277 55.65 -35.65 -39.07
C SER D 277 57.02 -36.02 -39.64
N ALA D 278 57.66 -35.08 -40.33
CA ALA D 278 58.96 -35.32 -40.95
C ALA D 278 59.65 -33.98 -41.11
N GLN D 279 60.92 -34.03 -41.49
CA GLN D 279 61.71 -32.82 -41.74
C GLN D 279 61.63 -32.44 -43.20
N VAL D 280 61.07 -31.26 -43.48
CA VAL D 280 60.94 -30.78 -44.87
C VAL D 280 62.26 -30.16 -45.32
N PRO D 281 62.91 -30.70 -46.36
CA PRO D 281 64.16 -30.08 -46.85
C PRO D 281 63.89 -28.73 -47.53
N VAL D 282 64.70 -27.73 -47.16
CA VAL D 282 64.52 -26.38 -47.71
C VAL D 282 64.58 -26.39 -49.24
N ARG D 283 65.36 -27.29 -49.84
CA ARG D 283 65.43 -27.31 -51.30
C ARG D 283 64.05 -27.56 -51.91
N ASP D 284 63.24 -28.39 -51.25
CA ASP D 284 61.91 -28.68 -51.79
C ASP D 284 61.04 -27.44 -51.78
N VAL D 285 61.17 -26.61 -50.76
CA VAL D 285 60.43 -25.36 -50.70
C VAL D 285 60.93 -24.38 -51.76
N THR D 286 62.23 -24.06 -51.72
CA THR D 286 62.76 -23.05 -52.62
C THR D 286 62.57 -23.44 -54.08
N ASP D 287 62.68 -24.74 -54.39
CA ASP D 287 62.42 -25.18 -55.77
C ASP D 287 60.98 -24.91 -56.15
N ALA D 288 60.05 -25.07 -55.20
CA ALA D 288 58.65 -24.80 -55.47
C ALA D 288 58.33 -23.31 -55.34
N LEU D 289 59.09 -22.58 -54.53
CA LEU D 289 58.85 -21.16 -54.28
C LEU D 289 60.15 -20.37 -54.32
N PRO D 290 60.45 -19.71 -55.45
CA PRO D 290 61.68 -18.92 -55.52
C PRO D 290 61.70 -17.80 -54.49
N GLY D 291 62.87 -17.60 -53.87
CA GLY D 291 63.06 -16.49 -52.95
C GLY D 291 62.33 -16.60 -51.63
N ALA D 292 62.04 -17.83 -51.18
CA ALA D 292 61.23 -17.99 -49.97
C ALA D 292 61.98 -17.53 -48.73
N ARG D 293 61.34 -16.65 -47.96
CA ARG D 293 61.82 -16.30 -46.61
C ARG D 293 61.19 -17.32 -45.67
N ILE D 294 61.97 -18.33 -45.27
CA ILE D 294 61.41 -19.53 -44.63
C ILE D 294 61.38 -19.36 -43.12
N ALA D 295 60.17 -19.31 -42.57
CA ALA D 295 59.94 -19.60 -41.16
C ALA D 295 59.55 -21.06 -40.98
N GLU D 296 59.95 -21.65 -39.85
CA GLU D 296 59.70 -23.05 -39.59
C GLU D 296 59.25 -23.26 -38.15
N LEU D 297 58.24 -24.11 -37.97
CA LEU D 297 57.83 -24.61 -36.67
C LEU D 297 58.01 -26.13 -36.68
N SER D 298 58.70 -26.66 -35.67
CA SER D 298 59.03 -28.08 -35.65
C SER D 298 59.16 -28.59 -34.23
N ILE D 299 59.28 -29.91 -34.11
CA ILE D 299 59.56 -30.57 -32.85
C ILE D 299 60.94 -31.23 -32.95
N PRO D 300 61.56 -31.58 -31.82
CA PRO D 300 62.89 -32.21 -31.87
C PRO D 300 62.97 -33.47 -32.71
N GLU D 301 62.04 -34.42 -32.54
CA GLU D 301 62.09 -35.72 -33.21
C GLU D 301 60.84 -35.92 -34.05
N PRO D 302 60.82 -35.39 -35.27
CA PRO D 302 59.67 -35.59 -36.16
C PRO D 302 59.33 -37.07 -36.35
N SER D 303 58.05 -37.40 -36.19
CA SER D 303 57.59 -38.78 -36.30
C SER D 303 56.14 -38.80 -36.76
N TYR D 304 55.77 -39.84 -37.49
CA TYR D 304 54.38 -40.00 -37.92
C TYR D 304 53.45 -40.31 -36.76
N ALA D 305 53.98 -40.89 -35.67
CA ALA D 305 53.17 -41.30 -34.53
C ALA D 305 53.27 -40.33 -33.36
N MET D 306 53.62 -39.07 -33.63
CA MET D 306 53.91 -38.14 -32.55
C MET D 306 52.68 -37.68 -31.80
N VAL D 307 51.48 -37.99 -32.29
CA VAL D 307 50.24 -37.59 -31.60
C VAL D 307 49.97 -38.69 -30.58
N GLN D 308 50.66 -38.60 -29.45
CA GLN D 308 50.56 -39.63 -28.42
C GLN D 308 49.25 -39.54 -27.63
N ASN D 309 48.68 -38.34 -27.52
CA ASN D 309 47.40 -38.13 -26.86
C ASN D 309 46.86 -36.79 -27.31
N ARG D 310 45.56 -36.57 -27.05
CA ARG D 310 44.90 -35.38 -27.58
C ARG D 310 45.59 -34.10 -27.12
N ARG D 311 46.12 -34.09 -25.90
CA ARG D 311 46.81 -32.90 -25.38
C ARG D 311 47.92 -32.46 -26.32
N VAL D 312 48.55 -33.38 -27.04
CA VAL D 312 49.55 -33.00 -28.05
C VAL D 312 48.94 -32.03 -29.05
N ILE D 313 47.72 -32.32 -29.53
CA ILE D 313 47.09 -31.45 -30.51
C ILE D 313 46.91 -30.06 -29.93
N HIS D 314 46.37 -29.97 -28.71
CA HIS D 314 46.22 -28.67 -28.06
C HIS D 314 47.56 -27.95 -27.97
N ALA D 315 48.62 -28.67 -27.60
CA ALA D 315 49.95 -28.08 -27.58
C ALA D 315 50.31 -27.49 -28.95
N PHE D 316 50.15 -28.30 -30.00
CA PHE D 316 50.33 -27.80 -31.36
C PHE D 316 49.53 -26.52 -31.58
N ARG D 317 48.22 -26.59 -31.32
CA ARG D 317 47.34 -25.43 -31.47
C ARG D 317 47.89 -24.22 -30.76
N ASP D 318 48.01 -24.29 -29.42
CA ASP D 318 48.49 -23.17 -28.63
C ASP D 318 49.80 -22.62 -29.18
N ALA D 319 50.75 -23.51 -29.48
CA ALA D 319 52.03 -23.08 -30.01
C ALA D 319 51.85 -22.32 -31.32
N LEU D 320 51.20 -22.97 -32.30
CA LEU D 320 51.07 -22.37 -33.63
C LEU D 320 50.21 -21.11 -33.62
N GLN D 321 49.09 -21.14 -32.91
CA GLN D 321 48.18 -20.00 -32.93
C GLN D 321 48.90 -18.67 -32.72
N ILE D 322 49.89 -18.65 -31.83
CA ILE D 322 50.65 -17.42 -31.60
C ILE D 322 51.42 -17.05 -32.87
N ARG D 323 52.24 -18.00 -33.36
CA ARG D 323 53.15 -17.71 -34.45
C ARG D 323 52.42 -17.19 -35.69
N LEU D 324 51.20 -17.69 -35.94
CA LEU D 324 50.45 -17.24 -37.11
C LEU D 324 50.17 -15.74 -37.02
N SER D 325 49.72 -15.27 -35.86
CA SER D 325 49.48 -13.85 -35.66
C SER D 325 50.77 -13.04 -35.88
N GLN D 326 51.90 -13.57 -35.43
CA GLN D 326 53.17 -12.89 -35.62
C GLN D 326 53.49 -12.74 -37.10
N LEU D 327 53.35 -13.83 -37.85
CA LEU D 327 53.79 -13.87 -39.24
C LEU D 327 52.97 -12.94 -40.13
N GLU D 328 51.66 -12.87 -39.92
CA GLU D 328 50.84 -12.00 -40.77
C GLU D 328 51.30 -10.55 -40.68
N ALA D 329 51.88 -10.17 -39.55
CA ALA D 329 52.35 -8.79 -39.37
C ALA D 329 53.62 -8.49 -40.17
N LEU D 330 54.43 -9.50 -40.51
CA LEU D 330 55.70 -9.21 -41.15
C LEU D 330 55.56 -9.00 -42.66
N THR D 331 54.36 -9.14 -43.20
CA THR D 331 54.09 -8.83 -44.59
C THR D 331 52.59 -8.92 -44.80
N PRO D 332 52.01 -8.09 -45.67
CA PRO D 332 50.63 -8.33 -46.12
C PRO D 332 50.55 -9.32 -47.27
N ASP D 333 51.68 -9.87 -47.71
CA ASP D 333 51.66 -10.77 -48.84
C ASP D 333 51.25 -12.16 -48.37
N PRO D 334 50.82 -13.03 -49.28
CA PRO D 334 50.31 -14.34 -48.87
C PRO D 334 51.37 -15.13 -48.13
N ILE D 335 50.91 -16.04 -47.28
CA ILE D 335 51.78 -16.95 -46.55
C ILE D 335 51.69 -18.30 -47.23
N HIS D 336 52.85 -18.82 -47.63
CA HIS D 336 52.93 -20.09 -48.33
C HIS D 336 53.25 -21.16 -47.31
N VAL D 337 52.41 -22.19 -47.24
CA VAL D 337 52.49 -23.17 -46.17
C VAL D 337 52.97 -24.48 -46.78
N PHE D 338 54.05 -25.01 -46.22
CA PHE D 338 54.60 -26.32 -46.59
C PHE D 338 54.58 -27.15 -45.31
N ALA D 339 53.69 -28.12 -45.25
CA ALA D 339 53.37 -28.80 -44.00
C ALA D 339 53.63 -30.29 -44.10
N ALA D 340 54.25 -30.83 -43.07
CA ALA D 340 54.42 -32.26 -42.88
C ALA D 340 53.91 -32.55 -41.47
N ILE D 341 52.60 -32.76 -41.33
CA ILE D 341 51.96 -32.88 -40.03
C ILE D 341 51.04 -34.09 -40.07
N PRO D 342 50.79 -34.75 -38.93
CA PRO D 342 49.86 -35.89 -38.92
C PRO D 342 48.46 -35.45 -39.29
N ALA D 343 47.63 -36.44 -39.62
CA ALA D 343 46.24 -36.16 -40.01
C ALA D 343 45.55 -35.25 -39.01
N ALA D 344 45.54 -35.65 -37.74
CA ALA D 344 44.79 -34.90 -36.73
C ALA D 344 45.19 -33.44 -36.69
N LEU D 345 46.49 -33.15 -36.81
CA LEU D 345 46.94 -31.76 -36.72
C LEU D 345 46.49 -30.96 -37.94
N ALA D 346 46.45 -31.59 -39.12
CA ALA D 346 45.97 -30.89 -40.31
C ALA D 346 44.56 -30.36 -40.07
N ILE D 347 43.72 -31.14 -39.39
CA ILE D 347 42.38 -30.66 -39.03
C ILE D 347 42.50 -29.41 -38.17
N GLU D 348 43.20 -29.53 -37.05
CA GLU D 348 43.37 -28.38 -36.15
C GLU D 348 43.93 -27.18 -36.90
N PHE D 349 44.96 -27.40 -37.72
CA PHE D 349 45.51 -26.30 -38.51
C PHE D 349 44.41 -25.60 -39.31
N GLY D 350 43.59 -26.39 -40.02
CA GLY D 350 42.53 -25.79 -40.82
C GLY D 350 41.53 -25.03 -39.98
N ALA D 351 41.19 -25.54 -38.80
CA ALA D 351 40.25 -24.83 -37.93
C ALA D 351 40.84 -23.51 -37.46
N LEU D 352 42.10 -23.53 -37.03
CA LEU D 352 42.76 -22.32 -36.56
C LEU D 352 42.69 -21.18 -37.57
N LEU D 353 42.98 -21.46 -38.84
CA LEU D 353 43.02 -20.38 -39.82
C LEU D 353 41.68 -19.69 -40.04
N THR D 354 40.58 -20.19 -39.45
CA THR D 354 39.32 -19.48 -39.58
C THR D 354 39.38 -18.13 -38.87
N THR D 355 39.93 -18.12 -37.66
CA THR D 355 40.06 -16.87 -36.92
C THR D 355 41.05 -15.93 -37.59
N GLN D 356 42.02 -16.49 -38.32
CA GLN D 356 42.99 -15.73 -39.10
C GLN D 356 42.38 -15.24 -40.40
N HIS D 357 41.14 -14.73 -40.37
CA HIS D 357 40.34 -14.48 -41.57
C HIS D 357 40.71 -13.19 -42.30
N GLN D 358 41.80 -12.54 -41.92
CA GLN D 358 42.23 -11.31 -42.58
C GLN D 358 43.57 -11.50 -43.31
N HIS D 359 43.80 -12.67 -43.89
CA HIS D 359 45.08 -12.92 -44.53
C HIS D 359 44.91 -14.06 -45.53
N THR D 360 45.79 -14.07 -46.54
CA THR D 360 45.74 -15.09 -47.58
C THR D 360 46.79 -16.15 -47.24
N TYR D 361 46.37 -17.42 -47.25
CA TYR D 361 47.25 -18.55 -47.03
C TYR D 361 47.23 -19.46 -48.25
N LEU D 362 48.41 -19.86 -48.69
CA LEU D 362 48.58 -20.76 -49.82
C LEU D 362 49.16 -22.07 -49.32
N ILE D 363 48.46 -23.16 -49.58
CA ILE D 363 48.81 -24.48 -49.06
C ILE D 363 49.47 -25.27 -50.18
N PHE D 364 50.69 -25.75 -49.92
CA PHE D 364 51.44 -26.58 -50.85
C PHE D 364 51.46 -28.02 -50.36
N ASP D 365 51.34 -28.96 -51.31
CA ASP D 365 51.38 -30.37 -50.97
C ASP D 365 52.20 -31.13 -52.01
N ARG D 366 52.76 -32.25 -51.59
CA ARG D 366 53.47 -33.14 -52.50
C ARG D 366 52.54 -33.60 -53.61
N ASP D 367 53.02 -33.52 -54.84
CA ASP D 367 52.27 -33.98 -56.02
C ASP D 367 52.97 -35.21 -56.57
N LYS D 368 52.29 -36.37 -56.51
CA LYS D 368 52.90 -37.62 -56.93
C LYS D 368 53.30 -37.56 -58.40
N GLU D 369 52.49 -36.88 -59.22
CA GLU D 369 52.75 -36.79 -60.66
C GLU D 369 53.79 -35.73 -61.01
N ASN D 370 54.24 -34.91 -60.06
CA ASN D 370 55.28 -33.92 -60.31
C ASN D 370 56.53 -34.27 -59.49
N GLN D 371 56.81 -35.57 -59.36
CA GLN D 371 57.99 -36.07 -58.65
C GLN D 371 57.99 -35.63 -57.18
N ASP D 372 56.82 -35.63 -56.56
CA ASP D 372 56.68 -35.28 -55.14
C ASP D 372 57.22 -33.89 -54.85
N ARG D 373 57.19 -33.02 -55.85
CA ARG D 373 57.52 -31.63 -55.63
C ARG D 373 56.32 -30.93 -55.01
N PHE D 374 56.58 -29.96 -54.14
CA PHE D 374 55.50 -29.19 -53.54
C PHE D 374 54.83 -28.34 -54.63
N THR D 375 53.50 -28.39 -54.66
CA THR D 375 52.72 -27.62 -55.63
C THR D 375 51.52 -27.05 -54.89
N GLN D 376 51.18 -25.80 -55.21
CA GLN D 376 50.02 -25.17 -54.59
C GLN D 376 48.76 -25.94 -54.96
N THR D 377 48.03 -26.40 -53.94
CA THR D 377 46.80 -27.15 -54.15
C THR D 377 45.56 -26.44 -53.60
N LEU D 378 45.73 -25.59 -52.59
CA LEU D 378 44.60 -25.01 -51.88
C LEU D 378 44.91 -23.57 -51.48
N GLN D 379 43.92 -22.69 -51.63
CA GLN D 379 44.01 -21.31 -51.17
C GLN D 379 42.95 -21.09 -50.10
N LEU D 380 43.37 -20.64 -48.93
CA LEU D 380 42.46 -20.37 -47.82
C LEU D 380 42.49 -18.90 -47.47
N GLY D 381 41.39 -18.43 -46.88
CA GLY D 381 41.29 -17.06 -46.43
C GLY D 381 41.29 -16.07 -47.58
N PRO D 382 41.02 -14.79 -47.26
CA PRO D 382 40.96 -13.69 -48.23
C PRO D 382 42.09 -13.71 -49.26
N PHE E 14 -43.08 28.74 51.86
CA PHE E 14 -41.67 28.30 51.57
C PHE E 14 -41.22 28.93 50.25
N ASN E 15 -41.53 28.27 49.12
CA ASN E 15 -41.45 28.89 47.79
C ASN E 15 -40.24 29.82 47.63
N THR E 16 -39.02 29.26 47.56
CA THR E 16 -37.78 30.02 47.67
C THR E 16 -37.30 30.56 46.31
N ASN E 17 -35.99 30.87 46.20
CA ASN E 17 -35.42 31.59 45.07
C ASN E 17 -35.30 30.71 43.82
N ASP E 18 -35.07 31.38 42.68
CA ASP E 18 -35.08 30.73 41.36
C ASP E 18 -33.90 29.78 41.16
N GLU E 19 -32.71 30.14 41.62
CA GLU E 19 -31.55 29.26 41.45
C GLU E 19 -31.79 27.92 42.11
N THR E 20 -32.29 27.96 43.34
CA THR E 20 -32.57 26.74 44.09
C THR E 20 -33.65 25.91 43.40
N LYS E 21 -34.66 26.57 42.80
CA LYS E 21 -35.64 25.84 42.01
C LYS E 21 -34.97 25.06 40.88
N ARG E 22 -34.08 25.75 40.15
CA ARG E 22 -33.39 25.14 39.02
C ARG E 22 -32.58 23.93 39.48
N ILE E 23 -31.93 24.05 40.64
CA ILE E 23 -31.13 22.95 41.16
C ILE E 23 -32.02 21.76 41.51
N VAL E 24 -33.14 22.02 42.18
CA VAL E 24 -34.07 20.94 42.51
C VAL E 24 -34.59 20.30 41.23
N TRP E 25 -34.99 21.12 40.26
CA TRP E 25 -35.40 20.57 38.97
C TRP E 25 -34.31 19.70 38.36
N THR E 26 -33.05 20.12 38.48
CA THR E 26 -31.94 19.35 37.92
C THR E 26 -31.76 18.06 38.71
N GLN E 27 -31.58 18.17 40.03
CA GLN E 27 -31.30 17.00 40.84
C GLN E 27 -32.40 15.95 40.73
N THR E 28 -33.64 16.38 40.55
CA THR E 28 -34.77 15.47 40.44
C THR E 28 -35.10 15.13 38.99
N ALA E 29 -34.40 15.74 38.02
CA ALA E 29 -34.63 15.49 36.60
C ALA E 29 -36.07 15.80 36.19
N GLY E 30 -36.72 16.73 36.87
CA GLY E 30 -38.00 17.25 36.43
C GLY E 30 -39.18 16.30 36.44
N HIS E 31 -39.20 15.33 37.36
CA HIS E 31 -40.34 14.44 37.55
C HIS E 31 -40.91 14.55 38.97
N CYS E 32 -42.20 14.25 39.11
CA CYS E 32 -42.80 14.16 40.44
C CYS E 32 -42.28 12.92 41.17
N GLU E 33 -41.66 13.13 42.33
CA GLU E 33 -41.01 12.03 43.03
C GLU E 33 -42.00 10.99 43.57
N LEU E 34 -43.25 11.38 43.87
CA LEU E 34 -44.16 10.42 44.46
C LEU E 34 -44.98 9.63 43.44
N CYS E 35 -45.29 10.20 42.27
CA CYS E 35 -46.13 9.50 41.29
C CYS E 35 -45.46 9.34 39.93
N GLY E 36 -44.25 9.87 39.76
CA GLY E 36 -43.40 9.61 38.60
C GLY E 36 -43.73 10.28 37.28
N THR E 37 -44.70 11.19 37.20
CA THR E 37 -44.99 11.84 35.92
C THR E 37 -43.94 12.90 35.56
N ASP E 38 -43.64 12.99 34.26
CA ASP E 38 -42.68 13.97 33.72
C ASP E 38 -43.25 15.38 33.71
N LEU E 39 -42.58 16.32 34.39
CA LEU E 39 -43.07 17.68 34.47
C LEU E 39 -42.64 18.57 33.29
N THR E 40 -41.78 18.09 32.39
CA THR E 40 -41.33 18.87 31.25
C THR E 40 -42.27 18.79 30.05
N PHE E 41 -43.46 18.21 30.21
CA PHE E 41 -44.27 17.89 29.04
C PHE E 41 -44.80 19.13 28.34
N ASP E 42 -44.82 20.29 29.01
CA ASP E 42 -45.24 21.51 28.35
C ASP E 42 -44.19 21.94 27.32
N TYR E 43 -42.91 21.81 27.68
CA TYR E 43 -41.85 22.05 26.72
C TYR E 43 -41.90 21.02 25.60
N ARG E 44 -42.26 19.78 25.94
CA ARG E 44 -42.33 18.78 24.87
C ARG E 44 -43.59 19.03 23.96
N ALA E 45 -44.28 20.15 24.19
CA ALA E 45 -45.35 20.62 23.31
C ALA E 45 -45.14 22.08 22.91
N GLY E 46 -43.96 22.65 23.17
CA GLY E 46 -43.65 24.00 22.77
C GLY E 46 -43.94 25.08 23.78
N LYS E 47 -44.58 24.74 24.90
CA LYS E 47 -44.95 25.79 25.84
C LYS E 47 -43.83 26.03 26.86
N PRO E 48 -43.50 27.30 27.21
CA PRO E 48 -42.36 27.54 28.09
C PRO E 48 -42.53 26.87 29.45
N MET E 49 -41.43 26.58 30.15
CA MET E 49 -41.48 25.91 31.48
C MET E 49 -41.97 26.93 32.51
N LYS E 50 -42.59 26.48 33.60
CA LYS E 50 -43.16 27.33 34.67
C LYS E 50 -43.66 26.39 35.75
N TRP E 51 -44.02 26.87 36.94
CA TRP E 51 -44.69 26.08 38.02
C TRP E 51 -43.91 24.85 38.52
N GLY E 52 -44.39 24.22 39.60
CA GLY E 52 -43.82 23.04 40.25
C GLY E 52 -43.73 23.30 41.77
N GLU E 53 -43.92 22.19 42.53
CA GLU E 53 -44.03 22.30 44.00
C GLU E 53 -42.87 21.59 44.69
N VAL E 54 -42.25 22.28 45.66
CA VAL E 54 -41.01 21.84 46.26
C VAL E 54 -41.05 21.72 47.78
N ALA E 55 -41.63 20.61 48.27
CA ALA E 55 -41.71 20.36 49.70
C ALA E 55 -40.36 20.00 50.29
N HIS E 56 -39.93 20.73 51.32
CA HIS E 56 -38.78 20.28 52.09
C HIS E 56 -39.26 19.21 53.07
N ILE E 57 -38.39 18.25 53.37
CA ILE E 57 -38.83 17.09 54.14
C ILE E 57 -38.36 17.11 55.59
N LEU E 58 -37.86 18.25 56.07
CA LEU E 58 -37.61 18.38 57.51
C LEU E 58 -38.83 19.10 58.08
N PRO E 59 -39.77 18.41 58.74
CA PRO E 59 -40.93 19.12 59.29
C PRO E 59 -40.58 20.23 60.27
N ALA E 60 -39.43 20.15 60.93
CA ALA E 60 -39.02 21.22 61.84
C ALA E 60 -38.75 22.50 61.07
N ASN E 78 -27.99 26.32 53.62
CA ASN E 78 -27.14 25.61 52.65
C ASN E 78 -27.79 24.30 52.21
N ASP E 79 -28.82 23.87 52.94
CA ASP E 79 -29.45 22.57 52.70
C ASP E 79 -30.42 22.68 51.54
N THR E 80 -29.98 22.21 50.36
CA THR E 80 -30.82 22.08 49.18
C THR E 80 -31.16 20.63 48.85
N ALA E 81 -30.30 19.69 49.25
CA ALA E 81 -30.47 18.30 48.85
C ALA E 81 -31.69 17.63 49.45
N ASN E 82 -32.31 18.23 50.46
CA ASN E 82 -33.47 17.65 51.12
C ASN E 82 -34.79 18.27 50.66
N LEU E 83 -34.87 18.71 49.40
CA LEU E 83 -36.06 19.36 48.85
C LEU E 83 -36.59 18.46 47.74
N MET E 84 -37.90 18.20 47.74
CA MET E 84 -38.53 17.32 46.77
C MET E 84 -39.15 18.12 45.62
N LEU E 85 -39.30 17.46 44.49
CA LEU E 85 -40.07 17.98 43.37
C LEU E 85 -41.38 17.21 43.27
N LEU E 86 -42.50 17.93 43.28
CA LEU E 86 -43.81 17.30 43.26
C LEU E 86 -44.69 17.97 42.21
N CYS E 87 -45.62 17.19 41.65
CA CYS E 87 -46.66 17.84 40.86
C CYS E 87 -47.74 18.30 41.84
N PRO E 88 -48.47 19.38 41.52
CA PRO E 88 -49.44 19.88 42.50
C PRO E 88 -50.45 18.84 42.96
N GLY E 89 -50.79 17.87 42.11
CA GLY E 89 -51.73 16.84 42.54
C GLY E 89 -51.23 16.10 43.77
N CYS E 90 -49.96 15.70 43.76
CA CYS E 90 -49.39 15.03 44.93
C CYS E 90 -49.13 16.02 46.06
N HIS E 91 -48.67 17.24 45.72
CA HIS E 91 -48.37 18.22 46.76
C HIS E 91 -49.60 18.52 47.62
N ASP E 92 -50.78 18.57 47.02
CA ASP E 92 -51.98 18.76 47.82
C ASP E 92 -52.27 17.55 48.69
N LYS E 93 -51.98 16.33 48.21
CA LYS E 93 -52.34 15.14 48.97
C LYS E 93 -51.37 14.82 50.11
N ILE E 94 -50.44 15.71 50.45
CA ILE E 94 -49.60 15.51 51.61
C ILE E 94 -50.07 16.48 52.68
N ASP E 95 -50.17 15.99 53.92
CA ASP E 95 -50.59 16.83 55.04
C ASP E 95 -49.41 17.68 55.47
N ARG E 96 -49.55 19.00 55.35
CA ARG E 96 -48.49 19.97 55.60
C ARG E 96 -49.00 20.99 56.62
N ASP E 97 -48.08 21.73 57.22
CA ASP E 97 -48.44 22.72 58.23
C ASP E 97 -48.54 24.10 57.60
N ALA E 98 -48.92 25.07 58.44
CA ALA E 98 -49.23 26.41 57.95
C ALA E 98 -48.06 27.05 57.23
N ASP E 99 -46.83 26.65 57.54
CA ASP E 99 -45.69 27.23 56.87
C ASP E 99 -45.40 26.53 55.54
N GLY E 100 -45.99 25.35 55.31
CA GLY E 100 -45.80 24.61 54.08
C GLY E 100 -44.99 23.35 54.21
N TYR E 101 -44.46 23.06 55.38
CA TYR E 101 -43.67 21.88 55.63
C TYR E 101 -44.57 20.69 55.92
N PRO E 102 -44.14 19.47 55.58
CA PRO E 102 -45.00 18.30 55.80
C PRO E 102 -45.07 17.90 57.26
N GLU E 103 -46.18 17.25 57.62
CA GLU E 103 -46.33 16.72 58.96
C GLU E 103 -45.64 15.37 59.10
N ASN E 104 -45.52 14.63 58.00
CA ASN E 104 -44.85 13.33 57.99
C ASN E 104 -43.55 13.39 57.21
N ASP E 105 -42.54 12.65 57.70
CA ASP E 105 -41.23 12.61 57.08
C ASP E 105 -41.18 11.62 55.92
N LEU E 106 -40.60 12.05 54.79
CA LEU E 106 -40.41 11.22 53.60
C LEU E 106 -38.94 11.13 53.19
N SER E 107 -38.00 11.47 54.08
CA SER E 107 -36.59 11.49 53.69
C SER E 107 -36.18 10.19 53.01
N GLY E 108 -36.70 9.06 53.47
CA GLY E 108 -36.35 7.79 52.85
C GLY E 108 -36.76 7.75 51.39
N LEU E 109 -38.02 8.09 51.11
CA LEU E 109 -38.51 8.12 49.74
C LEU E 109 -37.65 9.06 48.88
N HIS E 110 -37.47 10.30 49.33
CA HIS E 110 -36.67 11.26 48.58
C HIS E 110 -35.26 10.71 48.30
N GLN E 111 -34.51 10.39 49.36
CA GLN E 111 -33.16 9.89 49.17
C GLN E 111 -33.12 8.67 48.27
N ALA E 112 -34.10 7.78 48.41
CA ALA E 112 -34.22 6.67 47.47
C ALA E 112 -34.26 7.18 46.03
N TYR E 113 -35.18 8.11 45.74
CA TYR E 113 -35.31 8.67 44.40
C TYR E 113 -34.00 9.24 43.91
N LEU E 114 -33.37 10.13 44.69
CA LEU E 114 -32.12 10.74 44.24
C LEU E 114 -31.06 9.69 43.99
N GLU E 115 -30.96 8.68 44.87
CA GLU E 115 -30.03 7.59 44.64
C GLU E 115 -30.27 6.92 43.30
N ARG E 116 -31.53 6.59 43.00
CA ARG E 116 -31.86 6.00 41.71
C ARG E 116 -31.32 6.83 40.56
N ILE E 117 -31.55 8.15 40.59
CA ILE E 117 -31.00 9.03 39.57
C ILE E 117 -29.49 8.92 39.52
N ARG E 118 -28.82 9.18 40.65
CA ARG E 118 -27.37 9.15 40.69
C ARG E 118 -26.82 7.85 40.09
N LEU E 119 -27.34 6.71 40.54
CA LEU E 119 -26.91 5.44 39.98
C LEU E 119 -27.08 5.40 38.46
N ALA E 120 -28.26 5.77 37.97
CA ALA E 120 -28.50 5.78 36.53
C ALA E 120 -27.48 6.66 35.82
N ALA E 121 -27.27 7.88 36.33
CA ALA E 121 -26.38 8.81 35.66
C ALA E 121 -24.94 8.31 35.67
N THR E 122 -24.51 7.73 36.79
CA THR E 122 -23.12 7.31 36.95
C THR E 122 -22.86 5.91 36.40
N THR E 123 -23.83 5.29 35.74
CA THR E 123 -23.61 3.92 35.26
C THR E 123 -22.35 3.90 34.39
N PRO E 124 -21.32 3.16 34.77
CA PRO E 124 -20.12 3.08 33.92
C PRO E 124 -20.40 2.32 32.63
N ASP E 125 -19.69 2.71 31.58
CA ASP E 125 -19.84 2.07 30.28
C ASP E 125 -21.29 2.14 29.81
N GLY E 126 -21.87 3.35 29.88
CA GLY E 126 -23.26 3.53 29.52
C GLY E 126 -23.61 3.06 28.12
N GLY E 127 -22.61 2.86 27.27
CA GLY E 127 -22.82 2.40 25.91
C GLY E 127 -22.74 0.91 25.70
N ARG E 128 -22.44 0.12 26.74
CA ARG E 128 -22.32 -1.32 26.57
C ARG E 128 -23.72 -1.92 26.49
N ALA E 129 -23.91 -2.83 25.54
CA ALA E 129 -25.21 -3.46 25.36
C ALA E 129 -25.04 -4.88 24.82
N ILE E 130 -26.04 -5.71 25.08
CA ILE E 130 -26.04 -7.09 24.64
C ILE E 130 -26.79 -7.17 23.31
N PRO E 131 -26.16 -7.64 22.23
CA PRO E 131 -26.90 -7.88 20.99
C PRO E 131 -27.93 -8.98 21.16
N LEU E 132 -29.15 -8.74 20.69
CA LEU E 132 -30.22 -9.73 20.80
C LEU E 132 -31.01 -9.78 19.49
N ILE E 133 -30.86 -10.86 18.75
CA ILE E 133 -31.54 -11.09 17.48
C ILE E 133 -32.50 -12.26 17.66
N VAL E 134 -33.76 -12.04 17.34
CA VAL E 134 -34.77 -13.10 17.42
C VAL E 134 -35.57 -13.12 16.11
N GLN E 135 -35.55 -14.25 15.43
CA GLN E 135 -36.21 -14.38 14.13
C GLN E 135 -37.08 -15.63 14.11
N SER E 136 -38.13 -15.60 13.30
CA SER E 136 -38.90 -16.80 13.05
C SER E 136 -38.20 -17.62 11.97
N GLN E 137 -38.48 -18.93 11.93
CA GLN E 137 -37.98 -19.75 10.83
C GLN E 137 -38.12 -19.04 9.49
N HIS E 138 -39.34 -18.57 9.19
CA HIS E 138 -39.61 -18.03 7.87
C HIS E 138 -38.69 -16.88 7.50
N PHE E 139 -38.15 -16.17 8.49
CA PHE E 139 -37.26 -15.04 8.25
C PHE E 139 -35.79 -15.44 8.20
N GLN E 140 -35.34 -16.28 9.13
CA GLN E 140 -33.96 -16.75 9.09
C GLN E 140 -33.60 -17.32 7.72
N THR E 141 -34.39 -18.28 7.25
CA THR E 141 -34.15 -18.89 5.94
C THR E 141 -34.11 -17.84 4.83
N ILE E 142 -35.03 -16.89 4.89
CA ILE E 142 -35.09 -15.79 3.92
C ILE E 142 -33.91 -14.86 4.13
N ASN E 143 -33.90 -14.14 5.25
CA ASN E 143 -32.90 -13.10 5.50
C ASN E 143 -32.48 -13.25 6.95
N ASP E 144 -31.35 -13.93 7.15
CA ASP E 144 -30.81 -14.20 8.47
C ASP E 144 -29.91 -13.04 8.86
N ILE E 145 -30.18 -12.44 10.03
CA ILE E 145 -29.44 -11.29 10.52
C ILE E 145 -28.26 -11.81 11.33
N PRO E 146 -27.03 -11.64 10.87
CA PRO E 146 -25.87 -11.99 11.69
C PRO E 146 -25.59 -10.94 12.75
N VAL E 147 -24.98 -11.39 13.85
CA VAL E 147 -24.63 -10.47 14.92
C VAL E 147 -23.75 -9.37 14.36
N ARG E 148 -22.90 -9.72 13.38
CA ARG E 148 -21.98 -8.78 12.75
C ARG E 148 -22.69 -7.53 12.24
N ASP E 149 -23.86 -7.68 11.61
CA ASP E 149 -24.56 -6.50 11.12
C ASP E 149 -25.05 -5.63 12.28
N LEU E 150 -25.53 -6.25 13.35
CA LEU E 150 -26.00 -5.51 14.51
C LEU E 150 -24.86 -4.77 15.20
N LEU E 151 -23.72 -5.43 15.40
CA LEU E 151 -22.57 -4.74 15.98
C LEU E 151 -22.19 -3.52 15.15
N THR E 152 -22.25 -3.64 13.83
CA THR E 152 -21.97 -2.49 12.96
C THR E 152 -22.92 -1.34 13.28
N ALA E 153 -24.22 -1.63 13.34
CA ALA E 153 -25.21 -0.60 13.64
C ALA E 153 -24.97 0.03 15.00
N MET E 154 -24.58 -0.78 15.98
CA MET E 154 -24.32 -0.26 17.32
C MET E 154 -23.17 0.74 17.32
N SER E 155 -21.99 0.32 16.82
CA SER E 155 -20.85 1.22 16.77
C SER E 155 -21.20 2.51 16.06
N ALA E 156 -22.03 2.43 15.02
CA ALA E 156 -22.41 3.62 14.27
C ALA E 156 -23.19 4.61 15.12
N GLU E 157 -23.81 4.16 16.21
CA GLU E 157 -24.52 5.03 17.14
C GLU E 157 -23.70 5.38 18.38
N GLY E 158 -22.48 4.86 18.50
CA GLY E 158 -21.71 5.03 19.71
C GLY E 158 -21.92 3.99 20.78
N LEU E 159 -22.52 2.85 20.45
CA LEU E 159 -22.69 1.76 21.39
C LEU E 159 -21.59 0.71 21.19
N THR E 160 -21.34 -0.06 22.24
CA THR E 160 -20.31 -1.10 22.23
C THR E 160 -20.87 -2.36 22.90
N ALA E 161 -20.18 -3.48 22.70
CA ALA E 161 -20.63 -4.78 23.17
C ALA E 161 -19.39 -5.61 23.52
N PHE E 162 -19.45 -6.36 24.62
CA PHE E 162 -18.29 -7.13 25.07
C PHE E 162 -18.59 -8.63 25.16
N ASP E 163 -19.51 -9.10 24.34
CA ASP E 163 -19.94 -10.49 24.27
C ASP E 163 -20.54 -10.69 22.88
N GLN E 164 -20.39 -11.90 22.31
CA GLN E 164 -20.99 -12.09 21.00
C GLN E 164 -22.51 -12.02 21.01
N GLY E 165 -23.15 -11.94 22.16
CA GLY E 165 -24.57 -11.75 22.15
C GLY E 165 -25.40 -12.98 21.86
N ILE E 166 -26.71 -12.72 21.77
CA ILE E 166 -27.76 -13.72 21.67
C ILE E 166 -28.43 -13.68 20.31
N LYS E 167 -28.58 -14.84 19.68
CA LYS E 167 -29.40 -14.98 18.48
C LYS E 167 -30.37 -16.15 18.67
N ILE E 168 -31.69 -15.86 18.58
CA ILE E 168 -32.74 -16.84 18.86
C ILE E 168 -33.64 -17.02 17.65
N ALA E 169 -34.15 -18.25 17.50
CA ALA E 169 -35.16 -18.58 16.49
C ALA E 169 -36.44 -19.04 17.15
N PHE E 170 -37.54 -18.31 16.93
CA PHE E 170 -38.83 -18.74 17.45
C PHE E 170 -39.13 -20.16 16.96
N ALA E 171 -39.61 -21.00 17.86
CA ALA E 171 -39.86 -22.40 17.51
C ALA E 171 -41.00 -22.49 16.50
N ALA E 172 -40.90 -23.46 15.60
CA ALA E 172 -42.00 -23.72 14.68
C ALA E 172 -43.16 -24.28 15.49
N PRO E 173 -44.38 -23.75 15.35
CA PRO E 173 -45.50 -24.33 16.08
C PRO E 173 -45.80 -25.75 15.61
N GLY E 174 -46.17 -26.60 16.55
CA GLY E 174 -46.58 -27.95 16.20
C GLY E 174 -48.01 -27.98 15.71
N PRO E 175 -48.59 -29.17 15.60
CA PRO E 175 -50.02 -29.26 15.21
C PRO E 175 -50.97 -28.66 16.24
N ARG E 176 -50.58 -28.62 17.51
CA ARG E 176 -51.44 -27.99 18.51
C ARG E 176 -51.67 -26.51 18.22
N GLY E 177 -50.83 -25.93 17.38
CA GLY E 177 -50.89 -24.52 17.08
C GLY E 177 -50.18 -23.68 18.12
N ARG E 178 -50.50 -22.38 18.10
CA ARG E 178 -49.90 -21.46 19.07
C ARG E 178 -50.83 -21.32 20.26
N ASP E 179 -50.90 -22.41 21.04
CA ASP E 179 -51.71 -22.43 22.23
C ASP E 179 -50.92 -21.83 23.39
N THR E 180 -51.55 -21.78 24.57
CA THR E 180 -50.89 -21.17 25.72
C THR E 180 -49.57 -21.86 26.03
N THR E 181 -49.50 -23.18 25.83
CA THR E 181 -48.26 -23.90 26.10
C THR E 181 -47.15 -23.44 25.16
N TYR E 182 -47.45 -23.35 23.86
CA TYR E 182 -46.47 -22.82 22.92
C TYR E 182 -45.95 -21.46 23.39
N TRP E 183 -46.86 -20.54 23.67
CA TRP E 183 -46.46 -19.19 24.04
C TRP E 183 -45.62 -19.19 25.32
N GLN E 184 -46.02 -19.96 26.32
CA GLN E 184 -45.25 -20.00 27.56
C GLN E 184 -43.84 -20.52 27.31
N ASN E 185 -43.72 -21.62 26.55
CA ASN E 185 -42.39 -22.16 26.27
C ASN E 185 -41.53 -21.13 25.53
N VAL E 186 -42.15 -20.33 24.65
CA VAL E 186 -41.41 -19.26 23.99
C VAL E 186 -40.83 -18.30 25.02
N LYS E 187 -41.67 -17.79 25.92
CA LYS E 187 -41.20 -16.86 26.94
C LYS E 187 -40.04 -17.46 27.73
N ASP E 188 -40.19 -18.70 28.18
CA ASP E 188 -39.11 -19.35 28.93
C ASP E 188 -37.81 -19.38 28.14
N SER E 189 -37.88 -19.74 26.86
CA SER E 189 -36.66 -19.82 26.05
C SER E 189 -35.93 -18.48 26.04
N VAL E 190 -36.67 -17.38 25.83
CA VAL E 190 -36.07 -16.06 25.86
C VAL E 190 -35.51 -15.77 27.26
N GLN E 191 -36.38 -15.83 28.27
CA GLN E 191 -35.96 -15.47 29.61
C GLN E 191 -34.75 -16.29 30.05
N TYR E 192 -34.72 -17.56 29.67
CA TYR E 192 -33.54 -18.38 29.93
C TYR E 192 -32.28 -17.71 29.38
N GLU E 193 -32.27 -17.46 28.07
CA GLU E 193 -31.10 -16.93 27.40
C GLU E 193 -30.62 -15.64 28.05
N LEU E 194 -31.55 -14.82 28.55
CA LEU E 194 -31.18 -13.57 29.19
C LEU E 194 -30.43 -13.79 30.49
N GLU E 195 -30.91 -14.73 31.32
CA GLU E 195 -30.25 -15.01 32.60
C GLU E 195 -28.78 -15.35 32.41
N GLN E 196 -28.45 -16.05 31.32
CA GLN E 196 -27.06 -16.47 31.13
C GLN E 196 -26.13 -15.27 30.99
N GLN E 197 -26.61 -14.20 30.37
CA GLN E 197 -25.82 -12.96 30.25
C GLN E 197 -25.73 -12.22 31.59
N LEU E 198 -26.70 -12.42 32.47
CA LEU E 198 -26.61 -11.80 33.80
C LEU E 198 -25.47 -12.42 34.61
N LYS E 199 -25.08 -13.65 34.29
CA LYS E 199 -24.00 -14.33 34.99
C LYS E 199 -22.62 -13.77 34.65
N ARG E 200 -22.47 -13.07 33.52
CA ARG E 200 -21.15 -12.54 33.17
C ARG E 200 -20.68 -11.51 34.20
N ARG E 201 -21.47 -10.48 34.45
CA ARG E 201 -21.09 -9.47 35.42
C ARG E 201 -20.99 -10.06 36.82
N GLY E 202 -20.02 -9.57 37.59
CA GLY E 202 -19.79 -10.03 38.95
C GLY E 202 -20.95 -9.82 39.90
N GLY E 203 -21.42 -10.90 40.52
CA GLY E 203 -22.54 -10.82 41.43
C GLY E 203 -23.83 -10.47 40.71
N THR E 204 -23.84 -9.32 40.02
CA THR E 204 -24.97 -8.87 39.24
C THR E 204 -26.17 -8.45 40.07
N TYR E 205 -25.97 -8.13 41.35
CA TYR E 205 -27.09 -7.59 42.12
C TYR E 205 -27.21 -6.10 41.81
N GLY E 206 -28.34 -5.69 41.23
CA GLY E 206 -28.67 -4.30 41.04
C GLY E 206 -28.65 -3.90 39.58
N ASP E 207 -27.44 -3.71 39.05
CA ASP E 207 -27.26 -3.19 37.70
C ASP E 207 -27.34 -4.34 36.70
N SER E 208 -28.41 -4.32 35.88
CA SER E 208 -28.71 -5.22 34.77
C SER E 208 -28.28 -4.60 33.45
N PRO E 209 -27.70 -5.37 32.54
CA PRO E 209 -27.18 -4.78 31.29
C PRO E 209 -28.29 -4.36 30.34
N ALA E 210 -27.91 -3.54 29.36
CA ALA E 210 -28.80 -3.06 28.31
C ALA E 210 -28.86 -4.06 27.15
N LEU E 211 -29.96 -3.98 26.40
CA LEU E 211 -30.22 -4.88 25.28
C LEU E 211 -30.31 -4.12 23.97
N ALA E 212 -29.41 -4.44 23.04
CA ALA E 212 -29.55 -4.05 21.63
C ALA E 212 -30.34 -5.15 20.92
N VAL E 213 -31.65 -4.95 20.80
CA VAL E 213 -32.57 -6.01 20.39
C VAL E 213 -33.18 -5.68 19.02
N VAL E 214 -33.30 -6.70 18.17
CA VAL E 214 -33.98 -6.61 16.87
C VAL E 214 -34.73 -7.90 16.60
N GLY E 215 -35.91 -7.79 16.03
CA GLY E 215 -36.76 -8.96 15.79
C GLY E 215 -37.41 -8.92 14.41
N LEU E 216 -37.67 -10.14 13.85
CA LEU E 216 -38.35 -10.30 12.56
C LEU E 216 -39.28 -11.52 12.57
N ALA E 217 -40.45 -11.37 13.20
CA ALA E 217 -41.48 -12.40 13.15
C ALA E 217 -42.82 -11.69 13.07
N ASP E 218 -43.91 -12.47 13.10
CA ASP E 218 -45.22 -11.84 13.10
C ASP E 218 -45.42 -11.07 14.40
N ILE E 219 -46.41 -10.19 14.40
CA ILE E 219 -46.61 -9.27 15.53
C ILE E 219 -46.75 -10.03 16.85
N PRO E 220 -47.65 -11.01 16.98
CA PRO E 220 -47.76 -11.70 18.29
C PRO E 220 -46.42 -12.20 18.82
N ALA E 221 -45.62 -12.84 17.96
CA ALA E 221 -44.32 -13.32 18.41
C ALA E 221 -43.48 -12.18 18.96
N LEU E 222 -43.35 -11.10 18.19
CA LEU E 222 -42.54 -9.97 18.64
C LEU E 222 -43.09 -9.37 19.91
N MET E 223 -44.42 -9.27 20.02
CA MET E 223 -45.02 -8.84 21.28
C MET E 223 -44.58 -9.74 22.43
N MET E 224 -44.55 -11.06 22.20
CA MET E 224 -44.11 -11.97 23.24
C MET E 224 -42.66 -11.72 23.62
N LEU E 225 -41.80 -11.45 22.63
CA LEU E 225 -40.44 -11.03 22.94
C LEU E 225 -40.45 -9.82 23.87
N GLY E 226 -41.29 -8.84 23.57
CA GLY E 226 -41.41 -7.69 24.45
C GLY E 226 -41.83 -8.09 25.86
N GLN E 227 -42.82 -8.97 25.96
CA GLN E 227 -43.24 -9.45 27.27
C GLN E 227 -42.08 -10.09 28.02
N SER E 228 -41.23 -10.85 27.32
CA SER E 228 -40.15 -11.56 27.98
C SER E 228 -39.12 -10.59 28.55
N ILE E 229 -38.74 -9.57 27.78
CA ILE E 229 -37.74 -8.62 28.26
C ILE E 229 -38.34 -7.72 29.32
N GLY E 230 -39.62 -7.40 29.20
CA GLY E 230 -40.32 -6.64 30.24
C GLY E 230 -40.18 -5.15 30.07
N ASP E 231 -41.16 -4.43 30.63
CA ASP E 231 -41.20 -2.98 30.48
C ASP E 231 -40.01 -2.30 31.16
N ARG E 232 -39.58 -2.85 32.30
CA ARG E 232 -38.53 -2.22 33.11
C ARG E 232 -37.11 -2.52 32.63
N SER E 233 -36.94 -3.18 31.50
CA SER E 233 -35.60 -3.43 30.98
C SER E 233 -35.08 -2.20 30.22
N LYS E 234 -33.77 -1.99 30.29
CA LYS E 234 -33.13 -0.91 29.54
C LYS E 234 -32.90 -1.40 28.12
N ARG E 235 -33.90 -1.20 27.26
CA ARG E 235 -33.92 -1.74 25.91
C ARG E 235 -33.60 -0.64 24.90
N LEU E 236 -32.67 -0.93 23.99
CA LEU E 236 -32.32 -0.07 22.86
C LEU E 236 -32.66 -0.84 21.58
N ILE E 237 -33.82 -0.56 21.02
CA ILE E 237 -34.37 -1.39 19.95
C ILE E 237 -33.75 -0.96 18.62
N PHE E 238 -33.50 -1.94 17.75
CA PHE E 238 -33.07 -1.68 16.38
C PHE E 238 -34.12 -2.25 15.44
N SER E 239 -34.14 -1.71 14.22
CA SER E 239 -35.15 -2.11 13.24
C SER E 239 -34.48 -2.49 11.92
N PHE E 240 -34.84 -3.66 11.42
CA PHE E 240 -34.41 -4.11 10.12
C PHE E 240 -35.31 -3.62 9.00
N HIS E 241 -34.76 -2.96 7.99
CA HIS E 241 -35.44 -2.63 6.75
C HIS E 241 -34.81 -3.38 5.58
N ARG E 242 -35.65 -4.04 4.77
CA ARG E 242 -35.30 -4.89 3.63
C ARG E 242 -34.28 -4.29 2.67
N GLU E 243 -34.32 -2.98 2.41
CA GLU E 243 -33.34 -2.31 1.55
C GLU E 243 -32.16 -1.69 2.29
N HIS E 244 -32.34 -1.29 3.54
CA HIS E 244 -31.39 -0.44 4.28
C HIS E 244 -30.70 -1.15 5.45
N LEU E 245 -30.96 -2.44 5.63
CA LEU E 245 -30.45 -3.26 6.71
C LEU E 245 -30.81 -2.68 8.08
N LEU E 246 -29.89 -2.64 9.03
CA LEU E 246 -30.16 -2.23 10.41
C LEU E 246 -29.93 -0.75 10.74
N ARG E 247 -29.24 0.01 9.89
CA ARG E 247 -29.08 1.46 10.16
C ARG E 247 -30.38 2.22 9.93
N TRP E 248 -30.56 3.31 10.65
CA TRP E 248 -31.79 4.07 10.65
C TRP E 248 -32.01 4.85 9.35
N PRO E 249 -33.21 4.82 8.75
CA PRO E 249 -33.48 5.55 7.51
C PRO E 249 -33.21 7.05 7.56
N ASP E 250 -33.60 7.74 8.63
CA ASP E 250 -33.23 9.14 8.83
C ASP E 250 -33.20 9.51 10.31
N GLN E 251 -31.98 9.60 10.85
CA GLN E 251 -31.84 9.95 12.26
C GLN E 251 -32.33 11.35 12.56
N SER E 252 -32.36 12.23 11.56
CA SER E 252 -32.78 13.62 11.78
C SER E 252 -34.29 13.78 11.79
N ALA E 253 -35.02 12.82 11.22
CA ALA E 253 -36.47 12.92 11.08
C ALA E 253 -37.16 13.14 12.42
N GLU E 254 -38.24 13.95 12.39
CA GLU E 254 -39.10 14.14 13.55
C GLU E 254 -40.10 12.99 13.64
N PRO E 255 -40.36 12.48 14.84
CA PRO E 255 -41.36 11.43 14.97
C PRO E 255 -42.69 11.91 14.45
N PRO E 256 -43.53 11.00 13.96
CA PRO E 256 -44.84 11.41 13.47
C PRO E 256 -45.77 11.87 14.58
N SER E 257 -46.83 12.56 14.16
CA SER E 257 -47.93 12.86 15.06
C SER E 257 -48.81 11.62 15.16
N PHE E 258 -49.29 11.34 16.36
CA PHE E 258 -50.15 10.19 16.65
C PHE E 258 -51.59 10.63 16.91
N LEU E 259 -52.51 10.19 16.04
CA LEU E 259 -53.92 10.58 16.05
C LEU E 259 -54.76 9.50 16.69
N PHE E 260 -55.44 9.82 17.80
CA PHE E 260 -56.25 8.86 18.55
C PHE E 260 -57.75 9.08 18.33
N THR E 261 -58.49 7.98 18.19
CA THR E 261 -59.95 7.99 18.00
C THR E 261 -60.60 7.26 19.17
N PRO E 262 -61.26 7.94 20.09
CA PRO E 262 -61.86 7.26 21.27
C PRO E 262 -62.94 6.28 20.85
N PRO E 263 -63.33 5.37 21.74
CA PRO E 263 -64.32 4.34 21.39
C PRO E 263 -65.74 4.86 21.53
N PRO E 264 -66.70 4.26 20.83
CA PRO E 264 -68.11 4.60 21.08
C PRO E 264 -68.56 4.07 22.44
N ASN E 265 -69.59 4.73 22.99
CA ASN E 265 -70.13 4.35 24.28
C ASN E 265 -71.05 3.14 24.18
N GLY E 266 -71.07 2.36 25.26
CA GLY E 266 -71.92 1.19 25.36
C GLY E 266 -71.28 0.21 26.32
N ASP E 267 -71.90 -0.98 26.43
CA ASP E 267 -71.34 -2.07 27.22
C ASP E 267 -70.80 -3.20 26.34
N GLY E 268 -70.86 -3.04 25.02
CA GLY E 268 -70.35 -4.02 24.10
C GLY E 268 -68.84 -4.19 24.24
N PRO E 269 -68.28 -5.18 23.54
CA PRO E 269 -66.84 -5.48 23.72
C PRO E 269 -65.96 -4.35 23.22
N LEU E 270 -64.98 -3.98 24.04
CA LEU E 270 -64.03 -2.93 23.73
C LEU E 270 -62.88 -3.46 22.87
N ALA E 271 -62.57 -2.75 21.79
CA ALA E 271 -61.51 -3.16 20.87
C ALA E 271 -60.58 -2.00 20.57
N LEU E 272 -59.27 -2.29 20.52
CA LEU E 272 -58.25 -1.31 20.16
C LEU E 272 -57.64 -1.68 18.82
N VAL E 273 -57.63 -0.71 17.89
CA VAL E 273 -57.09 -0.92 16.55
C VAL E 273 -55.89 0.01 16.36
N LEU E 274 -54.77 -0.55 15.88
CA LEU E 274 -53.56 0.21 15.59
C LEU E 274 -53.32 0.24 14.09
N SER E 275 -53.54 1.40 13.47
CA SER E 275 -53.35 1.62 12.03
C SER E 275 -52.10 2.48 11.85
N ILE E 276 -50.93 1.83 11.80
CA ILE E 276 -49.64 2.51 11.71
C ILE E 276 -48.87 2.04 10.48
N SER E 277 -48.74 0.72 10.29
CA SER E 277 -48.23 0.20 9.02
C SER E 277 -49.23 0.41 7.89
N ALA E 278 -50.53 0.29 8.19
CA ALA E 278 -51.57 0.34 7.19
C ALA E 278 -52.85 0.79 7.86
N GLN E 279 -53.89 1.05 7.07
CA GLN E 279 -55.21 1.34 7.62
C GLN E 279 -55.96 0.04 7.77
N VAL E 280 -56.32 -0.29 9.02
CA VAL E 280 -57.00 -1.53 9.35
C VAL E 280 -58.46 -1.40 8.95
N PRO E 281 -58.99 -2.25 8.05
CA PRO E 281 -60.40 -2.13 7.69
C PRO E 281 -61.30 -2.49 8.88
N VAL E 282 -62.14 -1.53 9.28
CA VAL E 282 -63.07 -1.79 10.37
C VAL E 282 -64.01 -2.93 9.99
N ARG E 283 -64.33 -3.05 8.71
CA ARG E 283 -65.17 -4.15 8.25
C ARG E 283 -64.55 -5.49 8.61
N ASP E 284 -63.23 -5.60 8.55
CA ASP E 284 -62.56 -6.84 8.95
C ASP E 284 -62.64 -7.03 10.47
N VAL E 285 -62.55 -5.94 11.23
CA VAL E 285 -62.62 -6.02 12.68
C VAL E 285 -63.99 -6.52 13.13
N THR E 286 -65.05 -5.82 12.71
CA THR E 286 -66.39 -6.17 13.16
C THR E 286 -66.75 -7.60 12.81
N ASP E 287 -66.29 -8.11 11.67
CA ASP E 287 -66.54 -9.50 11.33
C ASP E 287 -65.89 -10.43 12.34
N ALA E 288 -64.71 -10.07 12.84
CA ALA E 288 -64.03 -10.90 13.83
C ALA E 288 -64.60 -10.68 15.23
N LEU E 289 -65.15 -9.50 15.50
CA LEU E 289 -65.67 -9.16 16.83
C LEU E 289 -67.03 -8.49 16.66
N PRO E 290 -68.12 -9.25 16.77
CA PRO E 290 -69.45 -8.63 16.63
C PRO E 290 -69.68 -7.56 17.70
N GLY E 291 -70.29 -6.45 17.29
CA GLY E 291 -70.62 -5.40 18.22
C GLY E 291 -69.42 -4.64 18.75
N ALA E 292 -68.33 -4.58 17.99
CA ALA E 292 -67.09 -3.99 18.49
C ALA E 292 -67.22 -2.47 18.66
N ARG E 293 -66.92 -1.99 19.86
CA ARG E 293 -66.78 -0.56 20.13
C ARG E 293 -65.31 -0.19 19.89
N ILE E 294 -65.02 0.41 18.75
CA ILE E 294 -63.66 0.55 18.24
C ILE E 294 -63.04 1.87 18.66
N ALA E 295 -62.00 1.80 19.49
CA ALA E 295 -61.01 2.89 19.61
C ALA E 295 -59.86 2.60 18.65
N GLU E 296 -59.30 3.65 18.06
CA GLU E 296 -58.26 3.47 17.05
C GLU E 296 -57.15 4.51 17.20
N LEU E 297 -55.90 4.04 17.05
CA LEU E 297 -54.71 4.88 17.03
C LEU E 297 -53.96 4.77 15.72
N SER E 298 -53.56 5.91 15.14
CA SER E 298 -52.91 5.90 13.85
C SER E 298 -51.96 7.08 13.68
N ILE E 299 -51.12 6.98 12.64
CA ILE E 299 -50.33 8.11 12.16
C ILE E 299 -51.09 8.58 10.93
N PRO E 300 -50.97 9.84 10.52
CA PRO E 300 -51.72 10.29 9.33
C PRO E 300 -51.43 9.46 8.10
N GLU E 301 -50.20 8.96 7.98
CA GLU E 301 -49.74 8.24 6.79
C GLU E 301 -49.27 6.85 7.19
N PRO E 302 -50.20 5.91 7.42
CA PRO E 302 -49.77 4.55 7.77
C PRO E 302 -48.86 3.96 6.72
N SER E 303 -47.68 3.53 7.15
CA SER E 303 -46.65 3.05 6.24
C SER E 303 -45.70 2.15 7.02
N TYR E 304 -45.18 1.11 6.36
CA TYR E 304 -44.19 0.25 7.00
C TYR E 304 -42.85 0.95 7.21
N ALA E 305 -42.65 2.08 6.58
CA ALA E 305 -41.38 2.76 6.60
C ALA E 305 -41.30 3.84 7.65
N MET E 306 -42.29 3.92 8.52
CA MET E 306 -42.37 5.05 9.43
C MET E 306 -41.38 4.98 10.58
N VAL E 307 -40.72 3.84 10.81
CA VAL E 307 -39.73 3.75 11.87
C VAL E 307 -38.41 4.26 11.31
N GLN E 308 -38.29 5.59 11.21
CA GLN E 308 -37.09 6.20 10.62
C GLN E 308 -35.94 6.29 11.59
N ASN E 309 -36.22 6.37 12.90
CA ASN E 309 -35.17 6.40 13.90
C ASN E 309 -35.82 5.99 15.23
N ARG E 310 -34.97 5.67 16.20
CA ARG E 310 -35.47 5.11 17.45
C ARG E 310 -36.44 6.06 18.16
N ARG E 311 -36.23 7.37 18.05
CA ARG E 311 -37.11 8.30 18.75
C ARG E 311 -38.57 8.08 18.35
N VAL E 312 -38.79 7.61 17.12
CA VAL E 312 -40.14 7.25 16.69
C VAL E 312 -40.76 6.25 17.66
N ILE E 313 -39.98 5.22 18.02
CA ILE E 313 -40.47 4.19 18.94
C ILE E 313 -40.80 4.82 20.29
N HIS E 314 -39.90 5.64 20.82
CA HIS E 314 -40.16 6.33 22.08
C HIS E 314 -41.47 7.12 21.99
N ALA E 315 -41.67 7.84 20.88
CA ALA E 315 -42.93 8.53 20.66
C ALA E 315 -44.11 7.56 20.73
N PHE E 316 -44.02 6.46 19.98
CA PHE E 316 -45.04 5.41 20.07
C PHE E 316 -45.32 5.05 21.52
N ARG E 317 -44.27 4.71 22.26
CA ARG E 317 -44.41 4.40 23.68
C ARG E 317 -45.18 5.50 24.41
N ASP E 318 -44.62 6.72 24.42
CA ASP E 318 -45.24 7.81 25.16
C ASP E 318 -46.71 7.97 24.80
N ALA E 319 -47.01 8.01 23.50
CA ALA E 319 -48.39 8.19 23.07
C ALA E 319 -49.28 7.04 23.52
N LEU E 320 -48.94 5.80 23.14
CA LEU E 320 -49.81 4.67 23.44
C LEU E 320 -49.96 4.45 24.94
N GLN E 321 -48.86 4.56 25.68
CA GLN E 321 -48.89 4.33 27.13
C GLN E 321 -50.04 5.06 27.81
N ILE E 322 -50.33 6.28 27.38
CA ILE E 322 -51.42 7.04 28.00
C ILE E 322 -52.75 6.33 27.75
N ARG E 323 -53.06 6.11 26.47
CA ARG E 323 -54.38 5.59 26.11
C ARG E 323 -54.67 4.24 26.75
N LEU E 324 -53.65 3.41 26.97
CA LEU E 324 -53.88 2.13 27.63
C LEU E 324 -54.46 2.32 29.03
N SER E 325 -53.85 3.24 29.80
CA SER E 325 -54.40 3.54 31.12
C SER E 325 -55.83 4.07 31.01
N GLN E 326 -56.08 4.90 30.00
CA GLN E 326 -57.39 5.52 29.81
C GLN E 326 -58.46 4.49 29.48
N LEU E 327 -58.18 3.57 28.55
CA LEU E 327 -59.20 2.61 28.11
C LEU E 327 -59.59 1.67 29.25
N GLU E 328 -58.62 1.25 30.06
CA GLU E 328 -58.91 0.34 31.16
C GLU E 328 -59.93 0.93 32.13
N ALA E 329 -60.01 2.27 32.18
CA ALA E 329 -60.97 2.92 33.06
C ALA E 329 -62.40 2.67 32.61
N LEU E 330 -62.62 2.35 31.33
CA LEU E 330 -63.97 2.22 30.79
C LEU E 330 -64.57 0.85 31.02
N THR E 331 -63.79 -0.14 31.45
CA THR E 331 -64.34 -1.45 31.73
C THR E 331 -63.28 -2.39 32.31
N PRO E 332 -63.68 -3.33 33.17
CA PRO E 332 -62.78 -4.44 33.52
C PRO E 332 -62.82 -5.57 32.49
N ASP E 333 -63.57 -5.41 31.41
CA ASP E 333 -63.70 -6.48 30.42
C ASP E 333 -62.50 -6.43 29.48
N PRO E 334 -62.20 -7.53 28.80
CA PRO E 334 -60.97 -7.56 27.99
C PRO E 334 -61.00 -6.55 26.86
N ILE E 335 -59.80 -6.12 26.47
CA ILE E 335 -59.59 -5.24 25.32
C ILE E 335 -59.07 -6.09 24.18
N HIS E 336 -59.74 -6.04 23.04
CA HIS E 336 -59.39 -6.84 21.87
C HIS E 336 -58.55 -5.98 20.94
N VAL E 337 -57.36 -6.45 20.61
CA VAL E 337 -56.34 -5.64 19.95
C VAL E 337 -56.18 -6.14 18.51
N PHE E 338 -56.31 -5.23 17.55
CA PHE E 338 -56.09 -5.50 16.14
C PHE E 338 -55.01 -4.52 15.67
N ALA E 339 -53.83 -5.04 15.35
CA ALA E 339 -52.65 -4.21 15.16
C ALA E 339 -52.06 -4.42 13.76
N ALA E 340 -51.71 -3.30 13.13
CA ALA E 340 -50.94 -3.26 11.88
C ALA E 340 -49.77 -2.31 12.10
N ILE E 341 -48.69 -2.82 12.67
CA ILE E 341 -47.57 -1.98 13.12
C ILE E 341 -46.25 -2.61 12.70
N PRO E 342 -45.23 -1.79 12.51
CA PRO E 342 -43.91 -2.36 12.19
C PRO E 342 -43.35 -3.23 13.30
N ALA E 343 -42.38 -4.07 12.91
CA ALA E 343 -41.77 -5.03 13.83
C ALA E 343 -41.33 -4.35 15.12
N ALA E 344 -40.53 -3.29 15.01
CA ALA E 344 -39.99 -2.64 16.20
C ALA E 344 -41.09 -2.28 17.18
N LEU E 345 -42.21 -1.79 16.69
CA LEU E 345 -43.29 -1.36 17.58
C LEU E 345 -43.93 -2.55 18.28
N ALA E 346 -44.07 -3.68 17.58
CA ALA E 346 -44.63 -4.87 18.21
C ALA E 346 -43.84 -5.24 19.47
N ILE E 347 -42.51 -5.12 19.42
CA ILE E 347 -41.69 -5.38 20.59
C ILE E 347 -42.04 -4.39 21.69
N GLU E 348 -41.91 -3.08 21.40
CA GLU E 348 -42.22 -2.06 22.40
C GLU E 348 -43.60 -2.26 22.97
N PHE E 349 -44.59 -2.49 22.10
CA PHE E 349 -45.95 -2.74 22.56
C PHE E 349 -45.99 -3.89 23.57
N GLY E 350 -45.39 -5.03 23.20
CA GLY E 350 -45.42 -6.19 24.09
C GLY E 350 -44.71 -5.94 25.41
N ALA E 351 -43.58 -5.23 25.37
CA ALA E 351 -42.88 -4.91 26.61
C ALA E 351 -43.69 -3.95 27.46
N LEU E 352 -44.26 -2.92 26.80
CA LEU E 352 -45.08 -1.95 27.50
C LEU E 352 -46.19 -2.62 28.31
N LEU E 353 -46.86 -3.61 27.71
CA LEU E 353 -47.98 -4.26 28.38
C LEU E 353 -47.58 -5.02 29.63
N THR E 354 -46.29 -5.14 29.91
CA THR E 354 -45.88 -5.75 31.19
C THR E 354 -46.37 -4.90 32.35
N THR E 355 -46.41 -3.58 32.15
CA THR E 355 -46.87 -2.68 33.20
C THR E 355 -48.37 -2.83 33.46
N GLN E 356 -49.16 -3.00 32.39
CA GLN E 356 -50.61 -3.20 32.52
C GLN E 356 -50.94 -4.66 32.85
N HIS E 357 -50.51 -5.07 34.05
CA HIS E 357 -50.66 -6.46 34.47
C HIS E 357 -52.01 -6.77 35.11
N GLN E 358 -52.82 -5.78 35.45
CA GLN E 358 -54.10 -6.02 36.11
C GLN E 358 -55.26 -6.01 35.12
N HIS E 359 -54.98 -6.26 33.84
CA HIS E 359 -55.99 -6.26 32.79
C HIS E 359 -55.65 -7.31 31.73
N THR E 360 -56.69 -7.81 31.07
CA THR E 360 -56.56 -8.85 30.05
C THR E 360 -56.65 -8.24 28.65
N TYR E 361 -55.72 -8.62 27.78
CA TYR E 361 -55.71 -8.21 26.39
C TYR E 361 -55.75 -9.43 25.48
N LEU E 362 -56.58 -9.36 24.44
CA LEU E 362 -56.67 -10.42 23.42
C LEU E 362 -56.16 -9.87 22.10
N ILE E 363 -55.18 -10.57 21.52
CA ILE E 363 -54.49 -10.12 20.32
C ILE E 363 -55.04 -10.89 19.12
N PHE E 364 -55.49 -10.16 18.11
CA PHE E 364 -55.95 -10.75 16.85
C PHE E 364 -54.92 -10.47 15.78
N ASP E 365 -54.66 -11.45 14.92
CA ASP E 365 -53.69 -11.31 13.84
C ASP E 365 -54.21 -12.00 12.58
N ARG E 366 -53.76 -11.51 11.43
CA ARG E 366 -54.09 -12.13 10.15
C ARG E 366 -53.63 -13.58 10.12
N ASP E 367 -54.52 -14.48 9.72
CA ASP E 367 -54.26 -15.91 9.61
C ASP E 367 -54.28 -16.33 8.14
N LYS E 368 -53.15 -16.82 7.64
CA LYS E 368 -53.03 -17.13 6.22
C LYS E 368 -54.03 -18.20 5.79
N GLU E 369 -54.26 -19.23 6.62
CA GLU E 369 -55.19 -20.30 6.30
C GLU E 369 -56.64 -19.95 6.57
N ASN E 370 -56.92 -18.79 7.17
CA ASN E 370 -58.28 -18.33 7.43
C ASN E 370 -58.60 -17.16 6.51
N GLN E 371 -58.10 -17.23 5.27
CA GLN E 371 -58.35 -16.22 4.25
C GLN E 371 -57.84 -14.86 4.70
N ASP E 372 -56.70 -14.85 5.38
CA ASP E 372 -56.07 -13.59 5.81
C ASP E 372 -57.02 -12.78 6.68
N ARG E 373 -57.94 -13.47 7.35
CA ARG E 373 -58.87 -12.86 8.30
C ARG E 373 -58.20 -12.62 9.64
N PHE E 374 -58.64 -11.57 10.34
CA PHE E 374 -58.18 -11.36 11.70
C PHE E 374 -58.72 -12.49 12.58
N THR E 375 -57.83 -13.10 13.37
CA THR E 375 -58.19 -14.20 14.25
C THR E 375 -57.45 -14.05 15.57
N GLN E 376 -58.13 -14.36 16.67
CA GLN E 376 -57.51 -14.27 17.99
C GLN E 376 -56.33 -15.23 18.05
N THR E 377 -55.14 -14.69 18.32
CA THR E 377 -53.91 -15.48 18.35
C THR E 377 -53.20 -15.51 19.69
N LEU E 378 -53.30 -14.46 20.51
CA LEU E 378 -52.49 -14.37 21.73
C LEU E 378 -53.32 -13.73 22.82
N GLN E 379 -53.22 -14.28 24.03
CA GLN E 379 -53.91 -13.76 25.20
C GLN E 379 -52.88 -13.30 26.22
N LEU E 380 -52.94 -12.03 26.61
CA LEU E 380 -52.00 -11.44 27.55
C LEU E 380 -52.72 -11.00 28.81
N GLY E 381 -51.93 -10.56 29.79
CA GLY E 381 -52.45 -10.20 31.09
C GLY E 381 -52.75 -11.43 31.91
N PRO E 382 -53.95 -11.50 32.51
CA PRO E 382 -54.39 -12.73 33.17
C PRO E 382 -55.47 -13.50 32.40
N THR F 16 -28.00 28.74 20.83
CA THR F 16 -28.27 27.96 22.03
C THR F 16 -28.85 28.86 23.13
N ASN F 17 -30.17 28.97 23.14
CA ASN F 17 -30.87 29.85 24.07
C ASN F 17 -30.91 29.25 25.47
N ASP F 18 -31.18 30.11 26.45
CA ASP F 18 -31.12 29.70 27.86
C ASP F 18 -32.26 28.76 28.24
N GLU F 19 -33.47 28.99 27.73
CA GLU F 19 -34.60 28.15 28.10
C GLU F 19 -34.34 26.70 27.69
N THR F 20 -33.78 26.51 26.50
CA THR F 20 -33.42 25.17 26.03
C THR F 20 -32.33 24.54 26.89
N LYS F 21 -31.35 25.34 27.33
CA LYS F 21 -30.30 24.79 28.19
C LYS F 21 -30.88 24.16 29.45
N ARG F 22 -31.81 24.86 30.11
CA ARG F 22 -32.34 24.33 31.36
C ARG F 22 -32.98 22.96 31.16
N ILE F 23 -33.65 22.75 30.02
CA ILE F 23 -34.30 21.48 29.81
C ILE F 23 -33.25 20.37 29.68
N VAL F 24 -32.17 20.63 28.94
CA VAL F 24 -31.11 19.63 28.80
C VAL F 24 -30.49 19.31 30.15
N TRP F 25 -30.17 20.34 30.94
CA TRP F 25 -29.67 20.08 32.28
C TRP F 25 -30.64 19.20 33.06
N THR F 26 -31.93 19.41 32.86
CA THR F 26 -32.96 18.63 33.54
C THR F 26 -32.95 17.18 33.02
N GLN F 27 -33.09 17.01 31.71
CA GLN F 27 -33.16 15.66 31.14
C GLN F 27 -31.94 14.82 31.48
N THR F 28 -30.78 15.47 31.61
CA THR F 28 -29.54 14.78 31.96
C THR F 28 -29.26 14.79 33.46
N ALA F 29 -30.08 15.48 34.26
CA ALA F 29 -29.88 15.55 35.71
C ALA F 29 -28.51 16.08 36.08
N GLY F 30 -27.94 16.93 35.23
CA GLY F 30 -26.72 17.63 35.56
C GLY F 30 -25.48 16.79 35.72
N HIS F 31 -25.38 15.65 35.00
CA HIS F 31 -24.16 14.87 34.95
C HIS F 31 -23.66 14.82 33.52
N CYS F 32 -22.34 14.72 33.36
CA CYS F 32 -21.76 14.52 32.04
C CYS F 32 -22.10 13.12 31.54
N GLU F 33 -22.73 13.04 30.37
CA GLU F 33 -23.22 11.76 29.88
C GLU F 33 -22.10 10.76 29.60
N LEU F 34 -20.89 11.22 29.28
CA LEU F 34 -19.89 10.22 28.95
C LEU F 34 -19.05 9.76 30.16
N CYS F 35 -18.58 10.70 31.00
CA CYS F 35 -17.79 10.35 32.16
C CYS F 35 -18.61 10.34 33.44
N GLY F 36 -19.93 10.47 33.32
CA GLY F 36 -20.85 10.37 34.44
C GLY F 36 -20.59 11.25 35.65
N THR F 37 -19.64 12.17 35.57
CA THR F 37 -19.34 13.03 36.71
C THR F 37 -20.42 14.09 36.88
N ASP F 38 -20.79 14.32 38.15
CA ASP F 38 -21.79 15.32 38.52
C ASP F 38 -21.23 16.73 38.37
N LEU F 39 -21.88 17.56 37.56
CA LEU F 39 -21.37 18.89 37.29
C LEU F 39 -21.78 19.90 38.36
N THR F 40 -22.60 19.51 39.34
CA THR F 40 -22.99 20.45 40.38
C THR F 40 -22.00 20.49 41.56
N PHE F 41 -20.69 20.21 41.32
CA PHE F 41 -19.77 20.22 42.46
C PHE F 41 -19.67 21.61 43.08
N ASP F 42 -19.86 22.65 42.25
CA ASP F 42 -19.79 24.01 42.76
C ASP F 42 -20.97 24.34 43.65
N TYR F 43 -22.18 23.99 43.23
CA TYR F 43 -23.34 24.23 44.07
C TYR F 43 -23.29 23.40 45.34
N ARG F 44 -22.79 22.17 45.27
CA ARG F 44 -22.73 21.37 46.50
C ARG F 44 -21.79 22.05 47.49
N ALA F 45 -20.78 22.77 46.99
CA ALA F 45 -19.92 23.60 47.83
C ALA F 45 -20.45 25.02 48.02
N GLY F 46 -21.60 25.35 47.44
CA GLY F 46 -22.25 26.64 47.65
C GLY F 46 -22.04 27.69 46.59
N LYS F 47 -21.46 27.36 45.46
CA LYS F 47 -21.03 28.33 44.46
C LYS F 47 -22.05 28.37 43.31
N PRO F 48 -21.90 29.30 42.36
CA PRO F 48 -22.91 29.44 41.30
C PRO F 48 -22.86 28.35 40.22
N MET F 49 -23.96 28.30 39.45
CA MET F 49 -24.19 27.29 38.42
C MET F 49 -24.22 27.92 37.02
N LYS F 50 -23.37 27.41 36.13
CA LYS F 50 -23.32 27.78 34.71
C LYS F 50 -22.36 26.78 34.06
N TRP F 51 -21.94 27.05 32.82
CA TRP F 51 -20.72 26.43 32.27
C TRP F 51 -20.76 24.90 32.23
N GLY F 52 -21.82 24.37 31.62
CA GLY F 52 -21.76 23.07 30.98
C GLY F 52 -21.48 23.22 29.49
N GLU F 53 -21.46 22.08 28.79
CA GLU F 53 -21.26 22.06 27.34
C GLU F 53 -22.35 21.19 26.73
N VAL F 54 -23.00 21.66 25.66
CA VAL F 54 -24.03 20.89 24.97
C VAL F 54 -23.68 20.69 23.51
N ALA F 55 -23.92 19.48 23.02
CA ALA F 55 -23.70 19.09 21.64
C ALA F 55 -24.95 18.36 21.13
N HIS F 56 -25.12 18.35 19.81
CA HIS F 56 -26.14 17.47 19.27
C HIS F 56 -25.60 16.04 19.22
N ILE F 57 -26.53 15.08 19.21
CA ILE F 57 -26.15 13.67 19.21
C ILE F 57 -25.60 13.31 17.84
N LEU F 58 -26.24 13.80 16.80
CA LEU F 58 -26.06 13.58 15.38
C LEU F 58 -25.28 14.69 14.68
N PRO F 59 -24.47 14.34 13.70
CA PRO F 59 -23.85 15.37 12.85
C PRO F 59 -24.91 16.16 12.10
N ALA F 60 -24.45 17.20 11.41
CA ALA F 60 -25.32 17.98 10.54
C ALA F 60 -25.66 17.18 9.29
N SER F 61 -26.91 16.75 9.18
CA SER F 61 -27.29 15.89 8.06
C SER F 61 -27.01 16.59 6.73
N PRO F 62 -26.49 15.86 5.73
CA PRO F 62 -26.29 16.51 4.42
C PRO F 62 -27.60 16.93 3.77
N THR F 77 -32.59 19.61 13.30
CA THR F 77 -31.75 19.72 14.49
C THR F 77 -32.56 19.96 15.76
N ASN F 78 -33.79 20.46 15.59
CA ASN F 78 -34.47 21.17 16.66
C ASN F 78 -34.45 20.42 18.00
N ASP F 79 -34.98 19.20 18.01
CA ASP F 79 -35.41 18.57 19.26
C ASP F 79 -34.32 18.67 20.34
N THR F 80 -34.78 18.73 21.59
CA THR F 80 -33.88 18.70 22.74
C THR F 80 -33.48 17.27 23.11
N ALA F 81 -34.29 16.29 22.75
CA ALA F 81 -33.86 14.89 22.77
C ALA F 81 -32.64 14.66 21.89
N ASN F 82 -32.23 15.66 21.12
CA ASN F 82 -31.05 15.60 20.25
C ASN F 82 -29.84 16.23 20.93
N LEU F 83 -29.97 16.71 22.17
CA LEU F 83 -28.95 17.53 22.79
C LEU F 83 -28.42 16.83 24.05
N MET F 84 -27.09 16.70 24.12
CA MET F 84 -26.38 16.05 25.21
C MET F 84 -25.81 17.10 26.15
N LEU F 85 -25.64 16.72 27.42
CA LEU F 85 -24.91 17.55 28.37
C LEU F 85 -23.53 16.93 28.59
N LEU F 86 -22.48 17.73 28.41
CA LEU F 86 -21.11 17.25 28.51
C LEU F 86 -20.31 18.17 29.42
N CYS F 87 -19.23 17.62 30.03
CA CYS F 87 -18.25 18.47 30.69
C CYS F 87 -17.19 18.89 29.68
N PRO F 88 -16.47 19.98 29.95
CA PRO F 88 -15.46 20.43 28.97
C PRO F 88 -14.44 19.37 28.59
N GLY F 89 -14.04 18.52 29.54
CA GLY F 89 -13.06 17.49 29.22
C GLY F 89 -13.52 16.53 28.14
N CYS F 90 -14.76 16.04 28.26
CA CYS F 90 -15.29 15.13 27.25
C CYS F 90 -15.61 15.86 25.96
N HIS F 91 -16.17 17.08 26.06
CA HIS F 91 -16.54 17.85 24.89
C HIS F 91 -15.35 18.07 23.95
N ASP F 92 -14.18 18.35 24.50
CA ASP F 92 -13.01 18.52 23.63
C ASP F 92 -12.62 17.21 22.95
N LYS F 93 -12.81 16.07 23.61
CA LYS F 93 -12.33 14.81 23.06
C LYS F 93 -13.24 14.22 21.99
N ILE F 94 -14.27 14.93 21.51
CA ILE F 94 -15.08 14.45 20.40
C ILE F 94 -14.82 15.35 19.21
N ASP F 95 -14.77 14.76 18.03
CA ASP F 95 -14.49 15.53 16.83
C ASP F 95 -15.73 16.32 16.44
N ARG F 96 -15.53 17.58 16.06
CA ARG F 96 -16.60 18.53 15.83
C ARG F 96 -16.25 19.40 14.62
N ASP F 97 -17.30 19.97 14.03
CA ASP F 97 -17.15 20.90 12.93
C ASP F 97 -17.25 22.31 13.49
N ALA F 98 -17.02 23.30 12.62
CA ALA F 98 -16.95 24.68 13.09
C ALA F 98 -18.26 25.14 13.71
N ASP F 99 -19.38 24.51 13.34
CA ASP F 99 -20.67 24.94 13.87
C ASP F 99 -20.99 24.32 15.22
N GLY F 100 -20.28 23.25 15.62
CA GLY F 100 -20.54 22.60 16.88
C GLY F 100 -21.14 21.22 16.80
N TYR F 101 -21.44 20.75 15.60
CA TYR F 101 -22.01 19.42 15.47
C TYR F 101 -20.91 18.35 15.52
N PRO F 102 -21.23 17.15 16.00
CA PRO F 102 -20.23 16.09 16.05
C PRO F 102 -19.98 15.52 14.67
N GLU F 103 -18.80 14.95 14.49
CA GLU F 103 -18.51 14.28 13.23
C GLU F 103 -19.06 12.85 13.26
N ASN F 104 -19.14 12.25 14.45
CA ASN F 104 -19.64 10.90 14.66
C ASN F 104 -20.98 10.91 15.40
N ASP F 105 -21.83 9.94 15.05
CA ASP F 105 -23.15 9.83 15.63
C ASP F 105 -23.08 9.19 17.02
N LEU F 106 -23.78 9.80 17.99
CA LEU F 106 -23.85 9.30 19.36
C LEU F 106 -25.29 9.02 19.79
N SER F 107 -26.23 8.91 18.85
CA SER F 107 -27.63 8.76 19.20
C SER F 107 -27.85 7.64 20.20
N GLY F 108 -27.19 6.50 20.00
CA GLY F 108 -27.39 5.37 20.88
C GLY F 108 -26.95 5.64 22.30
N LEU F 109 -25.71 6.11 22.46
CA LEU F 109 -25.20 6.40 23.80
C LEU F 109 -26.09 7.40 24.52
N HIS F 110 -26.41 8.52 23.86
CA HIS F 110 -27.30 9.51 24.45
C HIS F 110 -28.64 8.89 24.85
N GLN F 111 -29.36 8.31 23.88
CA GLN F 111 -30.66 7.73 24.18
C GLN F 111 -30.56 6.69 25.30
N ALA F 112 -29.50 5.88 25.29
CA ALA F 112 -29.26 4.99 26.41
C ALA F 112 -29.26 5.76 27.73
N TYR F 113 -28.44 6.81 27.83
CA TYR F 113 -28.39 7.60 29.06
C TYR F 113 -29.79 8.07 29.48
N LEU F 114 -30.49 8.75 28.57
CA LEU F 114 -31.80 9.28 28.93
C LEU F 114 -32.76 8.18 29.36
N GLU F 115 -32.74 7.04 28.65
CA GLU F 115 -33.57 5.91 29.04
C GLU F 115 -33.29 5.52 30.49
N ARG F 116 -32.01 5.40 30.85
CA ARG F 116 -31.64 5.08 32.23
C ARG F 116 -32.27 6.06 33.22
N ILE F 117 -32.14 7.37 32.96
CA ILE F 117 -32.77 8.36 33.82
C ILE F 117 -34.28 8.11 33.90
N ARG F 118 -34.95 8.09 32.74
CA ARG F 118 -36.40 7.94 32.71
C ARG F 118 -36.86 6.77 33.56
N LEU F 119 -36.28 5.59 33.34
CA LEU F 119 -36.62 4.42 34.15
C LEU F 119 -36.45 4.71 35.64
N ALA F 120 -35.31 5.28 36.03
CA ALA F 120 -35.07 5.60 37.43
C ALA F 120 -36.17 6.52 37.97
N ALA F 121 -36.49 7.58 37.23
CA ALA F 121 -37.47 8.56 37.72
C ALA F 121 -38.85 7.93 37.87
N THR F 122 -39.22 7.04 36.95
CA THR F 122 -40.55 6.45 36.90
C THR F 122 -40.71 5.21 37.77
N THR F 123 -39.72 4.86 38.58
CA THR F 123 -39.76 3.61 39.34
C THR F 123 -41.02 3.54 40.19
N PRO F 124 -41.88 2.54 40.01
CA PRO F 124 -43.07 2.44 40.86
C PRO F 124 -42.72 2.06 42.29
N ASP F 125 -43.47 2.62 43.23
CA ASP F 125 -43.29 2.33 44.66
C ASP F 125 -41.84 2.57 45.08
N GLY F 126 -41.35 3.76 44.75
CA GLY F 126 -39.98 4.13 45.06
C GLY F 126 -39.62 3.99 46.53
N GLY F 127 -40.62 3.83 47.39
CA GLY F 127 -40.41 3.68 48.81
C GLY F 127 -40.31 2.25 49.32
N ARG F 128 -40.47 1.26 48.47
CA ARG F 128 -40.36 -0.14 48.88
C ARG F 128 -38.90 -0.56 48.99
N ALA F 129 -38.58 -1.31 50.05
CA ALA F 129 -37.22 -1.79 50.26
C ALA F 129 -37.26 -3.12 50.99
N ILE F 130 -36.16 -3.86 50.86
CA ILE F 130 -36.00 -5.15 51.53
C ILE F 130 -35.36 -4.89 52.88
N PRO F 131 -36.00 -5.26 53.99
CA PRO F 131 -35.32 -5.20 55.29
C PRO F 131 -34.18 -6.21 55.32
N LEU F 132 -33.00 -5.76 55.73
CA LEU F 132 -31.81 -6.61 55.79
C LEU F 132 -31.03 -6.29 57.06
N ILE F 133 -31.05 -7.21 58.02
CA ILE F 133 -30.36 -7.08 59.30
C ILE F 133 -29.26 -8.13 59.35
N VAL F 134 -28.03 -7.70 59.67
CA VAL F 134 -26.87 -8.60 59.74
C VAL F 134 -26.16 -8.42 61.06
N GLN F 135 -25.92 -9.53 61.77
CA GLN F 135 -25.43 -9.47 63.14
C GLN F 135 -24.19 -10.31 63.39
N SER F 136 -23.51 -9.93 64.47
CA SER F 136 -22.45 -10.73 65.06
C SER F 136 -23.09 -11.83 65.89
N GLN F 137 -22.72 -13.09 65.66
CA GLN F 137 -23.29 -14.17 66.46
C GLN F 137 -22.75 -14.15 67.88
N HIS F 138 -21.59 -13.52 68.12
CA HIS F 138 -21.06 -13.38 69.47
C HIS F 138 -22.08 -12.74 70.42
N PHE F 139 -23.10 -12.06 69.88
CA PHE F 139 -24.15 -11.44 70.67
C PHE F 139 -25.53 -11.89 70.18
N GLN F 140 -26.09 -11.22 69.17
CA GLN F 140 -27.36 -11.66 68.61
C GLN F 140 -28.49 -11.78 69.64
N THR F 141 -28.28 -11.26 70.85
CA THR F 141 -29.31 -11.32 71.89
C THR F 141 -29.33 -9.97 72.60
N ILE F 142 -28.25 -9.68 73.33
CA ILE F 142 -28.02 -8.35 73.85
C ILE F 142 -27.55 -7.49 72.67
N ASN F 143 -28.08 -6.27 72.56
CA ASN F 143 -27.81 -5.41 71.40
C ASN F 143 -28.28 -6.12 70.11
N ASP F 144 -29.61 -6.20 70.00
CA ASP F 144 -30.31 -6.91 68.94
C ASP F 144 -31.37 -6.05 68.25
N ILE F 145 -31.35 -6.05 66.92
CA ILE F 145 -32.39 -5.37 66.13
C ILE F 145 -33.47 -6.37 65.78
N PRO F 146 -34.68 -6.24 66.31
CA PRO F 146 -35.80 -7.04 65.80
C PRO F 146 -36.31 -6.42 64.51
N VAL F 147 -36.90 -7.25 63.65
CA VAL F 147 -37.35 -6.76 62.35
C VAL F 147 -38.35 -5.63 62.54
N ARG F 148 -39.19 -5.73 63.59
CA ARG F 148 -40.21 -4.73 63.84
C ARG F 148 -39.63 -3.33 63.92
N ASP F 149 -38.52 -3.19 64.65
CA ASP F 149 -37.93 -1.87 64.84
C ASP F 149 -37.39 -1.31 63.54
N LEU F 150 -36.82 -2.17 62.69
CA LEU F 150 -36.40 -1.72 61.36
C LEU F 150 -37.61 -1.28 60.53
N LEU F 151 -38.68 -2.08 60.54
CA LEU F 151 -39.91 -1.68 59.86
C LEU F 151 -40.42 -0.34 60.36
N THR F 152 -40.38 -0.13 61.68
CA THR F 152 -40.77 1.16 62.23
C THR F 152 -39.90 2.28 61.69
N ALA F 153 -38.58 2.10 61.72
CA ALA F 153 -37.68 3.13 61.22
C ALA F 153 -37.91 3.41 59.75
N MET F 154 -38.17 2.35 58.97
CA MET F 154 -38.47 2.55 57.55
C MET F 154 -39.74 3.38 57.38
N SER F 155 -40.84 2.94 58.01
CA SER F 155 -42.09 3.67 57.93
C SER F 155 -41.92 5.13 58.34
N ALA F 156 -41.12 5.39 59.37
CA ALA F 156 -40.93 6.76 59.83
C ALA F 156 -40.28 7.64 58.78
N GLU F 157 -39.58 7.04 57.80
CA GLU F 157 -38.94 7.77 56.72
C GLU F 157 -39.75 7.80 55.44
N GLY F 158 -40.94 7.20 55.43
CA GLY F 158 -41.72 7.08 54.21
C GLY F 158 -41.42 5.86 53.38
N LEU F 159 -40.72 4.88 53.92
CA LEU F 159 -40.43 3.63 53.24
C LEU F 159 -41.42 2.55 53.62
N THR F 160 -41.52 1.53 52.76
CA THR F 160 -42.39 0.39 52.99
C THR F 160 -41.61 -0.89 52.71
N ALA F 161 -42.09 -2.00 53.25
CA ALA F 161 -41.41 -3.28 53.19
C ALA F 161 -42.32 -4.30 52.53
N PHE F 162 -41.73 -5.20 51.74
CA PHE F 162 -42.54 -6.21 51.07
C PHE F 162 -43.05 -7.20 52.11
N ASP F 163 -42.16 -7.64 52.99
CA ASP F 163 -42.40 -8.68 54.00
C ASP F 163 -41.44 -8.41 55.15
N GLN F 164 -41.31 -9.39 56.05
CA GLN F 164 -40.39 -9.27 57.17
C GLN F 164 -38.92 -9.23 56.75
N GLY F 165 -38.61 -9.23 55.46
CA GLY F 165 -37.23 -9.16 54.99
C GLY F 165 -36.31 -10.27 55.49
N ILE F 166 -35.02 -9.90 55.58
CA ILE F 166 -33.91 -10.80 55.86
C ILE F 166 -33.26 -10.47 57.20
N LYS F 167 -33.02 -11.48 58.03
CA LYS F 167 -32.17 -11.33 59.20
C LYS F 167 -31.10 -12.43 59.23
N ILE F 168 -29.83 -12.03 59.24
CA ILE F 168 -28.68 -12.93 59.14
C ILE F 168 -27.76 -12.80 60.34
N ALA F 169 -27.21 -13.93 60.78
CA ALA F 169 -26.09 -13.99 61.71
C ALA F 169 -24.95 -14.73 61.03
N PHE F 170 -23.84 -14.04 60.78
CA PHE F 170 -22.67 -14.69 60.21
C PHE F 170 -22.26 -15.87 61.09
N ALA F 171 -21.83 -16.96 60.45
CA ALA F 171 -21.54 -18.19 61.18
C ALA F 171 -20.42 -17.97 62.19
N ALA F 172 -20.47 -18.73 63.27
CA ALA F 172 -19.40 -18.68 64.25
C ALA F 172 -18.12 -19.16 63.59
N PRO F 173 -17.00 -18.45 63.72
CA PRO F 173 -15.77 -18.94 63.10
C PRO F 173 -15.39 -20.28 63.69
N GLY F 174 -14.91 -21.17 62.83
CA GLY F 174 -14.48 -22.47 63.30
C GLY F 174 -13.15 -22.35 63.97
N PRO F 175 -12.49 -23.47 64.21
CA PRO F 175 -11.13 -23.38 64.77
C PRO F 175 -10.14 -22.71 63.83
N ARG F 176 -10.37 -22.78 62.50
CA ARG F 176 -9.47 -22.11 61.57
C ARG F 176 -9.61 -20.59 61.56
N GLY F 177 -10.38 -19.98 62.45
CA GLY F 177 -10.55 -18.55 62.37
C GLY F 177 -11.37 -18.17 61.15
N ARG F 178 -11.30 -16.88 60.80
CA ARG F 178 -12.00 -16.34 59.65
C ARG F 178 -11.04 -16.25 58.47
N ASP F 179 -10.75 -17.39 57.86
CA ASP F 179 -9.89 -17.46 56.69
C ASP F 179 -10.71 -17.15 55.44
N THR F 180 -10.04 -17.20 54.28
CA THR F 180 -10.70 -16.84 53.03
C THR F 180 -11.95 -17.68 52.77
N THR F 181 -11.91 -18.96 53.12
CA THR F 181 -13.08 -19.80 52.89
C THR F 181 -14.26 -19.34 53.75
N TYR F 182 -14.00 -19.07 55.02
CA TYR F 182 -15.05 -18.51 55.88
C TYR F 182 -15.69 -17.31 55.20
N TRP F 183 -14.86 -16.36 54.75
CA TRP F 183 -15.39 -15.14 54.14
C TRP F 183 -16.21 -15.45 52.91
N GLN F 184 -15.76 -16.38 52.07
CA GLN F 184 -16.51 -16.69 50.86
C GLN F 184 -17.91 -17.19 51.20
N ASN F 185 -18.03 -18.13 52.14
CA ASN F 185 -19.36 -18.59 52.53
C ASN F 185 -20.20 -17.42 53.05
N VAL F 186 -19.57 -16.49 53.77
CA VAL F 186 -20.29 -15.30 54.20
C VAL F 186 -20.85 -14.57 52.98
N LYS F 187 -19.97 -14.26 52.01
CA LYS F 187 -20.41 -13.60 50.79
C LYS F 187 -21.49 -14.41 50.08
N ASP F 188 -21.25 -15.72 49.90
CA ASP F 188 -22.25 -16.58 49.28
C ASP F 188 -23.59 -16.47 50.01
N SER F 189 -23.54 -16.53 51.35
CA SER F 189 -24.76 -16.49 52.15
C SER F 189 -25.58 -15.24 51.87
N VAL F 190 -24.93 -14.08 51.86
CA VAL F 190 -25.64 -12.83 51.59
C VAL F 190 -26.26 -12.85 50.21
N GLN F 191 -25.40 -13.00 49.19
CA GLN F 191 -25.89 -12.97 47.81
C GLN F 191 -26.98 -13.99 47.57
N TYR F 192 -26.84 -15.17 48.20
CA TYR F 192 -27.86 -16.21 48.08
C TYR F 192 -29.24 -15.65 48.47
N GLU F 193 -29.34 -15.12 49.70
CA GLU F 193 -30.62 -14.58 50.16
C GLU F 193 -31.11 -13.49 49.22
N LEU F 194 -30.21 -12.69 48.66
CA LEU F 194 -30.61 -11.62 47.74
C LEU F 194 -31.15 -12.20 46.45
N GLU F 195 -30.45 -13.18 45.87
CA GLU F 195 -30.95 -13.82 44.66
C GLU F 195 -32.33 -14.41 44.88
N GLN F 196 -32.56 -14.98 46.06
CA GLN F 196 -33.87 -15.55 46.36
C GLN F 196 -34.95 -14.48 46.35
N GLN F 197 -34.62 -13.24 46.73
CA GLN F 197 -35.63 -12.20 46.74
C GLN F 197 -36.03 -11.80 45.34
N LEU F 198 -35.10 -11.89 44.39
CA LEU F 198 -35.42 -11.55 43.01
C LEU F 198 -36.27 -12.62 42.35
N LYS F 199 -36.07 -13.88 42.74
CA LYS F 199 -36.87 -14.98 42.19
C LYS F 199 -38.24 -15.10 42.84
N ARG F 200 -38.37 -14.64 44.09
CA ARG F 200 -39.68 -14.62 44.75
C ARG F 200 -40.58 -13.55 44.13
N ARG F 201 -40.02 -12.34 44.03
CA ARG F 201 -40.77 -11.18 43.49
C ARG F 201 -41.13 -11.46 42.04
N GLY F 202 -40.27 -12.18 41.34
CA GLY F 202 -40.49 -12.47 39.92
C GLY F 202 -40.24 -11.27 39.04
N GLY F 203 -39.29 -10.42 39.41
CA GLY F 203 -38.91 -9.28 38.55
C GLY F 203 -38.61 -9.80 37.17
N THR F 204 -39.26 -9.26 36.12
CA THR F 204 -39.07 -9.74 34.72
C THR F 204 -37.60 -9.57 34.37
N TYR F 205 -37.07 -8.36 34.49
CA TYR F 205 -35.64 -8.10 34.17
C TYR F 205 -35.18 -6.70 34.50
N GLY F 206 -34.20 -6.51 35.39
CA GLY F 206 -33.51 -5.25 35.54
C GLY F 206 -34.06 -4.24 36.51
N ASP F 207 -34.81 -4.66 37.52
CA ASP F 207 -35.42 -3.72 38.47
C ASP F 207 -35.29 -4.28 39.89
N SER F 208 -34.08 -4.71 40.22
CA SER F 208 -33.78 -5.19 41.56
C SER F 208 -34.23 -4.19 42.62
N PRO F 209 -34.84 -4.65 43.72
CA PRO F 209 -35.35 -3.72 44.73
C PRO F 209 -34.24 -3.06 45.52
N ALA F 210 -34.63 -2.03 46.28
CA ALA F 210 -33.72 -1.31 47.16
C ALA F 210 -33.57 -2.05 48.49
N LEU F 211 -32.46 -1.80 49.18
CA LEU F 211 -32.12 -2.48 50.42
C LEU F 211 -32.10 -1.49 51.59
N ALA F 212 -32.99 -1.71 52.56
CA ALA F 212 -32.90 -1.07 53.86
C ALA F 212 -32.03 -1.95 54.75
N VAL F 213 -30.73 -1.64 54.82
CA VAL F 213 -29.74 -2.52 55.41
C VAL F 213 -29.17 -1.88 56.68
N VAL F 214 -28.95 -2.71 57.70
CA VAL F 214 -28.29 -2.30 58.94
C VAL F 214 -27.41 -3.45 59.40
N GLY F 215 -26.28 -3.11 60.00
CA GLY F 215 -25.31 -4.11 60.40
C GLY F 215 -24.84 -3.92 61.83
N LEU F 216 -24.47 -5.04 62.46
CA LEU F 216 -24.02 -5.07 63.85
C LEU F 216 -22.88 -6.09 63.98
N ALA F 217 -21.73 -5.78 63.39
CA ALA F 217 -20.58 -6.65 63.51
C ALA F 217 -19.29 -5.84 63.49
N ASP F 218 -18.17 -6.54 63.53
CA ASP F 218 -16.86 -5.92 63.36
C ASP F 218 -16.73 -5.40 61.93
N ILE F 219 -15.73 -4.52 61.75
CA ILE F 219 -15.58 -3.86 60.44
C ILE F 219 -15.40 -4.86 59.32
N PRO F 220 -14.45 -5.80 59.37
CA PRO F 220 -14.30 -6.73 58.25
C PRO F 220 -15.61 -7.38 57.87
N ALA F 221 -16.37 -7.86 58.85
CA ALA F 221 -17.65 -8.48 58.57
C ALA F 221 -18.56 -7.52 57.82
N LEU F 222 -18.75 -6.31 58.35
CA LEU F 222 -19.64 -5.34 57.71
C LEU F 222 -19.12 -4.95 56.33
N MET F 223 -17.80 -4.75 56.22
CA MET F 223 -17.22 -4.52 54.90
C MET F 223 -17.55 -5.66 53.94
N MET F 224 -17.45 -6.89 54.42
CA MET F 224 -17.78 -8.04 53.57
C MET F 224 -19.24 -8.01 53.17
N LEU F 225 -20.13 -7.62 54.09
CA LEU F 225 -21.52 -7.35 53.72
C LEU F 225 -21.57 -6.32 52.61
N GLY F 226 -20.77 -5.26 52.72
CA GLY F 226 -20.72 -4.26 51.66
C GLY F 226 -20.32 -4.84 50.32
N GLN F 227 -19.28 -5.68 50.32
CA GLN F 227 -18.88 -6.36 49.09
C GLN F 227 -20.03 -7.14 48.49
N SER F 228 -20.83 -7.79 49.34
CA SER F 228 -21.87 -8.68 48.85
C SER F 228 -22.97 -7.92 48.10
N ILE F 229 -23.45 -6.81 48.65
CA ILE F 229 -24.52 -6.08 48.00
C ILE F 229 -24.01 -5.34 46.77
N GLY F 230 -22.77 -4.87 46.82
CA GLY F 230 -22.14 -4.26 45.67
C GLY F 230 -22.41 -2.77 45.56
N ASP F 231 -21.49 -2.09 44.87
CA ASP F 231 -21.56 -0.65 44.74
C ASP F 231 -22.82 -0.20 44.00
N ARG F 232 -23.25 -0.98 43.02
CA ARG F 232 -24.35 -0.61 42.14
C ARG F 232 -25.73 -0.90 42.74
N SER F 233 -25.81 -1.31 44.00
CA SER F 233 -27.09 -1.58 44.63
C SER F 233 -27.75 -0.30 45.11
N LYS F 234 -29.08 -0.29 45.08
CA LYS F 234 -29.86 0.81 45.63
C LYS F 234 -29.98 0.60 47.14
N ARG F 235 -29.00 1.12 47.87
CA ARG F 235 -28.87 0.89 49.32
C ARG F 235 -29.31 2.12 50.10
N LEU F 236 -30.17 1.89 51.10
CA LEU F 236 -30.61 2.90 52.06
C LEU F 236 -30.15 2.41 53.43
N ILE F 237 -29.00 2.88 53.89
CA ILE F 237 -28.33 2.32 55.06
C ILE F 237 -28.92 2.93 56.33
N PHE F 238 -29.00 2.13 57.40
CA PHE F 238 -29.43 2.58 58.71
C PHE F 238 -28.32 2.40 59.74
N SER F 239 -28.42 3.13 60.85
CA SER F 239 -27.41 3.13 61.90
C SER F 239 -28.04 2.87 63.26
N PHE F 240 -27.42 1.96 64.02
CA PHE F 240 -27.86 1.56 65.35
C PHE F 240 -27.03 2.24 66.43
N HIS F 241 -27.71 2.98 67.29
CA HIS F 241 -27.28 3.72 68.42
C HIS F 241 -28.00 3.16 69.61
N ARG F 242 -27.32 2.63 70.62
CA ARG F 242 -28.03 1.96 71.74
C ARG F 242 -29.08 2.89 72.33
N GLU F 243 -28.78 4.17 72.40
CA GLU F 243 -29.69 5.16 73.01
C GLU F 243 -30.91 5.37 72.13
N HIS F 244 -30.74 5.73 70.87
CA HIS F 244 -31.86 6.10 69.98
C HIS F 244 -32.32 4.93 69.14
N LEU F 245 -31.68 3.77 69.24
CA LEU F 245 -31.94 2.61 68.36
C LEU F 245 -31.74 3.07 66.92
N LEU F 246 -32.58 2.74 65.94
CA LEU F 246 -32.33 2.97 64.52
C LEU F 246 -32.75 4.38 64.13
N ARG F 247 -33.26 5.14 65.08
CA ARG F 247 -33.73 6.50 64.81
C ARG F 247 -32.50 7.34 64.56
N TRP F 248 -32.60 8.28 63.63
CA TRP F 248 -31.46 9.13 63.25
C TRP F 248 -31.29 10.20 64.32
N PRO F 249 -30.11 10.37 64.93
CA PRO F 249 -29.88 11.49 65.83
C PRO F 249 -30.39 12.86 65.40
N ASP F 250 -29.99 13.34 64.22
CA ASP F 250 -30.31 14.73 63.87
C ASP F 250 -30.33 14.86 62.35
N GLN F 251 -31.51 14.75 61.77
CA GLN F 251 -31.61 14.77 60.31
C GLN F 251 -31.21 16.11 59.72
N SER F 252 -31.26 17.20 60.51
CA SER F 252 -30.94 18.53 60.00
C SER F 252 -29.44 18.82 59.95
N ALA F 253 -28.64 18.10 60.72
CA ALA F 253 -27.20 18.38 60.78
C ALA F 253 -26.55 18.32 59.42
N GLU F 254 -25.58 19.24 59.19
CA GLU F 254 -24.80 19.20 57.96
C GLU F 254 -23.70 18.15 58.05
N PRO F 255 -23.46 17.37 56.99
CA PRO F 255 -22.41 16.38 57.05
C PRO F 255 -21.08 17.03 57.37
N PRO F 256 -20.19 16.31 58.05
CA PRO F 256 -18.85 16.85 58.29
C PRO F 256 -18.01 16.81 57.03
N SER F 257 -16.93 17.57 57.04
CA SER F 257 -15.94 17.52 55.97
C SER F 257 -14.99 16.36 56.19
N PHE F 258 -14.56 15.76 55.08
CA PHE F 258 -13.63 14.63 55.10
C PHE F 258 -12.25 15.12 54.66
N LEU F 259 -11.32 15.14 55.61
CA LEU F 259 -10.00 15.71 55.41
C LEU F 259 -9.06 14.62 54.90
N PHE F 260 -8.56 14.78 53.68
CA PHE F 260 -7.68 13.79 53.07
C PHE F 260 -6.24 14.26 53.18
N THR F 261 -5.35 13.36 53.59
CA THR F 261 -3.92 13.65 53.69
C THR F 261 -3.22 12.66 52.76
N PRO F 262 -2.83 13.06 51.56
CA PRO F 262 -2.24 12.12 50.62
C PRO F 262 -0.92 11.55 51.12
N PRO F 263 -0.46 10.45 50.54
CA PRO F 263 0.74 9.77 51.06
C PRO F 263 2.00 10.38 50.50
N PRO F 264 3.13 10.19 51.16
CA PRO F 264 4.40 10.58 50.56
C PRO F 264 4.77 9.67 49.40
N ASN F 265 5.57 10.21 48.49
CA ASN F 265 6.05 9.44 47.35
C ASN F 265 7.16 8.50 47.77
N GLY F 266 7.26 7.37 47.07
CA GLY F 266 8.26 6.38 47.38
C GLY F 266 7.85 5.01 46.90
N ASP F 267 8.62 4.01 47.31
CA ASP F 267 8.36 2.62 46.98
C ASP F 267 7.79 1.81 48.13
N GLY F 268 7.61 2.40 49.31
CA GLY F 268 7.07 1.68 50.43
C GLY F 268 5.64 1.25 50.18
N PRO F 269 5.13 0.34 51.01
CA PRO F 269 3.74 -0.12 50.83
C PRO F 269 2.74 0.97 51.15
N LEU F 270 1.76 1.15 50.28
CA LEU F 270 0.75 2.19 50.44
C LEU F 270 -0.30 1.76 51.45
N ALA F 271 -0.61 2.65 52.39
CA ALA F 271 -1.56 2.37 53.45
C ALA F 271 -2.60 3.48 53.53
N LEU F 272 -3.86 3.09 53.70
CA LEU F 272 -4.97 4.03 53.85
C LEU F 272 -5.49 3.93 55.28
N VAL F 273 -5.57 5.08 55.95
CA VAL F 273 -6.04 5.15 57.34
C VAL F 273 -7.33 5.95 57.37
N LEU F 274 -8.35 5.38 58.00
CA LEU F 274 -9.64 6.06 58.19
C LEU F 274 -9.78 6.35 59.67
N SER F 275 -9.60 7.61 60.03
CA SER F 275 -9.67 8.08 61.42
C SER F 275 -10.96 8.86 61.53
N ILE F 276 -12.05 8.17 61.79
CA ILE F 276 -13.37 8.78 61.88
C ILE F 276 -14.00 8.55 63.25
N SER F 277 -14.08 7.30 63.68
CA SER F 277 -14.50 7.01 65.04
C SER F 277 -13.46 7.49 66.04
N ALA F 278 -12.18 7.37 65.69
CA ALA F 278 -11.08 7.73 66.58
C ALA F 278 -9.87 8.02 65.70
N GLN F 279 -8.78 8.44 66.34
CA GLN F 279 -7.52 8.67 65.66
C GLN F 279 -6.71 7.39 65.69
N VAL F 280 -6.37 6.87 64.52
CA VAL F 280 -5.63 5.60 64.42
C VAL F 280 -4.16 5.87 64.75
N PRO F 281 -3.59 5.21 65.76
CA PRO F 281 -2.17 5.45 66.09
C PRO F 281 -1.24 4.97 64.99
N VAL F 282 -0.41 5.88 64.49
CA VAL F 282 0.56 5.53 63.46
C VAL F 282 1.52 4.46 63.99
N ARG F 283 1.77 4.46 65.31
CA ARG F 283 2.66 3.44 65.86
C ARG F 283 2.15 2.04 65.57
N ASP F 284 0.83 1.85 65.65
CA ASP F 284 0.25 0.54 65.38
C ASP F 284 0.32 0.19 63.90
N VAL F 285 0.17 1.19 63.03
CA VAL F 285 0.23 0.93 61.59
C VAL F 285 1.63 0.47 61.20
N THR F 286 2.64 1.28 61.47
CA THR F 286 4.00 0.95 61.04
C THR F 286 4.47 -0.35 61.70
N ASP F 287 4.07 -0.59 62.95
CA ASP F 287 4.44 -1.83 63.62
C ASP F 287 3.80 -3.03 62.93
N ALA F 288 2.56 -2.88 62.46
CA ALA F 288 1.91 -3.99 61.75
C ALA F 288 2.32 -4.03 60.29
N LEU F 289 2.68 -2.89 59.72
CA LEU F 289 3.05 -2.77 58.31
C LEU F 289 4.31 -1.93 58.24
N PRO F 290 5.48 -2.58 58.22
CA PRO F 290 6.74 -1.80 58.18
C PRO F 290 6.85 -0.95 56.93
N GLY F 291 7.33 0.28 57.12
CA GLY F 291 7.61 1.18 56.01
C GLY F 291 6.39 1.69 55.28
N ALA F 292 5.24 1.76 55.93
CA ALA F 292 4.01 2.15 55.27
C ALA F 292 4.03 3.62 54.88
N ARG F 293 3.71 3.89 53.61
CA ARG F 293 3.46 5.25 53.13
C ARG F 293 1.99 5.56 53.42
N ILE F 294 1.74 6.35 54.45
CA ILE F 294 0.42 6.46 55.05
C ILE F 294 -0.35 7.58 54.37
N ALA F 295 -1.41 7.23 53.65
CA ALA F 295 -2.48 8.15 53.31
C ALA F 295 -3.57 8.07 54.36
N GLU F 296 -4.22 9.21 54.62
CA GLU F 296 -5.22 9.25 55.67
C GLU F 296 -6.46 10.02 55.23
N LEU F 297 -7.62 9.46 55.55
CA LEU F 297 -8.91 10.13 55.43
C LEU F 297 -9.50 10.23 56.83
N SER F 298 -9.95 11.42 57.20
CA SER F 298 -10.45 11.67 58.54
C SER F 298 -11.49 12.78 58.50
N ILE F 299 -12.13 12.98 59.64
CA ILE F 299 -13.02 14.13 59.82
C ILE F 299 -12.38 15.06 60.85
N PRO F 300 -12.80 16.32 60.92
CA PRO F 300 -12.16 17.25 61.86
C PRO F 300 -12.14 16.78 63.31
N GLU F 301 -13.27 16.29 63.82
CA GLU F 301 -13.43 15.90 65.21
C GLU F 301 -13.83 14.43 65.26
N PRO F 302 -12.88 13.51 65.28
CA PRO F 302 -13.23 12.09 65.36
C PRO F 302 -14.23 11.86 66.49
N SER F 303 -15.30 11.13 66.17
CA SER F 303 -16.39 10.93 67.11
C SER F 303 -17.00 9.56 66.90
N TYR F 304 -17.42 8.94 67.99
CA TYR F 304 -18.07 7.65 67.93
C TYR F 304 -19.52 7.76 67.43
N ALA F 305 -20.15 8.92 67.64
CA ALA F 305 -21.55 9.15 67.33
C ALA F 305 -21.76 10.02 66.09
N MET F 306 -20.79 10.03 65.17
CA MET F 306 -20.80 11.00 64.07
C MET F 306 -21.85 10.72 62.99
N VAL F 307 -22.52 9.58 63.00
CA VAL F 307 -23.54 9.28 61.95
C VAL F 307 -24.85 9.90 62.43
N GLN F 308 -25.00 11.20 62.17
CA GLN F 308 -26.20 11.91 62.59
C GLN F 308 -27.39 11.63 61.67
N ASN F 309 -27.14 11.38 60.40
CA ASN F 309 -28.22 11.09 59.46
C ASN F 309 -27.63 10.47 58.21
N ARG F 310 -28.50 9.92 57.36
CA ARG F 310 -28.03 9.18 56.20
C ARG F 310 -27.16 10.04 55.28
N ARG F 311 -27.45 11.33 55.16
CA ARG F 311 -26.63 12.16 54.28
C ARG F 311 -25.15 12.08 54.66
N VAL F 312 -24.85 11.93 55.96
CA VAL F 312 -23.47 11.75 56.38
C VAL F 312 -22.86 10.55 55.66
N ILE F 313 -23.58 9.44 55.61
CA ILE F 313 -23.06 8.24 54.96
C ILE F 313 -22.75 8.53 53.51
N HIS F 314 -23.69 9.14 52.80
CA HIS F 314 -23.44 9.54 51.41
C HIS F 314 -22.24 10.45 51.29
N ALA F 315 -22.11 11.43 52.19
CA ALA F 315 -20.93 12.29 52.19
C ALA F 315 -19.65 11.45 52.26
N PHE F 316 -19.60 10.53 53.21
CA PHE F 316 -18.49 9.58 53.27
C PHE F 316 -18.23 8.96 51.91
N ARG F 317 -19.28 8.38 51.32
CA ARG F 317 -19.18 7.76 50.00
C ARG F 317 -18.58 8.73 48.97
N ASP F 318 -19.28 9.83 48.71
CA ASP F 318 -18.85 10.77 47.68
C ASP F 318 -17.38 11.14 47.87
N ALA F 319 -16.98 11.46 49.09
CA ALA F 319 -15.59 11.81 49.36
C ALA F 319 -14.66 10.63 49.07
N LEU F 320 -14.89 9.49 49.74
CA LEU F 320 -13.99 8.36 49.61
C LEU F 320 -13.93 7.87 48.17
N GLN F 321 -15.09 7.82 47.51
CA GLN F 321 -15.21 7.38 46.13
C GLN F 321 -14.13 8.02 45.26
N ILE F 322 -13.86 9.31 45.49
CA ILE F 322 -12.83 10.02 44.74
C ILE F 322 -11.43 9.52 45.12
N ARG F 323 -11.09 9.58 46.40
CA ARG F 323 -9.71 9.32 46.81
C ARG F 323 -9.21 7.95 46.36
N LEU F 324 -10.08 6.95 46.37
CA LEU F 324 -9.65 5.62 45.94
C LEU F 324 -9.20 5.66 44.48
N SER F 325 -9.97 6.35 43.63
CA SER F 325 -9.56 6.50 42.24
C SER F 325 -8.18 7.12 42.16
N GLN F 326 -7.92 8.10 43.03
CA GLN F 326 -6.61 8.75 43.09
C GLN F 326 -5.50 7.80 43.52
N LEU F 327 -5.71 7.08 44.63
CA LEU F 327 -4.62 6.28 45.19
C LEU F 327 -4.24 5.13 44.26
N GLU F 328 -5.24 4.51 43.63
CA GLU F 328 -4.97 3.39 42.73
C GLU F 328 -4.05 3.80 41.59
N ALA F 329 -4.08 5.07 41.19
CA ALA F 329 -3.17 5.54 40.15
C ALA F 329 -1.74 5.63 40.65
N LEU F 330 -1.53 5.75 41.96
CA LEU F 330 -0.21 5.99 42.51
C LEU F 330 0.61 4.71 42.73
N THR F 331 0.05 3.53 42.45
CA THR F 331 0.80 2.29 42.58
C THR F 331 -0.02 1.14 41.98
N PRO F 332 0.62 0.08 41.46
CA PRO F 332 -0.12 -1.13 41.10
C PRO F 332 -0.29 -2.08 42.28
N ASP F 333 0.37 -1.81 43.39
CA ASP F 333 0.40 -2.74 44.50
C ASP F 333 -0.78 -2.53 45.44
N PRO F 334 -1.07 -3.52 46.28
CA PRO F 334 -2.27 -3.46 47.11
C PRO F 334 -2.25 -2.26 48.04
N ILE F 335 -3.45 -1.84 48.41
CA ILE F 335 -3.66 -0.74 49.36
C ILE F 335 -4.00 -1.37 50.70
N HIS F 336 -3.23 -1.02 51.73
CA HIS F 336 -3.39 -1.59 53.06
C HIS F 336 -4.27 -0.65 53.87
N VAL F 337 -5.38 -1.18 54.39
CA VAL F 337 -6.47 -0.39 54.95
C VAL F 337 -6.47 -0.58 56.46
N PHE F 338 -6.39 0.54 57.19
CA PHE F 338 -6.48 0.55 58.64
C PHE F 338 -7.59 1.52 59.00
N ALA F 339 -8.72 1.00 59.49
CA ALA F 339 -9.95 1.75 59.59
C ALA F 339 -10.48 1.80 61.01
N ALA F 340 -10.94 2.99 61.41
CA ALA F 340 -11.68 3.21 62.66
C ALA F 340 -12.94 3.96 62.27
N ILE F 341 -13.99 3.22 61.89
CA ILE F 341 -15.19 3.83 61.33
C ILE F 341 -16.44 3.23 61.96
N PRO F 342 -17.55 3.96 62.03
CA PRO F 342 -18.79 3.40 62.55
C PRO F 342 -19.30 2.27 61.65
N ALA F 343 -20.22 1.48 62.21
CA ALA F 343 -20.79 0.36 61.49
C ALA F 343 -21.29 0.79 60.10
N ALA F 344 -22.16 1.80 60.06
CA ALA F 344 -22.80 2.19 58.81
C ALA F 344 -21.77 2.47 57.71
N LEU F 345 -20.67 3.13 58.06
CA LEU F 345 -19.68 3.47 57.04
C LEU F 345 -18.92 2.22 56.57
N ALA F 346 -18.65 1.28 57.48
CA ALA F 346 -17.98 0.05 57.08
C ALA F 346 -18.75 -0.65 55.96
N ILE F 347 -20.08 -0.63 56.02
CA ILE F 347 -20.88 -1.21 54.95
C ILE F 347 -20.60 -0.48 53.65
N GLU F 348 -20.81 0.85 53.64
CA GLU F 348 -20.60 1.65 52.45
C GLU F 348 -19.20 1.42 51.87
N PHE F 349 -18.18 1.47 52.73
CA PHE F 349 -16.81 1.22 52.29
C PHE F 349 -16.69 -0.09 51.54
N GLY F 350 -17.26 -1.16 52.10
CA GLY F 350 -17.19 -2.45 51.43
C GLY F 350 -17.85 -2.46 50.07
N ALA F 351 -18.97 -1.74 49.95
CA ALA F 351 -19.68 -1.67 48.66
C ALA F 351 -18.86 -0.91 47.63
N LEU F 352 -18.32 0.25 48.01
CA LEU F 352 -17.53 1.07 47.09
C LEU F 352 -16.42 0.29 46.42
N LEU F 353 -15.71 -0.54 47.18
CA LEU F 353 -14.53 -1.24 46.67
C LEU F 353 -14.82 -2.19 45.53
N THR F 354 -16.09 -2.49 45.24
CA THR F 354 -16.41 -3.38 44.12
C THR F 354 -16.09 -2.72 42.77
N THR F 355 -16.40 -1.43 42.61
CA THR F 355 -16.08 -0.76 41.35
C THR F 355 -14.59 -0.51 41.15
N GLN F 356 -13.75 -0.77 42.15
CA GLN F 356 -12.31 -0.62 42.03
C GLN F 356 -11.77 -1.88 41.33
N HIS F 357 -12.40 -2.24 40.22
CA HIS F 357 -12.27 -3.52 39.54
C HIS F 357 -10.92 -4.22 39.60
N GLN F 358 -9.87 -3.57 39.12
CA GLN F 358 -8.57 -4.24 39.03
C GLN F 358 -7.87 -4.37 40.36
N HIS F 359 -8.10 -3.46 41.30
CA HIS F 359 -7.14 -3.29 42.37
C HIS F 359 -7.42 -4.17 43.58
N THR F 360 -6.34 -4.48 44.31
CA THR F 360 -6.37 -5.32 45.49
C THR F 360 -6.29 -4.46 46.74
N TYR F 361 -7.17 -4.73 47.71
CA TYR F 361 -7.16 -4.07 49.01
C TYR F 361 -6.99 -5.14 50.09
N LEU F 362 -6.11 -4.88 51.03
CA LEU F 362 -5.89 -5.77 52.17
C LEU F 362 -6.37 -5.06 53.42
N ILE F 363 -7.28 -5.70 54.14
CA ILE F 363 -7.96 -5.10 55.29
C ILE F 363 -7.32 -5.61 56.57
N PHE F 364 -6.89 -4.69 57.42
CA PHE F 364 -6.29 -5.01 58.71
C PHE F 364 -7.26 -4.70 59.83
N ASP F 365 -7.28 -5.55 60.84
CA ASP F 365 -8.14 -5.36 61.99
C ASP F 365 -7.39 -5.70 63.27
N ARG F 366 -7.82 -5.07 64.37
CA ARG F 366 -7.26 -5.36 65.69
C ARG F 366 -7.44 -6.83 66.04
N ASP F 367 -6.37 -7.45 66.55
CA ASP F 367 -6.40 -8.83 67.03
C ASP F 367 -6.23 -8.80 68.55
N LYS F 368 -7.30 -9.14 69.28
CA LYS F 368 -7.24 -9.07 70.74
C LYS F 368 -6.23 -10.06 71.32
N GLU F 369 -6.05 -11.22 70.69
CA GLU F 369 -5.12 -12.20 71.24
C GLU F 369 -3.66 -11.83 70.99
N ASN F 370 -3.40 -10.81 70.20
CA ASN F 370 -2.05 -10.30 69.96
C ASN F 370 -1.92 -8.88 70.49
N GLN F 371 -2.53 -8.62 71.64
CA GLN F 371 -2.50 -7.31 72.30
C GLN F 371 -3.09 -6.23 71.39
N ASP F 372 -4.18 -6.56 70.72
CA ASP F 372 -4.92 -5.60 69.90
C ASP F 372 -4.06 -5.02 68.79
N ARG F 373 -3.07 -5.79 68.34
CA ARG F 373 -2.26 -5.38 67.19
C ARG F 373 -3.01 -5.56 65.89
N PHE F 374 -2.73 -4.65 64.94
CA PHE F 374 -3.29 -4.78 63.60
C PHE F 374 -2.72 -6.00 62.88
N THR F 375 -3.60 -6.78 62.26
CA THR F 375 -3.20 -7.94 61.48
C THR F 375 -4.10 -8.02 60.25
N GLN F 376 -3.53 -8.41 59.11
CA GLN F 376 -4.33 -8.61 57.92
C GLN F 376 -5.40 -9.64 58.21
N THR F 377 -6.66 -9.25 58.00
CA THR F 377 -7.80 -10.12 58.25
C THR F 377 -8.53 -10.50 56.99
N LEU F 378 -8.46 -9.66 55.96
CA LEU F 378 -9.30 -9.83 54.77
C LEU F 378 -8.59 -9.33 53.53
N GLN F 379 -8.69 -10.09 52.44
CA GLN F 379 -8.16 -9.70 51.14
C GLN F 379 -9.31 -9.57 50.14
N LEU F 380 -9.38 -8.40 49.51
CA LEU F 380 -10.43 -8.07 48.56
C LEU F 380 -9.79 -7.85 47.19
N GLY F 381 -10.23 -8.62 46.20
CA GLY F 381 -9.63 -8.57 44.88
C GLY F 381 -8.20 -9.08 44.87
N PHE G 14 -36.16 -55.32 -27.92
CA PHE G 14 -36.70 -56.33 -28.82
C PHE G 14 -35.91 -57.63 -28.70
N ASN G 15 -36.63 -58.76 -28.78
CA ASN G 15 -36.01 -60.08 -28.67
C ASN G 15 -35.36 -60.44 -30.02
N THR G 16 -34.27 -59.72 -30.30
CA THR G 16 -33.66 -59.76 -31.62
C THR G 16 -33.30 -61.19 -32.01
N ASN G 17 -33.43 -61.48 -33.32
CA ASN G 17 -33.21 -62.82 -33.85
C ASN G 17 -31.71 -63.12 -34.01
N ASP G 18 -31.40 -64.41 -34.18
CA ASP G 18 -30.01 -64.85 -34.21
C ASP G 18 -29.29 -64.35 -35.46
N GLU G 19 -29.96 -64.31 -36.61
CA GLU G 19 -29.27 -63.89 -37.83
C GLU G 19 -28.79 -62.45 -37.72
N THR G 20 -29.62 -61.56 -37.16
CA THR G 20 -29.19 -60.17 -36.94
C THR G 20 -28.03 -60.11 -35.96
N LYS G 21 -28.06 -60.95 -34.92
CA LYS G 21 -26.91 -61.02 -34.01
C LYS G 21 -25.64 -61.33 -34.77
N ARG G 22 -25.70 -62.26 -35.73
CA ARG G 22 -24.49 -62.62 -36.46
C ARG G 22 -23.88 -61.42 -37.17
N ILE G 23 -24.71 -60.57 -37.78
CA ILE G 23 -24.17 -59.43 -38.51
C ILE G 23 -23.54 -58.43 -37.55
N VAL G 24 -24.25 -58.13 -36.45
CA VAL G 24 -23.75 -57.16 -35.48
C VAL G 24 -22.45 -57.66 -34.85
N TRP G 25 -22.41 -58.93 -34.47
CA TRP G 25 -21.17 -59.49 -33.95
C TRP G 25 -20.02 -59.29 -34.93
N THR G 26 -20.29 -59.41 -36.23
CA THR G 26 -19.25 -59.27 -37.23
C THR G 26 -18.75 -57.83 -37.32
N GLN G 27 -19.64 -56.88 -37.62
CA GLN G 27 -19.22 -55.51 -37.85
C GLN G 27 -18.56 -54.90 -36.63
N THR G 28 -18.88 -55.39 -35.43
CA THR G 28 -18.25 -54.92 -34.21
C THR G 28 -17.05 -55.76 -33.78
N ALA G 29 -16.73 -56.83 -34.51
CA ALA G 29 -15.61 -57.71 -34.18
C ALA G 29 -15.73 -58.33 -32.79
N GLY G 30 -16.94 -58.51 -32.30
CA GLY G 30 -17.15 -59.28 -31.09
C GLY G 30 -16.55 -58.69 -29.83
N HIS G 31 -16.47 -57.36 -29.74
CA HIS G 31 -16.04 -56.68 -28.54
C HIS G 31 -17.14 -55.77 -28.02
N CYS G 32 -17.20 -55.60 -26.70
CA CYS G 32 -18.11 -54.65 -26.11
C CYS G 32 -17.64 -53.24 -26.47
N GLU G 33 -18.50 -52.48 -27.13
CA GLU G 33 -18.08 -51.19 -27.66
C GLU G 33 -17.74 -50.19 -26.56
N LEU G 34 -18.30 -50.33 -25.37
CA LEU G 34 -18.09 -49.33 -24.34
C LEU G 34 -16.89 -49.60 -23.43
N CYS G 35 -16.55 -50.85 -23.16
CA CYS G 35 -15.45 -51.16 -22.25
C CYS G 35 -14.30 -51.88 -22.93
N GLY G 36 -14.53 -52.49 -24.08
CA GLY G 36 -13.46 -53.04 -24.88
C GLY G 36 -13.16 -54.50 -24.65
N THR G 37 -13.97 -55.20 -23.87
CA THR G 37 -13.70 -56.61 -23.58
C THR G 37 -13.93 -57.47 -24.80
N ASP G 38 -12.99 -58.41 -25.03
CA ASP G 38 -13.14 -59.40 -26.08
C ASP G 38 -14.20 -60.42 -25.63
N LEU G 39 -15.30 -60.51 -26.36
CA LEU G 39 -16.42 -61.36 -25.99
C LEU G 39 -16.30 -62.79 -26.50
N THR G 40 -15.23 -63.14 -27.22
CA THR G 40 -15.09 -64.47 -27.78
C THR G 40 -14.64 -65.53 -26.80
N PHE G 41 -14.24 -65.16 -25.58
CA PHE G 41 -13.61 -66.15 -24.71
C PHE G 41 -14.47 -67.22 -24.05
N ASP G 42 -15.69 -67.49 -24.51
CA ASP G 42 -16.16 -68.86 -24.31
C ASP G 42 -15.54 -69.79 -25.34
N TYR G 43 -14.97 -69.23 -26.40
CA TYR G 43 -14.11 -69.94 -27.34
C TYR G 43 -12.70 -69.97 -26.72
N ARG G 44 -11.75 -70.57 -27.43
CA ARG G 44 -10.42 -70.94 -26.95
C ARG G 44 -10.65 -72.09 -25.95
N ALA G 45 -11.68 -71.95 -25.11
CA ALA G 45 -12.30 -73.06 -24.41
C ALA G 45 -13.29 -73.66 -25.43
N GLY G 46 -14.20 -74.54 -25.00
CA GLY G 46 -15.10 -75.11 -26.00
C GLY G 46 -16.58 -74.77 -25.96
N LYS G 47 -16.95 -73.53 -25.60
CA LYS G 47 -18.35 -73.16 -25.47
C LYS G 47 -18.80 -72.12 -26.50
N PRO G 48 -20.05 -72.23 -27.01
CA PRO G 48 -20.52 -71.27 -28.03
C PRO G 48 -20.84 -69.87 -27.55
N MET G 49 -21.16 -69.01 -28.52
CA MET G 49 -21.29 -67.57 -28.34
C MET G 49 -22.70 -67.17 -27.89
N LYS G 50 -22.93 -67.30 -26.58
CA LYS G 50 -24.20 -66.97 -25.94
C LYS G 50 -24.18 -65.78 -24.99
N TRP G 51 -23.01 -65.25 -24.65
CA TRP G 51 -22.90 -64.23 -23.60
C TRP G 51 -23.41 -62.82 -23.84
N GLY G 52 -22.79 -62.08 -24.76
CA GLY G 52 -23.07 -60.66 -24.93
C GLY G 52 -24.43 -60.33 -25.53
N GLU G 53 -24.88 -59.09 -25.26
CA GLU G 53 -26.18 -58.58 -25.68
C GLU G 53 -26.09 -57.30 -26.52
N VAL G 54 -27.15 -57.05 -27.28
CA VAL G 54 -27.29 -55.92 -28.19
C VAL G 54 -28.26 -54.86 -27.68
N ALA G 55 -27.92 -53.59 -27.92
CA ALA G 55 -28.81 -52.48 -27.61
C ALA G 55 -29.05 -51.67 -28.88
N HIS G 56 -30.23 -51.06 -28.98
CA HIS G 56 -30.41 -50.07 -30.01
C HIS G 56 -29.71 -48.81 -29.52
N ILE G 57 -29.35 -47.93 -30.43
CA ILE G 57 -28.53 -46.79 -30.08
C ILE G 57 -29.38 -45.55 -29.82
N LEU G 58 -30.25 -45.29 -30.69
CA LEU G 58 -31.01 -44.06 -30.61
C LEU G 58 -32.31 -44.27 -29.85
N PRO G 59 -32.76 -43.28 -29.09
CA PRO G 59 -34.10 -43.37 -28.52
C PRO G 59 -35.14 -43.46 -29.64
N ALA G 60 -36.24 -44.14 -29.34
CA ALA G 60 -37.28 -44.35 -30.33
C ALA G 60 -38.09 -43.09 -30.54
N SER G 61 -38.41 -42.80 -31.80
CA SER G 61 -39.14 -41.60 -32.16
C SER G 61 -40.49 -41.53 -31.45
N ASN G 78 -34.52 -54.06 -40.21
CA ASN G 78 -33.51 -54.21 -41.25
C ASN G 78 -32.27 -53.37 -40.98
N ASP G 79 -32.39 -52.40 -40.07
CA ASP G 79 -31.41 -51.32 -39.93
C ASP G 79 -30.23 -51.81 -39.09
N THR G 80 -29.37 -52.60 -39.73
CA THR G 80 -28.35 -53.35 -39.01
C THR G 80 -27.19 -52.48 -38.58
N ALA G 81 -26.85 -51.45 -39.36
CA ALA G 81 -25.77 -50.53 -38.99
C ALA G 81 -26.11 -49.65 -37.79
N ASN G 82 -27.35 -49.69 -37.32
CA ASN G 82 -27.83 -48.86 -36.21
C ASN G 82 -27.85 -49.61 -34.88
N LEU G 83 -27.18 -50.76 -34.77
CA LEU G 83 -27.26 -51.64 -33.61
C LEU G 83 -25.87 -51.85 -33.00
N MET G 84 -25.75 -51.64 -31.68
CA MET G 84 -24.48 -51.79 -30.98
C MET G 84 -24.42 -53.05 -30.11
N LEU G 85 -23.19 -53.57 -29.93
CA LEU G 85 -22.90 -54.77 -29.13
C LEU G 85 -22.28 -54.43 -27.78
N LEU G 86 -22.83 -55.01 -26.71
CA LEU G 86 -22.44 -54.72 -25.34
C LEU G 86 -22.22 -55.99 -24.52
N CYS G 87 -21.41 -55.86 -23.43
CA CYS G 87 -21.40 -56.89 -22.41
C CYS G 87 -22.49 -56.59 -21.39
N PRO G 88 -23.03 -57.58 -20.70
CA PRO G 88 -24.09 -57.29 -19.71
C PRO G 88 -23.63 -56.30 -18.65
N GLY G 89 -22.33 -56.30 -18.30
CA GLY G 89 -21.85 -55.36 -17.32
C GLY G 89 -22.13 -53.92 -17.74
N CYS G 90 -21.84 -53.59 -19.00
CA CYS G 90 -22.15 -52.25 -19.49
C CYS G 90 -23.66 -52.11 -19.74
N HIS G 91 -24.31 -53.15 -20.25
CA HIS G 91 -25.75 -53.08 -20.51
C HIS G 91 -26.50 -52.73 -19.23
N ASP G 92 -26.03 -53.24 -18.09
CA ASP G 92 -26.66 -52.90 -16.81
C ASP G 92 -26.48 -51.42 -16.48
N LYS G 93 -25.33 -50.84 -16.84
CA LYS G 93 -25.07 -49.45 -16.47
C LYS G 93 -25.73 -48.44 -17.40
N ILE G 94 -26.58 -48.89 -18.32
CA ILE G 94 -27.25 -47.99 -19.26
C ILE G 94 -28.70 -47.84 -18.86
N ASP G 95 -29.19 -46.61 -18.84
CA ASP G 95 -30.61 -46.40 -18.57
C ASP G 95 -31.37 -46.79 -19.83
N ARG G 96 -32.58 -47.30 -19.65
CA ARG G 96 -33.35 -47.84 -20.76
C ARG G 96 -34.80 -47.89 -20.35
N ASP G 97 -35.69 -47.78 -21.33
CA ASP G 97 -37.09 -47.96 -21.01
C ASP G 97 -37.40 -49.45 -20.98
N ALA G 98 -38.60 -49.79 -20.50
CA ALA G 98 -38.95 -51.20 -20.40
C ALA G 98 -39.00 -51.84 -21.78
N ASP G 99 -39.25 -51.04 -22.82
CA ASP G 99 -39.32 -51.59 -24.16
C ASP G 99 -37.96 -52.04 -24.68
N GLY G 100 -36.88 -51.57 -24.07
CA GLY G 100 -35.52 -51.94 -24.44
C GLY G 100 -34.70 -50.87 -25.11
N TYR G 101 -35.28 -49.72 -25.44
CA TYR G 101 -34.53 -48.63 -26.05
C TYR G 101 -33.87 -47.75 -24.98
N PRO G 102 -32.76 -47.13 -25.35
CA PRO G 102 -32.05 -46.29 -24.37
C PRO G 102 -32.73 -44.96 -24.14
N GLU G 103 -32.51 -44.42 -22.94
CA GLU G 103 -33.01 -43.10 -22.62
C GLU G 103 -32.06 -42.02 -23.12
N ASN G 104 -30.77 -42.34 -23.25
CA ASN G 104 -29.78 -41.41 -23.78
C ASN G 104 -29.29 -41.89 -25.14
N ASP G 105 -29.03 -40.93 -26.04
CA ASP G 105 -28.53 -41.23 -27.38
C ASP G 105 -27.02 -41.48 -27.37
N LEU G 106 -26.59 -42.57 -28.04
CA LEU G 106 -25.18 -42.90 -28.17
C LEU G 106 -24.73 -43.04 -29.63
N SER G 107 -25.51 -42.52 -30.58
CA SER G 107 -25.18 -42.71 -31.99
C SER G 107 -23.73 -42.32 -32.29
N GLY G 108 -23.28 -41.21 -31.69
CA GLY G 108 -21.93 -40.75 -31.97
C GLY G 108 -20.86 -41.73 -31.52
N LEU G 109 -20.94 -42.16 -30.27
CA LEU G 109 -19.96 -43.12 -29.75
C LEU G 109 -19.92 -44.36 -30.63
N HIS G 110 -21.09 -44.94 -30.91
CA HIS G 110 -21.17 -46.11 -31.77
C HIS G 110 -20.48 -45.87 -33.10
N GLN G 111 -20.94 -44.86 -33.84
CA GLN G 111 -20.36 -44.57 -35.16
C GLN G 111 -18.84 -44.40 -35.07
N ALA G 112 -18.35 -43.72 -34.02
CA ALA G 112 -16.92 -43.68 -33.80
C ALA G 112 -16.31 -45.07 -33.77
N TYR G 113 -16.87 -45.96 -32.93
CA TYR G 113 -16.34 -47.32 -32.82
C TYR G 113 -16.31 -48.01 -34.17
N LEU G 114 -17.44 -48.03 -34.89
CA LEU G 114 -17.49 -48.71 -36.16
C LEU G 114 -16.50 -48.12 -37.15
N GLU G 115 -16.41 -46.79 -37.20
CA GLU G 115 -15.41 -46.15 -38.07
C GLU G 115 -14.01 -46.66 -37.74
N ARG G 116 -13.66 -46.71 -36.45
CA ARG G 116 -12.36 -47.26 -36.05
C ARG G 116 -12.16 -48.66 -36.62
N ILE G 117 -13.13 -49.55 -36.44
CA ILE G 117 -13.04 -50.90 -36.98
C ILE G 117 -12.85 -50.85 -38.50
N ARG G 118 -13.79 -50.21 -39.19
CA ARG G 118 -13.75 -50.16 -40.66
C ARG G 118 -12.38 -49.74 -41.17
N LEU G 119 -11.85 -48.64 -40.64
CA LEU G 119 -10.53 -48.18 -41.05
C LEU G 119 -9.47 -49.27 -40.92
N ALA G 120 -9.42 -49.94 -39.77
CA ALA G 120 -8.42 -51.00 -39.57
C ALA G 120 -8.54 -52.07 -40.66
N ALA G 121 -9.76 -52.55 -40.92
CA ALA G 121 -9.93 -53.62 -41.88
C ALA G 121 -9.55 -53.18 -43.29
N THR G 122 -9.90 -51.95 -43.66
CA THR G 122 -9.73 -51.43 -45.01
C THR G 122 -8.33 -50.85 -45.26
N THR G 123 -7.41 -51.02 -44.32
CA THR G 123 -6.08 -50.44 -44.42
C THR G 123 -5.35 -50.88 -45.69
N PRO G 124 -4.96 -49.97 -46.57
CA PRO G 124 -4.14 -50.36 -47.73
C PRO G 124 -2.73 -50.74 -47.31
N ASP G 125 -2.16 -51.71 -48.02
CA ASP G 125 -0.80 -52.19 -47.75
C ASP G 125 -0.68 -52.65 -46.30
N GLY G 126 -1.64 -53.47 -45.87
CA GLY G 126 -1.63 -53.97 -44.50
C GLY G 126 -0.36 -54.68 -44.10
N GLY G 127 0.46 -55.08 -45.07
CA GLY G 127 1.72 -55.75 -44.83
C GLY G 127 2.94 -54.86 -44.80
N ARG G 128 2.78 -53.57 -45.04
CA ARG G 128 3.93 -52.67 -45.05
C ARG G 128 4.33 -52.35 -43.61
N ALA G 129 5.63 -52.43 -43.34
CA ALA G 129 6.16 -52.21 -42.00
C ALA G 129 7.54 -51.60 -42.10
N ILE G 130 7.92 -50.87 -41.05
CA ILE G 130 9.23 -50.20 -40.99
C ILE G 130 10.21 -51.13 -40.28
N PRO G 131 11.33 -51.51 -40.90
CA PRO G 131 12.36 -52.25 -40.17
C PRO G 131 12.98 -51.40 -39.08
N LEU G 132 13.09 -51.97 -37.87
CA LEU G 132 13.69 -51.24 -36.74
C LEU G 132 14.58 -52.20 -35.97
N ILE G 133 15.89 -51.99 -36.06
CA ILE G 133 16.90 -52.81 -35.38
C ILE G 133 17.56 -51.94 -34.31
N VAL G 134 17.52 -52.40 -33.05
CA VAL G 134 18.14 -51.68 -31.94
C VAL G 134 18.94 -52.65 -31.08
N GLN G 135 20.21 -52.34 -30.85
CA GLN G 135 21.07 -53.24 -30.08
C GLN G 135 22.15 -52.43 -29.37
N SER G 136 22.71 -53.00 -28.30
CA SER G 136 23.79 -52.37 -27.52
C SER G 136 25.00 -52.41 -28.42
N GLN G 137 26.06 -51.67 -28.12
CA GLN G 137 27.30 -51.71 -28.92
C GLN G 137 27.92 -53.08 -28.70
N HIS G 138 27.70 -53.67 -27.54
CA HIS G 138 28.23 -55.01 -27.21
C HIS G 138 27.78 -55.97 -28.29
N PHE G 139 26.48 -56.03 -28.58
CA PHE G 139 25.99 -57.00 -29.56
C PHE G 139 26.27 -56.52 -30.97
N GLN G 140 26.35 -55.19 -31.19
CA GLN G 140 26.81 -54.66 -32.47
C GLN G 140 28.21 -55.15 -32.83
N THR G 141 28.92 -55.76 -31.89
CA THR G 141 30.25 -56.30 -32.13
C THR G 141 30.13 -57.78 -32.50
N ILE G 142 29.40 -58.52 -31.67
CA ILE G 142 29.18 -59.94 -31.79
C ILE G 142 28.26 -60.31 -32.96
N ASN G 143 26.97 -60.02 -32.84
CA ASN G 143 25.98 -60.51 -33.80
C ASN G 143 25.59 -59.48 -34.86
N ASP G 144 25.54 -58.19 -34.49
CA ASP G 144 25.34 -57.10 -35.44
C ASP G 144 24.28 -57.36 -36.50
N ILE G 145 23.03 -57.49 -36.06
CA ILE G 145 21.89 -57.74 -36.93
C ILE G 145 21.79 -56.73 -38.07
N PRO G 146 21.98 -57.16 -39.32
CA PRO G 146 21.82 -56.23 -40.45
C PRO G 146 20.37 -56.04 -40.88
N VAL G 147 20.13 -54.91 -41.53
CA VAL G 147 18.79 -54.63 -42.07
C VAL G 147 18.42 -55.72 -43.08
N ARG G 148 19.42 -56.22 -43.81
CA ARG G 148 19.21 -57.26 -44.82
C ARG G 148 18.45 -58.45 -44.24
N ASP G 149 18.89 -58.92 -43.08
CA ASP G 149 18.31 -60.11 -42.47
C ASP G 149 16.88 -59.85 -41.98
N LEU G 150 16.63 -58.68 -41.40
CA LEU G 150 15.28 -58.37 -40.94
C LEU G 150 14.31 -58.32 -42.12
N LEU G 151 14.73 -57.67 -43.22
CA LEU G 151 13.90 -57.68 -44.42
C LEU G 151 13.60 -59.11 -44.86
N THR G 152 14.61 -59.98 -44.81
CA THR G 152 14.39 -61.38 -45.16
C THR G 152 13.34 -62.01 -44.26
N ALA G 153 13.50 -61.89 -42.95
CA ALA G 153 12.53 -62.47 -42.02
C ALA G 153 11.15 -61.84 -42.22
N MET G 154 11.11 -60.54 -42.53
CA MET G 154 9.84 -59.89 -42.84
C MET G 154 9.19 -60.52 -44.06
N SER G 155 9.92 -60.56 -45.19
CA SER G 155 9.39 -61.17 -46.40
C SER G 155 8.92 -62.60 -46.14
N ALA G 156 9.63 -63.34 -45.30
CA ALA G 156 9.25 -64.72 -45.02
C ALA G 156 7.87 -64.80 -44.38
N GLU G 157 7.41 -63.73 -43.75
CA GLU G 157 6.08 -63.70 -43.14
C GLU G 157 5.04 -63.01 -44.00
N GLY G 158 5.41 -62.53 -45.18
CA GLY G 158 4.50 -61.74 -45.99
C GLY G 158 4.50 -60.26 -45.68
N LEU G 159 5.51 -59.76 -44.98
CA LEU G 159 5.62 -58.34 -44.71
C LEU G 159 6.48 -57.71 -45.80
N THR G 160 6.32 -56.40 -45.98
CA THR G 160 6.96 -55.68 -47.07
C THR G 160 7.68 -54.46 -46.53
N ALA G 161 8.56 -53.89 -47.36
CA ALA G 161 9.52 -52.90 -46.89
C ALA G 161 9.14 -51.52 -47.39
N PHE G 162 9.07 -50.57 -46.45
CA PHE G 162 8.66 -49.21 -46.76
C PHE G 162 9.86 -48.39 -47.26
N ASP G 163 10.93 -48.35 -46.48
CA ASP G 163 12.11 -47.54 -46.77
C ASP G 163 13.34 -48.32 -46.29
N GLN G 164 14.49 -47.66 -46.30
CA GLN G 164 15.74 -48.29 -45.85
C GLN G 164 15.78 -48.65 -44.37
N GLY G 165 14.68 -48.49 -43.63
CA GLY G 165 14.64 -48.85 -42.23
C GLY G 165 15.55 -48.10 -41.28
N ILE G 166 15.42 -48.42 -40.00
CA ILE G 166 16.13 -47.77 -38.90
C ILE G 166 17.03 -48.78 -38.22
N LYS G 167 18.31 -48.44 -38.07
CA LYS G 167 19.25 -49.21 -37.25
C LYS G 167 19.94 -48.28 -36.26
N ILE G 168 19.75 -48.53 -34.97
CA ILE G 168 20.28 -47.67 -33.91
C ILE G 168 21.13 -48.49 -32.95
N ALA G 169 22.12 -47.82 -32.37
CA ALA G 169 22.96 -48.36 -31.31
C ALA G 169 22.69 -47.60 -30.01
N PHE G 170 22.24 -48.32 -28.98
CA PHE G 170 22.07 -47.69 -27.68
C PHE G 170 23.38 -47.00 -27.29
N ALA G 171 23.28 -45.76 -26.83
CA ALA G 171 24.48 -45.03 -26.49
C ALA G 171 25.14 -45.68 -25.28
N ALA G 172 26.46 -45.70 -25.26
CA ALA G 172 27.17 -46.18 -24.08
C ALA G 172 27.02 -45.15 -22.96
N PRO G 173 26.65 -45.57 -21.76
CA PRO G 173 26.52 -44.59 -20.65
C PRO G 173 27.85 -43.97 -20.29
N GLY G 174 27.80 -42.70 -19.89
CA GLY G 174 28.99 -42.02 -19.42
C GLY G 174 29.33 -42.45 -18.01
N PRO G 175 30.23 -41.73 -17.35
CA PRO G 175 30.53 -42.04 -15.94
C PRO G 175 29.37 -41.85 -14.99
N ARG G 176 28.43 -40.96 -15.29
CA ARG G 176 27.30 -40.79 -14.40
C ARG G 176 26.43 -42.03 -14.31
N GLY G 177 26.61 -42.97 -15.23
CA GLY G 177 25.84 -44.19 -15.27
C GLY G 177 24.55 -44.05 -16.08
N ARG G 178 23.66 -45.01 -15.85
CA ARG G 178 22.37 -45.00 -16.53
C ARG G 178 21.35 -44.32 -15.61
N ASP G 179 21.53 -43.01 -15.48
CA ASP G 179 20.68 -42.17 -14.66
C ASP G 179 19.45 -41.73 -15.44
N THR G 180 18.59 -40.93 -14.79
CA THR G 180 17.36 -40.50 -15.44
C THR G 180 17.64 -39.75 -16.74
N THR G 181 18.71 -38.94 -16.75
CA THR G 181 19.06 -38.21 -17.96
C THR G 181 19.45 -39.16 -19.08
N TYR G 182 20.30 -40.16 -18.77
CA TYR G 182 20.67 -41.16 -19.75
C TYR G 182 19.44 -41.78 -20.40
N TRP G 183 18.51 -42.29 -19.58
CA TRP G 183 17.35 -42.98 -20.13
C TRP G 183 16.50 -42.08 -21.01
N GLN G 184 16.25 -40.85 -20.57
CA GLN G 184 15.46 -39.93 -21.36
C GLN G 184 16.12 -39.68 -22.72
N ASN G 185 17.44 -39.43 -22.71
CA ASN G 185 18.13 -39.19 -23.97
C ASN G 185 17.99 -40.38 -24.91
N VAL G 186 18.02 -41.61 -24.38
CA VAL G 186 17.77 -42.79 -25.20
C VAL G 186 16.39 -42.70 -25.82
N LYS G 187 15.37 -42.50 -24.98
CA LYS G 187 13.99 -42.43 -25.45
C LYS G 187 13.83 -41.36 -26.52
N ASP G 188 14.36 -40.15 -26.28
CA ASP G 188 14.31 -39.12 -27.31
C ASP G 188 14.96 -39.60 -28.60
N SER G 189 16.13 -40.23 -28.49
CA SER G 189 16.84 -40.70 -29.69
C SER G 189 15.99 -41.67 -30.49
N VAL G 190 15.37 -42.66 -29.81
CA VAL G 190 14.49 -43.59 -30.51
C VAL G 190 13.30 -42.85 -31.12
N GLN G 191 12.54 -42.15 -30.28
CA GLN G 191 11.35 -41.46 -30.75
C GLN G 191 11.66 -40.47 -31.86
N TYR G 192 12.84 -39.84 -31.82
CA TYR G 192 13.24 -38.98 -32.94
C TYR G 192 13.16 -39.75 -34.26
N GLU G 193 13.86 -40.88 -34.35
CA GLU G 193 13.89 -41.65 -35.59
C GLU G 193 12.50 -41.98 -36.08
N LEU G 194 11.56 -42.22 -35.18
CA LEU G 194 10.21 -42.55 -35.61
C LEU G 194 9.55 -41.35 -36.28
N GLU G 195 9.67 -40.17 -35.64
CA GLU G 195 9.11 -38.96 -36.23
C GLU G 195 9.71 -38.69 -37.61
N GLN G 196 11.00 -38.99 -37.79
CA GLN G 196 11.62 -38.77 -39.08
C GLN G 196 10.97 -39.63 -40.16
N GLN G 197 10.57 -40.85 -39.80
CA GLN G 197 9.87 -41.70 -40.77
C GLN G 197 8.45 -41.19 -41.02
N LEU G 198 7.82 -40.55 -40.01
CA LEU G 198 6.50 -39.99 -40.23
C LEU G 198 6.57 -38.74 -41.09
N LYS G 199 7.67 -38.00 -41.01
CA LYS G 199 7.84 -36.82 -41.84
C LYS G 199 8.17 -37.23 -43.28
N ARG G 200 8.79 -38.39 -43.45
CA ARG G 200 9.05 -38.94 -44.77
C ARG G 200 7.81 -39.53 -45.43
N ARG G 201 6.76 -39.84 -44.65
CA ARG G 201 5.49 -40.27 -45.22
C ARG G 201 4.66 -39.08 -45.70
N GLY G 202 4.96 -37.87 -45.20
CA GLY G 202 4.28 -36.62 -45.63
C GLY G 202 3.27 -36.09 -44.64
N GLY G 203 3.28 -36.55 -43.39
CA GLY G 203 2.38 -36.03 -42.35
C GLY G 203 0.94 -36.40 -42.59
N THR G 204 0.68 -37.51 -43.29
CA THR G 204 -0.70 -38.01 -43.49
C THR G 204 -1.28 -38.23 -42.10
N TYR G 205 -2.30 -37.46 -41.72
CA TYR G 205 -2.90 -37.53 -40.36
C TYR G 205 -3.66 -38.82 -40.14
N GLY G 206 -3.50 -39.51 -39.00
CA GLY G 206 -4.34 -40.63 -38.60
C GLY G 206 -3.62 -41.96 -38.57
N ASP G 207 -3.28 -42.42 -39.77
CA ASP G 207 -2.75 -43.76 -39.99
C ASP G 207 -1.22 -43.76 -39.79
N SER G 208 -0.77 -44.43 -38.72
CA SER G 208 0.64 -44.62 -38.40
C SER G 208 1.12 -46.00 -38.87
N PRO G 209 2.30 -46.10 -39.48
CA PRO G 209 2.75 -47.40 -39.98
C PRO G 209 3.12 -48.35 -38.84
N ALA G 210 3.22 -49.63 -39.18
CA ALA G 210 3.60 -50.68 -38.25
C ALA G 210 5.13 -50.80 -38.16
N LEU G 211 5.59 -51.35 -37.05
CA LEU G 211 7.01 -51.51 -36.78
C LEU G 211 7.38 -52.99 -36.74
N ALA G 212 8.23 -53.41 -37.68
CA ALA G 212 8.91 -54.70 -37.59
C ALA G 212 10.17 -54.43 -36.77
N VAL G 213 10.08 -54.68 -35.47
CA VAL G 213 11.11 -54.26 -34.53
C VAL G 213 11.80 -55.51 -33.98
N VAL G 214 13.11 -55.40 -33.81
CA VAL G 214 13.91 -56.45 -33.20
C VAL G 214 14.92 -55.77 -32.27
N GLY G 215 15.16 -56.38 -31.13
CA GLY G 215 16.06 -55.81 -30.14
C GLY G 215 17.02 -56.85 -29.63
N LEU G 216 18.25 -56.43 -29.35
CA LEU G 216 19.30 -57.31 -28.86
C LEU G 216 20.19 -56.53 -27.89
N ALA G 217 19.66 -56.29 -26.70
CA ALA G 217 20.40 -55.60 -25.64
C ALA G 217 20.03 -56.20 -24.29
N ASP G 218 20.56 -55.60 -23.22
CA ASP G 218 20.17 -56.02 -21.88
C ASP G 218 18.70 -55.68 -21.64
N ILE G 219 18.12 -56.33 -20.63
CA ILE G 219 16.68 -56.22 -20.40
C ILE G 219 16.23 -54.78 -20.18
N PRO G 220 16.81 -54.05 -19.22
CA PRO G 220 16.32 -52.69 -18.96
C PRO G 220 16.24 -51.83 -20.22
N ALA G 221 17.28 -51.85 -21.04
CA ALA G 221 17.27 -51.08 -22.28
C ALA G 221 16.09 -51.50 -23.17
N LEU G 222 15.92 -52.81 -23.39
CA LEU G 222 14.85 -53.26 -24.26
C LEU G 222 13.49 -52.84 -23.74
N MET G 223 13.30 -52.90 -22.42
CA MET G 223 12.07 -52.35 -21.83
C MET G 223 11.89 -50.89 -22.23
N MET G 224 12.97 -50.10 -22.18
CA MET G 224 12.86 -48.70 -22.56
C MET G 224 12.53 -48.55 -24.04
N LEU G 225 13.13 -49.38 -24.90
CA LEU G 225 12.75 -49.39 -26.30
C LEU G 225 11.24 -49.62 -26.44
N GLY G 226 10.71 -50.58 -25.70
CA GLY G 226 9.27 -50.82 -25.72
C GLY G 226 8.47 -49.60 -25.29
N GLN G 227 8.90 -48.96 -24.19
CA GLN G 227 8.23 -47.74 -23.75
C GLN G 227 8.22 -46.69 -24.84
N SER G 228 9.31 -46.61 -25.60
CA SER G 228 9.41 -45.62 -26.66
C SER G 228 8.34 -45.87 -27.72
N ILE G 229 8.12 -47.13 -28.05
CA ILE G 229 7.17 -47.51 -29.08
C ILE G 229 5.73 -47.37 -28.59
N GLY G 230 5.47 -47.72 -27.32
CA GLY G 230 4.16 -47.57 -26.73
C GLY G 230 3.24 -48.75 -27.03
N ASP G 231 2.28 -49.01 -26.14
CA ASP G 231 1.38 -50.14 -26.32
C ASP G 231 0.46 -49.95 -27.51
N ARG G 232 0.04 -48.72 -27.78
CA ARG G 232 -0.96 -48.43 -28.80
C ARG G 232 -0.38 -48.42 -30.22
N SER G 233 0.89 -48.75 -30.38
CA SER G 233 1.52 -48.84 -31.69
C SER G 233 1.28 -50.20 -32.33
N LYS G 234 1.25 -50.21 -33.66
CA LYS G 234 1.13 -51.44 -34.46
C LYS G 234 2.51 -52.09 -34.55
N ARG G 235 2.87 -52.90 -33.57
CA ARG G 235 4.20 -53.47 -33.47
C ARG G 235 4.20 -54.95 -33.80
N LEU G 236 5.15 -55.37 -34.64
CA LEU G 236 5.41 -56.77 -34.94
C LEU G 236 6.84 -57.12 -34.54
N ILE G 237 7.02 -57.72 -33.37
CA ILE G 237 8.36 -57.93 -32.83
C ILE G 237 8.97 -59.19 -33.43
N PHE G 238 10.28 -59.14 -33.64
CA PHE G 238 11.07 -60.29 -34.07
C PHE G 238 12.08 -60.60 -32.97
N SER G 239 12.56 -61.87 -32.91
CA SER G 239 13.51 -62.33 -31.86
C SER G 239 14.71 -63.02 -32.50
N PHE G 240 15.92 -62.62 -32.11
CA PHE G 240 17.18 -63.22 -32.63
C PHE G 240 17.49 -64.40 -31.76
N HIS G 241 17.82 -65.57 -32.33
CA HIS G 241 18.17 -66.80 -31.58
C HIS G 241 19.58 -67.21 -31.98
N ARG G 242 20.25 -67.97 -31.13
CA ARG G 242 21.64 -68.40 -31.41
C ARG G 242 21.62 -69.22 -32.68
N GLU G 243 20.62 -70.09 -32.84
CA GLU G 243 20.59 -71.07 -33.96
C GLU G 243 19.74 -70.57 -35.12
N HIS G 244 18.42 -70.48 -34.97
CA HIS G 244 17.48 -70.10 -36.04
C HIS G 244 17.69 -68.65 -36.47
N LEU G 245 18.35 -67.84 -35.65
CA LEU G 245 18.58 -66.41 -35.96
C LEU G 245 17.23 -65.73 -35.99
N LEU G 246 17.01 -64.66 -36.75
CA LEU G 246 15.76 -63.86 -36.72
C LEU G 246 14.54 -64.72 -37.00
N ARG G 247 14.69 -65.92 -37.55
CA ARG G 247 13.51 -66.72 -37.94
C ARG G 247 12.99 -67.50 -36.75
N TRP G 248 11.69 -67.81 -36.70
CA TRP G 248 11.02 -68.46 -35.65
C TRP G 248 11.40 -69.91 -35.51
N PRO G 249 11.61 -70.45 -34.28
CA PRO G 249 11.82 -71.86 -34.11
C PRO G 249 10.77 -72.81 -34.68
N ASP G 250 9.51 -72.63 -34.35
CA ASP G 250 8.44 -73.58 -34.79
C ASP G 250 7.16 -72.78 -34.82
N GLN G 251 6.65 -72.41 -36.00
CA GLN G 251 5.48 -71.53 -36.15
C GLN G 251 4.19 -72.28 -35.85
N SER G 252 4.19 -73.60 -35.70
CA SER G 252 3.02 -74.37 -35.30
C SER G 252 2.92 -74.56 -33.80
N ALA G 253 4.04 -74.42 -33.08
CA ALA G 253 4.06 -74.69 -31.65
C ALA G 253 3.00 -73.89 -30.91
N GLU G 254 2.35 -74.53 -29.93
CA GLU G 254 1.41 -73.80 -29.10
C GLU G 254 2.17 -73.10 -27.96
N PRO G 255 1.84 -71.84 -27.65
CA PRO G 255 2.52 -71.16 -26.56
C PRO G 255 2.37 -71.92 -25.27
N PRO G 256 3.35 -71.83 -24.38
CA PRO G 256 3.23 -72.46 -23.05
C PRO G 256 2.25 -71.71 -22.17
N SER G 257 1.84 -72.38 -21.09
CA SER G 257 1.05 -71.75 -20.05
C SER G 257 1.94 -70.94 -19.11
N PHE G 258 1.41 -69.81 -18.64
CA PHE G 258 2.12 -68.94 -17.72
C PHE G 258 1.52 -69.13 -16.34
N LEU G 259 2.28 -69.73 -15.43
CA LEU G 259 1.78 -70.10 -14.12
C LEU G 259 1.99 -68.92 -13.18
N PHE G 260 0.89 -68.38 -12.66
CA PHE G 260 0.94 -67.21 -11.81
C PHE G 260 0.84 -67.62 -10.34
N THR G 261 1.70 -67.01 -9.53
CA THR G 261 1.76 -67.27 -8.09
C THR G 261 1.50 -65.97 -7.34
N PRO G 262 0.35 -65.79 -6.71
CA PRO G 262 0.06 -64.53 -6.03
C PRO G 262 1.07 -64.27 -4.93
N PRO G 263 1.20 -63.03 -4.47
CA PRO G 263 2.20 -62.71 -3.46
C PRO G 263 1.69 -63.04 -2.08
N PRO G 264 2.58 -63.28 -1.11
CA PRO G 264 2.10 -63.39 0.27
C PRO G 264 1.66 -62.03 0.81
N ASN G 265 0.76 -62.09 1.79
CA ASN G 265 0.21 -60.91 2.42
C ASN G 265 1.21 -60.29 3.39
N GLY G 266 1.08 -58.98 3.59
CA GLY G 266 1.94 -58.29 4.52
C GLY G 266 2.01 -56.80 4.21
N ASP G 267 2.93 -56.15 4.92
CA ASP G 267 3.19 -54.72 4.76
C ASP G 267 4.49 -54.46 4.01
N GLY G 268 5.22 -55.51 3.64
CA GLY G 268 6.44 -55.39 2.88
C GLY G 268 6.24 -54.88 1.47
N PRO G 269 7.34 -54.54 0.79
CA PRO G 269 7.26 -54.08 -0.59
C PRO G 269 6.83 -55.19 -1.54
N LEU G 270 5.94 -54.85 -2.47
CA LEU G 270 5.46 -55.81 -3.46
C LEU G 270 6.51 -56.03 -4.53
N ALA G 271 6.79 -57.30 -4.84
CA ALA G 271 7.83 -57.66 -5.79
C ALA G 271 7.27 -58.61 -6.84
N LEU G 272 7.62 -58.37 -8.10
CA LEU G 272 7.22 -59.21 -9.22
C LEU G 272 8.44 -59.91 -9.81
N VAL G 273 8.37 -61.23 -9.91
CA VAL G 273 9.44 -62.05 -10.47
C VAL G 273 8.93 -62.76 -11.73
N LEU G 274 9.68 -62.64 -12.82
CA LEU G 274 9.36 -63.29 -14.08
C LEU G 274 10.39 -64.39 -14.36
N SER G 275 9.98 -65.64 -14.21
CA SER G 275 10.85 -66.79 -14.44
C SER G 275 10.42 -67.48 -15.74
N ILE G 276 10.96 -66.99 -16.86
CA ILE G 276 10.68 -67.54 -18.18
C ILE G 276 11.96 -68.02 -18.86
N SER G 277 12.98 -67.17 -18.92
CA SER G 277 14.28 -67.63 -19.39
C SER G 277 14.88 -68.62 -18.41
N ALA G 278 14.69 -68.40 -17.12
CA ALA G 278 15.23 -69.26 -16.08
C ALA G 278 14.38 -69.09 -14.82
N GLN G 279 14.68 -69.91 -13.83
CA GLN G 279 14.03 -69.79 -12.51
C GLN G 279 14.90 -68.87 -11.66
N VAL G 280 14.32 -67.75 -11.24
CA VAL G 280 15.07 -66.74 -10.48
C VAL G 280 15.25 -67.22 -9.04
N PRO G 281 16.47 -67.28 -8.53
CA PRO G 281 16.64 -67.70 -7.12
C PRO G 281 15.96 -66.70 -6.20
N VAL G 282 15.03 -67.20 -5.40
CA VAL G 282 14.28 -66.32 -4.50
C VAL G 282 15.21 -65.59 -3.53
N ARG G 283 16.34 -66.20 -3.16
CA ARG G 283 17.24 -65.51 -2.25
C ARG G 283 17.70 -64.20 -2.86
N ASP G 284 17.88 -64.17 -4.19
CA ASP G 284 18.41 -62.98 -4.85
C ASP G 284 17.45 -61.82 -4.72
N VAL G 285 16.15 -62.10 -4.81
CA VAL G 285 15.15 -61.05 -4.62
C VAL G 285 15.18 -60.56 -3.18
N THR G 286 15.00 -61.49 -2.24
CA THR G 286 14.95 -61.13 -0.83
C THR G 286 16.24 -60.47 -0.37
N ASP G 287 17.38 -60.92 -0.92
CA ASP G 287 18.65 -60.29 -0.57
C ASP G 287 18.68 -58.84 -1.03
N ALA G 288 18.10 -58.57 -2.20
CA ALA G 288 18.04 -57.21 -2.74
C ALA G 288 16.88 -56.42 -2.16
N LEU G 289 15.81 -57.08 -1.74
CA LEU G 289 14.59 -56.42 -1.27
C LEU G 289 14.13 -57.01 0.05
N PRO G 290 14.46 -56.39 1.19
CA PRO G 290 14.02 -56.94 2.47
C PRO G 290 12.51 -57.00 2.56
N GLY G 291 12.01 -58.10 3.13
CA GLY G 291 10.58 -58.22 3.33
C GLY G 291 9.79 -58.34 2.04
N ALA G 292 10.41 -58.89 1.01
CA ALA G 292 9.78 -58.90 -0.31
C ALA G 292 8.54 -59.78 -0.33
N ARG G 293 7.42 -59.19 -0.76
CA ARG G 293 6.21 -59.94 -1.08
C ARG G 293 6.31 -60.34 -2.54
N ILE G 294 6.72 -61.59 -2.79
CA ILE G 294 7.10 -62.01 -4.13
C ILE G 294 5.88 -62.66 -4.79
N ALA G 295 5.35 -62.00 -5.81
CA ALA G 295 4.51 -62.64 -6.80
C ALA G 295 5.37 -63.11 -7.95
N GLU G 296 5.01 -64.24 -8.54
CA GLU G 296 5.85 -64.81 -9.59
C GLU G 296 5.00 -65.29 -10.75
N LEU G 297 5.45 -64.97 -11.96
CA LEU G 297 4.90 -65.50 -13.19
C LEU G 297 5.99 -66.33 -13.84
N SER G 298 5.67 -67.55 -14.23
CA SER G 298 6.68 -68.46 -14.78
C SER G 298 6.01 -69.41 -15.76
N ILE G 299 6.84 -70.15 -16.48
CA ILE G 299 6.36 -71.21 -17.37
C ILE G 299 6.82 -72.55 -16.83
N PRO G 300 6.20 -73.65 -17.26
CA PRO G 300 6.60 -74.97 -16.75
C PRO G 300 8.08 -75.27 -16.93
N GLU G 301 8.63 -75.03 -18.12
CA GLU G 301 10.02 -75.32 -18.44
C GLU G 301 10.70 -74.03 -18.89
N PRO G 302 11.18 -73.21 -17.95
CA PRO G 302 11.91 -72.00 -18.33
C PRO G 302 13.07 -72.31 -19.26
N SER G 303 13.17 -71.54 -20.35
CA SER G 303 14.21 -71.78 -21.34
C SER G 303 14.55 -70.48 -22.06
N TYR G 304 15.82 -70.35 -22.45
CA TYR G 304 16.22 -69.21 -23.28
C TYR G 304 15.63 -69.28 -24.68
N ALA G 305 15.28 -70.47 -25.16
CA ALA G 305 14.79 -70.65 -26.51
C ALA G 305 13.27 -70.75 -26.56
N MET G 306 12.59 -70.23 -25.53
CA MET G 306 11.15 -70.42 -25.41
C MET G 306 10.35 -69.54 -26.37
N VAL G 307 10.99 -68.58 -27.04
CA VAL G 307 10.27 -67.75 -28.01
C VAL G 307 10.18 -68.55 -29.29
N GLN G 308 9.24 -69.50 -29.32
CA GLN G 308 9.13 -70.39 -30.46
C GLN G 308 8.46 -69.71 -31.65
N ASN G 309 7.58 -68.74 -31.39
CA ASN G 309 6.94 -67.98 -32.46
C ASN G 309 6.31 -66.73 -31.85
N ARG G 310 5.91 -65.80 -32.73
CA ARG G 310 5.38 -64.53 -32.26
C ARG G 310 4.16 -64.71 -31.36
N ARG G 311 3.32 -65.71 -31.65
CA ARG G 311 2.14 -65.92 -30.82
C ARG G 311 2.49 -66.12 -29.36
N VAL G 312 3.66 -66.74 -29.08
CA VAL G 312 4.11 -66.87 -27.71
C VAL G 312 4.15 -65.51 -27.03
N ILE G 313 4.69 -64.51 -27.74
CA ILE G 313 4.81 -63.17 -27.19
C ILE G 313 3.43 -62.61 -26.87
N HIS G 314 2.49 -62.70 -27.81
CA HIS G 314 1.13 -62.23 -27.54
C HIS G 314 0.54 -62.93 -26.32
N ALA G 315 0.72 -64.25 -26.22
CA ALA G 315 0.29 -64.96 -25.03
C ALA G 315 0.91 -64.35 -23.77
N PHE G 316 2.23 -64.16 -23.78
CA PHE G 316 2.91 -63.47 -22.68
C PHE G 316 2.23 -62.15 -22.36
N ARG G 317 2.10 -61.28 -23.37
CA ARG G 317 1.44 -59.99 -23.19
C ARG G 317 0.08 -60.15 -22.51
N ASP G 318 -0.82 -60.86 -23.16
CA ASP G 318 -2.18 -61.04 -22.63
C ASP G 318 -2.16 -61.47 -21.18
N ALA G 319 -1.33 -62.47 -20.86
CA ALA G 319 -1.24 -62.94 -19.49
C ALA G 319 -0.79 -61.83 -18.54
N LEU G 320 0.34 -61.19 -18.84
CA LEU G 320 0.93 -60.24 -17.91
C LEU G 320 0.02 -59.03 -17.65
N GLN G 321 -0.46 -58.40 -18.72
CA GLN G 321 -1.27 -57.18 -18.55
C GLN G 321 -2.41 -57.40 -17.55
N ILE G 322 -3.04 -58.58 -17.55
CA ILE G 322 -4.11 -58.85 -16.59
C ILE G 322 -3.56 -58.83 -15.16
N ARG G 323 -2.54 -59.66 -14.90
CA ARG G 323 -2.01 -59.74 -13.54
C ARG G 323 -1.59 -58.37 -13.03
N LEU G 324 -1.05 -57.53 -13.91
CA LEU G 324 -0.64 -56.20 -13.50
C LEU G 324 -1.81 -55.40 -12.95
N SER G 325 -2.96 -55.46 -13.62
CA SER G 325 -4.14 -54.77 -13.11
C SER G 325 -4.45 -55.23 -11.69
N GLN G 326 -4.32 -56.54 -11.44
CA GLN G 326 -4.54 -57.07 -10.09
C GLN G 326 -3.49 -56.54 -9.12
N LEU G 327 -2.22 -56.59 -9.52
CA LEU G 327 -1.14 -56.19 -8.62
C LEU G 327 -1.24 -54.71 -8.26
N GLU G 328 -1.58 -53.88 -9.24
CA GLU G 328 -1.74 -52.46 -8.96
C GLU G 328 -2.84 -52.24 -7.93
N ALA G 329 -3.82 -53.15 -7.88
CA ALA G 329 -4.89 -53.05 -6.90
C ALA G 329 -4.43 -53.43 -5.49
N LEU G 330 -3.36 -54.21 -5.36
CA LEU G 330 -2.91 -54.73 -4.08
C LEU G 330 -1.98 -53.81 -3.30
N THR G 331 -1.64 -52.63 -3.83
CA THR G 331 -0.80 -51.72 -3.05
C THR G 331 -0.74 -50.34 -3.70
N PRO G 332 -0.61 -49.26 -2.93
CA PRO G 332 -0.32 -47.96 -3.52
C PRO G 332 1.17 -47.72 -3.71
N ASP G 333 2.01 -48.61 -3.22
CA ASP G 333 3.45 -48.48 -3.20
C ASP G 333 4.04 -49.05 -4.49
N PRO G 334 5.27 -48.69 -4.82
CA PRO G 334 5.86 -49.15 -6.08
C PRO G 334 5.99 -50.67 -6.13
N ILE G 335 5.98 -51.20 -7.34
CA ILE G 335 6.16 -52.62 -7.59
C ILE G 335 7.58 -52.86 -8.10
N HIS G 336 8.29 -53.77 -7.45
CA HIS G 336 9.68 -54.08 -7.77
C HIS G 336 9.75 -55.30 -8.69
N VAL G 337 10.44 -55.15 -9.82
CA VAL G 337 10.45 -56.12 -10.90
C VAL G 337 11.81 -56.81 -10.96
N PHE G 338 11.80 -58.14 -10.91
CA PHE G 338 12.99 -58.95 -11.10
C PHE G 338 12.68 -59.95 -12.22
N ALA G 339 13.26 -59.75 -13.39
CA ALA G 339 12.84 -60.45 -14.59
C ALA G 339 14.01 -61.20 -15.21
N ALA G 340 13.74 -62.44 -15.63
CA ALA G 340 14.67 -63.23 -16.45
C ALA G 340 13.86 -63.68 -17.66
N ILE G 341 13.81 -62.82 -18.68
CA ILE G 341 12.92 -63.04 -19.83
C ILE G 341 13.70 -62.79 -21.12
N PRO G 342 13.33 -63.43 -22.23
CA PRO G 342 14.02 -63.17 -23.50
C PRO G 342 13.85 -61.73 -23.96
N ALA G 343 14.73 -61.33 -24.88
CA ALA G 343 14.72 -59.96 -25.40
C ALA G 343 13.33 -59.54 -25.85
N ALA G 344 12.73 -60.30 -26.77
CA ALA G 344 11.44 -59.92 -27.34
C ALA G 344 10.43 -59.66 -26.23
N LEU G 345 10.46 -60.48 -25.17
CA LEU G 345 9.51 -60.30 -24.09
C LEU G 345 9.81 -59.01 -23.31
N ALA G 346 11.10 -58.71 -23.12
CA ALA G 346 11.48 -57.46 -22.46
C ALA G 346 10.89 -56.25 -23.18
N ILE G 347 10.88 -56.28 -24.51
CA ILE G 347 10.29 -55.19 -25.29
C ILE G 347 8.81 -55.04 -24.98
N GLU G 348 8.03 -56.12 -25.19
CA GLU G 348 6.60 -56.05 -24.95
C GLU G 348 6.30 -55.54 -23.55
N PHE G 349 7.00 -56.07 -22.55
CA PHE G 349 6.82 -55.63 -21.18
C PHE G 349 6.95 -54.11 -21.08
N GLY G 350 8.00 -53.55 -21.69
CA GLY G 350 8.17 -52.11 -21.68
C GLY G 350 7.03 -51.38 -22.35
N ALA G 351 6.50 -51.94 -23.43
CA ALA G 351 5.38 -51.30 -24.11
C ALA G 351 4.13 -51.32 -23.24
N LEU G 352 3.83 -52.46 -22.61
CA LEU G 352 2.64 -52.56 -21.78
C LEU G 352 2.63 -51.51 -20.68
N LEU G 353 3.75 -51.33 -19.98
CA LEU G 353 3.75 -50.41 -18.85
C LEU G 353 3.42 -48.99 -19.26
N THR G 354 3.35 -48.71 -20.56
CA THR G 354 2.90 -47.41 -21.03
C THR G 354 1.42 -47.19 -20.73
N THR G 355 0.57 -48.21 -20.95
CA THR G 355 -0.86 -48.06 -20.70
C THR G 355 -1.21 -48.11 -19.20
N GLN G 356 -0.77 -49.14 -18.48
CA GLN G 356 -1.01 -49.21 -17.03
C GLN G 356 0.02 -48.29 -16.37
N HIS G 357 -0.21 -46.99 -16.58
CA HIS G 357 0.79 -45.97 -16.33
C HIS G 357 0.65 -45.19 -15.04
N GLN G 358 -0.52 -45.22 -14.38
CA GLN G 358 -0.65 -44.37 -13.20
C GLN G 358 0.10 -44.94 -12.02
N HIS G 359 0.86 -46.01 -12.24
CA HIS G 359 1.57 -46.70 -11.18
C HIS G 359 3.06 -46.73 -11.52
N THR G 360 3.87 -46.77 -10.48
CA THR G 360 5.31 -46.74 -10.59
C THR G 360 5.88 -48.13 -10.43
N TYR G 361 6.77 -48.52 -11.34
CA TYR G 361 7.46 -49.81 -11.27
C TYR G 361 8.96 -49.55 -11.20
N LEU G 362 9.64 -50.31 -10.34
CA LEU G 362 11.09 -50.21 -10.17
C LEU G 362 11.72 -51.47 -10.73
N ILE G 363 12.65 -51.30 -11.67
CA ILE G 363 13.22 -52.40 -12.43
C ILE G 363 14.58 -52.76 -11.88
N PHE G 364 14.74 -54.03 -11.51
CA PHE G 364 16.01 -54.58 -11.06
C PHE G 364 16.56 -55.52 -12.12
N ASP G 365 17.88 -55.45 -12.33
CA ASP G 365 18.56 -56.31 -13.27
C ASP G 365 19.90 -56.74 -12.69
N ARG G 366 20.38 -57.89 -13.16
CA ARG G 366 21.71 -58.34 -12.80
C ARG G 366 22.73 -57.27 -13.17
N ASP G 367 23.61 -56.93 -12.23
CA ASP G 367 24.66 -55.94 -12.47
C ASP G 367 25.99 -56.70 -12.53
N LYS G 368 26.60 -56.72 -13.71
CA LYS G 368 27.79 -57.54 -13.91
C LYS G 368 28.97 -57.08 -13.05
N GLU G 369 29.12 -55.75 -12.89
CA GLU G 369 30.24 -55.20 -12.14
C GLU G 369 30.04 -55.25 -10.62
N ASN G 370 28.87 -55.65 -10.14
CA ASN G 370 28.59 -55.75 -8.72
C ASN G 370 28.41 -57.21 -8.29
N GLN G 371 29.25 -58.09 -8.86
CA GLN G 371 29.21 -59.52 -8.57
C GLN G 371 27.86 -60.13 -8.94
N ASP G 372 27.30 -59.67 -10.05
CA ASP G 372 26.07 -60.19 -10.65
C ASP G 372 24.88 -60.15 -9.70
N ARG G 373 24.90 -59.27 -8.71
CA ARG G 373 23.74 -59.09 -7.85
C ARG G 373 22.70 -58.17 -8.49
N PHE G 374 21.43 -58.41 -8.18
CA PHE G 374 20.37 -57.55 -8.69
C PHE G 374 20.50 -56.13 -8.14
N THR G 375 20.39 -55.15 -9.04
CA THR G 375 20.45 -53.74 -8.65
C THR G 375 19.42 -52.95 -9.46
N GLN G 376 18.73 -52.02 -8.78
CA GLN G 376 17.78 -51.15 -9.46
C GLN G 376 18.51 -50.23 -10.44
N THR G 377 18.07 -50.27 -11.70
CA THR G 377 18.61 -49.40 -12.73
C THR G 377 17.58 -48.46 -13.33
N LEU G 378 16.28 -48.78 -13.25
CA LEU G 378 15.27 -48.05 -13.99
C LEU G 378 14.00 -47.82 -13.17
N GLN G 379 13.45 -46.61 -13.29
CA GLN G 379 12.17 -46.23 -12.72
C GLN G 379 11.23 -45.86 -13.84
N LEU G 380 10.05 -46.49 -13.86
CA LEU G 380 9.04 -46.24 -14.88
C LEU G 380 7.84 -45.61 -14.17
N GLY G 381 7.92 -44.30 -13.95
CA GLY G 381 6.98 -43.59 -13.12
C GLY G 381 5.69 -43.24 -13.83
N PRO G 382 4.84 -42.46 -13.17
CA PRO G 382 3.55 -42.10 -13.76
C PRO G 382 3.68 -40.98 -14.78
N VAL G 383 2.59 -40.76 -15.52
CA VAL G 383 2.56 -39.76 -16.58
C VAL G 383 1.97 -38.46 -16.06
N THR H 16 -13.96 -77.09 -42.20
CA THR H 16 -14.08 -76.83 -40.73
C THR H 16 -15.54 -76.61 -40.32
N ASN H 17 -15.79 -76.70 -39.02
CA ASN H 17 -17.16 -76.62 -38.53
C ASN H 17 -17.70 -75.20 -38.68
N ASP H 18 -19.03 -75.08 -38.67
CA ASP H 18 -19.67 -73.82 -39.04
C ASP H 18 -19.46 -72.73 -38.00
N GLU H 19 -19.49 -73.06 -36.71
CA GLU H 19 -19.37 -72.04 -35.69
C GLU H 19 -18.03 -71.31 -35.76
N THR H 20 -16.94 -72.06 -36.01
CA THR H 20 -15.63 -71.43 -36.16
C THR H 20 -15.58 -70.50 -37.37
N LYS H 21 -16.27 -70.84 -38.47
CA LYS H 21 -16.35 -69.91 -39.58
C LYS H 21 -16.88 -68.56 -39.11
N ARG H 22 -17.98 -68.61 -38.34
CA ARG H 22 -18.62 -67.41 -37.81
C ARG H 22 -17.65 -66.64 -36.91
N ILE H 23 -16.88 -67.35 -36.08
CA ILE H 23 -15.91 -66.68 -35.22
C ILE H 23 -14.79 -66.06 -36.05
N VAL H 24 -14.33 -66.76 -37.09
CA VAL H 24 -13.34 -66.17 -38.00
C VAL H 24 -13.89 -64.91 -38.64
N TRP H 25 -15.14 -64.96 -39.13
CA TRP H 25 -15.80 -63.75 -39.60
C TRP H 25 -15.81 -62.67 -38.54
N THR H 26 -15.95 -63.05 -37.27
CA THR H 26 -15.99 -62.08 -36.18
C THR H 26 -14.63 -61.38 -36.03
N GLN H 27 -13.57 -62.16 -35.79
CA GLN H 27 -12.26 -61.56 -35.54
C GLN H 27 -11.77 -60.71 -36.71
N THR H 28 -12.17 -61.04 -37.93
CA THR H 28 -11.81 -60.24 -39.09
C THR H 28 -12.85 -59.19 -39.44
N ALA H 29 -13.98 -59.16 -38.73
CA ALA H 29 -15.06 -58.21 -38.98
C ALA H 29 -15.56 -58.28 -40.43
N GLY H 30 -15.50 -59.47 -41.02
CA GLY H 30 -16.12 -59.70 -42.32
C GLY H 30 -15.50 -58.97 -43.48
N HIS H 31 -14.20 -58.68 -43.42
CA HIS H 31 -13.46 -58.13 -44.56
C HIS H 31 -12.36 -59.11 -44.95
N CYS H 32 -11.99 -59.11 -46.23
CA CYS H 32 -10.85 -59.89 -46.70
C CYS H 32 -9.54 -59.31 -46.19
N GLU H 33 -8.75 -60.14 -45.49
CA GLU H 33 -7.53 -59.66 -44.87
C GLU H 33 -6.51 -59.17 -45.89
N LEU H 34 -6.57 -59.67 -47.13
CA LEU H 34 -5.57 -59.29 -48.12
C LEU H 34 -5.93 -58.06 -48.94
N CYS H 35 -7.21 -57.82 -49.22
CA CYS H 35 -7.59 -56.69 -50.05
C CYS H 35 -8.68 -55.81 -49.44
N GLY H 36 -8.90 -55.91 -48.12
CA GLY H 36 -9.80 -55.02 -47.42
C GLY H 36 -11.24 -54.90 -47.88
N THR H 37 -11.68 -55.74 -48.83
CA THR H 37 -13.05 -55.64 -49.29
C THR H 37 -14.01 -56.13 -48.21
N ASP H 38 -15.07 -55.37 -47.96
CA ASP H 38 -16.11 -55.77 -47.01
C ASP H 38 -16.98 -56.84 -47.65
N LEU H 39 -16.98 -58.04 -47.06
CA LEU H 39 -17.71 -59.19 -47.59
C LEU H 39 -19.15 -59.27 -47.09
N THR H 40 -19.57 -58.32 -46.25
CA THR H 40 -20.89 -58.33 -45.63
C THR H 40 -22.00 -57.72 -46.50
N PHE H 41 -22.32 -58.41 -47.60
CA PHE H 41 -23.38 -57.95 -48.48
C PHE H 41 -24.77 -58.05 -47.89
N ASP H 42 -24.92 -58.67 -46.74
CA ASP H 42 -26.24 -58.89 -46.18
C ASP H 42 -26.92 -57.60 -45.75
N TYR H 43 -26.96 -56.64 -46.67
CA TYR H 43 -27.71 -55.39 -46.52
C TYR H 43 -29.22 -55.57 -46.71
N ARG H 44 -29.65 -56.56 -47.51
CA ARG H 44 -31.03 -56.63 -47.95
C ARG H 44 -31.58 -58.02 -48.26
N ALA H 45 -30.97 -58.69 -49.24
CA ALA H 45 -31.48 -59.97 -49.75
C ALA H 45 -31.32 -61.11 -48.75
N GLY H 46 -32.12 -62.17 -48.99
CA GLY H 46 -32.15 -63.35 -48.14
C GLY H 46 -31.18 -64.50 -48.37
N LYS H 47 -29.91 -64.31 -48.01
CA LYS H 47 -28.89 -65.36 -48.12
C LYS H 47 -27.94 -65.26 -46.92
N PRO H 48 -27.56 -66.40 -46.35
CA PRO H 48 -26.74 -66.40 -45.13
C PRO H 48 -25.24 -66.17 -45.36
N MET H 49 -24.53 -65.86 -44.24
CA MET H 49 -23.07 -65.65 -44.12
C MET H 49 -22.20 -67.01 -44.28
N LYS H 50 -22.91 -68.05 -44.73
CA LYS H 50 -22.39 -69.41 -44.84
C LYS H 50 -21.14 -69.56 -45.71
N TRP H 51 -21.01 -68.77 -46.77
CA TRP H 51 -20.21 -69.07 -47.95
C TRP H 51 -18.72 -68.67 -47.92
N GLY H 52 -18.33 -67.62 -47.21
CA GLY H 52 -17.01 -67.02 -47.36
C GLY H 52 -15.86 -68.00 -47.19
N GLU H 53 -14.70 -67.65 -47.80
CA GLU H 53 -13.57 -68.58 -47.93
C GLU H 53 -12.48 -68.31 -46.87
N VAL H 54 -12.37 -69.24 -45.92
CA VAL H 54 -11.41 -69.26 -44.83
C VAL H 54 -10.21 -70.12 -45.21
N ALA H 55 -9.01 -69.65 -44.89
CA ALA H 55 -7.76 -70.35 -45.17
C ALA H 55 -6.91 -70.47 -43.91
N HIS H 56 -6.00 -71.44 -43.93
CA HIS H 56 -4.99 -71.51 -42.88
C HIS H 56 -3.97 -70.40 -43.10
N ILE H 57 -3.19 -70.11 -42.05
CA ILE H 57 -2.27 -68.98 -42.09
C ILE H 57 -0.93 -69.49 -42.56
N LEU H 58 -0.41 -70.48 -41.87
CA LEU H 58 0.91 -71.05 -42.08
C LEU H 58 0.84 -72.36 -42.83
N PRO H 59 1.95 -72.83 -43.38
CA PRO H 59 1.99 -74.21 -43.89
C PRO H 59 1.75 -75.22 -42.78
N ALA H 60 1.56 -76.48 -43.16
CA ALA H 60 1.19 -77.49 -42.19
C ALA H 60 2.37 -77.85 -41.30
N SER H 61 2.05 -78.16 -40.03
CA SER H 61 3.07 -78.48 -39.05
C SER H 61 3.74 -79.82 -39.38
N PRO H 62 4.92 -80.07 -38.81
CA PRO H 62 5.62 -81.33 -39.11
C PRO H 62 5.09 -82.54 -38.36
N LYS H 63 4.35 -82.35 -37.27
CA LYS H 63 3.90 -83.48 -36.47
C LYS H 63 3.08 -84.45 -37.31
N GLY H 64 3.13 -85.73 -36.92
CA GLY H 64 2.40 -86.77 -37.61
C GLY H 64 0.90 -86.70 -37.37
N ASN H 78 -10.34 -75.63 -36.75
CA ASN H 78 -10.98 -75.44 -35.45
C ASN H 78 -9.99 -74.83 -34.47
N ASP H 79 -9.08 -73.99 -34.98
CA ASP H 79 -8.24 -73.12 -34.14
C ASP H 79 -8.12 -71.78 -34.84
N THR H 80 -8.75 -70.74 -34.27
CA THR H 80 -8.75 -69.43 -34.90
C THR H 80 -7.38 -68.77 -34.94
N ALA H 81 -6.44 -69.20 -34.10
CA ALA H 81 -5.08 -68.70 -34.23
C ALA H 81 -4.43 -69.19 -35.52
N ASN H 82 -5.04 -70.16 -36.22
CA ASN H 82 -4.55 -70.66 -37.47
C ASN H 82 -5.32 -70.20 -38.70
N LEU H 83 -6.44 -69.50 -38.53
CA LEU H 83 -7.39 -69.28 -39.61
C LEU H 83 -7.62 -67.82 -39.95
N MET H 84 -7.39 -67.48 -41.23
CA MET H 84 -7.60 -66.16 -41.80
C MET H 84 -8.76 -66.21 -42.80
N LEU H 85 -9.44 -65.07 -42.97
CA LEU H 85 -10.56 -64.92 -43.92
C LEU H 85 -10.12 -64.20 -45.18
N LEU H 86 -10.47 -64.78 -46.33
CA LEU H 86 -10.09 -64.23 -47.63
C LEU H 86 -11.32 -64.13 -48.51
N CYS H 87 -11.28 -63.20 -49.46
CA CYS H 87 -12.30 -63.23 -50.50
C CYS H 87 -11.84 -64.23 -51.57
N PRO H 88 -12.79 -64.81 -52.32
CA PRO H 88 -12.38 -65.77 -53.35
C PRO H 88 -11.35 -65.24 -54.32
N GLY H 89 -11.41 -63.95 -54.66
CA GLY H 89 -10.44 -63.39 -55.59
C GLY H 89 -9.01 -63.53 -55.13
N CYS H 90 -8.74 -63.16 -53.88
CA CYS H 90 -7.39 -63.30 -53.35
C CYS H 90 -7.05 -64.77 -53.10
N HIS H 91 -8.03 -65.55 -52.62
CA HIS H 91 -7.79 -66.95 -52.31
C HIS H 91 -7.32 -67.71 -53.54
N ASP H 92 -7.88 -67.39 -54.71
CA ASP H 92 -7.47 -68.07 -55.93
C ASP H 92 -6.01 -67.80 -56.25
N LYS H 93 -5.54 -66.58 -55.99
CA LYS H 93 -4.21 -66.16 -56.37
C LYS H 93 -3.12 -66.53 -55.36
N ILE H 94 -3.40 -67.39 -54.39
CA ILE H 94 -2.41 -67.87 -53.44
C ILE H 94 -2.05 -69.30 -53.84
N ASP H 95 -0.77 -69.54 -54.05
CA ASP H 95 -0.32 -70.89 -54.43
C ASP H 95 -0.47 -71.78 -53.20
N ARG H 96 -1.34 -72.79 -53.30
CA ARG H 96 -1.78 -73.61 -52.19
C ARG H 96 -1.46 -75.08 -52.44
N ASP H 97 -1.40 -75.85 -51.34
CA ASP H 97 -1.14 -77.29 -51.43
C ASP H 97 -2.48 -78.03 -51.48
N ALA H 98 -2.49 -79.32 -51.12
CA ALA H 98 -3.61 -80.19 -51.48
C ALA H 98 -4.93 -79.76 -50.83
N ASP H 99 -4.91 -79.34 -49.57
CA ASP H 99 -6.15 -78.92 -48.92
C ASP H 99 -6.43 -77.43 -49.02
N GLY H 100 -5.44 -76.63 -49.38
CA GLY H 100 -5.57 -75.19 -49.37
C GLY H 100 -4.67 -74.49 -48.38
N TYR H 101 -3.91 -75.22 -47.55
CA TYR H 101 -2.89 -74.59 -46.72
C TYR H 101 -2.02 -73.78 -47.66
N PRO H 102 -1.39 -72.72 -47.19
CA PRO H 102 -0.53 -71.93 -48.06
C PRO H 102 0.82 -72.58 -48.29
N GLU H 103 1.39 -72.27 -49.45
CA GLU H 103 2.75 -72.72 -49.76
C GLU H 103 3.76 -71.79 -49.11
N ASN H 104 3.39 -70.52 -48.95
CA ASN H 104 4.21 -69.49 -48.33
C ASN H 104 3.57 -69.00 -47.04
N ASP H 105 4.42 -68.57 -46.09
CA ASP H 105 3.95 -68.07 -44.80
C ASP H 105 3.36 -66.68 -44.92
N LEU H 106 2.18 -66.50 -44.32
CA LEU H 106 1.50 -65.20 -44.27
C LEU H 106 1.19 -64.75 -42.85
N SER H 107 1.79 -65.37 -41.84
CA SER H 107 1.46 -65.02 -40.46
C SER H 107 1.61 -63.53 -40.20
N GLY H 108 2.62 -62.90 -40.81
CA GLY H 108 2.83 -61.48 -40.56
C GLY H 108 1.62 -60.64 -40.90
N LEU H 109 1.11 -60.80 -42.13
CA LEU H 109 -0.08 -60.07 -42.53
C LEU H 109 -1.23 -60.34 -41.58
N HIS H 110 -1.53 -61.62 -41.35
CA HIS H 110 -2.62 -61.99 -40.46
C HIS H 110 -2.46 -61.31 -39.11
N GLN H 111 -1.33 -61.55 -38.46
CA GLN H 111 -1.10 -60.97 -37.14
C GLN H 111 -1.23 -59.45 -37.18
N ALA H 112 -0.67 -58.81 -38.22
CA ALA H 112 -0.85 -57.38 -38.40
C ALA H 112 -2.33 -57.02 -38.43
N TYR H 113 -3.09 -57.65 -39.33
CA TYR H 113 -4.51 -57.34 -39.45
C TYR H 113 -5.23 -57.48 -38.12
N LEU H 114 -5.11 -58.64 -37.46
CA LEU H 114 -5.81 -58.84 -36.19
C LEU H 114 -5.36 -57.83 -35.13
N GLU H 115 -4.05 -57.58 -35.03
CA GLU H 115 -3.57 -56.56 -34.10
C GLU H 115 -4.25 -55.23 -34.37
N ARG H 116 -4.26 -54.79 -35.64
CA ARG H 116 -4.93 -53.54 -36.00
C ARG H 116 -6.38 -53.55 -35.53
N ILE H 117 -7.13 -54.62 -35.82
CA ILE H 117 -8.49 -54.74 -35.31
C ILE H 117 -8.49 -54.64 -33.78
N ARG H 118 -7.69 -55.49 -33.13
CA ARG H 118 -7.65 -55.51 -31.68
C ARG H 118 -7.42 -54.10 -31.12
N LEU H 119 -6.39 -53.42 -31.63
CA LEU H 119 -6.13 -52.03 -31.21
C LEU H 119 -7.36 -51.14 -31.41
N ALA H 120 -7.95 -51.19 -32.61
CA ALA H 120 -9.13 -50.37 -32.88
C ALA H 120 -10.24 -50.63 -31.87
N ALA H 121 -10.55 -51.90 -31.63
CA ALA H 121 -11.67 -52.24 -30.77
C ALA H 121 -11.43 -51.82 -29.32
N THR H 122 -10.19 -51.96 -28.83
CA THR H 122 -9.89 -51.72 -27.42
C THR H 122 -9.55 -50.27 -27.11
N THR H 123 -9.68 -49.37 -28.06
CA THR H 123 -9.23 -47.99 -27.87
C THR H 123 -9.88 -47.37 -26.63
N PRO H 124 -9.09 -46.95 -25.64
CA PRO H 124 -9.66 -46.25 -24.49
C PRO H 124 -10.16 -44.87 -24.90
N ASP H 125 -11.21 -44.42 -24.20
CA ASP H 125 -11.83 -43.12 -24.50
C ASP H 125 -12.29 -43.07 -25.95
N GLY H 126 -12.93 -44.16 -26.40
CA GLY H 126 -13.37 -44.24 -27.78
C GLY H 126 -14.33 -43.13 -28.20
N GLY H 127 -14.96 -42.47 -27.23
CA GLY H 127 -15.88 -41.39 -27.53
C GLY H 127 -15.31 -40.00 -27.49
N ARG H 128 -14.05 -39.85 -27.09
CA ARG H 128 -13.44 -38.52 -27.03
C ARG H 128 -12.94 -38.14 -28.42
N ALA H 129 -13.20 -36.89 -28.80
CA ALA H 129 -12.88 -36.40 -30.14
C ALA H 129 -12.50 -34.93 -30.09
N ILE H 130 -11.83 -34.47 -31.15
CA ILE H 130 -11.40 -33.08 -31.27
C ILE H 130 -12.50 -32.29 -31.95
N PRO H 131 -13.05 -31.26 -31.30
CA PRO H 131 -13.93 -30.33 -32.03
C PRO H 131 -13.11 -29.54 -33.05
N LEU H 132 -13.62 -29.48 -34.29
CA LEU H 132 -12.92 -28.79 -35.38
C LEU H 132 -13.96 -27.99 -36.17
N ILE H 133 -13.90 -26.68 -36.06
CA ILE H 133 -14.85 -25.76 -36.67
C ILE H 133 -14.13 -24.94 -37.72
N VAL H 134 -14.74 -24.79 -38.90
CA VAL H 134 -14.20 -23.95 -39.96
C VAL H 134 -15.23 -22.85 -40.21
N GLN H 135 -14.79 -21.61 -40.05
CA GLN H 135 -15.65 -20.44 -40.01
C GLN H 135 -16.05 -19.99 -41.41
N SER H 136 -17.13 -19.20 -41.44
CA SER H 136 -17.67 -18.65 -42.66
C SER H 136 -16.90 -17.46 -43.23
N GLN H 137 -15.89 -16.94 -42.51
CA GLN H 137 -15.07 -15.86 -43.04
C GLN H 137 -15.86 -14.55 -42.96
N HIS H 138 -17.19 -14.60 -42.99
CA HIS H 138 -18.02 -13.52 -42.43
C HIS H 138 -18.60 -13.94 -41.08
N PHE H 139 -17.71 -14.26 -40.11
CA PHE H 139 -18.14 -14.86 -38.86
C PHE H 139 -18.60 -13.91 -37.76
N GLN H 140 -18.35 -12.61 -37.83
CA GLN H 140 -18.86 -11.71 -36.77
C GLN H 140 -20.37 -11.52 -36.81
N THR H 141 -21.12 -12.30 -37.58
CA THR H 141 -22.56 -12.17 -37.65
C THR H 141 -23.22 -13.50 -37.31
N ILE H 142 -24.46 -13.66 -37.77
CA ILE H 142 -25.14 -14.95 -37.69
C ILE H 142 -24.44 -15.82 -38.74
N ASN H 143 -24.70 -17.12 -38.71
CA ASN H 143 -23.89 -18.09 -39.44
C ASN H 143 -22.46 -18.06 -38.91
N ASP H 144 -22.34 -18.38 -37.63
CA ASP H 144 -21.08 -18.56 -36.93
C ASP H 144 -21.38 -19.51 -35.78
N ILE H 145 -20.68 -20.64 -35.74
CA ILE H 145 -20.92 -21.69 -34.76
C ILE H 145 -19.93 -21.49 -33.61
N PRO H 146 -20.38 -21.20 -32.39
CA PRO H 146 -19.44 -21.20 -31.27
C PRO H 146 -19.13 -22.63 -30.85
N VAL H 147 -17.92 -22.81 -30.31
CA VAL H 147 -17.50 -24.15 -29.90
C VAL H 147 -18.48 -24.71 -28.88
N ARG H 148 -19.04 -23.84 -28.05
CA ARG H 148 -20.01 -24.26 -27.04
C ARG H 148 -21.12 -25.10 -27.63
N ASP H 149 -21.67 -24.66 -28.77
CA ASP H 149 -22.79 -25.37 -29.37
C ASP H 149 -22.37 -26.73 -29.91
N LEU H 150 -21.18 -26.82 -30.51
CA LEU H 150 -20.69 -28.11 -30.98
C LEU H 150 -20.47 -29.07 -29.83
N LEU H 151 -19.86 -28.59 -28.73
CA LEU H 151 -19.70 -29.42 -27.55
C LEU H 151 -21.06 -29.94 -27.08
N THR H 152 -22.08 -29.09 -27.09
CA THR H 152 -23.43 -29.53 -26.76
C THR H 152 -23.90 -30.61 -27.73
N ALA H 153 -23.74 -30.37 -29.03
CA ALA H 153 -24.17 -31.35 -30.04
C ALA H 153 -23.42 -32.65 -29.87
N MET H 154 -22.13 -32.59 -29.56
CA MET H 154 -21.35 -33.80 -29.31
C MET H 154 -21.90 -34.56 -28.10
N SER H 155 -22.05 -33.86 -26.97
CA SER H 155 -22.59 -34.49 -25.77
C SER H 155 -23.90 -35.19 -26.06
N ALA H 156 -24.73 -34.60 -26.93
CA ALA H 156 -26.01 -35.21 -27.27
C ALA H 156 -25.87 -36.57 -27.93
N GLU H 157 -24.71 -36.87 -28.53
CA GLU H 157 -24.47 -38.16 -29.14
C GLU H 157 -23.66 -39.10 -28.27
N GLY H 158 -23.28 -38.68 -27.07
CA GLY H 158 -22.38 -39.45 -26.23
C GLY H 158 -20.92 -39.18 -26.48
N LEU H 159 -20.58 -38.12 -27.22
CA LEU H 159 -19.21 -37.72 -27.45
C LEU H 159 -18.82 -36.60 -26.48
N THR H 160 -17.52 -36.51 -26.21
CA THR H 160 -16.94 -35.48 -25.36
C THR H 160 -15.67 -34.99 -26.04
N ALA H 161 -15.11 -33.90 -25.53
CA ALA H 161 -14.05 -33.20 -26.22
C ALA H 161 -12.72 -33.42 -25.52
N PHE H 162 -11.69 -33.61 -26.33
CA PHE H 162 -10.33 -33.83 -25.86
C PHE H 162 -9.69 -32.53 -25.37
N ASP H 163 -10.05 -31.41 -25.97
CA ASP H 163 -9.36 -30.15 -25.73
C ASP H 163 -10.37 -29.01 -25.73
N GLN H 164 -9.83 -27.79 -25.68
CA GLN H 164 -10.60 -26.57 -25.89
C GLN H 164 -11.17 -26.56 -27.30
N GLY H 165 -10.55 -27.32 -28.20
CA GLY H 165 -10.97 -27.46 -29.57
C GLY H 165 -10.29 -26.49 -30.52
N ILE H 166 -10.57 -26.68 -31.80
CA ILE H 166 -9.99 -25.91 -32.88
C ILE H 166 -11.09 -25.14 -33.59
N LYS H 167 -10.87 -23.83 -33.77
CA LYS H 167 -11.76 -23.02 -34.61
C LYS H 167 -10.93 -22.23 -35.60
N ILE H 168 -11.16 -22.44 -36.90
CA ILE H 168 -10.36 -21.87 -37.97
C ILE H 168 -11.23 -21.02 -38.89
N ALA H 169 -10.65 -19.90 -39.35
CA ALA H 169 -11.23 -19.07 -40.41
C ALA H 169 -10.25 -18.99 -41.56
N PHE H 170 -10.64 -19.51 -42.72
CA PHE H 170 -9.79 -19.42 -43.90
C PHE H 170 -9.47 -17.97 -44.23
N ALA H 171 -8.22 -17.70 -44.57
CA ALA H 171 -7.79 -16.33 -44.85
C ALA H 171 -8.47 -15.80 -46.11
N ALA H 172 -8.69 -14.48 -46.13
CA ALA H 172 -9.27 -13.83 -47.29
C ALA H 172 -8.31 -13.88 -48.48
N PRO H 173 -8.79 -14.16 -49.70
CA PRO H 173 -7.93 -14.15 -50.83
C PRO H 173 -7.48 -12.71 -50.98
N GLY H 174 -6.35 -12.50 -51.63
CA GLY H 174 -5.83 -11.16 -51.90
C GLY H 174 -5.63 -11.07 -53.38
N PRO H 175 -4.59 -10.40 -53.87
CA PRO H 175 -4.31 -10.46 -55.27
C PRO H 175 -4.06 -11.93 -55.57
N ARG H 176 -4.39 -12.38 -56.77
CA ARG H 176 -4.17 -13.77 -57.24
C ARG H 176 -5.27 -14.67 -56.69
N GLY H 177 -6.26 -14.13 -56.01
CA GLY H 177 -7.41 -14.93 -55.56
C GLY H 177 -7.01 -16.18 -54.84
N ARG H 178 -7.72 -17.29 -55.05
CA ARG H 178 -7.45 -18.53 -54.30
C ARG H 178 -6.73 -19.47 -55.25
N ASP H 179 -5.46 -19.13 -55.49
CA ASP H 179 -4.58 -19.88 -56.37
C ASP H 179 -3.95 -21.06 -55.62
N THR H 180 -3.08 -21.77 -56.32
CA THR H 180 -2.49 -22.99 -55.76
C THR H 180 -1.81 -22.73 -54.43
N THR H 181 -1.08 -21.61 -54.31
CA THR H 181 -0.38 -21.33 -53.06
C THR H 181 -1.36 -21.02 -51.94
N TYR H 182 -2.37 -20.20 -52.22
CA TYR H 182 -3.41 -19.94 -51.23
C TYR H 182 -3.94 -21.26 -50.68
N TRP H 183 -4.33 -22.17 -51.58
CA TRP H 183 -4.88 -23.45 -51.15
C TRP H 183 -3.86 -24.23 -50.34
N GLN H 184 -2.58 -24.21 -50.75
CA GLN H 184 -1.55 -24.91 -50.01
C GLN H 184 -1.48 -24.39 -48.57
N ASN H 185 -1.46 -23.06 -48.41
CA ASN H 185 -1.44 -22.49 -47.05
C ASN H 185 -2.66 -22.94 -46.25
N VAL H 186 -3.82 -23.05 -46.89
CA VAL H 186 -4.99 -23.56 -46.19
C VAL H 186 -4.73 -24.97 -45.69
N LYS H 187 -4.31 -25.86 -46.60
CA LYS H 187 -4.05 -27.25 -46.23
C LYS H 187 -3.05 -27.36 -45.10
N ASP H 188 -1.89 -26.71 -45.25
CA ASP H 188 -0.88 -26.74 -44.20
C ASP H 188 -1.43 -26.19 -42.88
N SER H 189 -2.15 -25.07 -42.95
CA SER H 189 -2.69 -24.46 -41.75
C SER H 189 -3.58 -25.43 -40.99
N VAL H 190 -4.49 -26.10 -41.69
CA VAL H 190 -5.34 -27.10 -41.03
C VAL H 190 -4.47 -28.19 -40.44
N GLN H 191 -3.66 -28.83 -41.29
CA GLN H 191 -2.83 -29.93 -40.84
C GLN H 191 -1.92 -29.52 -39.69
N TYR H 192 -1.38 -28.30 -39.74
CA TYR H 192 -0.59 -27.80 -38.63
C TYR H 192 -1.38 -27.84 -37.32
N GLU H 193 -2.55 -27.20 -37.29
CA GLU H 193 -3.35 -27.16 -36.07
C GLU H 193 -3.62 -28.57 -35.54
N LEU H 194 -3.82 -29.52 -36.44
CA LEU H 194 -4.07 -30.89 -36.02
C LEU H 194 -2.82 -31.53 -35.40
N GLU H 195 -1.67 -31.37 -36.05
CA GLU H 195 -0.42 -31.87 -35.46
C GLU H 195 -0.17 -31.25 -34.09
N GLN H 196 -0.48 -29.96 -33.94
CA GLN H 196 -0.29 -29.28 -32.66
C GLN H 196 -1.14 -29.89 -31.56
N GLN H 197 -2.30 -30.46 -31.92
CA GLN H 197 -3.12 -31.14 -30.93
C GLN H 197 -2.40 -32.36 -30.37
N LEU H 198 -1.40 -32.86 -31.09
CA LEU H 198 -0.63 -33.97 -30.55
C LEU H 198 0.30 -33.53 -29.37
N LYS H 199 0.03 -32.33 -28.83
CA LYS H 199 0.68 -31.91 -27.60
C LYS H 199 0.19 -32.75 -26.43
N ARG H 200 -0.96 -33.41 -26.60
CA ARG H 200 -1.45 -34.41 -25.65
C ARG H 200 -0.60 -35.67 -25.75
N ARG H 201 0.72 -35.49 -25.70
CA ARG H 201 1.75 -36.52 -25.72
C ARG H 201 1.70 -37.42 -26.95
N GLY H 202 2.18 -36.91 -28.08
CA GLY H 202 2.46 -37.74 -29.24
C GLY H 202 3.76 -38.48 -28.96
N GLY H 203 4.52 -38.72 -30.02
CA GLY H 203 5.76 -39.46 -29.84
C GLY H 203 5.46 -40.94 -29.80
N THR H 204 4.69 -41.36 -28.80
CA THR H 204 4.06 -42.67 -28.88
C THR H 204 3.25 -42.72 -30.18
N TYR H 205 3.41 -43.81 -30.92
CA TYR H 205 2.75 -43.97 -32.21
C TYR H 205 1.28 -44.34 -32.10
N GLY H 206 0.54 -44.06 -33.18
CA GLY H 206 -0.62 -44.89 -33.46
C GLY H 206 -1.98 -44.31 -33.19
N ASP H 207 -2.25 -44.11 -31.90
CA ASP H 207 -3.60 -43.80 -31.45
C ASP H 207 -3.88 -42.34 -31.79
N SER H 208 -4.50 -42.14 -32.97
CA SER H 208 -4.90 -40.81 -33.40
C SER H 208 -6.37 -40.59 -33.08
N PRO H 209 -6.72 -39.44 -32.52
CA PRO H 209 -8.11 -39.21 -32.08
C PRO H 209 -9.05 -38.98 -33.25
N ALA H 210 -10.34 -39.05 -32.94
CA ALA H 210 -11.39 -38.77 -33.90
C ALA H 210 -11.65 -37.27 -33.98
N LEU H 211 -12.24 -36.85 -35.10
CA LEU H 211 -12.51 -35.44 -35.38
C LEU H 211 -14.01 -35.21 -35.41
N ALA H 212 -14.50 -34.40 -34.47
CA ALA H 212 -15.86 -33.85 -34.54
C ALA H 212 -15.77 -32.57 -35.34
N VAL H 213 -16.04 -32.67 -36.65
CA VAL H 213 -15.78 -31.59 -37.59
C VAL H 213 -17.09 -31.05 -38.14
N VAL H 214 -17.17 -29.73 -38.26
CA VAL H 214 -18.27 -29.02 -38.88
C VAL H 214 -17.69 -27.85 -39.67
N GLY H 215 -18.27 -27.59 -40.83
CA GLY H 215 -17.77 -26.52 -41.69
C GLY H 215 -18.91 -25.69 -42.21
N LEU H 216 -18.63 -24.39 -42.41
CA LEU H 216 -19.60 -23.45 -42.92
C LEU H 216 -18.90 -22.46 -43.87
N ALA H 217 -18.51 -22.97 -45.03
CA ALA H 217 -17.92 -22.15 -46.09
C ALA H 217 -18.41 -22.70 -47.43
N ASP H 218 -17.91 -22.12 -48.51
CA ASP H 218 -18.26 -22.60 -49.85
C ASP H 218 -17.66 -23.99 -50.10
N ILE H 219 -18.15 -24.63 -51.16
CA ILE H 219 -17.79 -26.00 -51.49
C ILE H 219 -16.28 -26.17 -51.66
N PRO H 220 -15.61 -25.41 -52.53
CA PRO H 220 -14.16 -25.61 -52.70
C PRO H 220 -13.40 -25.57 -51.38
N ALA H 221 -13.71 -24.57 -50.53
CA ALA H 221 -13.06 -24.48 -49.24
C ALA H 221 -13.28 -25.74 -48.42
N LEU H 222 -14.54 -26.15 -48.24
CA LEU H 222 -14.83 -27.32 -47.42
C LEU H 222 -14.22 -28.58 -48.02
N MET H 223 -14.26 -28.73 -49.35
CA MET H 223 -13.56 -29.83 -49.98
C MET H 223 -12.08 -29.81 -49.60
N MET H 224 -11.46 -28.64 -49.61
CA MET H 224 -10.05 -28.55 -49.27
C MET H 224 -9.82 -28.94 -47.82
N LEU H 225 -10.75 -28.56 -46.94
CA LEU H 225 -10.72 -29.07 -45.56
C LEU H 225 -10.69 -30.59 -45.58
N GLY H 226 -11.50 -31.21 -46.43
CA GLY H 226 -11.47 -32.67 -46.56
C GLY H 226 -10.11 -33.20 -46.99
N GLN H 227 -9.50 -32.56 -47.98
CA GLN H 227 -8.16 -32.98 -48.40
C GLN H 227 -7.18 -32.91 -47.23
N SER H 228 -7.30 -31.88 -46.41
CA SER H 228 -6.41 -31.72 -45.27
C SER H 228 -6.61 -32.84 -44.27
N ILE H 229 -7.88 -33.20 -44.02
CA ILE H 229 -8.22 -34.21 -43.03
C ILE H 229 -7.85 -35.60 -43.52
N GLY H 230 -8.00 -35.86 -44.81
CA GLY H 230 -7.57 -37.11 -45.38
C GLY H 230 -8.59 -38.22 -45.26
N ASP H 231 -8.51 -39.18 -46.17
CA ASP H 231 -9.46 -40.29 -46.19
C ASP H 231 -9.31 -41.17 -44.94
N ARG H 232 -8.09 -41.33 -44.45
CA ARG H 232 -7.79 -42.24 -43.35
C ARG H 232 -8.08 -41.65 -41.97
N SER H 233 -8.70 -40.48 -41.90
CA SER H 233 -9.03 -39.88 -40.61
C SER H 233 -10.32 -40.46 -40.02
N LYS H 234 -10.36 -40.52 -38.69
CA LYS H 234 -11.53 -40.94 -37.92
C LYS H 234 -12.45 -39.73 -37.75
N ARG H 235 -13.29 -39.49 -38.74
CA ARG H 235 -14.09 -38.27 -38.81
C ARG H 235 -15.56 -38.52 -38.47
N LEU H 236 -16.12 -37.67 -37.60
CA LEU H 236 -17.55 -37.62 -37.27
C LEU H 236 -18.07 -36.23 -37.64
N ILE H 237 -18.68 -36.12 -38.83
CA ILE H 237 -19.02 -34.82 -39.38
C ILE H 237 -20.37 -34.36 -38.83
N PHE H 238 -20.49 -33.05 -38.61
CA PHE H 238 -21.74 -32.41 -38.24
C PHE H 238 -22.10 -31.40 -39.33
N SER H 239 -23.38 -31.05 -39.40
CA SER H 239 -23.86 -30.10 -40.41
C SER H 239 -24.66 -29.00 -39.70
N PHE H 240 -24.46 -27.78 -40.15
CA PHE H 240 -25.15 -26.63 -39.59
C PHE H 240 -26.34 -26.28 -40.47
N HIS H 241 -27.50 -26.10 -39.87
CA HIS H 241 -28.71 -25.67 -40.55
C HIS H 241 -29.31 -24.46 -39.86
N ARG H 242 -29.81 -23.50 -40.64
CA ARG H 242 -30.46 -22.27 -40.18
C ARG H 242 -31.39 -22.47 -38.99
N GLU H 243 -32.25 -23.48 -39.04
CA GLU H 243 -33.27 -23.77 -38.04
C GLU H 243 -32.73 -24.59 -36.87
N HIS H 244 -32.27 -25.79 -37.17
CA HIS H 244 -31.88 -26.77 -36.15
C HIS H 244 -30.48 -26.55 -35.58
N LEU H 245 -29.72 -25.59 -36.09
CA LEU H 245 -28.33 -25.36 -35.71
C LEU H 245 -27.52 -26.63 -36.00
N LEU H 246 -26.95 -27.29 -34.99
CA LEU H 246 -26.28 -28.57 -35.17
C LEU H 246 -27.16 -29.80 -34.85
N ARG H 247 -28.40 -29.61 -34.42
CA ARG H 247 -29.31 -30.74 -34.13
C ARG H 247 -29.61 -31.46 -35.44
N TRP H 248 -29.59 -32.77 -35.45
CA TRP H 248 -29.94 -33.53 -36.65
C TRP H 248 -31.45 -33.45 -36.89
N PRO H 249 -31.92 -33.14 -38.10
CA PRO H 249 -33.35 -33.02 -38.35
C PRO H 249 -34.16 -34.29 -38.07
N ASP H 250 -33.61 -35.47 -38.36
CA ASP H 250 -34.28 -36.74 -38.07
C ASP H 250 -33.27 -37.88 -38.02
N GLN H 251 -32.87 -38.25 -36.80
CA GLN H 251 -31.95 -39.37 -36.65
C GLN H 251 -32.53 -40.68 -37.19
N SER H 252 -33.86 -40.82 -37.21
CA SER H 252 -34.46 -42.07 -37.66
C SER H 252 -34.59 -42.15 -39.18
N ALA H 253 -34.59 -41.01 -39.88
CA ALA H 253 -34.80 -41.01 -41.31
C ALA H 253 -33.78 -41.92 -41.99
N GLU H 254 -34.24 -42.64 -43.01
CA GLU H 254 -33.39 -43.51 -43.81
C GLU H 254 -32.66 -42.72 -44.89
N PRO H 255 -31.38 -43.02 -45.10
CA PRO H 255 -30.64 -42.31 -46.16
C PRO H 255 -31.34 -42.49 -47.49
N PRO H 256 -31.25 -41.50 -48.38
CA PRO H 256 -31.84 -41.64 -49.71
C PRO H 256 -31.03 -42.55 -50.61
N SER H 257 -31.67 -42.97 -51.70
CA SER H 257 -30.97 -43.67 -52.78
C SER H 257 -30.27 -42.63 -53.65
N PHE H 258 -29.07 -42.98 -54.11
CA PHE H 258 -28.29 -42.10 -54.96
C PHE H 258 -28.35 -42.63 -56.39
N LEU H 259 -29.04 -41.90 -57.26
CA LEU H 259 -29.31 -42.36 -58.62
C LEU H 259 -28.16 -41.92 -59.52
N PHE H 260 -27.47 -42.89 -60.09
CA PHE H 260 -26.33 -42.62 -60.94
C PHE H 260 -26.72 -42.72 -62.41
N THR H 261 -26.23 -41.78 -63.21
CA THR H 261 -26.47 -41.76 -64.65
C THR H 261 -25.11 -41.85 -65.34
N PRO H 262 -24.75 -43.00 -65.92
CA PRO H 262 -23.42 -43.12 -66.53
C PRO H 262 -23.28 -42.15 -67.68
N PRO H 263 -22.07 -41.91 -68.14
CA PRO H 263 -21.86 -40.90 -69.18
C PRO H 263 -22.18 -41.49 -70.55
N PRO H 264 -22.54 -40.66 -71.52
CA PRO H 264 -22.63 -41.14 -72.90
C PRO H 264 -21.24 -41.48 -73.42
N ASN H 265 -21.21 -42.35 -74.42
CA ASN H 265 -19.94 -42.77 -74.98
C ASN H 265 -19.34 -41.67 -75.84
N GLY H 266 -18.03 -41.64 -75.91
CA GLY H 266 -17.33 -40.68 -76.74
C GLY H 266 -15.92 -40.46 -76.26
N ASP H 267 -15.26 -39.51 -76.92
CA ASP H 267 -13.90 -39.11 -76.58
C ASP H 267 -13.84 -37.73 -75.93
N GLY H 268 -14.99 -37.07 -75.74
CA GLY H 268 -15.02 -35.77 -75.11
C GLY H 268 -14.57 -35.84 -73.66
N PRO H 269 -14.37 -34.66 -73.05
CA PRO H 269 -13.92 -34.63 -71.66
C PRO H 269 -14.97 -35.17 -70.71
N LEU H 270 -14.52 -36.02 -69.78
CA LEU H 270 -15.42 -36.65 -68.83
C LEU H 270 -15.74 -35.67 -67.71
N ALA H 271 -17.04 -35.52 -67.40
CA ALA H 271 -17.51 -34.58 -66.40
C ALA H 271 -18.45 -35.27 -65.43
N LEU H 272 -18.29 -34.96 -64.15
CA LEU H 272 -19.12 -35.51 -63.08
C LEU H 272 -20.00 -34.42 -62.48
N VAL H 273 -21.30 -34.66 -62.42
CA VAL H 273 -22.28 -33.72 -61.88
C VAL H 273 -22.92 -34.32 -60.65
N LEU H 274 -22.94 -33.56 -59.55
CA LEU H 274 -23.58 -33.96 -58.31
C LEU H 274 -24.81 -33.08 -58.07
N SER H 275 -25.99 -33.64 -58.29
CA SER H 275 -27.25 -32.92 -58.14
C SER H 275 -27.94 -33.43 -56.87
N ILE H 276 -27.60 -32.84 -55.74
CA ILE H 276 -28.13 -33.22 -54.45
C ILE H 276 -28.90 -32.09 -53.79
N SER H 277 -28.25 -30.93 -53.65
CA SER H 277 -28.97 -29.75 -53.20
C SER H 277 -29.97 -29.29 -54.25
N ALA H 278 -29.61 -29.40 -55.53
CA ALA H 278 -30.46 -28.96 -56.62
C ALA H 278 -30.00 -29.67 -57.90
N GLN H 279 -30.72 -29.43 -58.99
CA GLN H 279 -30.37 -29.97 -60.29
C GLN H 279 -29.44 -29.00 -61.01
N VAL H 280 -28.24 -29.47 -61.33
CA VAL H 280 -27.24 -28.63 -62.02
C VAL H 280 -27.62 -28.57 -63.49
N PRO H 281 -27.84 -27.37 -64.05
CA PRO H 281 -28.23 -27.27 -65.47
C PRO H 281 -27.14 -27.73 -66.43
N VAL H 282 -27.52 -28.62 -67.34
CA VAL H 282 -26.57 -29.11 -68.35
C VAL H 282 -26.00 -27.95 -69.16
N ARG H 283 -26.80 -26.92 -69.38
CA ARG H 283 -26.36 -25.73 -70.11
C ARG H 283 -25.18 -25.05 -69.41
N ASP H 284 -25.17 -25.04 -68.08
CA ASP H 284 -24.03 -24.44 -67.38
C ASP H 284 -22.77 -25.28 -67.51
N VAL H 285 -22.91 -26.62 -67.51
CA VAL H 285 -21.75 -27.49 -67.65
C VAL H 285 -21.10 -27.31 -69.02
N THR H 286 -21.90 -27.51 -70.08
CA THR H 286 -21.35 -27.42 -71.43
C THR H 286 -20.75 -26.05 -71.70
N ASP H 287 -21.32 -25.00 -71.12
CA ASP H 287 -20.76 -23.66 -71.28
C ASP H 287 -19.36 -23.57 -70.69
N ALA H 288 -19.14 -24.21 -69.54
CA ALA H 288 -17.82 -24.17 -68.92
C ALA H 288 -16.88 -25.20 -69.53
N LEU H 289 -17.41 -26.33 -69.99
CA LEU H 289 -16.60 -27.41 -70.53
C LEU H 289 -17.28 -27.87 -71.82
N PRO H 290 -16.86 -27.33 -72.96
CA PRO H 290 -17.49 -27.73 -74.23
C PRO H 290 -17.29 -29.21 -74.53
N GLY H 291 -18.35 -29.83 -75.03
CA GLY H 291 -18.31 -31.24 -75.41
C GLY H 291 -18.21 -32.20 -74.24
N ALA H 292 -18.68 -31.80 -73.07
CA ALA H 292 -18.55 -32.60 -71.86
C ALA H 292 -19.44 -33.83 -71.91
N ARG H 293 -18.84 -35.00 -71.62
CA ARG H 293 -19.60 -36.25 -71.43
C ARG H 293 -20.05 -36.31 -69.97
N ILE H 294 -21.32 -36.07 -69.72
CA ILE H 294 -21.82 -35.83 -68.38
C ILE H 294 -22.22 -37.15 -67.72
N ALA H 295 -21.48 -37.53 -66.70
CA ALA H 295 -21.96 -38.49 -65.71
C ALA H 295 -22.61 -37.70 -64.58
N GLU H 296 -23.67 -38.25 -64.00
CA GLU H 296 -24.44 -37.54 -63.00
C GLU H 296 -24.79 -38.46 -61.84
N LEU H 297 -24.62 -37.93 -60.63
CA LEU H 297 -25.12 -38.55 -59.41
C LEU H 297 -26.14 -37.58 -58.82
N SER H 298 -27.32 -38.10 -58.49
CA SER H 298 -28.40 -37.27 -58.00
C SER H 298 -29.26 -38.10 -57.07
N ILE H 299 -30.19 -37.42 -56.40
CA ILE H 299 -31.21 -38.10 -55.61
C ILE H 299 -32.56 -37.82 -56.27
N PRO H 300 -33.57 -38.66 -56.02
CA PRO H 300 -34.87 -38.44 -56.66
C PRO H 300 -35.45 -37.06 -56.41
N GLU H 301 -35.41 -36.61 -55.16
CA GLU H 301 -36.02 -35.33 -54.76
C GLU H 301 -34.91 -34.45 -54.18
N PRO H 302 -34.15 -33.77 -55.03
CA PRO H 302 -33.12 -32.85 -54.54
C PRO H 302 -33.69 -31.85 -53.54
N SER H 303 -32.96 -31.65 -52.44
CA SER H 303 -33.44 -30.80 -51.36
C SER H 303 -32.27 -30.13 -50.67
N TYR H 304 -32.51 -28.90 -50.20
CA TYR H 304 -31.50 -28.16 -49.48
C TYR H 304 -31.27 -28.72 -48.07
N ALA H 305 -32.29 -29.37 -47.51
CA ALA H 305 -32.28 -29.86 -46.14
C ALA H 305 -32.08 -31.38 -46.06
N MET H 306 -31.47 -31.98 -47.08
CA MET H 306 -31.41 -33.43 -47.20
C MET H 306 -30.48 -34.12 -46.21
N VAL H 307 -29.66 -33.38 -45.46
CA VAL H 307 -28.75 -34.00 -44.48
C VAL H 307 -29.56 -34.17 -43.19
N GLN H 308 -30.38 -35.22 -43.17
CA GLN H 308 -31.24 -35.48 -42.03
C GLN H 308 -30.51 -36.11 -40.85
N ASN H 309 -29.45 -36.89 -41.09
CA ASN H 309 -28.68 -37.49 -40.02
C ASN H 309 -27.34 -37.95 -40.60
N ARG H 310 -26.40 -38.27 -39.70
CA ARG H 310 -25.05 -38.59 -40.16
C ARG H 310 -25.04 -39.78 -41.12
N ARG H 311 -25.94 -40.76 -40.91
CA ARG H 311 -25.97 -41.92 -41.80
C ARG H 311 -26.12 -41.53 -43.25
N VAL H 312 -26.84 -40.43 -43.52
CA VAL H 312 -26.95 -39.91 -44.88
C VAL H 312 -25.57 -39.65 -45.46
N ILE H 313 -24.69 -39.04 -44.67
CA ILE H 313 -23.34 -38.73 -45.15
C ILE H 313 -22.60 -40.01 -45.53
N HIS H 314 -22.61 -41.01 -44.65
CA HIS H 314 -21.97 -42.29 -44.97
C HIS H 314 -22.56 -42.90 -46.25
N ALA H 315 -23.87 -42.88 -46.39
CA ALA H 315 -24.48 -43.37 -47.62
C ALA H 315 -23.88 -42.66 -48.83
N PHE H 316 -23.87 -41.33 -48.79
CA PHE H 316 -23.18 -40.56 -49.83
C PHE H 316 -21.77 -41.11 -50.04
N ARG H 317 -21.00 -41.23 -48.96
CA ARG H 317 -19.64 -41.76 -49.06
C ARG H 317 -19.64 -43.07 -49.84
N ASP H 318 -20.35 -44.08 -49.32
CA ASP H 318 -20.37 -45.39 -49.96
C ASP H 318 -20.74 -45.31 -51.43
N ALA H 319 -21.83 -44.60 -51.75
CA ALA H 319 -22.29 -44.50 -53.13
C ALA H 319 -21.21 -43.88 -54.01
N LEU H 320 -20.72 -42.70 -53.62
CA LEU H 320 -19.75 -41.99 -54.46
C LEU H 320 -18.48 -42.80 -54.62
N GLN H 321 -17.99 -43.40 -53.53
CA GLN H 321 -16.78 -44.22 -53.59
C GLN H 321 -16.80 -45.22 -54.74
N ILE H 322 -17.95 -45.87 -54.97
CA ILE H 322 -18.04 -46.84 -56.05
C ILE H 322 -17.88 -46.15 -57.40
N ARG H 323 -18.74 -45.17 -57.69
CA ARG H 323 -18.78 -44.55 -59.00
C ARG H 323 -17.43 -43.95 -59.39
N LEU H 324 -16.67 -43.44 -58.42
CA LEU H 324 -15.36 -42.88 -58.73
C LEU H 324 -14.44 -43.94 -59.34
N SER H 325 -14.41 -45.12 -58.74
CA SER H 325 -13.60 -46.21 -59.30
C SER H 325 -14.04 -46.54 -60.73
N GLN H 326 -15.35 -46.57 -60.97
CA GLN H 326 -15.84 -46.88 -62.31
C GLN H 326 -15.44 -45.80 -63.32
N LEU H 327 -15.64 -44.53 -62.95
CA LEU H 327 -15.39 -43.45 -63.91
C LEU H 327 -13.93 -43.36 -64.29
N GLU H 328 -13.02 -43.56 -63.33
CA GLU H 328 -11.60 -43.48 -63.62
C GLU H 328 -11.16 -44.51 -64.66
N ALA H 329 -11.85 -45.64 -64.73
CA ALA H 329 -11.48 -46.65 -65.72
C ALA H 329 -11.79 -46.21 -67.14
N LEU H 330 -12.71 -45.27 -67.32
CA LEU H 330 -13.16 -44.89 -68.64
C LEU H 330 -12.28 -43.85 -69.32
N THR H 331 -11.22 -43.39 -68.66
CA THR H 331 -10.34 -42.41 -69.29
C THR H 331 -9.09 -42.20 -68.46
N PRO H 332 -7.94 -41.91 -69.09
CA PRO H 332 -6.78 -41.45 -68.32
C PRO H 332 -6.79 -39.95 -68.06
N ASP H 333 -7.74 -39.24 -68.65
CA ASP H 333 -7.83 -37.79 -68.57
C ASP H 333 -8.64 -37.37 -67.36
N PRO H 334 -8.51 -36.10 -66.95
CA PRO H 334 -9.14 -35.66 -65.70
C PRO H 334 -10.65 -35.79 -65.71
N ILE H 335 -11.22 -35.90 -64.51
CA ILE H 335 -12.65 -35.88 -64.30
C ILE H 335 -13.02 -34.48 -63.82
N HIS H 336 -13.93 -33.81 -64.53
CA HIS H 336 -14.33 -32.46 -64.20
C HIS H 336 -15.61 -32.52 -63.37
N VAL H 337 -15.59 -31.88 -62.21
CA VAL H 337 -16.63 -32.03 -61.19
C VAL H 337 -17.45 -30.76 -61.09
N PHE H 338 -18.78 -30.92 -61.19
CA PHE H 338 -19.73 -29.83 -61.00
C PHE H 338 -20.69 -30.25 -59.89
N ALA H 339 -20.63 -29.59 -58.74
CA ALA H 339 -21.30 -30.04 -57.53
C ALA H 339 -22.27 -28.99 -57.01
N ALA H 340 -23.46 -29.45 -56.62
CA ALA H 340 -24.45 -28.66 -55.88
C ALA H 340 -24.80 -29.49 -54.66
N ILE H 341 -24.00 -29.36 -53.60
CA ILE H 341 -24.10 -30.28 -52.46
C ILE H 341 -24.02 -29.50 -51.16
N PRO H 342 -24.64 -30.04 -50.11
CA PRO H 342 -24.55 -29.39 -48.79
C PRO H 342 -23.12 -29.34 -48.27
N ALA H 343 -22.91 -28.47 -47.29
CA ALA H 343 -21.59 -28.31 -46.68
C ALA H 343 -20.99 -29.65 -46.25
N ALA H 344 -21.72 -30.39 -45.41
CA ALA H 344 -21.17 -31.62 -44.83
C ALA H 344 -20.66 -32.57 -45.91
N LEU H 345 -21.39 -32.70 -47.02
CA LEU H 345 -20.97 -33.64 -48.06
C LEU H 345 -19.72 -33.14 -48.77
N ALA H 346 -19.60 -31.82 -48.98
CA ALA H 346 -18.39 -31.30 -49.59
C ALA H 346 -17.15 -31.76 -48.83
N ILE H 347 -17.25 -31.83 -47.50
CA ILE H 347 -16.15 -32.34 -46.69
C ILE H 347 -15.85 -33.79 -47.07
N GLU H 348 -16.86 -34.67 -46.96
CA GLU H 348 -16.66 -36.09 -47.27
C GLU H 348 -16.08 -36.27 -48.67
N PHE H 349 -16.68 -35.59 -49.66
CA PHE H 349 -16.18 -35.64 -51.02
C PHE H 349 -14.69 -35.31 -51.07
N GLY H 350 -14.28 -34.24 -50.38
CA GLY H 350 -12.88 -33.88 -50.37
C GLY H 350 -11.99 -34.95 -49.75
N ALA H 351 -12.48 -35.60 -48.69
CA ALA H 351 -11.71 -36.66 -48.05
C ALA H 351 -11.62 -37.88 -48.96
N LEU H 352 -12.73 -38.28 -49.58
CA LEU H 352 -12.74 -39.45 -50.45
C LEU H 352 -11.66 -39.36 -51.52
N LEU H 353 -11.54 -38.21 -52.17
CA LEU H 353 -10.61 -38.05 -53.29
C LEU H 353 -9.16 -38.27 -52.90
N THR H 354 -8.87 -38.37 -51.60
CA THR H 354 -7.50 -38.69 -51.18
C THR H 354 -7.12 -40.10 -51.61
N THR H 355 -8.02 -41.07 -51.47
CA THR H 355 -7.71 -42.44 -51.88
C THR H 355 -7.62 -42.52 -53.41
N GLN H 356 -8.46 -41.77 -54.11
CA GLN H 356 -8.50 -41.70 -55.56
C GLN H 356 -7.31 -40.87 -56.05
N HIS H 357 -6.11 -41.23 -55.59
CA HIS H 357 -4.94 -40.38 -55.78
C HIS H 357 -4.30 -40.56 -57.15
N GLN H 358 -4.46 -41.72 -57.77
CA GLN H 358 -3.84 -41.95 -59.07
C GLN H 358 -4.48 -41.11 -60.16
N HIS H 359 -5.62 -40.50 -59.88
CA HIS H 359 -6.38 -39.82 -60.90
C HIS H 359 -6.52 -38.34 -60.58
N THR H 360 -6.68 -37.56 -61.63
CA THR H 360 -6.73 -36.11 -61.55
C THR H 360 -8.19 -35.67 -61.61
N TYR H 361 -8.58 -34.82 -60.66
CA TYR H 361 -9.91 -34.24 -60.63
C TYR H 361 -9.80 -32.72 -60.69
N LEU H 362 -10.62 -32.11 -61.52
CA LEU H 362 -10.70 -30.66 -61.65
C LEU H 362 -12.07 -30.20 -61.16
N ILE H 363 -12.08 -29.31 -60.18
CA ILE H 363 -13.32 -28.88 -59.53
C ILE H 363 -13.72 -27.52 -60.09
N PHE H 364 -14.95 -27.42 -60.56
CA PHE H 364 -15.52 -26.17 -61.05
C PHE H 364 -16.51 -25.63 -60.03
N ASP H 365 -16.51 -24.31 -59.86
CA ASP H 365 -17.44 -23.66 -58.95
C ASP H 365 -17.94 -22.37 -59.59
N ARG H 366 -19.14 -21.96 -59.19
CA ARG H 366 -19.73 -20.72 -59.67
C ARG H 366 -18.85 -19.52 -59.35
N ASP H 367 -18.64 -18.65 -60.34
CA ASP H 367 -17.91 -17.39 -60.15
C ASP H 367 -18.91 -16.25 -60.28
N LYS H 368 -19.19 -15.58 -59.15
CA LYS H 368 -20.19 -14.52 -59.15
C LYS H 368 -19.78 -13.33 -60.00
N GLU H 369 -18.48 -13.06 -60.10
CA GLU H 369 -18.03 -11.91 -60.85
C GLU H 369 -18.11 -12.13 -62.36
N ASN H 370 -18.39 -13.36 -62.79
CA ASN H 370 -18.57 -13.71 -64.19
C ASN H 370 -19.98 -14.22 -64.47
N GLN H 371 -20.98 -13.58 -63.88
CA GLN H 371 -22.38 -13.96 -64.08
C GLN H 371 -22.64 -15.37 -63.55
N ASP H 372 -22.01 -15.69 -62.42
CA ASP H 372 -22.26 -16.94 -61.70
C ASP H 372 -22.01 -18.18 -62.56
N ARG H 373 -21.15 -18.07 -63.58
CA ARG H 373 -20.81 -19.25 -64.37
C ARG H 373 -19.72 -20.09 -63.67
N PHE H 374 -19.76 -21.40 -63.95
CA PHE H 374 -18.78 -22.33 -63.41
C PHE H 374 -17.37 -22.02 -63.94
N THR H 375 -16.40 -22.02 -63.04
CA THR H 375 -15.00 -21.82 -63.40
C THR H 375 -14.13 -22.76 -62.57
N GLN H 376 -13.11 -23.32 -63.20
CA GLN H 376 -12.19 -24.20 -62.50
C GLN H 376 -11.48 -23.43 -61.38
N THR H 377 -11.61 -23.94 -60.16
CA THR H 377 -10.99 -23.34 -58.98
C THR H 377 -9.94 -24.22 -58.33
N LEU H 378 -9.98 -25.54 -58.56
CA LEU H 378 -9.14 -26.47 -57.83
C LEU H 378 -8.64 -27.55 -58.77
N GLN H 379 -7.34 -27.87 -58.64
CA GLN H 379 -6.74 -29.02 -59.33
C GLN H 379 -6.28 -29.98 -58.26
N LEU H 380 -6.81 -31.19 -58.28
CA LEU H 380 -6.52 -32.21 -57.28
C LEU H 380 -5.82 -33.38 -57.95
N GLY H 381 -4.76 -33.87 -57.31
CA GLY H 381 -3.94 -34.89 -57.90
C GLY H 381 -2.91 -34.29 -58.84
N PRO H 382 -2.03 -35.13 -59.40
CA PRO H 382 -0.94 -34.68 -60.27
C PRO H 382 -1.43 -34.03 -61.57
N PHE I 14 1.21 65.40 -43.20
CA PHE I 14 1.84 66.56 -42.58
C PHE I 14 3.14 66.12 -41.91
N ASN I 15 4.08 67.05 -41.75
CA ASN I 15 5.41 66.74 -41.21
C ASN I 15 5.31 66.65 -39.68
N THR I 16 4.84 65.50 -39.21
CA THR I 16 4.81 65.22 -37.78
C THR I 16 6.23 65.22 -37.23
N ASN I 17 6.34 65.42 -35.91
CA ASN I 17 7.66 65.61 -35.32
C ASN I 17 8.44 64.30 -35.26
N ASP I 18 9.76 64.44 -35.09
CA ASP I 18 10.66 63.29 -35.17
C ASP I 18 10.47 62.32 -34.01
N GLU I 19 10.12 62.82 -32.83
CA GLU I 19 9.92 61.94 -31.67
C GLU I 19 8.64 61.11 -31.76
N THR I 20 7.51 61.71 -32.18
CA THR I 20 6.25 60.98 -32.28
C THR I 20 6.26 59.89 -33.34
N LYS I 21 6.97 60.10 -34.46
CA LYS I 21 7.04 59.05 -35.48
C LYS I 21 7.50 57.73 -34.87
N ARG I 22 8.43 57.76 -33.91
CA ARG I 22 8.78 56.51 -33.23
C ARG I 22 7.56 55.88 -32.55
N ILE I 23 6.65 56.70 -31.98
CA ILE I 23 5.47 56.13 -31.33
C ILE I 23 4.62 55.38 -32.34
N VAL I 24 4.37 55.97 -33.51
CA VAL I 24 3.57 55.30 -34.53
C VAL I 24 4.30 54.05 -35.02
N TRP I 25 5.59 54.19 -35.33
CA TRP I 25 6.39 53.04 -35.75
C TRP I 25 6.34 51.90 -34.73
N THR I 26 6.32 52.23 -33.43
CA THR I 26 6.30 51.20 -32.40
C THR I 26 4.97 50.45 -32.40
N GLN I 27 3.86 51.18 -32.14
CA GLN I 27 2.56 50.53 -31.99
C GLN I 27 2.14 49.81 -33.27
N THR I 28 2.60 50.26 -34.42
CA THR I 28 2.30 49.57 -35.67
C THR I 28 3.35 48.52 -36.02
N ALA I 29 4.42 48.43 -35.24
CA ALA I 29 5.52 47.49 -35.47
C ALA I 29 6.08 47.64 -36.88
N GLY I 30 5.97 48.84 -37.45
CA GLY I 30 6.66 49.15 -38.68
C GLY I 30 6.23 48.44 -39.95
N HIS I 31 4.96 48.08 -40.08
CA HIS I 31 4.42 47.58 -41.35
C HIS I 31 3.34 48.53 -41.84
N CYS I 32 3.21 48.67 -43.16
CA CYS I 32 2.12 49.48 -43.70
C CYS I 32 0.78 48.81 -43.47
N GLU I 33 -0.11 49.49 -42.76
CA GLU I 33 -1.36 48.89 -42.33
C GLU I 33 -2.24 48.52 -43.52
N LEU I 34 -2.10 49.22 -44.64
CA LEU I 34 -2.99 48.94 -45.76
C LEU I 34 -2.43 47.89 -46.72
N CYS I 35 -1.14 47.52 -46.62
CA CYS I 35 -0.61 46.52 -47.53
C CYS I 35 0.39 45.56 -46.88
N GLY I 36 0.40 45.49 -45.54
CA GLY I 36 1.22 44.57 -44.78
C GLY I 36 2.72 44.49 -44.99
N THR I 37 3.31 45.33 -45.84
CA THR I 37 4.75 45.25 -46.06
C THR I 37 5.54 45.83 -44.89
N ASP I 38 6.62 45.13 -44.53
CA ASP I 38 7.51 45.53 -43.46
C ASP I 38 8.37 46.72 -43.89
N LEU I 39 8.28 47.81 -43.12
CA LEU I 39 8.99 49.05 -43.41
C LEU I 39 10.42 49.07 -42.88
N THR I 40 10.85 48.05 -42.13
CA THR I 40 12.22 48.01 -41.64
C THR I 40 13.16 47.43 -42.68
N PHE I 41 12.78 47.47 -43.96
CA PHE I 41 13.61 46.85 -44.99
C PHE I 41 14.94 47.56 -45.14
N ASP I 42 14.92 48.89 -45.17
CA ASP I 42 16.18 49.61 -45.28
C ASP I 42 17.04 49.56 -44.02
N TYR I 43 16.56 48.98 -42.92
CA TYR I 43 17.48 48.74 -41.82
C TYR I 43 18.52 47.70 -42.20
N ARG I 44 18.14 46.72 -43.02
CA ARG I 44 19.07 45.69 -43.44
C ARG I 44 20.11 46.22 -44.41
N ALA I 45 19.99 47.49 -44.84
CA ALA I 45 21.03 48.15 -45.61
C ALA I 45 21.31 49.58 -45.11
N GLY I 46 21.08 49.85 -43.83
CA GLY I 46 21.46 51.08 -43.15
C GLY I 46 20.81 52.42 -43.42
N LYS I 47 19.48 52.47 -43.63
CA LYS I 47 18.93 53.82 -43.84
C LYS I 47 17.66 54.02 -43.03
N PRO I 48 17.44 55.24 -42.43
CA PRO I 48 16.30 55.45 -41.52
C PRO I 48 14.94 55.75 -42.16
N MET I 49 13.98 56.14 -41.29
CA MET I 49 12.58 56.32 -41.66
C MET I 49 12.20 57.60 -42.38
N LYS I 50 12.94 57.97 -43.42
CA LYS I 50 12.56 59.16 -44.18
C LYS I 50 11.52 58.85 -45.27
N TRP I 51 11.47 57.62 -45.78
CA TRP I 51 10.57 57.32 -46.89
C TRP I 51 9.12 57.09 -46.43
N GLY I 52 8.91 56.47 -45.28
CA GLY I 52 7.55 56.16 -44.85
C GLY I 52 6.80 57.40 -44.39
N GLU I 53 5.48 57.41 -44.62
CA GLU I 53 4.68 58.60 -44.39
C GLU I 53 3.47 58.29 -43.52
N VAL I 54 3.40 58.93 -42.34
CA VAL I 54 2.28 58.75 -41.42
C VAL I 54 1.08 59.55 -41.94
N ALA I 55 -0.12 58.96 -41.80
CA ALA I 55 -1.37 59.56 -42.26
C ALA I 55 -2.34 59.74 -41.10
N HIS I 56 -3.23 60.71 -41.24
CA HIS I 56 -4.29 60.90 -40.25
C HIS I 56 -5.41 59.89 -40.45
N ILE I 57 -6.22 59.73 -39.41
CA ILE I 57 -7.31 58.76 -39.39
C ILE I 57 -8.62 59.43 -39.77
N LEU I 58 -8.91 60.56 -39.16
CA LEU I 58 -10.25 61.13 -39.31
C LEU I 58 -10.33 62.18 -40.41
N PRO I 59 -11.45 62.23 -41.13
CA PRO I 59 -11.71 63.40 -42.00
C PRO I 59 -11.86 64.67 -41.18
N ALA I 60 -12.19 65.78 -41.84
CA ALA I 60 -12.45 67.05 -41.15
C ALA I 60 -11.30 67.43 -40.22
N ALA I 81 -2.89 57.45 -31.38
CA ALA I 81 -4.08 56.64 -31.65
C ALA I 81 -4.83 57.15 -32.87
N ASN I 82 -4.43 58.33 -33.34
CA ASN I 82 -5.00 58.94 -34.53
C ASN I 82 -4.10 58.72 -35.75
N LEU I 83 -3.11 57.85 -35.59
CA LEU I 83 -1.93 57.86 -36.45
C LEU I 83 -1.73 56.52 -37.15
N MET I 84 -1.83 56.51 -38.47
CA MET I 84 -1.57 55.33 -39.28
C MET I 84 -0.22 55.51 -39.96
N LEU I 85 0.70 54.58 -39.73
CA LEU I 85 1.96 54.56 -40.46
C LEU I 85 1.76 53.81 -41.77
N LEU I 86 2.09 54.47 -42.88
CA LEU I 86 1.85 53.91 -44.19
C LEU I 86 3.11 54.04 -45.03
N CYS I 87 3.22 53.16 -46.04
CA CYS I 87 4.26 53.41 -47.03
C CYS I 87 3.74 54.42 -48.04
N PRO I 88 4.63 55.21 -48.64
CA PRO I 88 4.17 56.26 -49.56
C PRO I 88 3.31 55.75 -50.71
N GLY I 89 3.58 54.55 -51.21
CA GLY I 89 2.78 54.03 -52.31
C GLY I 89 1.30 53.96 -51.97
N CYS I 90 0.98 53.37 -50.81
CA CYS I 90 -0.42 53.30 -50.40
C CYS I 90 -0.93 54.67 -49.98
N HIS I 91 -0.09 55.45 -49.28
CA HIS I 91 -0.48 56.79 -48.85
C HIS I 91 -0.85 57.64 -50.05
N ASP I 92 -0.10 57.52 -51.14
CA ASP I 92 -0.40 58.28 -52.34
C ASP I 92 -1.69 57.82 -53.00
N LYS I 93 -2.00 56.52 -52.93
CA LYS I 93 -3.18 55.99 -53.61
C LYS I 93 -4.47 56.29 -52.86
N ILE I 94 -4.41 57.11 -51.82
CA ILE I 94 -5.57 57.61 -51.10
C ILE I 94 -5.72 59.08 -51.43
N ASP I 95 -6.94 59.51 -51.72
CA ASP I 95 -7.17 60.93 -51.99
C ASP I 95 -7.16 61.69 -50.67
N ARG I 96 -6.42 62.79 -50.64
CA ARG I 96 -6.14 63.55 -49.43
C ARG I 96 -6.46 65.03 -49.65
N ASP I 97 -6.65 65.73 -48.53
CA ASP I 97 -6.98 67.15 -48.54
C ASP I 97 -5.71 67.98 -48.31
N ALA I 98 -5.89 69.31 -48.36
CA ALA I 98 -4.75 70.22 -48.34
C ALA I 98 -3.91 70.08 -47.07
N ASP I 99 -4.51 69.69 -45.95
CA ASP I 99 -3.73 69.54 -44.75
C ASP I 99 -3.08 68.17 -44.61
N GLY I 100 -3.53 67.18 -45.38
CA GLY I 100 -3.00 65.84 -45.30
C GLY I 100 -3.94 64.82 -44.70
N TYR I 101 -5.12 65.23 -44.27
CA TYR I 101 -6.13 64.35 -43.70
C TYR I 101 -6.86 63.58 -44.79
N PRO I 102 -7.37 62.40 -44.44
CA PRO I 102 -8.13 61.60 -45.41
C PRO I 102 -9.51 62.19 -45.66
N GLU I 103 -10.06 61.84 -46.82
CA GLU I 103 -11.41 62.26 -47.14
C GLU I 103 -12.43 61.35 -46.47
N ASN I 104 -12.07 60.10 -46.22
CA ASN I 104 -12.94 59.12 -45.58
C ASN I 104 -12.30 58.58 -44.31
N ASP I 105 -13.15 58.26 -43.32
CA ASP I 105 -12.67 57.76 -42.04
C ASP I 105 -12.28 56.29 -42.19
N LEU I 106 -11.08 55.95 -41.70
CA LEU I 106 -10.56 54.58 -41.75
C LEU I 106 -10.23 54.07 -40.34
N SER I 107 -10.77 54.69 -39.30
CA SER I 107 -10.45 54.32 -37.93
C SER I 107 -10.60 52.82 -37.69
N GLY I 108 -11.58 52.19 -38.34
CA GLY I 108 -11.84 50.78 -38.10
C GLY I 108 -10.65 49.89 -38.42
N LEU I 109 -10.10 50.02 -39.63
CA LEU I 109 -8.94 49.20 -40.01
C LEU I 109 -7.80 49.41 -39.02
N HIS I 110 -7.44 50.67 -38.78
CA HIS I 110 -6.37 50.97 -37.85
C HIS I 110 -6.61 50.29 -36.51
N GLN I 111 -7.75 50.58 -35.89
CA GLN I 111 -8.08 49.99 -34.60
C GLN I 111 -8.02 48.47 -34.68
N ALA I 112 -8.54 47.89 -35.77
CA ALA I 112 -8.37 46.46 -36.00
C ALA I 112 -6.89 46.07 -35.97
N TYR I 113 -6.08 46.75 -36.79
CA TYR I 113 -4.64 46.44 -36.84
C TYR I 113 -4.05 46.44 -35.44
N LEU I 114 -4.24 47.54 -34.70
CA LEU I 114 -3.68 47.66 -33.36
C LEU I 114 -4.23 46.59 -32.43
N GLU I 115 -5.54 46.35 -32.48
CA GLU I 115 -6.12 45.25 -31.70
C GLU I 115 -5.38 43.95 -32.01
N ARG I 116 -5.20 43.65 -33.29
CA ARG I 116 -4.42 42.49 -33.68
C ARG I 116 -3.03 42.52 -33.04
N ILE I 117 -2.32 43.65 -33.16
CA ILE I 117 -1.01 43.78 -32.53
C ILE I 117 -1.12 43.57 -31.01
N ARG I 118 -1.96 44.37 -30.36
CA ARG I 118 -2.11 44.26 -28.91
C ARG I 118 -2.35 42.82 -28.48
N LEU I 119 -3.32 42.16 -29.10
CA LEU I 119 -3.61 40.77 -28.78
C LEU I 119 -2.35 39.91 -28.89
N ALA I 120 -1.62 40.06 -30.00
CA ALA I 120 -0.38 39.29 -30.17
C ALA I 120 0.58 39.53 -29.02
N ALA I 121 0.81 40.79 -28.67
CA ALA I 121 1.79 41.12 -27.64
C ALA I 121 1.40 40.56 -26.29
N THR I 122 0.11 40.59 -25.96
CA THR I 122 -0.40 40.20 -24.66
C THR I 122 -0.64 38.70 -24.51
N THR I 123 -0.25 37.90 -25.51
CA THR I 123 -0.61 36.49 -25.50
C THR I 123 -0.12 35.79 -24.24
N PRO I 124 -1.02 35.26 -23.41
CA PRO I 124 -0.58 34.47 -22.25
C PRO I 124 0.04 33.15 -22.67
N ASP I 125 1.00 32.69 -21.87
CA ASP I 125 1.73 31.45 -22.16
C ASP I 125 2.39 31.54 -23.53
N GLY I 126 3.03 32.68 -23.80
CA GLY I 126 3.67 32.88 -25.08
C GLY I 126 4.74 31.86 -25.41
N GLY I 127 5.25 31.14 -24.41
CA GLY I 127 6.26 30.13 -24.65
C GLY I 127 5.74 28.70 -24.76
N ARG I 128 4.46 28.50 -24.53
CA ARG I 128 3.86 27.17 -24.60
C ARG I 128 3.55 26.82 -26.05
N ALA I 129 3.87 25.58 -26.44
CA ALA I 129 3.66 25.15 -27.81
C ALA I 129 3.31 23.67 -27.85
N ILE I 130 2.66 23.26 -28.93
CA ILE I 130 2.21 21.88 -29.11
C ILE I 130 3.30 21.10 -29.83
N PRO I 131 3.83 20.02 -29.23
CA PRO I 131 4.71 19.12 -29.99
C PRO I 131 3.94 18.44 -31.13
N LEU I 132 4.51 18.46 -32.32
CA LEU I 132 3.89 17.87 -33.51
C LEU I 132 4.98 17.11 -34.25
N ILE I 133 4.91 15.78 -34.18
CA ILE I 133 5.89 14.90 -34.79
C ILE I 133 5.22 14.12 -35.90
N VAL I 134 5.87 14.08 -37.06
CA VAL I 134 5.43 13.25 -38.17
C VAL I 134 6.60 12.32 -38.41
N GLN I 135 6.38 11.03 -38.20
CA GLN I 135 7.45 10.05 -38.16
C GLN I 135 7.56 9.37 -39.52
N SER I 136 8.68 8.70 -39.70
CA SER I 136 8.95 7.98 -40.93
C SER I 136 8.00 6.80 -41.13
N GLN I 137 7.68 6.52 -42.39
CA GLN I 137 6.99 5.27 -42.72
C GLN I 137 7.61 4.09 -41.96
N HIS I 138 8.91 4.18 -41.68
CA HIS I 138 9.64 3.10 -41.02
C HIS I 138 10.08 3.53 -39.63
N PHE I 139 9.08 3.79 -38.77
CA PHE I 139 9.31 4.28 -37.42
C PHE I 139 9.72 3.21 -36.44
N GLN I 140 9.38 1.95 -36.69
CA GLN I 140 9.83 0.85 -35.85
C GLN I 140 11.30 0.53 -36.13
N THR I 141 12.14 1.55 -36.09
CA THR I 141 13.59 1.43 -36.29
C THR I 141 14.26 2.50 -35.44
N ILE I 142 15.52 2.81 -35.74
CA ILE I 142 16.21 3.94 -35.11
C ILE I 142 15.75 5.27 -35.68
N ASN I 143 14.96 5.25 -36.76
CA ASN I 143 14.56 6.45 -37.49
C ASN I 143 13.28 7.01 -36.89
N ASP I 144 13.38 7.46 -35.63
CA ASP I 144 12.20 7.98 -34.95
C ASP I 144 12.56 8.88 -33.77
N ILE I 145 11.78 9.94 -33.62
CA ILE I 145 11.90 10.89 -32.52
C ILE I 145 10.87 10.55 -31.45
N PRO I 146 11.28 10.17 -30.24
CA PRO I 146 10.29 10.06 -29.15
C PRO I 146 9.89 11.45 -28.68
N VAL I 147 8.66 11.54 -28.15
CA VAL I 147 8.11 12.85 -27.81
C VAL I 147 9.01 13.58 -26.81
N ARG I 148 9.60 12.83 -25.87
CA ARG I 148 10.46 13.46 -24.87
C ARG I 148 11.59 14.24 -25.52
N ASP I 149 12.19 13.69 -26.57
CA ASP I 149 13.35 14.36 -27.17
C ASP I 149 12.96 15.71 -27.76
N LEU I 150 11.78 15.80 -28.36
CA LEU I 150 11.32 17.09 -28.85
C LEU I 150 11.10 18.06 -27.68
N LEU I 151 10.46 17.57 -26.61
CA LEU I 151 10.30 18.39 -25.41
C LEU I 151 11.64 18.87 -24.88
N THR I 152 12.65 17.99 -24.88
CA THR I 152 13.98 18.37 -24.45
C THR I 152 14.51 19.52 -25.28
N ALA I 153 14.42 19.40 -26.62
CA ALA I 153 14.89 20.46 -27.50
C ALA I 153 14.12 21.76 -27.27
N MET I 154 12.81 21.66 -27.00
CA MET I 154 12.01 22.86 -26.76
C MET I 154 12.49 23.60 -25.51
N SER I 155 12.59 22.89 -24.38
CA SER I 155 13.05 23.53 -23.15
C SER I 155 14.37 24.25 -23.36
N ALA I 156 15.26 23.67 -24.17
CA ALA I 156 16.54 24.29 -24.43
C ALA I 156 16.40 25.61 -25.17
N GLU I 157 15.27 25.85 -25.82
CA GLU I 157 15.00 27.12 -26.50
C GLU I 157 14.15 28.07 -25.66
N GLY I 158 13.77 27.67 -24.44
CA GLY I 158 12.88 28.47 -23.65
C GLY I 158 11.42 28.21 -23.91
N LEU I 159 11.08 27.12 -24.59
CA LEU I 159 9.70 26.75 -24.83
C LEU I 159 9.21 25.70 -23.83
N THR I 160 7.91 25.78 -23.52
CA THR I 160 7.25 24.87 -22.58
C THR I 160 6.25 24.17 -23.45
N ALA I 161 5.53 23.15 -22.98
CA ALA I 161 4.62 22.36 -23.81
C ALA I 161 3.25 22.23 -23.19
N PHE I 162 2.21 22.08 -24.00
CA PHE I 162 0.82 21.94 -23.54
C PHE I 162 0.62 20.48 -23.15
N ASP I 163 -0.26 19.73 -23.82
CA ASP I 163 -0.58 18.33 -23.45
C ASP I 163 0.54 17.48 -24.03
N GLN I 164 0.40 16.17 -24.09
CA GLN I 164 1.42 15.38 -24.79
C GLN I 164 1.33 15.78 -26.25
N GLY I 165 2.38 15.47 -27.01
CA GLY I 165 2.42 15.86 -28.40
C GLY I 165 1.42 15.17 -29.31
N ILE I 166 1.47 15.55 -30.59
CA ILE I 166 0.64 15.00 -31.65
C ILE I 166 1.61 14.20 -32.50
N LYS I 167 1.93 12.98 -32.08
CA LYS I 167 2.78 12.09 -32.87
C LYS I 167 1.92 11.31 -33.85
N ILE I 168 2.17 11.55 -35.14
CA ILE I 168 1.37 11.00 -36.24
C ILE I 168 2.27 10.20 -37.17
N ALA I 169 1.73 9.11 -37.69
CA ALA I 169 2.34 8.36 -38.78
C ALA I 169 1.34 8.31 -39.94
N PHE I 170 1.69 8.97 -41.04
CA PHE I 170 0.86 8.93 -42.25
C PHE I 170 0.68 7.49 -42.69
N ALA I 171 -0.52 7.19 -43.22
CA ALA I 171 -0.86 5.82 -43.56
C ALA I 171 0.10 5.25 -44.59
N ALA I 172 0.29 3.93 -44.52
CA ALA I 172 1.13 3.25 -45.50
C ALA I 172 0.49 3.34 -46.87
N PRO I 173 1.24 3.70 -47.91
CA PRO I 173 0.62 3.76 -49.24
C PRO I 173 0.18 2.35 -49.64
N GLY I 174 -1.04 2.28 -50.15
CA GLY I 174 -1.62 1.04 -50.60
C GLY I 174 -1.27 0.61 -52.00
N PRO I 175 -2.08 -0.33 -52.53
CA PRO I 175 -1.90 -0.77 -53.91
C PRO I 175 -2.19 0.34 -54.91
N ARG I 176 -3.03 1.32 -54.55
CA ARG I 176 -3.34 2.43 -55.45
C ARG I 176 -2.37 3.61 -55.31
N GLY I 177 -1.31 3.47 -54.53
CA GLY I 177 -0.37 4.57 -54.36
C GLY I 177 -0.92 5.75 -53.55
N ARG I 178 -0.19 6.87 -53.65
CA ARG I 178 -0.56 8.12 -52.97
C ARG I 178 -1.31 9.03 -53.93
N ASP I 179 -2.57 8.67 -54.16
CA ASP I 179 -3.46 9.44 -55.01
C ASP I 179 -4.08 10.61 -54.23
N THR I 180 -4.93 11.38 -54.91
CA THR I 180 -5.54 12.55 -54.28
C THR I 180 -6.27 12.17 -53.01
N THR I 181 -6.94 11.01 -53.00
CA THR I 181 -7.69 10.57 -51.83
C THR I 181 -6.76 10.30 -50.67
N TYR I 182 -5.69 9.55 -50.92
CA TYR I 182 -4.71 9.29 -49.87
C TYR I 182 -4.26 10.59 -49.22
N TRP I 183 -3.82 11.56 -50.03
CA TRP I 183 -3.31 12.81 -49.50
C TRP I 183 -4.38 13.54 -48.72
N GLN I 184 -5.61 13.58 -49.24
CA GLN I 184 -6.69 14.27 -48.53
C GLN I 184 -6.90 13.64 -47.16
N ASN I 185 -6.93 12.30 -47.09
CA ASN I 185 -7.05 11.66 -45.79
C ASN I 185 -5.88 12.05 -44.89
N VAL I 186 -4.69 12.21 -45.48
CA VAL I 186 -3.54 12.70 -44.71
C VAL I 186 -3.84 14.07 -44.12
N LYS I 187 -4.24 15.03 -44.96
CA LYS I 187 -4.57 16.36 -44.44
C LYS I 187 -5.61 16.27 -43.34
N ASP I 188 -6.71 15.56 -43.62
CA ASP I 188 -7.77 15.40 -42.63
C ASP I 188 -7.21 14.80 -41.35
N SER I 189 -6.36 13.79 -41.47
CA SER I 189 -5.79 13.16 -40.27
C SER I 189 -5.04 14.18 -39.43
N VAL I 190 -4.20 15.00 -40.07
CA VAL I 190 -3.46 16.04 -39.34
C VAL I 190 -4.43 17.05 -38.74
N GLN I 191 -5.23 17.69 -39.59
CA GLN I 191 -6.11 18.77 -39.14
C GLN I 191 -7.02 18.32 -38.00
N TYR I 192 -7.50 17.07 -38.05
CA TYR I 192 -8.32 16.55 -36.97
C TYR I 192 -7.63 16.72 -35.62
N GLU I 193 -6.42 16.18 -35.51
CA GLU I 193 -5.69 16.23 -34.25
C GLU I 193 -5.53 17.66 -33.74
N LEU I 194 -5.38 18.63 -34.65
CA LEU I 194 -5.26 20.01 -34.24
C LEU I 194 -6.57 20.52 -33.65
N GLU I 195 -7.69 20.24 -34.32
CA GLU I 195 -8.98 20.63 -33.79
C GLU I 195 -9.23 20.03 -32.41
N GLN I 196 -8.86 18.75 -32.24
CA GLN I 196 -9.06 18.11 -30.94
C GLN I 196 -8.23 18.78 -29.86
N GLN I 197 -7.02 19.24 -30.21
CA GLN I 197 -6.22 20.00 -29.26
C GLN I 197 -6.79 21.38 -28.99
N LEU I 198 -7.53 21.96 -29.95
CA LEU I 198 -8.17 23.24 -29.67
C LEU I 198 -9.35 23.07 -28.72
N LYS I 199 -10.03 21.92 -28.76
CA LYS I 199 -11.11 21.69 -27.81
C LYS I 199 -10.58 21.33 -26.42
N ARG I 200 -9.41 20.72 -26.35
CA ARG I 200 -8.83 20.41 -25.05
C ARG I 200 -8.29 21.67 -24.39
N ARG I 201 -7.60 22.50 -25.17
CA ARG I 201 -7.07 23.74 -24.62
C ARG I 201 -8.19 24.64 -24.11
N GLY I 202 -9.40 24.45 -24.61
CA GLY I 202 -10.57 25.18 -24.18
C GLY I 202 -11.48 25.49 -25.35
N GLY I 203 -12.45 26.38 -25.11
CA GLY I 203 -13.34 26.82 -26.16
C GLY I 203 -12.64 27.93 -26.90
N THR I 204 -11.49 27.58 -27.48
CA THR I 204 -10.60 28.52 -28.13
C THR I 204 -11.06 29.23 -29.40
N TYR I 205 -12.00 30.17 -29.27
CA TYR I 205 -12.37 31.06 -30.36
C TYR I 205 -11.42 32.26 -30.36
N GLY I 206 -10.70 32.46 -31.46
CA GLY I 206 -9.90 33.68 -31.56
C GLY I 206 -8.44 33.31 -31.47
N ASP I 207 -8.11 32.71 -30.32
CA ASP I 207 -6.75 32.35 -29.97
C ASP I 207 -6.36 31.04 -30.64
N SER I 208 -5.04 30.80 -30.70
CA SER I 208 -4.53 29.51 -31.17
C SER I 208 -3.06 29.35 -30.78
N PRO I 209 -2.68 28.22 -30.19
CA PRO I 209 -1.29 28.04 -29.75
C PRO I 209 -0.35 27.80 -30.92
N ALA I 210 0.95 27.89 -30.60
CA ALA I 210 2.02 27.67 -31.56
C ALA I 210 2.32 26.18 -31.70
N LEU I 211 2.93 25.83 -32.83
CA LEU I 211 3.22 24.45 -33.18
C LEU I 211 4.73 24.23 -33.22
N ALA I 212 5.22 23.37 -32.33
CA ALA I 212 6.59 22.85 -32.40
C ALA I 212 6.56 21.62 -33.28
N VAL I 213 6.88 21.79 -34.57
CA VAL I 213 6.66 20.77 -35.58
C VAL I 213 8.01 20.24 -36.09
N VAL I 214 8.08 18.92 -36.28
CA VAL I 214 9.25 18.26 -36.85
C VAL I 214 8.77 17.12 -37.73
N GLY I 215 9.53 16.86 -38.80
CA GLY I 215 9.13 15.88 -39.79
C GLY I 215 10.26 14.94 -40.13
N LEU I 216 9.88 13.74 -40.60
CA LEU I 216 10.85 12.71 -40.95
C LEU I 216 10.53 11.99 -42.25
N ALA I 217 9.36 12.20 -42.85
CA ALA I 217 9.01 11.56 -44.11
C ALA I 217 9.59 12.32 -45.30
N ASP I 218 9.28 11.81 -46.50
CA ASP I 218 9.71 12.41 -47.76
C ASP I 218 9.02 13.76 -47.98
N ILE I 219 9.54 14.49 -48.97
CA ILE I 219 9.15 15.88 -49.24
C ILE I 219 7.64 16.01 -49.45
N PRO I 220 7.01 15.28 -50.38
CA PRO I 220 5.56 15.49 -50.58
C PRO I 220 4.77 15.39 -49.27
N ALA I 221 5.05 14.38 -48.45
CA ALA I 221 4.35 14.26 -47.17
C ALA I 221 4.56 15.51 -46.33
N LEU I 222 5.82 15.89 -46.10
CA LEU I 222 6.11 17.05 -45.26
C LEU I 222 5.56 18.32 -45.88
N MET I 223 5.66 18.47 -47.20
CA MET I 223 4.98 19.57 -47.85
C MET I 223 3.49 19.55 -47.52
N MET I 224 2.89 18.37 -47.56
CA MET I 224 1.47 18.26 -47.25
C MET I 224 1.20 18.65 -45.81
N LEU I 225 2.10 18.27 -44.90
CA LEU I 225 2.01 18.75 -43.52
C LEU I 225 1.95 20.27 -43.47
N GLY I 226 2.83 20.94 -44.21
CA GLY I 226 2.76 22.39 -44.26
C GLY I 226 1.43 22.88 -44.78
N GLN I 227 0.93 22.24 -45.85
CA GLN I 227 -0.39 22.58 -46.36
C GLN I 227 -1.45 22.40 -45.28
N SER I 228 -1.31 21.36 -44.45
CA SER I 228 -2.32 21.07 -43.43
C SER I 228 -2.35 22.13 -42.34
N ILE I 229 -1.18 22.50 -41.79
CA ILE I 229 -1.16 23.47 -40.71
C ILE I 229 -1.47 24.86 -41.22
N GLY I 230 -1.07 25.16 -42.46
CA GLY I 230 -1.42 26.42 -43.09
C GLY I 230 -0.41 27.53 -42.81
N ASP I 231 -0.41 28.49 -43.73
CA ASP I 231 0.53 29.61 -43.64
C ASP I 231 0.28 30.44 -42.38
N ARG I 232 -0.98 30.58 -41.97
CA ARG I 232 -1.33 31.43 -40.85
C ARG I 232 -1.06 30.78 -39.51
N SER I 233 -0.47 29.59 -39.49
CA SER I 233 -0.14 28.95 -38.22
C SER I 233 1.17 29.54 -37.68
N LYS I 234 1.23 29.60 -36.36
CA LYS I 234 2.44 30.05 -35.65
C LYS I 234 3.43 28.89 -35.61
N ARG I 235 4.36 28.87 -36.56
CA ARG I 235 5.24 27.73 -36.75
C ARG I 235 6.57 27.96 -36.05
N LEU I 236 6.93 27.01 -35.19
CA LEU I 236 8.25 26.92 -34.56
C LEU I 236 8.78 25.56 -35.01
N ILE I 237 9.43 25.54 -36.15
CA ILE I 237 9.80 24.32 -36.86
C ILE I 237 11.20 23.88 -36.43
N PHE I 238 11.39 22.56 -36.34
CA PHE I 238 12.66 21.96 -35.97
C PHE I 238 13.18 21.06 -37.10
N SER I 239 14.49 20.79 -37.07
CA SER I 239 15.14 19.97 -38.10
C SER I 239 15.95 18.85 -37.45
N PHE I 240 15.61 17.61 -37.79
CA PHE I 240 16.29 16.43 -37.32
C PHE I 240 17.48 16.11 -38.19
N HIS I 241 18.64 15.98 -37.56
CA HIS I 241 19.90 15.59 -38.22
C HIS I 241 20.15 14.19 -37.72
N ARG I 242 20.84 13.37 -38.49
CA ARG I 242 21.05 11.96 -38.13
C ARG I 242 22.26 11.86 -37.22
N GLU I 243 22.96 12.96 -36.99
CA GLU I 243 24.19 12.99 -36.17
C GLU I 243 23.92 13.72 -34.87
N HIS I 244 23.41 14.95 -34.93
CA HIS I 244 23.21 15.81 -33.74
C HIS I 244 21.78 15.69 -33.24
N LEU I 245 20.94 14.84 -33.81
CA LEU I 245 19.57 14.74 -33.49
C LEU I 245 18.81 16.04 -33.64
N LEU I 246 18.03 16.51 -32.67
CA LEU I 246 17.18 17.73 -32.82
C LEU I 246 17.99 18.96 -32.47
N ARG I 247 19.30 18.82 -32.26
CA ARG I 247 20.15 19.94 -31.82
C ARG I 247 20.59 20.74 -33.03
N TRP I 248 20.50 22.06 -32.96
CA TRP I 248 20.79 22.93 -34.11
C TRP I 248 22.30 22.95 -34.30
N PRO I 249 22.85 22.61 -35.48
CA PRO I 249 24.29 22.63 -35.73
C PRO I 249 25.05 23.84 -35.23
N ASP I 250 24.54 25.03 -35.51
CA ASP I 250 25.27 26.21 -35.06
C ASP I 250 24.32 27.39 -34.94
N GLN I 251 23.82 27.64 -33.72
CA GLN I 251 22.92 28.78 -33.58
C GLN I 251 23.53 30.09 -34.04
N SER I 252 24.86 30.21 -34.06
CA SER I 252 25.48 31.45 -34.44
C SER I 252 25.59 31.61 -35.95
N ALA I 253 25.55 30.51 -36.71
CA ALA I 253 25.75 30.60 -38.15
C ALA I 253 24.75 31.55 -38.78
N GLU I 254 25.23 32.34 -39.75
CA GLU I 254 24.37 33.27 -40.48
C GLU I 254 23.67 32.53 -41.62
N PRO I 255 22.38 32.78 -41.85
CA PRO I 255 21.69 32.10 -42.94
C PRO I 255 22.37 32.35 -44.26
N PRO I 256 22.31 31.38 -45.17
CA PRO I 256 22.88 31.58 -46.52
C PRO I 256 22.01 32.48 -47.38
N SER I 257 22.61 32.96 -48.46
CA SER I 257 21.88 33.67 -49.51
C SER I 257 21.22 32.69 -50.46
N PHE I 258 20.02 33.04 -50.93
CA PHE I 258 19.25 32.20 -51.84
C PHE I 258 19.21 32.83 -53.23
N LEU I 259 19.88 32.16 -54.17
CA LEU I 259 20.10 32.69 -55.52
C LEU I 259 18.97 32.27 -56.45
N PHE I 260 18.25 33.26 -56.98
CA PHE I 260 17.10 33.02 -57.85
C PHE I 260 17.49 33.23 -59.31
N THR I 261 17.04 32.32 -60.16
CA THR I 261 17.28 32.39 -61.61
C THR I 261 15.96 32.43 -62.36
N PRO I 262 15.56 33.55 -62.93
CA PRO I 262 14.26 33.61 -63.62
C PRO I 262 14.22 32.63 -64.78
N PRO I 263 13.03 32.30 -65.26
CA PRO I 263 12.90 31.24 -66.28
C PRO I 263 13.16 31.79 -67.68
N PRO I 264 13.52 30.93 -68.63
CA PRO I 264 13.60 31.38 -70.02
C PRO I 264 12.22 31.70 -70.56
N ASN I 265 12.20 32.55 -71.58
CA ASN I 265 10.96 32.97 -72.20
C ASN I 265 10.40 31.88 -73.10
N GLY I 266 9.08 31.85 -73.21
CA GLY I 266 8.43 30.89 -74.08
C GLY I 266 7.01 30.62 -73.62
N ASP I 267 6.39 29.66 -74.30
CA ASP I 267 5.04 29.21 -73.98
C ASP I 267 5.03 27.82 -73.34
N GLY I 268 6.20 27.21 -73.17
CA GLY I 268 6.29 25.91 -72.52
C GLY I 268 5.89 26.00 -71.07
N PRO I 269 5.74 24.85 -70.41
CA PRO I 269 5.32 24.85 -69.00
C PRO I 269 6.38 25.45 -68.09
N LEU I 270 5.95 26.31 -67.18
CA LEU I 270 6.85 26.95 -66.23
C LEU I 270 7.17 26.00 -65.08
N ALA I 271 8.45 25.88 -64.75
CA ALA I 271 8.91 24.97 -63.72
C ALA I 271 9.80 25.70 -62.72
N LEU I 272 9.61 25.38 -61.44
CA LEU I 272 10.41 25.92 -60.36
C LEU I 272 11.27 24.81 -59.76
N VAL I 273 12.57 25.05 -59.66
CA VAL I 273 13.52 24.09 -59.13
C VAL I 273 14.11 24.64 -57.84
N LEU I 274 14.08 23.83 -56.78
CA LEU I 274 14.69 24.17 -55.51
C LEU I 274 15.90 23.25 -55.36
N SER I 275 17.08 23.79 -55.62
CA SER I 275 18.34 23.04 -55.57
C SER I 275 19.11 23.48 -54.34
N ILE I 276 18.80 22.86 -53.21
CA ILE I 276 19.38 23.20 -51.92
C ILE I 276 20.09 22.01 -51.29
N SER I 277 19.40 20.87 -51.17
CA SER I 277 20.08 19.65 -50.76
C SER I 277 21.07 19.20 -51.84
N ALA I 278 20.71 19.38 -53.10
CA ALA I 278 21.56 18.98 -54.22
C ALA I 278 21.14 19.79 -55.44
N GLN I 279 21.91 19.63 -56.52
CA GLN I 279 21.61 20.28 -57.79
C GLN I 279 20.73 19.37 -58.64
N VAL I 280 19.53 19.85 -58.96
CA VAL I 280 18.59 19.07 -59.77
C VAL I 280 18.99 19.17 -61.23
N PRO I 281 19.31 18.05 -61.89
CA PRO I 281 19.68 18.11 -63.31
C PRO I 281 18.49 18.47 -64.19
N VAL I 282 18.67 19.49 -65.04
CA VAL I 282 17.58 19.87 -65.95
C VAL I 282 17.17 18.67 -66.79
N ARG I 283 18.10 17.76 -67.07
CA ARG I 283 17.75 16.57 -67.84
C ARG I 283 16.66 15.78 -67.13
N ASP I 284 16.74 15.69 -65.80
CA ASP I 284 15.69 15.01 -65.05
C ASP I 284 14.40 15.81 -65.09
N VAL I 285 14.52 17.15 -65.09
CA VAL I 285 13.35 18.01 -65.18
C VAL I 285 12.66 17.85 -66.53
N THR I 286 13.40 18.10 -67.61
CA THR I 286 12.82 18.06 -68.95
C THR I 286 12.27 16.69 -69.32
N ASP I 287 12.91 15.62 -68.86
CA ASP I 287 12.43 14.29 -69.22
C ASP I 287 11.03 14.04 -68.69
N ALA I 288 10.73 14.54 -67.49
CA ALA I 288 9.38 14.40 -66.96
C ALA I 288 8.45 15.47 -67.49
N LEU I 289 8.99 16.63 -67.85
CA LEU I 289 8.18 17.77 -68.29
C LEU I 289 8.81 18.39 -69.52
N PRO I 290 8.38 17.98 -70.72
CA PRO I 290 8.96 18.54 -71.95
C PRO I 290 8.72 20.04 -72.08
N GLY I 291 9.73 20.73 -72.61
CA GLY I 291 9.62 22.16 -72.85
C GLY I 291 9.62 22.98 -71.59
N ALA I 292 10.25 22.49 -70.53
CA ALA I 292 10.19 23.17 -69.24
C ALA I 292 10.99 24.47 -69.28
N ARG I 293 10.32 25.56 -68.91
CA ARG I 293 10.97 26.85 -68.66
C ARG I 293 11.40 26.86 -67.20
N ILE I 294 12.70 26.63 -66.96
CA ILE I 294 13.17 26.30 -65.62
C ILE I 294 13.56 27.58 -64.89
N ALA I 295 12.80 27.92 -63.85
CA ALA I 295 13.25 28.83 -62.81
C ALA I 295 13.85 28.02 -61.68
N GLU I 296 14.87 28.59 -61.03
CA GLU I 296 15.58 27.86 -59.98
C GLU I 296 15.88 28.78 -58.80
N LEU I 297 15.65 28.24 -57.60
CA LEU I 297 16.12 28.85 -56.36
C LEU I 297 17.13 27.89 -55.74
N SER I 298 18.30 28.41 -55.37
CA SER I 298 19.37 27.56 -54.90
C SER I 298 20.27 28.36 -53.96
N ILE I 299 21.19 27.64 -53.33
CA ILE I 299 22.25 28.26 -52.54
C ILE I 299 23.58 27.99 -53.25
N PRO I 300 24.66 28.71 -52.94
CA PRO I 300 25.91 28.49 -53.67
C PRO I 300 26.40 27.05 -53.67
N GLU I 301 26.43 26.41 -52.50
CA GLU I 301 26.93 25.05 -52.33
C GLU I 301 25.87 24.19 -51.68
N PRO I 302 25.01 23.54 -52.48
CA PRO I 302 24.01 22.64 -51.89
C PRO I 302 24.64 21.68 -50.90
N SER I 303 23.99 21.53 -49.75
CA SER I 303 24.54 20.73 -48.67
C SER I 303 23.42 20.06 -47.91
N TYR I 304 23.70 18.84 -47.44
CA TYR I 304 22.72 18.06 -46.71
C TYR I 304 22.49 18.56 -45.29
N ALA I 305 23.48 19.22 -44.69
CA ALA I 305 23.42 19.68 -43.31
C ALA I 305 23.21 21.19 -43.21
N MET I 306 22.65 21.81 -44.25
CA MET I 306 22.60 23.27 -44.34
C MET I 306 21.60 23.93 -43.39
N VAL I 307 20.73 23.17 -42.74
CA VAL I 307 19.80 23.77 -41.78
C VAL I 307 20.52 23.90 -40.45
N GLN I 308 21.35 24.95 -40.32
CA GLN I 308 22.19 25.13 -39.14
C GLN I 308 21.40 25.65 -37.95
N ASN I 309 20.33 26.40 -38.19
CA ASN I 309 19.50 26.94 -37.13
C ASN I 309 18.18 27.39 -37.74
N ARG I 310 17.19 27.64 -36.87
CA ARG I 310 15.86 27.98 -37.37
C ARG I 310 15.88 29.21 -38.26
N ARG I 311 16.77 30.17 -37.96
CA ARG I 311 16.80 31.40 -38.76
C ARG I 311 17.01 31.10 -40.23
N VAL I 312 17.75 30.03 -40.56
CA VAL I 312 17.90 29.61 -41.95
C VAL I 312 16.53 29.37 -42.57
N ILE I 313 15.65 28.68 -41.83
CA ILE I 313 14.32 28.38 -42.34
C ILE I 313 13.57 29.67 -42.66
N HIS I 314 13.55 30.61 -41.71
CA HIS I 314 12.90 31.90 -41.98
C HIS I 314 13.52 32.56 -43.21
N ALA I 315 14.84 32.56 -43.32
CA ALA I 315 15.49 33.10 -44.51
C ALA I 315 14.93 32.46 -45.78
N PHE I 316 14.92 31.12 -45.82
CA PHE I 316 14.28 30.41 -46.92
C PHE I 316 12.87 30.95 -47.16
N ARG I 317 12.06 30.96 -46.11
CA ARG I 317 10.70 31.47 -46.21
C ARG I 317 10.69 32.86 -46.87
N ASP I 318 11.33 33.82 -46.23
CA ASP I 318 11.35 35.19 -46.75
C ASP I 318 11.79 35.22 -48.20
N ALA I 319 12.87 34.52 -48.53
CA ALA I 319 13.35 34.49 -49.90
C ALA I 319 12.29 33.93 -50.85
N LEU I 320 11.82 32.72 -50.57
CA LEU I 320 10.85 32.07 -51.46
C LEU I 320 9.56 32.88 -51.51
N GLN I 321 9.11 33.38 -50.36
CA GLN I 321 7.89 34.15 -50.23
C GLN I 321 7.77 35.19 -51.36
N ILE I 322 8.88 35.88 -51.62
CA ILE I 322 8.91 36.92 -52.65
C ILE I 322 8.81 36.31 -54.04
N ARG I 323 9.75 35.42 -54.38
CA ARG I 323 9.84 34.89 -55.74
C ARG I 323 8.55 34.20 -56.18
N LEU I 324 7.81 33.57 -55.26
CA LEU I 324 6.59 32.87 -55.66
C LEU I 324 5.60 33.82 -56.33
N SER I 325 5.38 34.99 -55.75
CA SER I 325 4.49 35.96 -56.39
C SER I 325 5.00 36.36 -57.77
N GLN I 326 6.33 36.53 -57.90
CA GLN I 326 6.88 36.94 -59.18
C GLN I 326 6.58 35.89 -60.26
N LEU I 327 6.80 34.61 -59.95
CA LEU I 327 6.62 33.56 -60.95
C LEU I 327 5.15 33.46 -61.36
N GLU I 328 4.23 33.62 -60.40
CA GLU I 328 2.81 33.53 -60.73
C GLU I 328 2.41 34.56 -61.77
N ALA I 329 3.10 35.70 -61.82
CA ALA I 329 2.75 36.76 -62.76
C ALA I 329 3.07 36.41 -64.21
N LEU I 330 4.00 35.49 -64.46
CA LEU I 330 4.42 35.22 -65.83
C LEU I 330 3.49 34.27 -66.57
N THR I 331 2.46 33.75 -65.91
CA THR I 331 1.52 32.85 -66.57
C THR I 331 0.34 32.56 -65.65
N PRO I 332 -0.85 32.32 -66.21
CA PRO I 332 -1.94 31.77 -65.39
C PRO I 332 -1.91 30.26 -65.27
N ASP I 333 -0.96 29.60 -65.92
CA ASP I 333 -0.90 28.14 -65.90
C ASP I 333 -0.12 27.66 -64.69
N PRO I 334 -0.27 26.38 -64.32
CA PRO I 334 0.34 25.90 -63.08
C PRO I 334 1.85 26.01 -63.08
N ILE I 335 2.40 26.07 -61.87
CA ILE I 335 3.84 26.06 -61.65
C ILE I 335 4.25 24.66 -61.22
N HIS I 336 5.20 24.07 -61.93
CA HIS I 336 5.65 22.72 -61.68
C HIS I 336 6.91 22.75 -60.82
N VAL I 337 6.90 22.03 -59.71
CA VAL I 337 7.92 22.13 -58.66
C VAL I 337 8.77 20.87 -58.67
N PHE I 338 10.09 21.07 -58.76
CA PHE I 338 11.09 20.01 -58.63
C PHE I 338 12.05 20.42 -57.52
N ALA I 339 12.01 19.73 -56.39
CA ALA I 339 12.67 20.18 -55.18
C ALA I 339 13.66 19.14 -54.67
N ALA I 340 14.84 19.62 -54.27
CA ALA I 340 15.84 18.83 -53.55
C ALA I 340 16.16 19.65 -52.29
N ILE I 341 15.36 19.48 -51.25
CA ILE I 341 15.43 20.34 -50.08
C ILE I 341 15.40 19.54 -48.79
N PRO I 342 15.94 20.07 -47.69
CA PRO I 342 15.89 19.36 -46.42
C PRO I 342 14.44 19.22 -45.94
N ALA I 343 14.26 18.29 -44.98
CA ALA I 343 12.94 18.05 -44.41
C ALA I 343 12.30 19.35 -43.94
N ALA I 344 12.99 20.08 -43.06
CA ALA I 344 12.41 21.27 -42.44
C ALA I 344 11.88 22.25 -43.47
N LEU I 345 12.60 22.43 -44.57
CA LEU I 345 12.18 23.41 -45.58
C LEU I 345 10.92 22.96 -46.31
N ALA I 346 10.80 21.65 -46.59
CA ALA I 346 9.60 21.15 -47.24
C ALA I 346 8.35 21.54 -46.46
N ILE I 347 8.42 21.52 -45.12
CA ILE I 347 7.30 21.93 -44.29
C ILE I 347 6.97 23.40 -44.54
N GLU I 348 7.95 24.28 -44.32
CA GLU I 348 7.73 25.71 -44.54
C GLU I 348 7.22 25.96 -45.95
N PHE I 349 7.87 25.34 -46.94
CA PHE I 349 7.42 25.45 -48.32
C PHE I 349 5.96 25.06 -48.47
N GLY I 350 5.57 23.92 -47.90
CA GLY I 350 4.19 23.50 -47.99
C GLY I 350 3.23 24.48 -47.34
N ALA I 351 3.66 25.08 -46.22
CA ALA I 351 2.83 26.06 -45.54
C ALA I 351 2.64 27.30 -46.40
N LEU I 352 3.74 27.78 -47.00
CA LEU I 352 3.68 28.99 -47.83
C LEU I 352 2.62 28.90 -48.92
N LEU I 353 2.57 27.76 -49.63
CA LEU I 353 1.67 27.65 -50.78
C LEU I 353 0.21 27.78 -50.41
N THR I 354 -0.13 27.77 -49.11
CA THR I 354 -1.49 28.06 -48.69
C THR I 354 -1.88 29.50 -48.98
N THR I 355 -0.95 30.43 -48.77
CA THR I 355 -1.24 31.84 -49.03
C THR I 355 -1.36 32.10 -50.53
N GLN I 356 -0.53 31.44 -51.33
CA GLN I 356 -0.61 31.55 -52.79
C GLN I 356 -1.82 30.73 -53.25
N HIS I 357 -2.99 31.24 -52.86
CA HIS I 357 -4.23 30.49 -53.01
C HIS I 357 -4.82 30.62 -54.39
N GLN I 358 -4.60 31.73 -55.08
CA GLN I 358 -5.21 31.91 -56.38
C GLN I 358 -4.48 31.12 -57.45
N HIS I 359 -3.40 30.43 -57.12
CA HIS I 359 -2.58 29.78 -58.13
C HIS I 359 -2.38 28.32 -57.77
N THR I 360 -2.15 27.52 -58.83
CA THR I 360 -2.02 26.07 -58.74
C THR I 360 -0.55 25.68 -58.78
N TYR I 361 -0.14 24.81 -57.86
CA TYR I 361 1.21 24.27 -57.84
C TYR I 361 1.15 22.76 -57.96
N LEU I 362 1.99 22.20 -58.83
CA LEU I 362 2.12 20.77 -59.04
C LEU I 362 3.50 20.33 -58.59
N ILE I 363 3.56 19.37 -57.67
CA ILE I 363 4.81 18.94 -57.06
C ILE I 363 5.23 17.62 -57.70
N PHE I 364 6.47 17.56 -58.15
CA PHE I 364 7.06 16.36 -58.74
C PHE I 364 8.01 15.73 -57.76
N ASP I 365 8.04 14.40 -57.74
CA ASP I 365 8.92 13.67 -56.85
C ASP I 365 9.59 12.52 -57.59
N ARG I 366 10.78 12.17 -57.12
CA ARG I 366 11.50 11.02 -57.64
C ARG I 366 10.68 9.76 -57.46
N ASP I 367 10.61 8.95 -58.52
CA ASP I 367 9.93 7.66 -58.47
C ASP I 367 11.02 6.57 -58.55
N LYS I 368 11.23 5.88 -57.43
CA LYS I 368 12.30 4.89 -57.37
C LYS I 368 12.07 3.77 -58.37
N GLU I 369 10.81 3.43 -58.62
CA GLU I 369 10.46 2.36 -59.54
C GLU I 369 10.55 2.78 -61.00
N ASN I 370 10.73 4.06 -61.28
CA ASN I 370 10.87 4.59 -62.63
C ASN I 370 12.25 5.20 -62.85
N GLN I 371 13.27 4.54 -62.31
CA GLN I 371 14.66 5.00 -62.44
C GLN I 371 14.82 6.38 -61.80
N ASP I 372 14.10 6.59 -60.70
CA ASP I 372 14.17 7.83 -59.93
C ASP I 372 13.82 9.05 -60.79
N ARG I 373 13.03 8.86 -61.84
CA ARG I 373 12.58 10.00 -62.61
C ARG I 373 11.40 10.69 -61.94
N PHE I 374 11.33 12.00 -62.16
CA PHE I 374 10.27 12.83 -61.60
C PHE I 374 8.91 12.47 -62.19
N THR I 375 7.91 12.35 -61.31
CA THR I 375 6.53 12.09 -61.68
C THR I 375 5.64 12.95 -60.79
N GLN I 376 4.60 13.53 -61.37
CA GLN I 376 3.68 14.34 -60.58
C GLN I 376 3.02 13.50 -59.48
N THR I 377 3.19 13.93 -58.24
CA THR I 377 2.60 13.25 -57.09
C THR I 377 1.58 14.09 -56.33
N LEU I 378 1.65 15.41 -56.41
CA LEU I 378 0.81 16.28 -55.60
C LEU I 378 0.29 17.42 -56.46
N GLN I 379 -1.00 17.70 -56.30
CA GLN I 379 -1.64 18.84 -56.96
C GLN I 379 -2.18 19.74 -55.86
N LEU I 380 -1.74 20.99 -55.85
CA LEU I 380 -2.13 21.91 -54.79
C LEU I 380 -2.95 23.08 -55.35
N GLY I 381 -3.96 22.77 -56.14
CA GLY I 381 -4.82 23.78 -56.70
C GLY I 381 -5.62 23.29 -57.89
N PRO I 382 -6.55 24.12 -58.37
CA PRO I 382 -7.44 23.69 -59.47
C PRO I 382 -6.76 23.59 -60.83
N VAL I 383 -7.55 23.25 -61.84
CA VAL I 383 -7.10 23.26 -63.24
C VAL I 383 -8.25 23.74 -64.12
N ASN J 15 23.71 46.75 -24.27
CA ASN J 15 23.30 48.11 -24.63
C ASN J 15 24.10 48.58 -25.84
N THR J 16 23.47 49.33 -26.74
CA THR J 16 24.14 49.76 -27.97
C THR J 16 23.39 50.94 -28.59
N ASN J 17 23.62 51.19 -29.88
CA ASN J 17 23.24 52.42 -30.55
C ASN J 17 21.72 52.60 -30.70
N ASP J 18 21.36 53.84 -31.06
CA ASP J 18 19.96 54.27 -31.15
C ASP J 18 19.23 53.54 -32.26
N GLU J 19 19.88 53.30 -33.40
CA GLU J 19 19.19 52.61 -34.48
C GLU J 19 18.75 51.23 -34.01
N THR J 20 19.58 50.59 -33.17
CA THR J 20 19.16 49.34 -32.56
C THR J 20 17.95 49.55 -31.63
N LYS J 21 17.97 50.63 -30.85
CA LYS J 21 16.85 50.90 -29.96
C LYS J 21 15.55 51.05 -30.72
N ARG J 22 15.54 51.85 -31.78
CA ARG J 22 14.30 52.08 -32.53
C ARG J 22 13.79 50.80 -33.15
N ILE J 23 14.69 49.99 -33.73
CA ILE J 23 14.29 48.77 -34.42
C ILE J 23 13.72 47.73 -33.45
N VAL J 24 14.39 47.52 -32.32
CA VAL J 24 13.88 46.54 -31.35
C VAL J 24 12.51 46.96 -30.81
N TRP J 25 12.40 48.21 -30.36
CA TRP J 25 11.11 48.69 -29.89
C TRP J 25 10.03 48.53 -30.96
N THR J 26 10.40 48.74 -32.22
CA THR J 26 9.46 48.58 -33.33
C THR J 26 9.10 47.10 -33.55
N GLN J 27 10.10 46.26 -33.84
CA GLN J 27 9.82 44.88 -34.20
C GLN J 27 9.10 44.14 -33.07
N THR J 28 9.34 44.53 -31.81
CA THR J 28 8.65 43.94 -30.68
C THR J 28 7.43 44.77 -30.24
N ALA J 29 7.21 45.93 -30.84
CA ALA J 29 6.09 46.83 -30.51
C ALA J 29 6.08 47.29 -29.04
N GLY J 30 7.26 47.40 -28.42
CA GLY J 30 7.33 48.04 -27.12
C GLY J 30 6.63 47.34 -25.98
N HIS J 31 6.56 46.01 -26.01
CA HIS J 31 6.02 45.21 -24.92
C HIS J 31 7.06 44.26 -24.37
N CYS J 32 6.91 43.92 -23.08
CA CYS J 32 7.78 42.92 -22.47
C CYS J 32 7.46 41.54 -23.03
N GLU J 33 8.45 40.89 -23.65
CA GLU J 33 8.20 39.60 -24.28
C GLU J 33 7.88 38.50 -23.26
N LEU J 34 8.35 38.64 -22.02
CA LEU J 34 8.19 37.55 -21.06
C LEU J 34 6.91 37.62 -20.23
N CYS J 35 6.46 38.83 -19.85
CA CYS J 35 5.26 38.97 -19.03
C CYS J 35 4.24 39.90 -19.67
N GLY J 36 4.36 40.08 -20.99
CA GLY J 36 3.43 40.78 -21.86
C GLY J 36 2.99 42.20 -21.60
N THR J 37 3.57 42.89 -20.63
CA THR J 37 3.13 44.27 -20.38
C THR J 37 3.63 45.26 -21.43
N ASP J 38 2.80 46.28 -21.67
CA ASP J 38 3.14 47.44 -22.47
C ASP J 38 4.13 48.34 -21.72
N LEU J 39 5.26 48.67 -22.35
CA LEU J 39 6.24 49.53 -21.70
C LEU J 39 6.03 51.03 -21.92
N THR J 40 5.08 51.42 -22.77
CA THR J 40 4.86 52.83 -23.08
C THR J 40 3.94 53.56 -22.09
N PHE J 41 4.08 53.27 -20.79
CA PHE J 41 3.21 53.92 -19.82
C PHE J 41 3.39 55.42 -19.82
N ASP J 42 4.58 55.88 -20.24
CA ASP J 42 4.96 57.29 -20.10
C ASP J 42 4.33 58.19 -21.15
N TYR J 43 4.23 57.73 -22.41
CA TYR J 43 3.64 58.56 -23.45
C TYR J 43 2.15 58.79 -23.22
N ARG J 44 1.52 57.98 -22.37
CA ARG J 44 0.12 58.21 -22.03
C ARG J 44 -0.01 59.52 -21.28
N ALA J 45 1.03 59.87 -20.53
CA ALA J 45 1.15 61.12 -19.79
C ALA J 45 2.13 62.08 -20.43
N GLY J 46 2.32 61.95 -21.74
CA GLY J 46 3.17 62.83 -22.53
C GLY J 46 4.60 63.00 -22.05
N LYS J 47 5.16 62.04 -21.29
CA LYS J 47 6.53 62.34 -20.85
C LYS J 47 7.54 61.74 -21.84
N PRO J 48 8.70 62.48 -22.08
CA PRO J 48 9.66 62.12 -23.14
C PRO J 48 10.65 61.00 -22.78
N MET J 49 10.13 59.89 -22.27
CA MET J 49 10.96 58.82 -21.71
C MET J 49 10.81 57.49 -22.44
N LYS J 50 11.96 56.83 -22.71
CA LYS J 50 12.07 55.51 -23.37
C LYS J 50 13.34 54.81 -22.85
N TRP J 51 13.22 54.14 -21.69
CA TRP J 51 14.43 53.61 -21.05
C TRP J 51 14.34 52.14 -20.62
N GLY J 52 13.56 51.32 -21.31
CA GLY J 52 13.46 49.88 -20.98
C GLY J 52 14.58 49.06 -21.59
N GLU J 53 14.89 47.92 -20.97
CA GLU J 53 16.06 47.15 -21.35
C GLU J 53 15.88 46.35 -22.64
N VAL J 54 16.85 46.49 -23.56
CA VAL J 54 16.99 45.68 -24.77
C VAL J 54 17.94 44.55 -24.39
N ALA J 55 17.63 43.30 -24.77
CA ALA J 55 18.45 42.18 -24.34
C ALA J 55 18.90 41.25 -25.47
N HIS J 56 20.04 40.60 -25.22
CA HIS J 56 20.62 39.53 -26.02
C HIS J 56 19.96 38.18 -25.67
N ILE J 57 20.30 37.15 -26.45
CA ILE J 57 19.60 35.87 -26.39
C ILE J 57 20.52 34.66 -26.13
N LEU J 58 21.72 34.62 -26.68
CA LEU J 58 22.63 33.50 -26.47
C LEU J 58 24.06 34.00 -26.54
N PRO J 59 25.04 33.20 -26.05
CA PRO J 59 26.46 33.59 -26.20
C PRO J 59 26.92 33.70 -27.64
N ASP J 79 23.11 40.99 -35.67
CA ASP J 79 21.83 41.47 -36.20
C ASP J 79 20.89 41.76 -35.02
N THR J 80 20.08 42.82 -35.13
CA THR J 80 19.11 43.11 -34.08
C THR J 80 17.93 42.17 -34.10
N ALA J 81 17.74 41.42 -35.18
CA ALA J 81 16.65 40.47 -35.29
C ALA J 81 16.70 39.37 -34.25
N ASN J 82 17.80 39.26 -33.51
CA ASN J 82 17.96 38.24 -32.48
C ASN J 82 17.78 38.79 -31.06
N LEU J 83 17.26 40.00 -30.90
CA LEU J 83 17.31 40.72 -29.63
C LEU J 83 15.93 40.90 -29.05
N MET J 84 15.79 40.61 -27.74
CA MET J 84 14.51 40.69 -27.05
C MET J 84 14.36 42.05 -26.38
N LEU J 85 13.10 42.47 -26.24
CA LEU J 85 12.75 43.63 -25.42
C LEU J 85 12.15 43.10 -24.13
N LEU J 86 12.72 43.54 -23.00
CA LEU J 86 12.34 43.02 -21.69
C LEU J 86 11.99 44.17 -20.76
N CYS J 87 11.75 43.87 -19.49
CA CYS J 87 11.43 44.87 -18.50
C CYS J 87 12.21 44.60 -17.21
N PRO J 88 12.40 45.63 -16.38
CA PRO J 88 13.24 45.46 -15.18
C PRO J 88 12.84 44.30 -14.27
N GLY J 89 11.54 44.04 -14.12
CA GLY J 89 11.11 42.96 -13.26
C GLY J 89 11.64 41.61 -13.71
N CYS J 90 11.54 41.34 -15.03
CA CYS J 90 12.03 40.07 -15.56
C CYS J 90 13.55 40.03 -15.59
N HIS J 91 14.18 41.18 -15.88
CA HIS J 91 15.62 41.23 -16.08
C HIS J 91 16.41 40.73 -14.88
N ASP J 92 15.89 40.89 -13.65
CA ASP J 92 16.68 40.55 -12.47
C ASP J 92 17.04 39.06 -12.44
N LYS J 93 16.07 38.18 -12.69
CA LYS J 93 16.34 36.74 -12.64
C LYS J 93 16.71 36.16 -14.00
N ILE J 94 16.91 37.02 -15.00
CA ILE J 94 17.22 36.59 -16.36
C ILE J 94 18.63 36.95 -16.80
N ASP J 95 19.37 37.73 -16.02
CA ASP J 95 20.71 38.16 -16.42
C ASP J 95 21.67 36.97 -16.43
N ARG J 96 22.03 36.48 -15.25
CA ARG J 96 22.91 35.33 -15.14
C ARG J 96 24.31 35.51 -15.72
N ASP J 97 24.63 36.70 -16.23
CA ASP J 97 25.99 36.92 -16.74
C ASP J 97 26.26 38.41 -16.92
N ALA J 98 27.31 38.90 -16.28
CA ALA J 98 27.61 40.33 -16.32
C ALA J 98 27.95 40.81 -17.72
N ASP J 99 28.50 39.91 -18.56
CA ASP J 99 28.85 40.30 -19.92
C ASP J 99 27.67 40.79 -20.74
N GLY J 100 26.45 40.47 -20.33
CA GLY J 100 25.27 40.87 -21.07
C GLY J 100 24.57 39.73 -21.75
N TYR J 101 25.35 38.80 -22.30
CA TYR J 101 24.79 37.66 -23.01
C TYR J 101 24.43 36.59 -21.98
N PRO J 102 23.16 36.20 -21.85
CA PRO J 102 22.80 35.17 -20.87
C PRO J 102 23.19 33.78 -21.36
N GLU J 103 23.35 32.86 -20.40
CA GLU J 103 23.70 31.50 -20.78
C GLU J 103 22.50 30.67 -21.20
N ASN J 104 21.32 30.95 -20.66
CA ASN J 104 20.13 30.20 -21.01
C ASN J 104 19.50 30.81 -22.26
N ASP J 105 19.45 30.02 -23.33
CA ASP J 105 18.92 30.48 -24.60
C ASP J 105 17.40 30.43 -24.56
N LEU J 106 16.77 31.54 -24.97
CA LEU J 106 15.32 31.64 -25.05
C LEU J 106 14.85 31.97 -26.46
N SER J 107 15.72 31.74 -27.46
CA SER J 107 15.42 32.14 -28.83
C SER J 107 14.05 31.64 -29.30
N GLY J 108 13.67 30.42 -28.90
CA GLY J 108 12.38 29.91 -29.33
C GLY J 108 11.25 30.79 -28.85
N LEU J 109 11.26 31.11 -27.55
CA LEU J 109 10.28 32.03 -27.00
C LEU J 109 10.31 33.36 -27.74
N HIS J 110 11.50 33.95 -27.90
CA HIS J 110 11.65 35.19 -28.66
C HIS J 110 11.04 35.06 -30.05
N GLN J 111 11.54 34.10 -30.84
CA GLN J 111 11.03 33.92 -32.20
C GLN J 111 9.52 33.71 -32.20
N ALA J 112 9.01 32.93 -31.24
CA ALA J 112 7.56 32.81 -31.09
C ALA J 112 6.92 34.19 -30.99
N TYR J 113 7.37 35.01 -30.04
CA TYR J 113 6.82 36.36 -29.90
C TYR J 113 6.90 37.13 -31.22
N LEU J 114 8.09 37.17 -31.83
CA LEU J 114 8.25 37.93 -33.06
C LEU J 114 7.33 37.41 -34.16
N GLU J 115 7.22 36.09 -34.32
CA GLU J 115 6.29 35.53 -35.30
C GLU J 115 4.86 36.00 -35.02
N ARG J 116 4.41 35.92 -33.77
CA ARG J 116 3.07 36.41 -33.43
C ARG J 116 2.85 37.83 -33.92
N ILE J 117 3.79 38.74 -33.62
CA ILE J 117 3.68 40.10 -34.11
C ILE J 117 3.60 40.10 -35.64
N ARG J 118 4.60 39.50 -36.30
CA ARG J 118 4.63 39.47 -37.76
C ARG J 118 3.31 38.96 -38.32
N LEU J 119 2.83 37.82 -37.80
CA LEU J 119 1.58 37.26 -38.26
C LEU J 119 0.46 38.29 -38.19
N ALA J 120 0.29 38.92 -37.03
CA ALA J 120 -0.73 39.94 -36.85
C ALA J 120 -0.57 41.10 -37.82
N ALA J 121 0.66 41.62 -37.95
CA ALA J 121 0.87 42.80 -38.78
C ALA J 121 0.54 42.53 -40.23
N THR J 122 0.90 41.34 -40.73
CA THR J 122 0.74 40.98 -42.13
C THR J 122 -0.66 40.43 -42.44
N THR J 123 -1.58 40.50 -41.50
CA THR J 123 -2.91 39.92 -41.69
C THR J 123 -3.55 40.48 -42.96
N PRO J 124 -3.87 39.63 -43.93
CA PRO J 124 -4.57 40.12 -45.13
C PRO J 124 -6.00 40.51 -44.81
N ASP J 125 -6.50 41.52 -45.52
CA ASP J 125 -7.87 41.98 -45.36
C ASP J 125 -8.16 42.37 -43.91
N GLY J 126 -7.26 43.17 -43.34
CA GLY J 126 -7.42 43.60 -41.96
C GLY J 126 -8.75 44.26 -41.69
N GLY J 127 -9.46 44.65 -42.73
CA GLY J 127 -10.76 45.26 -42.63
C GLY J 127 -11.93 44.32 -42.67
N ARG J 128 -11.71 43.02 -42.84
CA ARG J 128 -12.80 42.07 -42.86
C ARG J 128 -13.29 41.77 -41.46
N ALA J 129 -14.60 41.76 -41.28
CA ALA J 129 -15.22 41.41 -40.01
C ALA J 129 -16.58 40.80 -40.33
N ILE J 130 -17.06 39.95 -39.43
CA ILE J 130 -18.37 39.31 -39.58
C ILE J 130 -19.39 40.15 -38.80
N PRO J 131 -20.44 40.66 -39.44
CA PRO J 131 -21.49 41.37 -38.69
C PRO J 131 -22.22 40.45 -37.72
N LEU J 132 -22.40 40.93 -36.49
CA LEU J 132 -23.07 40.15 -35.45
C LEU J 132 -24.01 41.07 -34.67
N ILE J 133 -25.32 40.88 -34.84
CA ILE J 133 -26.34 41.66 -34.15
C ILE J 133 -27.06 40.72 -33.20
N VAL J 134 -27.13 41.10 -31.93
CA VAL J 134 -27.82 40.29 -30.92
C VAL J 134 -28.76 41.18 -30.14
N GLN J 135 -30.07 40.86 -30.18
CA GLN J 135 -31.07 41.69 -29.54
C GLN J 135 -31.97 40.86 -28.65
N SER J 136 -32.54 41.52 -27.63
CA SER J 136 -33.56 40.89 -26.77
C SER J 136 -34.81 41.02 -27.59
N GLN J 137 -35.84 40.26 -27.30
CA GLN J 137 -37.05 40.30 -28.13
C GLN J 137 -37.62 41.69 -27.95
N HIS J 138 -37.54 42.22 -26.74
CA HIS J 138 -38.13 43.53 -26.42
C HIS J 138 -37.57 44.56 -27.35
N PHE J 139 -36.29 44.53 -27.64
CA PHE J 139 -35.72 45.59 -28.45
C PHE J 139 -35.89 45.32 -29.94
N GLN J 140 -35.96 44.03 -30.34
CA GLN J 140 -36.29 43.70 -31.72
C GLN J 140 -37.61 44.28 -32.18
N THR J 141 -38.47 44.69 -31.25
CA THR J 141 -39.77 45.26 -31.60
C THR J 141 -39.79 46.78 -31.47
N ILE J 142 -39.03 47.32 -30.53
CA ILE J 142 -38.85 48.76 -30.34
C ILE J 142 -37.94 49.27 -31.46
N ASN J 143 -36.67 48.88 -31.42
CA ASN J 143 -35.61 49.43 -32.27
C ASN J 143 -34.85 48.28 -32.94
N ASP J 144 -35.53 47.59 -33.84
CA ASP J 144 -34.90 46.49 -34.55
C ASP J 144 -33.72 47.01 -35.37
N ILE J 145 -32.54 46.46 -35.14
CA ILE J 145 -31.34 46.84 -35.87
C ILE J 145 -31.20 45.90 -37.06
N PRO J 146 -31.38 46.36 -38.29
CA PRO J 146 -31.18 45.50 -39.45
C PRO J 146 -29.71 45.34 -39.81
N VAL J 147 -29.40 44.21 -40.45
CA VAL J 147 -28.03 43.95 -40.87
C VAL J 147 -27.56 45.07 -41.78
N ARG J 148 -28.45 45.61 -42.60
CA ARG J 148 -28.08 46.67 -43.53
C ARG J 148 -27.44 47.84 -42.80
N ASP J 149 -28.02 48.23 -41.66
CA ASP J 149 -27.54 49.39 -40.93
C ASP J 149 -26.15 49.16 -40.36
N LEU J 150 -25.88 47.95 -39.85
CA LEU J 150 -24.54 47.64 -39.38
C LEU J 150 -23.54 47.66 -40.54
N LEU J 151 -23.90 47.03 -41.65
CA LEU J 151 -23.06 47.10 -42.85
C LEU J 151 -22.80 48.55 -43.24
N THR J 152 -23.85 49.38 -43.16
CA THR J 152 -23.69 50.81 -43.44
C THR J 152 -22.66 51.44 -42.50
N ALA J 153 -22.80 51.21 -41.20
CA ALA J 153 -21.87 51.77 -40.23
C ALA J 153 -20.46 51.25 -40.45
N MET J 154 -20.32 49.96 -40.81
CA MET J 154 -19.00 49.39 -41.04
C MET J 154 -18.30 50.07 -42.22
N SER J 155 -18.96 50.12 -43.38
CA SER J 155 -18.35 50.74 -44.55
C SER J 155 -17.88 52.16 -44.24
N ALA J 156 -18.64 52.90 -43.41
CA ALA J 156 -18.26 54.27 -43.08
C ALA J 156 -16.92 54.34 -42.35
N GLU J 157 -16.49 53.25 -41.73
CA GLU J 157 -15.19 53.19 -41.07
C GLU J 157 -14.14 52.54 -41.96
N GLY J 158 -14.52 52.14 -43.17
CA GLY J 158 -13.62 51.42 -44.04
C GLY J 158 -13.60 49.93 -43.79
N LEU J 159 -14.53 49.41 -43.00
CA LEU J 159 -14.59 47.98 -42.75
C LEU J 159 -15.54 47.32 -43.74
N THR J 160 -15.32 46.05 -43.98
CA THR J 160 -16.11 45.34 -44.97
C THR J 160 -16.51 43.98 -44.40
N ALA J 161 -17.52 43.38 -45.00
CA ALA J 161 -18.10 42.14 -44.52
C ALA J 161 -18.42 41.27 -45.73
N PHE J 162 -17.65 40.21 -45.92
CA PHE J 162 -17.89 39.34 -47.07
C PHE J 162 -19.02 38.38 -46.81
N ASP J 163 -19.10 37.83 -45.60
CA ASP J 163 -20.14 36.85 -45.34
C ASP J 163 -21.44 37.60 -45.05
N GLN J 164 -22.54 36.84 -44.91
CA GLN J 164 -23.83 37.44 -44.62
C GLN J 164 -23.94 37.99 -43.21
N GLY J 165 -23.13 37.52 -42.28
CA GLY J 165 -23.23 37.97 -40.91
C GLY J 165 -24.36 37.29 -40.17
N ILE J 166 -24.44 37.57 -38.87
CA ILE J 166 -25.32 36.88 -37.94
C ILE J 166 -26.26 37.86 -37.26
N LYS J 167 -27.56 37.53 -37.24
CA LYS J 167 -28.51 38.26 -36.40
C LYS J 167 -29.28 37.27 -35.52
N ILE J 168 -29.18 37.44 -34.20
CA ILE J 168 -29.73 36.53 -33.20
C ILE J 168 -30.70 37.28 -32.29
N ALA J 169 -31.68 36.54 -31.76
CA ALA J 169 -32.59 37.03 -30.72
C ALA J 169 -32.39 36.24 -29.44
N PHE J 170 -32.01 36.94 -28.37
CA PHE J 170 -31.89 36.28 -27.08
C PHE J 170 -33.17 35.52 -26.74
N ALA J 171 -33.01 34.30 -26.22
CA ALA J 171 -34.18 33.49 -25.94
C ALA J 171 -34.99 34.10 -24.80
N ALA J 172 -36.29 33.98 -24.89
CA ALA J 172 -37.16 34.45 -23.81
C ALA J 172 -37.00 33.55 -22.59
N PRO J 173 -36.83 34.10 -21.39
CA PRO J 173 -36.72 33.24 -20.22
C PRO J 173 -38.00 32.42 -20.04
N GLY J 174 -37.81 31.16 -19.64
CA GLY J 174 -38.92 30.30 -19.38
C GLY J 174 -39.54 30.63 -18.04
N PRO J 175 -40.39 29.75 -17.52
CA PRO J 175 -40.94 29.98 -16.18
C PRO J 175 -39.89 29.91 -15.10
N ARG J 176 -38.84 29.11 -15.27
CA ARG J 176 -37.79 29.07 -14.26
C ARG J 176 -36.93 30.32 -14.27
N GLY J 177 -37.31 31.35 -15.03
CA GLY J 177 -36.50 32.54 -15.05
C GLY J 177 -35.17 32.30 -15.72
N ARG J 178 -34.24 33.22 -15.47
CA ARG J 178 -32.88 33.12 -16.00
C ARG J 178 -31.98 32.43 -14.97
N ASP J 179 -32.17 31.12 -14.85
CA ASP J 179 -31.35 30.31 -13.98
C ASP J 179 -30.07 29.92 -14.73
N THR J 180 -29.21 29.15 -14.05
CA THR J 180 -27.93 28.77 -14.65
C THR J 180 -28.13 28.05 -15.98
N THR J 181 -29.16 27.20 -16.08
CA THR J 181 -29.41 26.48 -17.32
C THR J 181 -29.77 27.41 -18.47
N TYR J 182 -30.68 28.36 -18.22
CA TYR J 182 -31.01 29.35 -19.24
C TYR J 182 -29.75 30.00 -19.79
N TRP J 183 -28.91 30.51 -18.90
CA TRP J 183 -27.70 31.22 -19.33
C TRP J 183 -26.79 30.32 -20.16
N GLN J 184 -26.62 29.07 -19.75
CA GLN J 184 -25.77 28.16 -20.51
C GLN J 184 -26.31 27.96 -21.93
N ASN J 185 -27.61 27.68 -22.05
CA ASN J 185 -28.17 27.48 -23.39
C ASN J 185 -27.99 28.72 -24.26
N VAL J 186 -28.09 29.91 -23.64
CA VAL J 186 -27.84 31.14 -24.38
C VAL J 186 -26.43 31.14 -24.97
N LYS J 187 -25.43 30.87 -24.12
CA LYS J 187 -24.05 30.86 -24.61
C LYS J 187 -23.88 29.91 -25.79
N ASP J 188 -24.38 28.69 -25.65
CA ASP J 188 -24.26 27.70 -26.72
C ASP J 188 -24.84 28.23 -28.02
N SER J 189 -26.03 28.85 -27.95
CA SER J 189 -26.67 29.36 -29.16
C SER J 189 -25.77 30.36 -29.89
N VAL J 190 -25.19 31.29 -29.15
CA VAL J 190 -24.28 32.26 -29.76
C VAL J 190 -23.08 31.54 -30.35
N GLN J 191 -22.36 30.80 -29.51
CA GLN J 191 -21.14 30.12 -29.94
C GLN J 191 -21.40 29.19 -31.12
N TYR J 192 -22.56 28.52 -31.15
CA TYR J 192 -22.87 27.69 -32.31
C TYR J 192 -22.72 28.51 -33.60
N GLU J 193 -23.45 29.62 -33.68
CA GLU J 193 -23.39 30.45 -34.88
C GLU J 193 -21.96 30.86 -35.19
N LEU J 194 -21.14 31.08 -34.16
CA LEU J 194 -19.75 31.46 -34.39
C LEU J 194 -18.97 30.33 -35.03
N GLU J 195 -19.10 29.11 -34.50
CA GLU J 195 -18.43 27.97 -35.09
C GLU J 195 -18.83 27.77 -36.55
N GLN J 196 -20.11 28.01 -36.85
CA GLN J 196 -20.56 27.82 -38.23
C GLN J 196 -19.83 28.77 -39.17
N GLN J 197 -19.53 29.98 -38.72
CA GLN J 197 -18.83 30.94 -39.58
C GLN J 197 -17.40 30.50 -39.81
N LEU J 198 -16.81 29.77 -38.87
CA LEU J 198 -15.48 29.23 -39.08
C LEU J 198 -15.51 28.10 -40.11
N LYS J 199 -16.59 27.33 -40.12
CA LYS J 199 -16.78 26.28 -41.10
C LYS J 199 -17.24 26.85 -42.43
N ARG J 200 -17.94 27.98 -42.39
CA ARG J 200 -18.38 28.66 -43.61
C ARG J 200 -17.19 29.31 -44.31
N ARG J 201 -16.50 30.20 -43.59
CA ARG J 201 -15.31 30.83 -44.13
C ARG J 201 -14.19 29.80 -44.36
N GLY J 202 -14.26 28.68 -43.63
CA GLY J 202 -13.30 27.59 -43.83
C GLY J 202 -11.88 28.05 -43.58
N GLY J 203 -11.65 29.01 -42.69
CA GLY J 203 -10.28 29.42 -42.32
C GLY J 203 -9.52 28.20 -41.83
N THR J 204 -8.22 28.11 -42.07
CA THR J 204 -7.38 26.95 -41.66
C THR J 204 -7.07 27.10 -40.16
N TYR J 205 -6.08 26.40 -39.62
CA TYR J 205 -5.69 26.56 -38.21
C TYR J 205 -5.16 27.97 -37.97
N GLY J 206 -5.65 28.67 -36.93
CA GLY J 206 -5.18 30.02 -36.54
C GLY J 206 -5.95 31.15 -37.20
N ASP J 207 -6.82 30.89 -38.17
CA ASP J 207 -7.50 31.94 -38.91
C ASP J 207 -8.90 32.17 -38.33
N SER J 208 -8.94 32.95 -37.23
CA SER J 208 -10.25 33.35 -36.70
C SER J 208 -10.58 34.77 -37.14
N PRO J 209 -11.77 35.02 -37.69
CA PRO J 209 -12.10 36.36 -38.19
C PRO J 209 -12.43 37.33 -37.07
N ALA J 210 -12.45 38.62 -37.43
CA ALA J 210 -12.86 39.67 -36.52
C ALA J 210 -14.38 39.83 -36.54
N LEU J 211 -14.93 40.34 -35.44
CA LEU J 211 -16.37 40.46 -35.25
C LEU J 211 -16.80 41.92 -35.12
N ALA J 212 -17.65 42.39 -36.04
CA ALA J 212 -18.37 43.65 -35.89
C ALA J 212 -19.68 43.38 -35.14
N VAL J 213 -19.67 43.57 -33.82
CA VAL J 213 -20.77 43.14 -32.95
C VAL J 213 -21.43 44.35 -32.30
N VAL J 214 -22.77 44.30 -32.22
CA VAL J 214 -23.57 45.28 -31.49
C VAL J 214 -24.75 44.56 -30.85
N GLY J 215 -25.12 44.97 -29.64
CA GLY J 215 -26.18 44.32 -28.89
C GLY J 215 -27.13 45.29 -28.23
N LEU J 216 -28.38 44.84 -28.05
CA LEU J 216 -29.44 45.62 -27.37
C LEU J 216 -30.26 44.71 -26.45
N ALA J 217 -29.82 44.56 -25.22
CA ALA J 217 -30.59 43.85 -24.21
C ALA J 217 -30.27 44.49 -22.86
N ASP J 218 -30.84 43.91 -21.79
CA ASP J 218 -30.44 44.37 -20.47
C ASP J 218 -28.98 44.02 -20.25
N ILE J 219 -28.38 44.63 -19.23
CA ILE J 219 -26.94 44.50 -19.02
C ILE J 219 -26.53 43.04 -18.87
N PRO J 220 -27.13 42.24 -17.97
CA PRO J 220 -26.66 40.86 -17.81
C PRO J 220 -26.58 40.10 -19.13
N ALA J 221 -27.59 40.21 -19.98
CA ALA J 221 -27.57 39.53 -21.26
C ALA J 221 -26.35 39.93 -22.08
N LEU J 222 -26.15 41.24 -22.24
CA LEU J 222 -25.03 41.73 -23.04
C LEU J 222 -23.70 41.28 -22.46
N MET J 223 -23.58 41.26 -21.14
CA MET J 223 -22.39 40.69 -20.51
C MET J 223 -22.18 39.25 -20.96
N MET J 224 -23.25 38.45 -21.00
CA MET J 224 -23.10 37.07 -21.44
C MET J 224 -22.66 37.00 -22.89
N LEU J 225 -23.18 37.88 -23.74
CA LEU J 225 -22.67 38.00 -25.09
C LEU J 225 -21.17 38.24 -25.08
N GLY J 226 -20.70 39.14 -24.20
CA GLY J 226 -19.27 39.35 -24.06
C GLY J 226 -18.53 38.09 -23.66
N GLN J 227 -19.05 37.37 -22.66
CA GLN J 227 -18.44 36.10 -22.27
C GLN J 227 -18.42 35.13 -23.45
N SER J 228 -19.45 35.13 -24.28
CA SER J 228 -19.53 34.15 -25.36
C SER J 228 -18.40 34.34 -26.36
N ILE J 229 -18.16 35.57 -26.79
CA ILE J 229 -17.09 35.82 -27.75
C ILE J 229 -15.72 35.76 -27.08
N GLY J 230 -15.63 36.16 -25.82
CA GLY J 230 -14.41 36.02 -25.05
C GLY J 230 -13.45 37.17 -25.21
N ASP J 231 -12.60 37.34 -24.19
CA ASP J 231 -11.65 38.44 -24.18
C ASP J 231 -10.63 38.32 -25.31
N ARG J 232 -10.24 37.09 -25.66
CA ARG J 232 -9.18 36.90 -26.65
C ARG J 232 -9.66 37.05 -28.09
N SER J 233 -10.92 37.42 -28.30
CA SER J 233 -11.45 37.63 -29.65
C SER J 233 -11.09 39.01 -30.18
N LYS J 234 -10.97 39.11 -31.49
CA LYS J 234 -10.74 40.37 -32.20
C LYS J 234 -12.07 41.13 -32.29
N ARG J 235 -12.33 42.00 -31.33
CA ARG J 235 -13.63 42.67 -31.21
C ARG J 235 -13.58 44.08 -31.77
N LEU J 236 -14.53 44.40 -32.65
CA LEU J 236 -14.80 45.76 -33.11
C LEU J 236 -16.26 46.02 -32.75
N ILE J 237 -16.47 46.58 -31.56
CA ILE J 237 -17.79 46.74 -30.97
C ILE J 237 -18.43 48.03 -31.45
N PHE J 238 -19.74 48.00 -31.67
CA PHE J 238 -20.53 49.16 -32.08
C PHE J 238 -21.61 49.49 -31.06
N SER J 239 -22.09 50.74 -31.12
CA SER J 239 -23.09 51.26 -30.20
C SER J 239 -24.24 51.92 -30.95
N PHE J 240 -25.47 51.51 -30.63
CA PHE J 240 -26.69 52.14 -31.11
C PHE J 240 -27.04 53.27 -30.15
N HIS J 241 -27.21 54.47 -30.71
CA HIS J 241 -27.56 55.70 -30.00
C HIS J 241 -28.83 56.29 -30.58
N ARG J 242 -29.71 56.74 -29.68
CA ARG J 242 -31.05 57.18 -30.05
C ARG J 242 -31.08 58.08 -31.29
N GLU J 243 -30.29 59.18 -31.26
CA GLU J 243 -30.29 60.21 -32.28
C GLU J 243 -29.33 59.92 -33.45
N HIS J 244 -28.50 58.87 -33.35
CA HIS J 244 -27.49 58.59 -34.36
C HIS J 244 -27.51 57.17 -34.91
N LEU J 245 -28.48 56.33 -34.49
CA LEU J 245 -28.42 54.89 -34.76
C LEU J 245 -27.02 54.33 -34.41
N LEU J 246 -26.47 53.47 -35.28
CA LEU J 246 -25.22 52.80 -34.97
C LEU J 246 -23.97 53.63 -35.25
N ARG J 247 -24.15 54.83 -35.80
CA ARG J 247 -23.04 55.67 -36.20
C ARG J 247 -22.56 56.42 -34.96
N TRP J 248 -21.26 56.55 -34.85
CA TRP J 248 -20.70 57.10 -33.63
C TRP J 248 -21.08 58.58 -33.47
N PRO J 249 -21.42 59.01 -32.25
CA PRO J 249 -21.72 60.45 -32.05
C PRO J 249 -20.59 61.39 -32.46
N ASP J 250 -19.36 61.12 -32.00
CA ASP J 250 -18.26 62.04 -32.26
C ASP J 250 -16.95 61.26 -32.18
N GLN J 251 -16.43 60.86 -33.34
CA GLN J 251 -15.21 60.07 -33.37
C GLN J 251 -14.03 60.87 -32.81
N SER J 252 -14.11 62.20 -32.82
CA SER J 252 -13.02 63.04 -32.35
C SER J 252 -13.01 63.19 -30.83
N ALA J 253 -14.14 62.94 -30.16
CA ALA J 253 -14.21 63.14 -28.72
C ALA J 253 -13.11 62.34 -28.02
N GLU J 254 -12.51 62.96 -27.02
CA GLU J 254 -11.51 62.26 -26.21
C GLU J 254 -12.24 61.45 -25.13
N PRO J 255 -11.80 60.23 -24.84
CA PRO J 255 -12.45 59.47 -23.78
C PRO J 255 -12.44 60.25 -22.49
N PRO J 256 -13.45 60.09 -21.65
CA PRO J 256 -13.45 60.76 -20.35
C PRO J 256 -12.43 60.15 -19.41
N SER J 257 -12.19 60.85 -18.31
CA SER J 257 -11.36 60.29 -17.25
C SER J 257 -12.14 59.19 -16.54
N PHE J 258 -11.43 58.16 -16.11
CA PHE J 258 -12.03 57.00 -15.47
C PHE J 258 -11.79 57.14 -13.97
N LEU J 259 -12.85 57.49 -13.24
CA LEU J 259 -12.74 57.84 -11.83
C LEU J 259 -13.00 56.59 -10.99
N PHE J 260 -11.98 56.13 -10.28
CA PHE J 260 -12.07 54.93 -9.45
C PHE J 260 -12.03 55.25 -7.97
N THR J 261 -12.87 54.55 -7.19
CA THR J 261 -12.95 54.72 -5.75
C THR J 261 -12.70 53.37 -5.08
N PRO J 262 -11.53 53.12 -4.49
CA PRO J 262 -11.26 51.82 -3.87
C PRO J 262 -12.19 51.57 -2.69
N PRO J 263 -12.28 50.33 -2.22
CA PRO J 263 -13.27 50.00 -1.18
C PRO J 263 -12.78 50.33 0.21
N PRO J 264 -13.69 50.51 1.16
CA PRO J 264 -13.29 50.62 2.56
C PRO J 264 -12.79 49.27 3.09
N ASN J 265 -11.99 49.35 4.15
CA ASN J 265 -11.40 48.15 4.74
C ASN J 265 -12.45 47.35 5.52
N GLY J 266 -12.23 46.04 5.58
CA GLY J 266 -13.11 45.17 6.35
C GLY J 266 -13.10 43.74 5.84
N ASP J 267 -14.00 42.94 6.43
CA ASP J 267 -14.20 41.55 6.04
C ASP J 267 -15.52 41.33 5.29
N GLY J 268 -16.34 42.37 5.13
CA GLY J 268 -17.61 42.24 4.45
C GLY J 268 -17.47 41.89 2.99
N PRO J 269 -18.57 41.51 2.35
CA PRO J 269 -18.52 41.16 0.92
C PRO J 269 -18.21 42.38 0.06
N LEU J 270 -17.28 42.19 -0.87
CA LEU J 270 -16.85 43.26 -1.76
C LEU J 270 -17.85 43.48 -2.88
N ALA J 271 -18.20 44.74 -3.13
CA ALA J 271 -19.17 45.10 -4.14
C ALA J 271 -18.56 46.15 -5.06
N LEU J 272 -18.76 45.99 -6.36
CA LEU J 272 -18.28 46.92 -7.37
C LEU J 272 -19.46 47.63 -8.01
N VAL J 273 -19.41 48.95 -8.05
CA VAL J 273 -20.45 49.77 -8.63
C VAL J 273 -19.86 50.47 -9.85
N LEU J 274 -20.53 50.36 -10.98
CA LEU J 274 -20.13 51.03 -12.21
C LEU J 274 -21.18 52.11 -12.43
N SER J 275 -20.81 53.35 -12.12
CA SER J 275 -21.71 54.50 -12.23
C SER J 275 -21.26 55.30 -13.44
N ILE J 276 -21.75 54.88 -14.61
CA ILE J 276 -21.35 55.44 -15.89
C ILE J 276 -22.55 55.98 -16.66
N SER J 277 -23.58 55.15 -16.84
CA SER J 277 -24.83 55.64 -17.42
C SER J 277 -25.49 56.64 -16.49
N ALA J 278 -25.38 56.41 -15.19
CA ALA J 278 -25.95 57.27 -14.17
C ALA J 278 -25.16 57.04 -12.90
N GLN J 279 -25.45 57.84 -11.88
CA GLN J 279 -24.83 57.63 -10.57
C GLN J 279 -25.71 56.67 -9.79
N VAL J 280 -25.15 55.52 -9.44
CA VAL J 280 -25.90 54.48 -8.74
C VAL J 280 -26.04 54.86 -7.28
N PRO J 281 -27.25 55.00 -6.75
CA PRO J 281 -27.40 55.32 -5.32
C PRO J 281 -26.90 54.16 -4.47
N VAL J 282 -25.93 54.46 -3.59
CA VAL J 282 -25.37 53.45 -2.72
C VAL J 282 -26.43 52.84 -1.81
N ARG J 283 -27.45 53.62 -1.46
CA ARG J 283 -28.53 53.09 -0.63
C ARG J 283 -29.19 51.90 -1.29
N ASP J 284 -29.32 51.92 -2.61
CA ASP J 284 -29.92 50.80 -3.32
C ASP J 284 -29.03 49.56 -3.26
N VAL J 285 -27.71 49.75 -3.32
CA VAL J 285 -26.78 48.63 -3.23
C VAL J 285 -26.86 48.01 -1.84
N THR J 286 -26.67 48.82 -0.80
CA THR J 286 -26.67 48.29 0.56
C THR J 286 -28.00 47.60 0.87
N ASP J 287 -29.10 48.15 0.35
CA ASP J 287 -30.39 47.50 0.54
C ASP J 287 -30.44 46.15 -0.16
N ALA J 288 -29.80 46.04 -1.32
CA ALA J 288 -29.80 44.79 -2.07
C ALA J 288 -28.74 43.81 -1.55
N LEU J 289 -27.65 44.31 -0.99
CA LEU J 289 -26.55 43.47 -0.52
C LEU J 289 -26.08 43.93 0.86
N PRO J 290 -26.57 43.30 1.92
CA PRO J 290 -26.11 43.70 3.26
C PRO J 290 -24.61 43.52 3.41
N GLY J 291 -23.99 44.49 4.08
CA GLY J 291 -22.57 44.46 4.33
C GLY J 291 -21.69 44.71 3.12
N ALA J 292 -22.20 45.39 2.10
CA ALA J 292 -21.41 45.62 0.90
C ALA J 292 -20.29 46.61 1.18
N ARG J 293 -19.05 46.21 0.92
CA ARG J 293 -17.92 47.14 0.92
C ARG J 293 -17.82 47.68 -0.51
N ILE J 294 -18.26 48.92 -0.71
CA ILE J 294 -18.48 49.44 -2.04
C ILE J 294 -17.17 49.99 -2.57
N ALA J 295 -16.62 49.32 -3.59
CA ALA J 295 -15.67 49.94 -4.50
C ALA J 295 -16.50 50.54 -5.62
N GLU J 296 -16.08 51.69 -6.12
CA GLU J 296 -16.88 52.37 -7.12
C GLU J 296 -16.00 52.90 -8.24
N LEU J 297 -16.47 52.69 -9.46
CA LEU J 297 -15.89 53.23 -10.67
C LEU J 297 -16.89 54.15 -11.33
N SER J 298 -16.45 55.35 -11.71
CA SER J 298 -17.36 56.34 -12.27
C SER J 298 -16.62 57.24 -13.24
N ILE J 299 -17.41 58.04 -13.97
CA ILE J 299 -16.89 59.08 -14.84
C ILE J 299 -17.34 60.43 -14.26
N PRO J 300 -16.75 61.54 -14.70
CA PRO J 300 -17.14 62.84 -14.11
C PRO J 300 -18.64 63.10 -14.18
N GLU J 301 -19.27 62.93 -15.35
CA GLU J 301 -20.69 63.23 -15.53
C GLU J 301 -21.38 62.01 -16.13
N PRO J 302 -21.83 61.08 -15.30
CA PRO J 302 -22.52 59.88 -15.82
C PRO J 302 -23.68 60.22 -16.75
N SER J 303 -23.72 59.52 -17.88
CA SER J 303 -24.74 59.72 -18.90
C SER J 303 -24.97 58.42 -19.64
N TYR J 304 -26.22 58.22 -20.08
CA TYR J 304 -26.58 57.04 -20.88
C TYR J 304 -25.97 57.07 -22.27
N ALA J 305 -25.61 58.26 -22.78
CA ALA J 305 -25.08 58.43 -24.13
C ALA J 305 -23.56 58.62 -24.16
N MET J 306 -22.85 58.14 -23.13
CA MET J 306 -21.45 58.46 -22.99
C MET J 306 -20.53 57.72 -23.97
N VAL J 307 -21.03 56.74 -24.72
CA VAL J 307 -20.19 56.06 -25.69
C VAL J 307 -20.16 56.88 -26.97
N GLN J 308 -19.32 57.92 -26.99
CA GLN J 308 -19.25 58.83 -28.13
C GLN J 308 -18.49 58.22 -29.30
N ASN J 309 -17.58 57.29 -29.02
CA ASN J 309 -16.82 56.60 -30.06
C ASN J 309 -16.22 55.34 -29.48
N ARG J 310 -15.75 54.47 -30.35
CA ARG J 310 -15.25 53.17 -29.91
C ARG J 310 -14.11 53.32 -28.90
N ARG J 311 -13.26 54.34 -29.08
CA ARG J 311 -12.12 54.48 -28.18
C ARG J 311 -12.55 54.59 -26.73
N VAL J 312 -13.73 55.18 -26.49
CA VAL J 312 -14.27 55.24 -25.13
C VAL J 312 -14.32 53.83 -24.56
N ILE J 313 -14.79 52.89 -25.37
CA ILE J 313 -14.93 51.50 -24.94
C ILE J 313 -13.57 50.91 -24.58
N HIS J 314 -12.60 51.06 -25.48
CA HIS J 314 -11.24 50.56 -25.22
C HIS J 314 -10.66 51.16 -23.95
N ALA J 315 -10.80 52.47 -23.75
CA ALA J 315 -10.38 53.09 -22.50
C ALA J 315 -11.05 52.39 -21.32
N PHE J 316 -12.37 52.25 -21.39
CA PHE J 316 -13.11 51.46 -20.40
C PHE J 316 -12.45 50.11 -20.14
N ARG J 317 -12.23 49.33 -21.21
CA ARG J 317 -11.57 48.05 -21.06
C ARG J 317 -10.26 48.17 -20.29
N ASP J 318 -9.31 48.93 -20.84
CA ASP J 318 -8.00 49.06 -20.20
C ASP J 318 -8.15 49.44 -18.73
N ALA J 319 -8.98 50.44 -18.46
CA ALA J 319 -9.19 50.88 -17.09
C ALA J 319 -9.76 49.76 -16.23
N LEU J 320 -10.91 49.21 -16.65
CA LEU J 320 -11.56 48.20 -15.82
C LEU J 320 -10.66 46.99 -15.62
N GLN J 321 -9.98 46.53 -16.68
CA GLN J 321 -8.98 45.48 -16.52
C GLN J 321 -8.00 45.83 -15.40
N ILE J 322 -7.56 47.08 -15.33
CA ILE J 322 -6.67 47.50 -14.25
C ILE J 322 -7.39 47.41 -12.92
N ARG J 323 -8.54 48.08 -12.80
CA ARG J 323 -9.26 48.09 -11.52
C ARG J 323 -9.58 46.67 -11.08
N LEU J 324 -9.96 45.80 -12.04
CA LEU J 324 -10.20 44.39 -11.72
C LEU J 324 -8.95 43.73 -11.18
N SER J 325 -7.80 43.99 -11.79
CA SER J 325 -6.56 43.45 -11.24
C SER J 325 -6.39 43.91 -9.80
N GLN J 326 -6.73 45.16 -9.51
CA GLN J 326 -6.69 45.62 -8.12
C GLN J 326 -7.75 44.89 -7.28
N LEU J 327 -8.98 44.87 -7.78
CA LEU J 327 -10.10 44.33 -6.99
C LEU J 327 -9.97 42.83 -6.80
N GLU J 328 -9.57 42.08 -7.85
CA GLU J 328 -9.29 40.66 -7.64
C GLU J 328 -8.17 40.49 -6.62
N ALA J 329 -7.27 41.46 -6.54
CA ALA J 329 -6.20 41.38 -5.55
C ALA J 329 -6.71 41.64 -4.14
N LEU J 330 -7.76 42.45 -3.99
CA LEU J 330 -8.31 42.84 -2.70
C LEU J 330 -9.38 41.87 -2.19
N THR J 331 -9.33 40.59 -2.55
CA THR J 331 -10.36 39.72 -2.02
C THR J 331 -10.11 38.24 -2.25
N PRO J 332 -10.48 37.39 -1.29
CA PRO J 332 -10.57 35.94 -1.55
C PRO J 332 -11.96 35.47 -1.97
N ASP J 333 -12.97 36.35 -1.93
CA ASP J 333 -14.37 36.00 -2.15
C ASP J 333 -14.93 36.67 -3.40
N PRO J 334 -16.08 36.21 -3.89
CA PRO J 334 -16.63 36.74 -5.14
C PRO J 334 -16.91 38.24 -5.06
N ILE J 335 -16.93 38.86 -6.23
CA ILE J 335 -17.22 40.29 -6.36
C ILE J 335 -18.68 40.47 -6.81
N HIS J 336 -19.42 41.29 -6.08
CA HIS J 336 -20.81 41.57 -6.40
C HIS J 336 -20.86 42.85 -7.24
N VAL J 337 -21.44 42.76 -8.43
CA VAL J 337 -21.34 43.79 -9.44
C VAL J 337 -22.69 44.47 -9.59
N PHE J 338 -22.70 45.80 -9.47
CA PHE J 338 -23.88 46.63 -9.66
C PHE J 338 -23.55 47.68 -10.71
N ALA J 339 -24.18 47.58 -11.88
CA ALA J 339 -23.76 48.33 -13.05
C ALA J 339 -24.89 49.20 -13.59
N ALA J 340 -24.52 50.43 -13.96
CA ALA J 340 -25.36 51.35 -14.73
C ALA J 340 -24.48 51.80 -15.89
N ILE J 341 -24.42 50.99 -16.94
CA ILE J 341 -23.47 51.23 -18.03
C ILE J 341 -24.18 51.06 -19.37
N PRO J 342 -23.76 51.74 -20.42
CA PRO J 342 -24.38 51.54 -21.73
C PRO J 342 -24.15 50.13 -22.24
N ALA J 343 -24.96 49.75 -23.24
CA ALA J 343 -24.90 48.41 -23.81
C ALA J 343 -23.48 48.04 -24.21
N ALA J 344 -22.86 48.84 -25.08
CA ALA J 344 -21.55 48.49 -25.61
C ALA J 344 -20.56 48.16 -24.51
N LEU J 345 -20.62 48.90 -23.40
CA LEU J 345 -19.67 48.65 -22.31
C LEU J 345 -19.98 47.32 -21.64
N ALA J 346 -21.27 46.98 -21.52
CA ALA J 346 -21.65 45.70 -20.95
C ALA J 346 -21.04 44.54 -21.72
N ILE J 347 -20.98 44.64 -23.06
CA ILE J 347 -20.32 43.60 -23.85
C ILE J 347 -18.85 43.51 -23.48
N GLU J 348 -18.12 44.61 -23.63
CA GLU J 348 -16.68 44.59 -23.33
C GLU J 348 -16.45 44.11 -21.90
N PHE J 349 -17.22 44.64 -20.95
CA PHE J 349 -17.14 44.16 -19.57
C PHE J 349 -17.29 42.64 -19.51
N GLY J 350 -18.30 42.12 -20.20
CA GLY J 350 -18.52 40.67 -20.20
C GLY J 350 -17.34 39.90 -20.75
N ALA J 351 -16.68 40.46 -21.78
CA ALA J 351 -15.53 39.77 -22.35
C ALA J 351 -14.37 39.69 -21.36
N LEU J 352 -14.06 40.81 -20.69
CA LEU J 352 -12.95 40.83 -19.75
C LEU J 352 -13.10 39.74 -18.68
N LEU J 353 -14.30 39.61 -18.12
CA LEU J 353 -14.46 38.65 -17.02
C LEU J 353 -14.17 37.23 -17.47
N THR J 354 -14.01 37.00 -18.78
CA THR J 354 -13.59 35.69 -19.28
C THR J 354 -12.15 35.39 -18.85
N THR J 355 -11.28 36.40 -18.89
CA THR J 355 -9.89 36.16 -18.50
C THR J 355 -9.80 35.81 -17.02
N GLN J 356 -10.61 36.46 -16.19
CA GLN J 356 -10.68 36.13 -14.77
C GLN J 356 -11.57 34.92 -14.50
N HIS J 357 -11.43 33.84 -15.29
CA HIS J 357 -12.29 32.69 -15.08
C HIS J 357 -11.89 31.97 -13.81
N GLN J 358 -10.78 32.42 -13.21
CA GLN J 358 -10.30 31.84 -11.96
C GLN J 358 -11.30 32.11 -10.85
N HIS J 359 -12.07 33.18 -10.96
CA HIS J 359 -12.89 33.64 -9.86
C HIS J 359 -14.35 33.80 -10.27
N THR J 360 -15.21 33.71 -9.26
CA THR J 360 -16.67 33.74 -9.43
C THR J 360 -17.18 35.15 -9.15
N TYR J 361 -18.03 35.65 -10.05
CA TYR J 361 -18.64 36.97 -9.97
C TYR J 361 -20.15 36.86 -9.97
N LEU J 362 -20.82 37.64 -9.13
CA LEU J 362 -22.28 37.70 -9.10
C LEU J 362 -22.74 39.07 -9.58
N ILE J 363 -23.58 39.08 -10.62
CA ILE J 363 -24.00 40.31 -11.30
C ILE J 363 -25.43 40.66 -10.90
N PHE J 364 -25.64 41.90 -10.48
CA PHE J 364 -26.96 42.39 -10.09
C PHE J 364 -27.50 43.37 -11.12
N ASP J 365 -28.80 43.28 -11.40
CA ASP J 365 -29.47 44.20 -12.33
C ASP J 365 -30.88 44.53 -11.84
N ARG J 366 -31.37 45.69 -12.28
CA ARG J 366 -32.73 46.11 -11.96
C ARG J 366 -33.76 45.10 -12.45
N ASP J 367 -34.68 44.69 -11.56
CA ASP J 367 -35.78 43.78 -11.90
C ASP J 367 -37.09 44.55 -11.77
N LYS J 368 -37.78 44.75 -12.90
CA LYS J 368 -38.96 45.62 -12.90
C LYS J 368 -40.07 45.07 -12.00
N GLU J 369 -40.24 43.74 -11.97
CA GLU J 369 -41.28 43.16 -11.13
C GLU J 369 -40.89 43.10 -9.66
N ASN J 370 -39.65 43.46 -9.33
CA ASN J 370 -39.19 43.57 -7.95
C ASN J 370 -38.94 45.05 -7.64
N GLN J 371 -39.78 45.91 -8.22
CA GLN J 371 -39.74 47.36 -8.01
C GLN J 371 -38.42 47.96 -8.48
N ASP J 372 -37.87 47.43 -9.57
CA ASP J 372 -36.63 47.95 -10.12
C ASP J 372 -35.52 47.92 -9.07
N ARG J 373 -35.63 47.05 -8.07
CA ARG J 373 -34.56 46.88 -7.10
C ARG J 373 -33.50 45.96 -7.68
N PHE J 374 -32.25 46.19 -7.29
CA PHE J 374 -31.16 45.33 -7.75
C PHE J 374 -31.36 43.92 -7.23
N THR J 375 -31.24 42.94 -8.13
CA THR J 375 -31.39 41.54 -7.79
C THR J 375 -30.36 40.71 -8.53
N GLN J 376 -29.80 39.71 -7.86
CA GLN J 376 -28.84 38.81 -8.48
C GLN J 376 -29.50 38.05 -9.62
N THR J 377 -28.94 38.18 -10.82
CA THR J 377 -29.44 37.48 -12.01
C THR J 377 -28.44 36.51 -12.63
N LEU J 378 -27.14 36.72 -12.45
CA LEU J 378 -26.15 35.97 -13.21
C LEU J 378 -24.92 35.62 -12.37
N GLN J 379 -24.44 34.38 -12.56
CA GLN J 379 -23.25 33.87 -11.91
C GLN J 379 -22.20 33.53 -12.96
N LEU J 380 -20.98 34.04 -12.78
CA LEU J 380 -19.91 33.82 -13.75
C LEU J 380 -18.78 32.98 -13.17
N PHE K 14 -23.89 68.11 28.09
CA PHE K 14 -24.63 68.74 26.99
C PHE K 14 -24.05 68.27 25.65
N ASN K 15 -24.54 68.84 24.56
CA ASN K 15 -24.01 68.55 23.23
C ASN K 15 -22.88 69.53 22.91
N THR K 16 -22.02 69.13 21.98
CA THR K 16 -20.80 69.85 21.70
C THR K 16 -20.87 70.59 20.38
N ASN K 17 -20.14 71.71 20.30
CA ASN K 17 -20.10 72.54 19.10
C ASN K 17 -18.91 72.10 18.24
N ASP K 18 -18.93 72.51 16.97
CA ASP K 18 -17.95 72.00 16.02
C ASP K 18 -16.53 72.46 16.33
N GLU K 19 -16.34 73.73 16.72
CA GLU K 19 -14.98 74.20 16.91
C GLU K 19 -14.28 73.42 18.02
N THR K 20 -14.98 73.18 19.13
CA THR K 20 -14.40 72.44 20.24
C THR K 20 -14.14 70.99 19.84
N LYS K 21 -15.01 70.40 19.00
CA LYS K 21 -14.77 69.03 18.53
C LYS K 21 -13.42 68.94 17.83
N ARG K 22 -13.11 69.90 16.95
CA ARG K 22 -11.82 69.89 16.27
C ARG K 22 -10.68 69.93 17.29
N ILE K 23 -10.86 70.67 18.38
CA ILE K 23 -9.82 70.76 19.41
C ILE K 23 -9.60 69.38 20.04
N VAL K 24 -10.68 68.70 20.41
CA VAL K 24 -10.56 67.38 20.99
C VAL K 24 -9.95 66.41 19.99
N TRP K 25 -10.43 66.45 18.74
CA TRP K 25 -9.81 65.60 17.72
C TRP K 25 -8.31 65.82 17.64
N THR K 26 -7.87 67.07 17.80
CA THR K 26 -6.44 67.38 17.74
C THR K 26 -5.72 66.83 18.97
N GLN K 27 -6.17 67.22 20.17
CA GLN K 27 -5.47 66.86 21.39
C GLN K 27 -5.34 65.34 21.55
N THR K 28 -6.30 64.59 21.00
CA THR K 28 -6.29 63.14 21.03
C THR K 28 -5.65 62.51 19.79
N ALA K 29 -5.31 63.31 18.79
CA ALA K 29 -4.77 62.80 17.52
C ALA K 29 -5.71 61.80 16.87
N GLY K 30 -7.01 61.93 17.12
CA GLY K 30 -8.00 61.16 16.39
C GLY K 30 -7.98 59.66 16.62
N HIS K 31 -7.56 59.22 17.81
CA HIS K 31 -7.64 57.81 18.19
C HIS K 31 -8.53 57.67 19.43
N CYS K 32 -9.16 56.51 19.56
CA CYS K 32 -9.91 56.20 20.77
C CYS K 32 -8.93 55.98 21.93
N GLU K 33 -9.08 56.76 23.00
CA GLU K 33 -8.09 56.73 24.08
C GLU K 33 -8.06 55.43 24.85
N LEU K 34 -9.16 54.67 24.90
CA LEU K 34 -9.15 53.44 25.70
C LEU K 34 -8.57 52.28 24.87
N CYS K 35 -9.21 51.90 23.78
CA CYS K 35 -8.72 50.79 22.99
C CYS K 35 -7.66 51.18 21.95
N GLY K 36 -7.26 52.44 21.90
CA GLY K 36 -6.22 52.90 21.00
C GLY K 36 -6.44 52.75 19.50
N THR K 37 -7.63 52.38 19.04
CA THR K 37 -7.88 52.23 17.61
C THR K 37 -8.00 53.59 16.91
N ASP K 38 -7.46 53.66 15.68
CA ASP K 38 -7.45 54.86 14.86
C ASP K 38 -8.84 55.22 14.32
N LEU K 39 -9.35 56.40 14.67
CA LEU K 39 -10.66 56.83 14.19
C LEU K 39 -10.59 57.64 12.89
N THR K 40 -9.39 57.98 12.39
CA THR K 40 -9.24 58.63 11.10
C THR K 40 -9.25 57.62 9.96
N PHE K 41 -9.65 56.39 10.31
CA PHE K 41 -9.57 55.21 9.46
C PHE K 41 -10.34 55.38 8.14
N ASP K 42 -11.34 56.26 8.11
CA ASP K 42 -12.00 56.61 6.85
C ASP K 42 -11.13 57.66 6.16
N TYR K 43 -10.17 57.19 5.36
CA TYR K 43 -9.27 58.10 4.67
C TYR K 43 -9.98 58.95 3.62
N ARG K 44 -10.88 58.35 2.84
CA ARG K 44 -11.55 59.09 1.77
C ARG K 44 -13.07 59.01 1.84
N ALA K 45 -13.75 59.46 0.78
CA ALA K 45 -15.22 59.47 0.69
C ALA K 45 -15.83 60.54 1.60
N GLY K 46 -15.01 61.46 2.14
CA GLY K 46 -15.50 62.51 3.06
C GLY K 46 -16.44 61.97 4.11
N LYS K 47 -15.98 61.19 5.11
CA LYS K 47 -16.82 60.60 6.19
C LYS K 47 -16.26 61.00 7.55
N PRO K 48 -16.59 62.19 8.11
CA PRO K 48 -16.01 62.66 9.36
C PRO K 48 -16.89 62.65 10.62
N MET K 49 -16.34 63.08 11.76
CA MET K 49 -17.08 63.18 13.04
C MET K 49 -18.02 61.97 13.18
N LYS K 50 -17.53 60.75 12.92
CA LYS K 50 -18.32 59.50 13.00
C LYS K 50 -17.40 58.36 13.40
N TRP K 51 -17.91 57.28 14.03
CA TRP K 51 -17.09 56.22 14.62
C TRP K 51 -16.24 56.77 15.76
N GLY K 52 -16.49 58.02 16.17
CA GLY K 52 -15.87 58.62 17.33
C GLY K 52 -16.86 59.55 18.03
N GLU K 53 -16.86 59.52 19.35
CA GLU K 53 -17.78 60.29 20.20
C GLU K 53 -16.99 60.95 21.31
N VAL K 54 -17.27 62.23 21.57
CA VAL K 54 -16.61 62.96 22.63
C VAL K 54 -17.31 62.66 23.95
N ALA K 55 -16.53 62.40 24.99
CA ALA K 55 -17.08 62.10 26.31
C ALA K 55 -16.53 63.11 27.32
N HIS K 56 -16.65 62.80 28.61
CA HIS K 56 -16.06 63.65 29.63
C HIS K 56 -15.80 62.83 30.90
N ILE K 57 -15.67 63.53 32.03
CA ILE K 57 -15.31 62.92 33.32
C ILE K 57 -16.27 63.44 34.39
N LEU K 58 -16.38 62.65 35.47
CA LEU K 58 -17.32 62.70 36.58
C LEU K 58 -17.96 64.00 37.03
N PRO K 59 -17.23 65.09 37.26
CA PRO K 59 -17.87 66.27 37.86
C PRO K 59 -19.07 66.76 37.07
N ALA K 60 -20.12 67.14 37.81
CA ALA K 60 -21.38 67.56 37.22
C ALA K 60 -22.05 68.65 38.07
N ASP K 70 -20.90 69.03 43.82
CA ASP K 70 -19.90 69.93 44.36
C ASP K 70 -19.45 70.95 43.33
N HIS K 71 -19.91 70.78 42.09
CA HIS K 71 -19.22 71.29 40.92
C HIS K 71 -20.02 72.40 40.24
N ASP K 72 -19.40 73.56 40.09
CA ASP K 72 -19.89 74.60 39.20
C ASP K 72 -19.59 74.14 37.77
N ALA K 73 -20.37 73.16 37.29
CA ALA K 73 -19.95 72.33 36.17
C ALA K 73 -20.13 72.98 34.81
N GLU K 74 -20.89 74.07 34.70
CA GLU K 74 -21.01 74.76 33.42
C GLU K 74 -19.70 75.45 33.03
N ALA K 75 -18.76 75.60 33.97
CA ALA K 75 -17.48 76.24 33.71
C ALA K 75 -16.42 75.28 33.17
N HIS K 76 -16.73 73.99 33.07
CA HIS K 76 -15.80 73.04 32.49
C HIS K 76 -15.80 73.08 30.96
N THR K 77 -16.82 73.69 30.37
CA THR K 77 -16.83 73.91 28.93
C THR K 77 -15.67 74.79 28.48
N ASN K 78 -15.14 75.63 29.37
CA ASN K 78 -14.01 76.49 29.08
C ASN K 78 -12.67 75.78 29.21
N ASP K 79 -12.66 74.45 29.34
CA ASP K 79 -11.42 73.69 29.36
C ASP K 79 -11.70 72.34 28.71
N THR K 80 -11.20 72.14 27.50
CA THR K 80 -11.41 70.90 26.78
C THR K 80 -10.56 69.76 27.32
N ALA K 81 -9.54 70.08 28.12
CA ALA K 81 -8.58 69.07 28.57
C ALA K 81 -9.21 67.97 29.42
N ASN K 82 -10.48 68.11 29.80
CA ASN K 82 -11.18 67.10 30.57
C ASN K 82 -12.08 66.22 29.69
N LEU K 83 -11.95 66.32 28.38
CA LEU K 83 -12.89 65.70 27.44
C LEU K 83 -12.13 64.67 26.61
N MET K 84 -12.66 63.44 26.59
CA MET K 84 -12.02 62.32 25.91
C MET K 84 -12.67 62.04 24.56
N LEU K 85 -11.88 61.48 23.65
CA LEU K 85 -12.38 60.97 22.38
C LEU K 85 -12.41 59.45 22.44
N LEU K 86 -13.56 58.86 22.18
CA LEU K 86 -13.76 57.42 22.27
C LEU K 86 -14.47 56.93 21.01
N CYS K 87 -14.24 55.66 20.67
CA CYS K 87 -15.11 55.08 19.66
C CYS K 87 -16.38 54.59 20.34
N PRO K 88 -17.50 54.53 19.61
CA PRO K 88 -18.76 54.11 20.25
C PRO K 88 -18.67 52.80 21.01
N GLY K 89 -17.87 51.83 20.56
CA GLY K 89 -17.73 50.59 21.31
C GLY K 89 -17.23 50.82 22.72
N CYS K 90 -16.18 51.63 22.85
CA CYS K 90 -15.65 51.95 24.17
C CYS K 90 -16.58 52.91 24.91
N HIS K 91 -17.19 53.84 24.18
CA HIS K 91 -18.05 54.86 24.77
C HIS K 91 -19.21 54.30 25.59
N ASP K 92 -19.88 53.26 25.09
CA ASP K 92 -21.10 52.80 25.75
C ASP K 92 -20.89 52.16 27.12
N LYS K 93 -19.65 51.80 27.47
CA LYS K 93 -19.39 51.10 28.76
C LYS K 93 -19.74 52.07 29.89
N ILE K 94 -20.56 51.65 30.86
CA ILE K 94 -21.01 52.45 32.05
C ILE K 94 -20.90 53.96 31.84
N ASP K 95 -21.47 54.48 30.75
CA ASP K 95 -21.50 55.94 30.55
C ASP K 95 -22.24 56.50 31.75
N ARG K 96 -23.37 55.91 32.12
CA ARG K 96 -24.23 56.36 33.25
C ARG K 96 -24.28 57.89 33.27
N ASP K 97 -24.65 58.51 32.16
CA ASP K 97 -24.66 59.97 32.05
C ASP K 97 -26.08 60.47 32.32
N ALA K 98 -26.22 61.27 33.38
CA ALA K 98 -27.54 61.72 33.82
C ALA K 98 -28.06 62.94 33.07
N ASP K 99 -27.15 63.84 32.66
CA ASP K 99 -27.52 65.11 31.99
C ASP K 99 -26.26 65.78 31.40
N GLY K 100 -25.45 65.03 30.66
CA GLY K 100 -24.23 65.56 30.02
C GLY K 100 -22.91 65.32 30.76
N TYR K 101 -22.83 64.45 31.79
CA TYR K 101 -21.56 64.10 32.49
C TYR K 101 -21.61 62.65 33.00
N PRO K 102 -20.51 61.86 32.99
CA PRO K 102 -20.55 60.45 33.37
C PRO K 102 -20.50 60.19 34.87
N GLU K 103 -20.74 58.95 35.31
CA GLU K 103 -20.75 58.58 36.73
C GLU K 103 -19.35 58.24 37.26
N ASN K 104 -18.42 57.76 36.43
CA ASN K 104 -17.06 57.48 36.87
C ASN K 104 -15.96 58.33 36.22
N ASP K 105 -14.94 58.62 37.04
CA ASP K 105 -13.77 59.41 36.65
C ASP K 105 -12.69 58.60 35.95
N LEU K 106 -12.18 59.11 34.83
CA LEU K 106 -11.05 58.53 34.09
C LEU K 106 -9.89 59.51 33.88
N SER K 107 -9.81 60.58 34.69
CA SER K 107 -8.81 61.62 34.48
C SER K 107 -7.41 61.04 34.27
N GLY K 108 -7.05 59.99 35.00
CA GLY K 108 -5.71 59.45 34.89
C GLY K 108 -5.38 58.99 33.48
N LEU K 109 -6.23 58.13 32.92
CA LEU K 109 -6.03 57.68 31.55
C LEU K 109 -5.92 58.86 30.60
N HIS K 110 -6.90 59.76 30.66
CA HIS K 110 -6.94 60.90 29.75
C HIS K 110 -5.64 61.70 29.82
N GLN K 111 -5.29 62.20 30.99
CA GLN K 111 -4.05 62.97 31.13
C GLN K 111 -2.83 62.14 30.71
N ALA K 112 -2.77 60.88 31.12
CA ALA K 112 -1.70 60.00 30.63
C ALA K 112 -1.64 60.04 29.11
N TYR K 113 -2.76 59.74 28.46
CA TYR K 113 -2.81 59.78 27.00
C TYR K 113 -2.36 61.13 26.47
N LEU K 114 -2.95 62.22 26.98
CA LEU K 114 -2.59 63.55 26.53
C LEU K 114 -1.11 63.82 26.75
N GLU K 115 -0.59 63.46 27.92
CA GLU K 115 0.84 63.61 28.20
C GLU K 115 1.67 62.83 27.18
N ARG K 116 1.33 61.56 26.95
CA ARG K 116 2.05 60.75 25.97
C ARG K 116 2.11 61.45 24.62
N ILE K 117 0.96 61.93 24.13
CA ILE K 117 0.93 62.68 22.88
C ILE K 117 1.83 63.90 22.97
N ARG K 118 1.56 64.78 23.94
CA ARG K 118 2.36 65.98 24.12
C ARG K 118 3.84 65.64 24.15
N LEU K 119 4.22 64.65 24.95
CA LEU K 119 5.61 64.22 25.01
C LEU K 119 6.15 63.91 23.62
N ALA K 120 5.42 63.07 22.86
CA ALA K 120 5.86 62.71 21.52
C ALA K 120 6.03 63.94 20.63
N ALA K 121 5.05 64.84 20.65
CA ALA K 121 5.07 65.99 19.75
C ALA K 121 6.24 66.92 20.04
N THR K 122 6.58 67.13 21.31
CA THR K 122 7.58 68.12 21.71
C THR K 122 9.02 67.60 21.75
N THR K 123 9.28 66.40 21.26
CA THR K 123 10.61 65.80 21.36
C THR K 123 11.66 66.75 20.77
N PRO K 124 12.65 67.18 21.56
CA PRO K 124 13.71 68.02 20.98
C PRO K 124 14.57 67.23 20.01
N ASP K 125 14.91 67.87 18.89
CA ASP K 125 15.75 67.27 17.86
C ASP K 125 15.21 65.90 17.44
N GLY K 126 13.90 65.87 17.17
CA GLY K 126 13.17 64.67 16.78
C GLY K 126 13.70 63.96 15.54
N GLY K 127 14.56 64.63 14.76
CA GLY K 127 15.14 64.07 13.56
C GLY K 127 16.42 63.30 13.83
N ARG K 128 16.81 63.21 15.09
CA ARG K 128 18.01 62.51 15.52
C ARG K 128 17.77 61.01 15.51
N ALA K 129 18.73 60.26 14.96
CA ALA K 129 18.60 58.81 14.88
C ALA K 129 19.99 58.17 14.96
N ILE K 130 20.00 56.91 15.38
CA ILE K 130 21.24 56.14 15.48
C ILE K 130 21.43 55.36 14.17
N PRO K 131 22.54 55.55 13.46
CA PRO K 131 22.83 54.65 12.34
C PRO K 131 23.07 53.24 12.84
N LEU K 132 22.39 52.27 12.23
CA LEU K 132 22.49 50.87 12.62
C LEU K 132 22.57 50.04 11.34
N ILE K 133 23.77 49.51 11.06
CA ILE K 133 24.00 48.68 9.88
C ILE K 133 24.32 47.27 10.36
N VAL K 134 23.57 46.29 9.87
CA VAL K 134 23.78 44.88 10.22
C VAL K 134 23.73 44.06 8.95
N GLN K 135 24.78 43.29 8.68
CA GLN K 135 24.85 42.49 7.46
C GLN K 135 25.61 41.19 7.69
N SER K 136 25.34 40.22 6.82
CA SER K 136 26.02 38.93 6.81
C SER K 136 27.38 39.01 6.12
N GLN K 137 28.33 38.21 6.63
CA GLN K 137 29.64 38.06 6.03
C GLN K 137 29.62 37.99 4.50
N HIS K 138 28.52 37.49 3.93
CA HIS K 138 28.49 37.27 2.49
C HIS K 138 28.15 38.53 1.73
N PHE K 139 27.50 39.48 2.38
CA PHE K 139 27.16 40.78 1.82
C PHE K 139 28.18 41.83 2.22
N GLN K 140 28.62 41.82 3.49
CA GLN K 140 29.66 42.71 3.95
C GLN K 140 30.94 42.63 3.11
N THR K 141 31.15 41.54 2.38
CA THR K 141 32.34 41.40 1.54
C THR K 141 32.04 41.68 0.08
N ILE K 142 30.82 41.39 -0.36
CA ILE K 142 30.39 41.69 -1.72
C ILE K 142 30.11 43.19 -1.87
N ASN K 143 29.14 43.70 -1.09
CA ASN K 143 28.61 45.05 -1.21
C ASN K 143 28.47 45.65 0.19
N ASP K 144 29.63 45.92 0.79
CA ASP K 144 29.69 46.49 2.12
C ASP K 144 28.96 47.83 2.16
N ILE K 145 28.39 48.14 3.31
CA ILE K 145 27.65 49.38 3.51
C ILE K 145 28.37 50.17 4.60
N PRO K 146 29.09 51.23 4.24
CA PRO K 146 29.70 52.06 5.28
C PRO K 146 28.71 53.01 5.91
N VAL K 147 28.95 53.32 7.18
CA VAL K 147 28.06 54.22 7.91
C VAL K 147 28.02 55.55 7.17
N ARG K 148 29.14 55.91 6.51
CA ARG K 148 29.22 57.15 5.74
C ARG K 148 28.06 57.26 4.78
N ASP K 149 27.76 56.17 4.08
CA ASP K 149 26.69 56.18 3.08
C ASP K 149 25.32 56.30 3.74
N LEU K 150 25.13 55.63 4.87
CA LEU K 150 23.86 55.75 5.60
C LEU K 150 23.64 57.16 6.11
N LEU K 151 24.68 57.76 6.70
CA LEU K 151 24.59 59.16 7.11
C LEU K 151 24.19 60.04 5.93
N THR K 152 24.73 59.77 4.73
CA THR K 152 24.28 60.48 3.54
C THR K 152 22.79 60.30 3.32
N ALA K 153 22.32 59.05 3.36
CA ALA K 153 20.90 58.81 3.16
C ALA K 153 20.06 59.49 4.24
N MET K 154 20.55 59.50 5.47
CA MET K 154 19.86 60.21 6.54
C MET K 154 19.79 61.71 6.27
N SER K 155 20.94 62.33 5.98
CA SER K 155 20.97 63.74 5.66
C SER K 155 19.98 64.08 4.54
N ALA K 156 19.87 63.20 3.54
CA ALA K 156 18.93 63.43 2.45
C ALA K 156 17.48 63.44 2.90
N GLU K 157 17.18 62.83 4.05
CA GLU K 157 15.82 62.81 4.58
C GLU K 157 15.58 63.86 5.66
N GLY K 158 16.57 64.65 6.02
CA GLY K 158 16.43 65.58 7.12
C GLY K 158 16.76 65.02 8.49
N LEU K 159 17.43 63.87 8.57
CA LEU K 159 17.81 63.26 9.83
C LEU K 159 19.26 63.56 10.21
N THR K 160 19.56 63.39 11.51
CA THR K 160 20.88 63.63 12.07
C THR K 160 21.27 62.47 13.00
N ALA K 161 22.57 62.36 13.30
CA ALA K 161 23.12 61.20 14.00
C ALA K 161 23.92 61.58 15.26
N PHE K 162 24.04 60.60 16.17
CA PHE K 162 24.80 60.80 17.41
C PHE K 162 26.29 60.81 17.13
N ASP K 163 26.75 59.82 16.36
CA ASP K 163 28.14 59.36 16.39
C ASP K 163 28.39 58.50 15.16
N GLN K 164 29.49 57.74 15.17
CA GLN K 164 29.76 56.80 14.10
C GLN K 164 28.76 55.65 14.00
N GLY K 165 27.66 55.69 14.78
CA GLY K 165 26.68 54.62 14.64
C GLY K 165 27.20 53.22 14.89
N ILE K 166 26.34 52.25 14.66
CA ILE K 166 26.59 50.83 14.90
C ILE K 166 26.73 50.14 13.54
N LYS K 167 27.82 49.40 13.34
CA LYS K 167 27.98 48.53 12.19
C LYS K 167 28.36 47.13 12.66
N ILE K 168 27.51 46.13 12.37
CA ILE K 168 27.69 44.77 12.85
C ILE K 168 27.73 43.79 11.69
N ALA K 169 28.43 42.67 11.90
CA ALA K 169 28.45 41.54 10.97
C ALA K 169 27.89 40.29 11.64
N PHE K 170 26.80 39.74 11.07
CA PHE K 170 26.24 38.49 11.57
C PHE K 170 27.29 37.38 11.60
N ALA K 171 27.29 36.61 12.68
CA ALA K 171 28.29 35.58 12.90
C ALA K 171 28.12 34.43 11.91
N ALA K 172 29.25 33.85 11.51
CA ALA K 172 29.21 32.65 10.66
C ALA K 172 28.69 31.46 11.47
N PRO K 173 27.70 30.72 10.97
CA PRO K 173 27.23 29.55 11.72
C PRO K 173 28.31 28.48 11.82
N GLY K 174 28.34 27.79 12.95
CA GLY K 174 29.26 26.69 13.10
C GLY K 174 28.68 25.51 12.36
N PRO K 175 29.27 24.33 12.56
CA PRO K 175 28.68 23.11 11.97
C PRO K 175 27.30 22.79 12.52
N ARG K 176 26.97 23.23 13.75
CA ARG K 176 25.62 23.00 14.26
C ARG K 176 24.56 23.84 13.54
N GLY K 177 24.91 24.59 12.50
CA GLY K 177 23.89 25.36 11.81
C GLY K 177 23.34 26.50 12.66
N ARG K 178 22.17 26.98 12.22
CA ARG K 178 21.43 28.05 12.91
C ARG K 178 20.44 27.43 13.88
N ASP K 179 20.99 26.88 14.98
CA ASP K 179 20.21 26.27 16.03
C ASP K 179 19.79 27.33 17.07
N THR K 180 19.06 26.87 18.09
CA THR K 180 18.55 27.78 19.12
C THR K 180 19.68 28.53 19.83
N THR K 181 20.80 27.84 20.07
CA THR K 181 21.92 28.49 20.77
C THR K 181 22.50 29.61 19.91
N TYR K 182 22.77 29.32 18.64
CA TYR K 182 23.25 30.34 17.73
C TYR K 182 22.34 31.57 17.71
N TRP K 183 21.04 31.37 17.49
CA TRP K 183 20.14 32.51 17.36
C TRP K 183 20.12 33.38 18.60
N GLN K 184 20.13 32.78 19.79
CA GLN K 184 20.16 33.58 21.01
C GLN K 184 21.43 34.43 21.06
N ASN K 185 22.58 33.82 20.79
CA ASN K 185 23.83 34.57 20.81
C ASN K 185 23.80 35.73 19.80
N VAL K 186 23.18 35.51 18.64
CA VAL K 186 23.00 36.60 17.69
C VAL K 186 22.20 37.72 18.33
N LYS K 187 21.04 37.38 18.88
CA LYS K 187 20.18 38.38 19.51
C LYS K 187 20.95 39.13 20.60
N ASP K 188 21.65 38.39 21.46
CA ASP K 188 22.45 39.03 22.50
C ASP K 188 23.43 40.04 21.90
N SER K 189 24.12 39.64 20.83
CA SER K 189 25.11 40.52 20.21
C SER K 189 24.49 41.83 19.75
N VAL K 190 23.34 41.76 19.06
CA VAL K 190 22.67 42.96 18.59
C VAL K 190 22.21 43.80 19.78
N GLN K 191 21.40 43.21 20.67
CA GLN K 191 20.84 43.97 21.78
C GLN K 191 21.92 44.63 22.62
N TYR K 192 23.08 43.99 22.75
CA TYR K 192 24.20 44.62 23.45
C TYR K 192 24.51 46.01 22.92
N GLU K 193 24.78 46.10 21.61
CA GLU K 193 25.19 47.37 21.04
C GLU K 193 24.17 48.47 21.29
N LEU K 194 22.88 48.13 21.26
CA LEU K 194 21.85 49.14 21.51
C LEU K 194 21.88 49.60 22.96
N GLU K 195 21.99 48.68 23.91
CA GLU K 195 22.12 49.09 25.30
C GLU K 195 23.32 50.02 25.46
N GLN K 196 24.41 49.77 24.72
CA GLN K 196 25.58 50.64 24.81
C GLN K 196 25.26 52.06 24.33
N GLN K 197 24.41 52.18 23.30
CA GLN K 197 24.01 53.52 22.87
C GLN K 197 23.07 54.16 23.88
N LEU K 198 22.34 53.33 24.65
CA LEU K 198 21.52 53.89 25.73
C LEU K 198 22.40 54.44 26.85
N LYS K 199 23.59 53.86 27.03
CA LYS K 199 24.54 54.39 28.00
C LYS K 199 25.17 55.67 27.50
N ARG K 200 25.27 55.80 26.17
CA ARG K 200 25.73 57.01 25.49
C ARG K 200 24.70 58.12 25.55
N ARG K 201 23.47 57.84 25.99
CA ARG K 201 22.46 58.87 26.20
C ARG K 201 22.38 59.30 27.65
N GLY K 202 23.31 58.86 28.49
CA GLY K 202 23.35 59.26 29.89
C GLY K 202 22.45 58.41 30.76
N GLY K 203 21.46 59.03 31.40
CA GLY K 203 20.50 58.32 32.23
C GLY K 203 19.45 57.68 31.33
N THR K 204 19.56 56.36 31.14
CA THR K 204 18.68 55.65 30.22
C THR K 204 17.18 55.89 30.38
N TYR K 205 16.71 56.51 31.46
CA TYR K 205 15.27 56.70 31.59
C TYR K 205 14.81 57.92 30.82
N GLY K 206 13.56 57.85 30.34
CA GLY K 206 12.92 58.95 29.65
C GLY K 206 12.63 58.53 28.22
N ASP K 207 13.37 59.10 27.26
CA ASP K 207 13.16 58.78 25.86
C ASP K 207 13.99 57.56 25.45
N SER K 208 13.76 57.12 24.21
CA SER K 208 14.56 56.09 23.57
C SER K 208 14.80 56.63 22.14
N PRO K 209 16.03 56.59 21.65
CA PRO K 209 16.30 57.20 20.34
C PRO K 209 15.71 56.39 19.19
N ALA K 210 15.61 57.06 18.04
CA ALA K 210 15.13 56.40 16.84
C ALA K 210 16.29 55.67 16.16
N LEU K 211 15.95 54.65 15.38
CA LEU K 211 16.94 53.81 14.74
C LEU K 211 16.83 53.95 13.22
N ALA K 212 17.89 54.48 12.61
CA ALA K 212 18.05 54.43 11.16
C ALA K 212 18.75 53.10 10.90
N VAL K 213 17.96 52.06 10.62
CA VAL K 213 18.45 50.69 10.56
C VAL K 213 18.33 50.20 9.13
N VAL K 214 19.36 49.50 8.67
CA VAL K 214 19.36 48.84 7.38
C VAL K 214 20.08 47.51 7.51
N GLY K 215 19.54 46.48 6.88
CA GLY K 215 20.10 45.15 6.97
C GLY K 215 20.09 44.45 5.63
N LEU K 216 21.08 43.59 5.41
CA LEU K 216 21.13 42.76 4.21
C LEU K 216 21.70 41.40 4.60
N ALA K 217 20.82 40.40 4.65
CA ALA K 217 21.18 39.02 4.92
C ALA K 217 20.00 38.15 4.53
N ASP K 218 20.08 36.86 4.82
CA ASP K 218 18.93 35.99 4.55
C ASP K 218 17.75 36.40 5.42
N ILE K 219 16.55 35.89 5.01
CA ILE K 219 15.32 36.34 5.67
C ILE K 219 15.36 36.07 7.16
N PRO K 220 15.64 34.85 7.62
CA PRO K 220 15.61 34.60 9.06
C PRO K 220 16.47 35.56 9.86
N ALA K 221 17.69 35.82 9.39
CA ALA K 221 18.59 36.74 10.11
C ALA K 221 17.94 38.11 10.29
N LEU K 222 17.46 38.70 9.18
CA LEU K 222 16.85 40.02 9.26
C LEU K 222 15.63 40.02 10.17
N MET K 223 14.84 38.94 10.13
CA MET K 223 13.76 38.80 11.09
C MET K 223 14.27 38.91 12.51
N MET K 224 15.39 38.27 12.82
CA MET K 224 15.94 38.33 14.16
C MET K 224 16.34 39.74 14.54
N LEU K 225 16.94 40.49 13.61
CA LEU K 225 17.21 41.90 13.87
C LEU K 225 15.93 42.62 14.30
N GLY K 226 14.82 42.35 13.60
CA GLY K 226 13.54 42.89 14.02
C GLY K 226 13.16 42.45 15.42
N GLN K 227 13.35 41.16 15.72
CA GLN K 227 13.08 40.67 17.07
C GLN K 227 13.88 41.44 18.11
N SER K 228 15.13 41.77 17.78
CA SER K 228 16.00 42.41 18.77
C SER K 228 15.50 43.80 19.13
N ILE K 229 15.18 44.64 18.13
CA ILE K 229 14.73 45.99 18.44
C ILE K 229 13.27 46.01 18.89
N GLY K 230 12.43 45.12 18.37
CA GLY K 230 11.07 45.00 18.83
C GLY K 230 10.10 45.96 18.15
N ASP K 231 8.83 45.57 18.17
CA ASP K 231 7.80 46.37 17.49
C ASP K 231 7.65 47.74 18.14
N ARG K 232 7.81 47.81 19.46
CA ARG K 232 7.58 49.07 20.16
C ARG K 232 8.76 50.03 20.06
N SER K 233 9.78 49.68 19.29
CA SER K 233 10.91 50.58 19.06
C SER K 233 10.54 51.58 17.96
N LYS K 234 11.13 52.77 18.05
CA LYS K 234 10.95 53.82 17.04
C LYS K 234 11.82 53.48 15.84
N ARG K 235 11.23 52.81 14.86
CA ARG K 235 11.96 52.26 13.72
C ARG K 235 11.84 53.19 12.52
N LEU K 236 12.98 53.54 11.93
CA LEU K 236 13.05 54.20 10.63
C LEU K 236 13.92 53.34 9.74
N ILE K 237 13.32 52.43 8.97
CA ILE K 237 14.09 51.45 8.23
C ILE K 237 14.52 52.04 6.89
N PHE K 238 15.72 51.65 6.44
CA PHE K 238 16.23 51.98 5.12
C PHE K 238 16.43 50.69 4.32
N SER K 239 16.47 50.80 2.98
CA SER K 239 16.57 49.63 2.07
C SER K 239 17.71 49.75 1.08
N PHE K 240 18.46 48.66 0.88
CA PHE K 240 19.58 48.63 -0.08
C PHE K 240 19.05 48.06 -1.38
N HIS K 241 18.96 48.84 -2.45
CA HIS K 241 18.52 48.37 -3.78
C HIS K 241 19.78 48.22 -4.64
N ARG K 242 19.88 47.21 -5.47
CA ARG K 242 21.11 46.97 -6.23
C ARG K 242 21.38 48.19 -7.08
N GLU K 243 20.35 48.82 -7.61
CA GLU K 243 20.52 49.92 -8.57
C GLU K 243 20.70 51.26 -7.86
N HIS K 244 19.95 51.54 -6.80
CA HIS K 244 19.94 52.88 -6.16
C HIS K 244 20.73 52.92 -4.86
N LEU K 245 21.39 51.85 -4.42
CA LEU K 245 21.99 51.80 -3.14
C LEU K 245 20.99 52.11 -2.03
N LEU K 246 21.23 53.07 -1.20
CA LEU K 246 20.44 53.48 -0.11
C LEU K 246 19.40 54.50 -0.45
N ARG K 247 19.48 55.04 -1.68
CA ARG K 247 18.54 56.06 -2.15
C ARG K 247 17.21 55.38 -2.37
N TRP K 248 16.11 56.06 -2.06
CA TRP K 248 14.77 55.46 -2.18
C TRP K 248 14.41 55.45 -3.67
N PRO K 249 14.13 54.31 -4.32
CA PRO K 249 13.83 54.35 -5.73
C PRO K 249 12.84 55.43 -6.14
N ASP K 250 11.68 55.56 -5.48
CA ASP K 250 10.66 56.56 -5.82
C ASP K 250 9.88 56.97 -4.56
N GLN K 251 10.22 58.14 -4.00
CA GLN K 251 9.52 58.59 -2.81
C GLN K 251 8.05 58.95 -3.08
N SER K 252 7.69 59.26 -4.33
CA SER K 252 6.32 59.67 -4.61
C SER K 252 5.37 58.50 -4.82
N ALA K 253 5.87 57.33 -5.20
CA ALA K 253 5.01 56.20 -5.52
C ALA K 253 4.12 55.78 -4.35
N GLU K 254 2.86 55.35 -4.68
CA GLU K 254 1.91 54.80 -3.70
C GLU K 254 2.20 53.32 -3.46
N PRO K 255 2.16 52.87 -2.21
CA PRO K 255 2.38 51.44 -1.94
C PRO K 255 1.35 50.59 -2.65
N PRO K 256 1.71 49.36 -3.00
CA PRO K 256 0.71 48.43 -3.57
C PRO K 256 -0.25 47.95 -2.48
N SER K 257 -1.34 47.34 -2.94
CA SER K 257 -2.30 46.71 -2.03
C SER K 257 -1.69 45.39 -1.64
N PHE K 258 -2.09 44.82 -0.52
CA PHE K 258 -1.60 43.50 -0.09
C PHE K 258 -2.79 42.55 -0.20
N LEU K 259 -2.57 41.33 -0.66
CA LEU K 259 -3.65 40.37 -0.99
C LEU K 259 -3.85 39.38 0.15
N PHE K 260 -4.66 39.71 1.14
CA PHE K 260 -4.93 38.77 2.26
C PHE K 260 -5.80 37.61 1.78
N THR K 261 -5.33 36.36 1.88
CA THR K 261 -6.10 35.16 1.55
C THR K 261 -6.20 34.19 2.71
N PRO K 262 -7.37 34.05 3.34
CA PRO K 262 -7.48 33.09 4.46
C PRO K 262 -7.26 31.66 3.99
N PRO K 263 -6.95 30.75 4.91
CA PRO K 263 -6.59 29.37 4.54
C PRO K 263 -7.81 28.48 4.37
N PRO K 264 -7.64 27.32 3.74
CA PRO K 264 -8.73 26.33 3.66
C PRO K 264 -9.06 25.74 5.04
N ASN K 265 -10.27 25.18 5.13
CA ASN K 265 -10.73 24.58 6.37
C ASN K 265 -10.06 23.23 6.58
N GLY K 266 -9.85 22.87 7.84
CA GLY K 266 -9.27 21.59 8.17
C GLY K 266 -8.53 21.65 9.49
N ASP K 267 -7.87 20.52 9.80
CA ASP K 267 -7.02 20.40 10.97
C ASP K 267 -5.53 20.35 10.61
N GLY K 268 -5.19 20.44 9.33
CA GLY K 268 -3.80 20.41 8.90
C GLY K 268 -3.04 21.62 9.41
N PRO K 269 -1.72 21.60 9.28
CA PRO K 269 -0.90 22.71 9.79
C PRO K 269 -1.14 24.00 9.02
N LEU K 270 -1.31 25.10 9.76
CA LEU K 270 -1.52 26.40 9.16
C LEU K 270 -0.19 26.99 8.71
N ALA K 271 -0.17 27.50 7.48
CA ALA K 271 1.04 28.08 6.90
C ALA K 271 0.72 29.46 6.35
N LEU K 272 1.61 30.41 6.61
CA LEU K 272 1.49 31.77 6.09
C LEU K 272 2.58 31.97 5.05
N VAL K 273 2.19 32.35 3.84
CA VAL K 273 3.10 32.53 2.72
C VAL K 273 3.09 33.99 2.32
N LEU K 274 4.28 34.59 2.21
CA LEU K 274 4.44 35.98 1.80
C LEU K 274 5.08 36.01 0.42
N SER K 275 4.26 36.33 -0.59
CA SER K 275 4.69 36.40 -1.99
C SER K 275 4.74 37.86 -2.42
N ILE K 276 5.88 38.52 -2.16
CA ILE K 276 6.05 39.95 -2.45
C ILE K 276 7.26 40.19 -3.35
N SER K 277 8.43 39.64 -3.00
CA SER K 277 9.55 39.69 -3.92
C SER K 277 9.24 38.90 -5.18
N ALA K 278 8.51 37.80 -5.03
CA ALA K 278 8.14 36.94 -6.14
C ALA K 278 6.89 36.18 -5.71
N GLN K 279 6.32 35.43 -6.63
CA GLN K 279 5.18 34.57 -6.33
C GLN K 279 5.74 33.22 -5.90
N VAL K 280 5.39 32.80 -4.69
CA VAL K 280 5.93 31.56 -4.11
C VAL K 280 5.31 30.37 -4.82
N PRO K 281 6.10 29.47 -5.41
CA PRO K 281 5.49 28.29 -6.03
C PRO K 281 4.82 27.48 -4.94
N VAL K 282 3.49 27.35 -5.04
CA VAL K 282 2.72 26.75 -3.97
C VAL K 282 3.07 25.29 -3.71
N ARG K 283 3.44 24.53 -4.74
CA ARG K 283 3.79 23.14 -4.46
C ARG K 283 5.01 23.06 -3.53
N ASP K 284 5.92 24.04 -3.62
CA ASP K 284 7.10 24.01 -2.76
C ASP K 284 6.72 24.11 -1.29
N VAL K 285 5.66 24.86 -0.97
CA VAL K 285 5.19 24.89 0.42
C VAL K 285 4.70 23.50 0.82
N THR K 286 3.77 22.96 0.04
CA THR K 286 3.24 21.62 0.36
C THR K 286 4.34 20.57 0.30
N ASP K 287 5.32 20.73 -0.58
CA ASP K 287 6.43 19.78 -0.65
C ASP K 287 7.25 19.81 0.64
N ALA K 288 7.44 21.01 1.21
CA ALA K 288 8.20 21.12 2.45
C ALA K 288 7.35 20.84 3.69
N LEU K 289 6.04 21.08 3.61
CA LEU K 289 5.14 20.93 4.74
C LEU K 289 3.89 20.15 4.32
N PRO K 290 3.84 18.85 4.60
CA PRO K 290 2.65 18.08 4.21
C PRO K 290 1.38 18.63 4.87
N GLY K 291 0.31 18.67 4.08
CA GLY K 291 -0.98 19.08 4.59
C GLY K 291 -1.12 20.55 4.96
N ALA K 292 -0.33 21.42 4.33
CA ALA K 292 -0.34 22.82 4.72
C ALA K 292 -1.68 23.46 4.34
N ARG K 293 -2.35 24.07 5.32
CA ARG K 293 -3.53 24.90 5.06
C ARG K 293 -3.01 26.30 4.77
N ILE K 294 -2.94 26.67 3.50
CA ILE K 294 -2.16 27.81 3.05
C ILE K 294 -3.02 29.07 3.04
N ALA K 295 -2.68 30.01 3.93
CA ALA K 295 -3.06 31.41 3.80
C ALA K 295 -1.95 32.17 3.09
N GLU K 296 -2.33 33.21 2.34
CA GLU K 296 -1.36 33.94 1.53
C GLU K 296 -1.51 35.44 1.62
N LEU K 297 -0.37 36.12 1.70
CA LEU K 297 -0.27 37.57 1.51
C LEU K 297 0.62 37.82 0.29
N SER K 298 0.17 38.68 -0.61
CA SER K 298 0.91 38.97 -1.84
C SER K 298 0.59 40.39 -2.26
N ILE K 299 1.32 40.86 -3.27
CA ILE K 299 1.02 42.15 -3.91
C ILE K 299 0.63 41.90 -5.37
N PRO K 300 0.05 42.87 -6.08
CA PRO K 300 -0.37 42.58 -7.47
C PRO K 300 0.74 42.02 -8.35
N GLU K 301 1.90 42.67 -8.42
CA GLU K 301 3.00 42.23 -9.28
C GLU K 301 4.28 42.16 -8.44
N PRO K 302 4.50 41.03 -7.77
CA PRO K 302 5.71 40.88 -6.94
C PRO K 302 7.01 41.21 -7.64
N SER K 303 7.87 41.93 -6.92
CA SER K 303 9.17 42.36 -7.44
C SER K 303 10.16 42.49 -6.29
N TYR K 304 11.43 42.17 -6.57
CA TYR K 304 12.49 42.38 -5.60
C TYR K 304 12.77 43.85 -5.37
N ALA K 305 12.39 44.72 -6.31
CA ALA K 305 12.62 46.15 -6.20
C ALA K 305 11.38 46.89 -5.74
N MET K 306 10.45 46.18 -5.07
CA MET K 306 9.15 46.73 -4.74
C MET K 306 9.16 47.72 -3.56
N VAL K 307 10.26 47.82 -2.82
CA VAL K 307 10.32 48.78 -1.69
C VAL K 307 10.77 50.11 -2.29
N GLN K 308 9.81 50.82 -2.87
CA GLN K 308 10.12 52.09 -3.53
C GLN K 308 10.32 53.22 -2.54
N ASN K 309 9.69 53.14 -1.36
CA ASN K 309 9.86 54.18 -0.34
C ASN K 309 9.42 53.60 1.00
N ARG K 310 9.78 54.33 2.08
CA ARG K 310 9.53 53.82 3.42
C ARG K 310 8.04 53.55 3.66
N ARG K 311 7.17 54.39 3.09
CA ARG K 311 5.74 54.21 3.31
C ARG K 311 5.29 52.82 2.88
N VAL K 312 5.97 52.23 1.89
CA VAL K 312 5.68 50.84 1.52
C VAL K 312 5.79 49.95 2.75
N ILE K 313 6.85 50.14 3.54
CA ILE K 313 7.05 49.33 4.73
C ILE K 313 5.91 49.55 5.71
N HIS K 314 5.58 50.82 6.00
CA HIS K 314 4.47 51.09 6.90
C HIS K 314 3.19 50.42 6.40
N ALA K 315 2.92 50.55 5.10
CA ALA K 315 1.78 49.85 4.51
C ALA K 315 1.84 48.36 4.80
N PHE K 316 2.98 47.74 4.53
CA PHE K 316 3.19 46.34 4.89
C PHE K 316 2.78 46.09 6.33
N ARG K 317 3.36 46.85 7.26
CA ARG K 317 3.03 46.75 8.68
C ARG K 317 1.52 46.88 8.90
N ASP K 318 0.96 48.03 8.55
CA ASP K 318 -0.46 48.28 8.82
C ASP K 318 -1.32 47.12 8.34
N ALA K 319 -1.07 46.63 7.12
CA ALA K 319 -1.82 45.49 6.61
C ALA K 319 -1.59 44.24 7.45
N LEU K 320 -0.33 43.80 7.55
CA LEU K 320 -0.03 42.55 8.22
C LEU K 320 -0.35 42.60 9.72
N GLN K 321 -0.07 43.73 10.37
CA GLN K 321 -0.33 43.88 11.80
C GLN K 321 -1.72 43.37 12.17
N ILE K 322 -2.71 43.70 11.36
CA ILE K 322 -4.09 43.27 11.62
C ILE K 322 -4.25 41.77 11.40
N ARG K 323 -3.89 41.29 10.21
CA ARG K 323 -4.18 39.93 9.82
C ARG K 323 -3.63 38.90 10.81
N LEU K 324 -2.52 39.21 11.48
CA LEU K 324 -1.96 38.27 12.45
C LEU K 324 -2.94 37.95 13.57
N SER K 325 -3.61 38.97 14.11
CA SER K 325 -4.59 38.72 15.15
C SER K 325 -5.68 37.76 14.67
N GLN K 326 -6.13 37.94 13.42
CA GLN K 326 -7.14 37.04 12.87
C GLN K 326 -6.60 35.62 12.77
N LEU K 327 -5.38 35.49 12.24
CA LEU K 327 -4.80 34.18 11.95
C LEU K 327 -4.53 33.36 13.21
N GLU K 328 -4.02 34.00 14.26
CA GLU K 328 -3.70 33.27 15.49
C GLU K 328 -4.92 32.59 16.10
N ALA K 329 -6.11 33.15 15.90
CA ALA K 329 -7.32 32.58 16.47
C ALA K 329 -7.76 31.29 15.78
N LEU K 330 -7.33 31.04 14.54
CA LEU K 330 -7.89 29.94 13.77
C LEU K 330 -7.29 28.57 14.12
N THR K 331 -6.32 28.50 15.02
CA THR K 331 -5.78 27.22 15.45
C THR K 331 -4.84 27.44 16.63
N PRO K 332 -4.76 26.50 17.58
CA PRO K 332 -3.71 26.57 18.61
C PRO K 332 -2.38 25.97 18.19
N ASP K 333 -2.29 25.37 17.00
CA ASP K 333 -1.03 24.75 16.59
C ASP K 333 -0.15 25.78 15.89
N PRO K 334 1.15 25.51 15.77
CA PRO K 334 2.08 26.53 15.26
C PRO K 334 1.78 27.01 13.86
N ILE K 335 2.29 28.21 13.56
CA ILE K 335 2.18 28.83 12.24
C ILE K 335 3.50 28.64 11.51
N HIS K 336 3.44 28.07 10.31
CA HIS K 336 4.62 27.82 9.49
C HIS K 336 4.74 28.94 8.46
N VAL K 337 5.89 29.61 8.44
CA VAL K 337 6.08 30.84 7.68
C VAL K 337 7.03 30.58 6.52
N PHE K 338 6.59 30.91 5.31
CA PHE K 338 7.39 30.83 4.09
C PHE K 338 7.37 32.20 3.41
N ALA K 339 8.51 32.88 3.37
CA ALA K 339 8.57 34.28 2.99
C ALA K 339 9.47 34.51 1.78
N ALA K 340 8.99 35.35 0.86
CA ALA K 340 9.79 35.88 -0.25
C ALA K 340 9.62 37.40 -0.23
N ILE K 341 10.43 38.07 0.59
CA ILE K 341 10.27 39.51 0.82
C ILE K 341 11.62 40.18 0.79
N PRO K 342 11.65 41.46 0.41
CA PRO K 342 12.90 42.21 0.44
C PRO K 342 13.44 42.34 1.87
N ALA K 343 14.71 42.70 1.96
CA ALA K 343 15.36 42.84 3.26
C ALA K 343 14.55 43.70 4.22
N ALA K 344 14.22 44.93 3.79
CA ALA K 344 13.55 45.87 4.69
C ALA K 344 12.31 45.26 5.31
N LEU K 345 11.53 44.51 4.53
CA LEU K 345 10.30 43.93 5.06
C LEU K 345 10.60 42.82 6.07
N ALA K 346 11.64 42.02 5.81
CA ALA K 346 12.02 40.99 6.76
C ALA K 346 12.27 41.56 8.14
N ILE K 347 12.91 42.74 8.21
CA ILE K 347 13.14 43.40 9.48
C ILE K 347 11.80 43.73 10.15
N GLU K 348 10.96 44.51 9.47
CA GLU K 348 9.67 44.90 10.05
C GLU K 348 8.89 43.66 10.49
N PHE K 349 8.86 42.64 9.64
CA PHE K 349 8.18 41.39 10.00
C PHE K 349 8.69 40.86 11.34
N GLY K 350 10.01 40.79 11.50
CA GLY K 350 10.58 40.29 12.74
C GLY K 350 10.20 41.11 13.94
N ALA K 351 10.11 42.43 13.77
CA ALA K 351 9.71 43.29 14.87
C ALA K 351 8.26 43.04 15.26
N LEU K 352 7.38 42.96 14.26
CA LEU K 352 5.96 42.77 14.52
C LEU K 352 5.71 41.53 15.36
N LEU K 353 6.37 40.41 15.04
CA LEU K 353 6.07 39.16 15.74
C LEU K 353 6.38 39.22 17.24
N THR K 354 7.06 40.27 17.71
CA THR K 354 7.24 40.44 19.15
C THR K 354 5.90 40.73 19.82
N THR K 355 5.07 41.54 19.16
CA THR K 355 3.76 41.86 19.73
C THR K 355 2.89 40.62 19.76
N GLN K 356 2.98 39.80 18.73
CA GLN K 356 2.25 38.54 18.64
C GLN K 356 2.99 37.39 19.29
N HIS K 357 3.56 37.60 20.48
CA HIS K 357 4.44 36.61 21.08
C HIS K 357 3.71 35.49 21.79
N GLN K 358 2.38 35.57 21.87
CA GLN K 358 1.64 34.53 22.55
C GLN K 358 1.54 33.27 21.71
N HIS K 359 1.94 33.35 20.45
CA HIS K 359 1.81 32.25 19.51
C HIS K 359 3.18 31.97 18.91
N THR K 360 3.37 30.71 18.50
CA THR K 360 4.64 30.22 18.02
C THR K 360 4.69 30.24 16.50
N TYR K 361 5.77 30.77 15.94
CA TYR K 361 5.97 30.85 14.50
C TYR K 361 7.22 30.05 14.15
N LEU K 362 7.13 29.23 13.10
CA LEU K 362 8.25 28.46 12.59
C LEU K 362 8.63 28.98 11.21
N ILE K 363 9.90 29.34 11.05
CA ILE K 363 10.38 30.03 9.85
C ILE K 363 11.11 29.05 8.94
N PHE K 364 10.68 29.00 7.68
CA PHE K 364 11.32 28.20 6.65
C PHE K 364 12.09 29.11 5.70
N ASP K 365 13.25 28.65 5.27
CA ASP K 365 14.08 29.41 4.34
C ASP K 365 14.65 28.46 3.29
N ARG K 366 14.93 29.00 2.12
CA ARG K 366 15.61 28.19 1.10
C ARG K 366 16.93 27.72 1.69
N ASP K 367 17.16 26.42 1.61
CA ASP K 367 18.38 25.81 2.12
C ASP K 367 19.21 25.33 0.94
N LYS K 368 20.30 26.03 0.66
CA LYS K 368 21.12 25.70 -0.50
C LYS K 368 21.79 24.34 -0.32
N GLU K 369 22.16 24.00 0.92
CA GLU K 369 22.78 22.72 1.20
C GLU K 369 21.75 21.59 1.24
N ASN K 370 20.46 21.92 1.17
CA ASN K 370 19.39 20.93 1.03
C ASN K 370 18.76 21.06 -0.35
N GLN K 371 19.59 21.44 -1.33
CA GLN K 371 19.19 21.54 -2.74
C GLN K 371 18.05 22.54 -2.93
N ASP K 372 18.18 23.70 -2.28
CA ASP K 372 17.28 24.84 -2.44
C ASP K 372 15.83 24.54 -2.04
N ARG K 373 15.67 23.58 -1.15
CA ARG K 373 14.38 23.29 -0.53
C ARG K 373 14.11 24.23 0.64
N PHE K 374 12.83 24.53 0.87
CA PHE K 374 12.49 25.24 2.11
C PHE K 374 12.79 24.30 3.28
N THR K 375 13.48 24.83 4.30
CA THR K 375 13.79 24.05 5.49
C THR K 375 13.62 24.93 6.71
N GLN K 376 13.02 24.35 7.75
CA GLN K 376 12.84 25.07 9.00
C GLN K 376 14.20 25.37 9.62
N THR K 377 14.47 26.65 9.85
CA THR K 377 15.71 27.08 10.47
C THR K 377 15.52 27.82 11.79
N LEU K 378 14.35 28.42 12.01
CA LEU K 378 14.15 29.32 13.15
C LEU K 378 12.77 29.12 13.75
N GLN K 379 12.73 29.06 15.08
CA GLN K 379 11.51 28.92 15.86
C GLN K 379 11.36 30.13 16.79
N LEU K 380 10.20 30.80 16.75
CA LEU K 380 9.99 32.00 17.54
C LEU K 380 8.88 31.81 18.58
N GLY K 381 9.10 32.39 19.76
CA GLY K 381 8.10 32.51 20.80
C GLY K 381 7.45 31.23 21.27
N PRO K 382 8.25 30.14 21.42
CA PRO K 382 7.64 28.85 21.77
C PRO K 382 6.68 28.91 22.95
N THR L 16 -5.34 75.28 -0.24
CA THR L 16 -5.74 73.90 0.06
C THR L 16 -7.15 73.87 0.62
N ASN L 17 -7.83 72.73 0.45
CA ASN L 17 -9.20 72.57 0.89
C ASN L 17 -9.28 72.36 2.41
N ASP L 18 -10.47 72.62 2.95
CA ASP L 18 -10.66 72.64 4.40
C ASP L 18 -10.58 71.24 5.02
N GLU L 19 -11.13 70.22 4.37
CA GLU L 19 -11.11 68.89 4.98
C GLU L 19 -9.68 68.39 5.15
N THR L 20 -8.83 68.61 4.15
CA THR L 20 -7.44 68.17 4.26
C THR L 20 -6.75 68.87 5.42
N LYS L 21 -7.06 70.16 5.62
CA LYS L 21 -6.53 70.90 6.75
C LYS L 21 -6.91 70.22 8.07
N ARG L 22 -8.18 69.80 8.20
CA ARG L 22 -8.61 69.09 9.41
C ARG L 22 -7.79 67.82 9.62
N ILE L 23 -7.52 67.07 8.57
CA ILE L 23 -6.79 65.82 8.72
C ILE L 23 -5.36 66.09 9.19
N VAL L 24 -4.70 67.10 8.61
CA VAL L 24 -3.33 67.44 9.01
C VAL L 24 -3.28 67.87 10.47
N TRP L 25 -4.17 68.79 10.86
CA TRP L 25 -4.22 69.22 12.25
C TRP L 25 -4.38 68.03 13.19
N THR L 26 -5.16 67.04 12.78
CA THR L 26 -5.35 65.85 13.61
C THR L 26 -4.08 65.01 13.67
N GLN L 27 -3.55 64.60 12.50
CA GLN L 27 -2.42 63.69 12.48
C GLN L 27 -1.20 64.25 13.21
N THR L 28 -1.02 65.56 13.21
CA THR L 28 0.10 66.17 13.91
C THR L 28 -0.25 66.62 15.32
N ALA L 29 -1.51 66.49 15.74
CA ALA L 29 -1.95 66.92 17.06
C ALA L 29 -1.69 68.40 17.30
N GLY L 30 -1.70 69.19 16.23
CA GLY L 30 -1.66 70.64 16.35
C GLY L 30 -0.40 71.21 16.93
N HIS L 31 0.74 70.54 16.73
CA HIS L 31 2.04 71.09 17.08
C HIS L 31 2.88 71.23 15.82
N CYS L 32 3.73 72.25 15.80
CA CYS L 32 4.65 72.41 14.70
C CYS L 32 5.67 71.28 14.75
N GLU L 33 5.76 70.52 13.65
CA GLU L 33 6.61 69.35 13.65
C GLU L 33 8.07 69.73 13.83
N LEU L 34 8.46 70.97 13.46
CA LEU L 34 9.87 71.35 13.52
C LEU L 34 10.28 71.99 14.84
N CYS L 35 9.42 72.79 15.48
CA CYS L 35 9.79 73.45 16.71
C CYS L 35 8.83 73.11 17.85
N GLY L 36 8.05 72.05 17.69
CA GLY L 36 7.22 71.50 18.75
C GLY L 36 6.26 72.44 19.46
N THR L 37 6.09 73.66 18.96
CA THR L 37 5.19 74.59 19.63
C THR L 37 3.74 74.17 19.45
N ASP L 38 2.96 74.22 20.54
CA ASP L 38 1.54 73.89 20.50
C ASP L 38 0.78 75.04 19.84
N LEU L 39 0.03 74.74 18.76
CA LEU L 39 -0.70 75.76 17.94
C LEU L 39 -2.18 75.82 18.35
N THR L 40 -2.67 74.97 19.26
CA THR L 40 -4.09 74.91 19.70
C THR L 40 -4.36 75.96 20.79
N PHE L 41 -3.34 76.72 21.20
CA PHE L 41 -3.49 77.74 22.23
C PHE L 41 -4.65 78.66 21.89
N ASP L 42 -5.03 78.71 20.62
CA ASP L 42 -6.04 79.66 20.15
C ASP L 42 -7.32 79.44 20.94
N TYR L 43 -7.80 78.22 20.89
CA TYR L 43 -8.99 77.94 21.66
C TYR L 43 -8.69 77.91 23.17
N ARG L 44 -7.48 77.56 23.60
CA ARG L 44 -7.21 77.55 25.04
C ARG L 44 -7.38 78.93 25.66
N ALA L 45 -7.18 79.96 24.85
CA ALA L 45 -7.48 81.30 25.31
C ALA L 45 -8.90 81.70 24.88
N GLY L 46 -9.38 81.21 23.72
CA GLY L 46 -10.73 81.56 23.23
C GLY L 46 -10.87 82.39 21.93
N LYS L 47 -10.33 81.89 20.81
CA LYS L 47 -10.38 82.47 19.44
C LYS L 47 -10.45 81.36 18.37
N PRO L 48 -10.46 81.71 17.07
CA PRO L 48 -10.56 80.66 16.04
C PRO L 48 -9.24 80.00 15.55
N MET L 49 -9.49 78.98 14.71
CA MET L 49 -8.50 78.03 14.17
C MET L 49 -8.04 78.49 12.79
N LYS L 50 -7.35 79.60 12.83
CA LYS L 50 -6.88 80.34 11.67
C LYS L 50 -5.35 80.39 11.46
N TRP L 51 -4.56 80.18 12.49
CA TRP L 51 -3.10 80.14 12.41
C TRP L 51 -2.62 78.79 11.90
N GLY L 52 -1.32 78.65 11.84
CA GLY L 52 -0.74 77.37 11.40
C GLY L 52 -0.71 77.22 9.88
N GLU L 53 0.42 76.84 9.28
CA GLU L 53 0.55 76.63 7.82
C GLU L 53 0.94 75.20 7.47
N VAL L 54 0.21 74.64 6.50
CA VAL L 54 0.44 73.29 5.99
C VAL L 54 1.30 73.37 4.73
N ALA L 55 2.31 72.50 4.65
CA ALA L 55 3.18 72.39 3.49
C ALA L 55 3.26 70.95 3.02
N HIS L 56 3.52 70.77 1.71
CA HIS L 56 3.90 69.45 1.21
C HIS L 56 5.38 69.24 1.52
N ILE L 57 5.79 67.96 1.58
CA ILE L 57 7.11 67.61 2.13
C ILE L 57 8.13 67.17 1.09
N LEU L 58 7.94 66.08 0.36
CA LEU L 58 9.05 65.42 -0.42
C LEU L 58 9.69 66.36 -1.46
N PRO L 59 8.99 67.05 -2.37
CA PRO L 59 9.65 67.99 -3.27
C PRO L 59 9.97 69.29 -2.53
N ALA L 60 9.25 69.63 -1.44
CA ALA L 60 9.43 70.83 -0.60
C ALA L 60 8.92 72.10 -1.27
N SER L 61 8.09 72.86 -0.56
CA SER L 61 7.47 74.10 -1.08
C SER L 61 7.17 74.01 -2.59
N PRO L 62 6.36 73.04 -3.10
CA PRO L 62 6.15 72.90 -4.55
C PRO L 62 5.06 73.79 -5.14
N LYS L 63 5.03 75.07 -4.76
CA LYS L 63 4.21 76.07 -5.48
C LYS L 63 5.10 77.24 -5.93
N GLY L 64 5.63 78.01 -5.00
CA GLY L 64 6.59 79.05 -5.35
C GLY L 64 7.92 78.43 -5.70
N PRO L 65 8.62 77.92 -4.70
CA PRO L 65 9.77 77.05 -4.98
C PRO L 65 9.36 75.85 -5.81
N ARG L 66 10.35 75.28 -6.51
CA ARG L 66 10.04 74.48 -7.69
C ARG L 66 9.39 73.15 -7.34
N GLY L 67 10.08 72.32 -6.56
CA GLY L 67 9.60 70.99 -6.27
C GLY L 67 10.06 69.97 -7.30
N THR L 80 -2.97 61.80 1.98
CA THR L 80 -2.87 63.02 2.79
C THR L 80 -1.69 62.95 3.76
N ALA L 81 -1.19 61.73 4.01
CA ALA L 81 -0.24 61.49 5.08
C ALA L 81 1.12 62.15 4.90
N ASN L 82 1.39 62.74 3.73
CA ASN L 82 2.69 63.34 3.43
C ASN L 82 2.72 64.85 3.69
N LEU L 83 1.82 65.38 4.50
CA LEU L 83 1.67 66.81 4.67
C LEU L 83 2.08 67.18 6.09
N MET L 84 2.97 68.17 6.20
CA MET L 84 3.46 68.63 7.49
C MET L 84 2.71 69.87 7.92
N LEU L 85 2.61 70.04 9.23
CA LEU L 85 2.07 71.25 9.83
C LEU L 85 3.24 72.07 10.35
N LEU L 86 3.30 73.34 9.95
CA LEU L 86 4.38 74.23 10.33
C LEU L 86 3.76 75.49 10.91
N CYS L 87 4.50 76.14 11.79
CA CYS L 87 4.08 77.46 12.24
C CYS L 87 4.60 78.50 11.26
N PRO L 88 3.95 79.66 11.19
CA PRO L 88 4.39 80.65 10.19
C PRO L 88 5.86 80.99 10.31
N GLY L 89 6.40 80.99 11.53
CA GLY L 89 7.82 81.25 11.72
C GLY L 89 8.69 80.24 11.02
N CYS L 90 8.38 78.95 11.17
CA CYS L 90 9.20 77.94 10.51
C CYS L 90 8.98 77.95 9.00
N HIS L 91 7.74 78.13 8.53
CA HIS L 91 7.53 78.17 7.09
C HIS L 91 8.26 79.36 6.50
N ASP L 92 8.27 80.50 7.20
CA ASP L 92 9.05 81.64 6.72
C ASP L 92 10.53 81.32 6.74
N LYS L 93 10.98 80.61 7.79
CA LYS L 93 12.39 80.32 7.94
C LYS L 93 12.86 79.14 7.11
N ILE L 94 12.05 78.71 6.12
CA ILE L 94 12.57 77.97 4.99
C ILE L 94 11.94 78.54 3.72
N ASP L 95 10.97 79.46 3.87
CA ASP L 95 10.25 79.98 2.71
C ASP L 95 9.76 81.40 3.03
N ARG L 96 10.62 82.39 2.74
CA ARG L 96 10.37 83.77 3.14
C ARG L 96 9.31 84.44 2.26
N ASP L 97 9.57 84.57 0.97
CA ASP L 97 8.62 85.20 0.04
C ASP L 97 8.57 84.41 -1.26
N ALA L 98 9.06 84.94 -2.38
CA ALA L 98 9.31 84.04 -3.52
C ALA L 98 10.47 83.11 -3.21
N ASP L 99 11.42 83.61 -2.41
CA ASP L 99 12.62 82.95 -1.90
C ASP L 99 13.35 82.03 -2.87
N GLY L 100 12.85 80.83 -3.13
CA GLY L 100 13.57 79.93 -4.00
C GLY L 100 14.63 79.08 -3.32
N TYR L 101 14.51 78.86 -2.00
CA TYR L 101 15.49 78.03 -1.31
C TYR L 101 14.99 76.76 -0.63
N PRO L 102 13.72 76.63 -0.23
CA PRO L 102 13.28 75.34 0.34
C PRO L 102 13.02 74.34 -0.78
N GLU L 103 13.80 73.25 -0.79
CA GLU L 103 13.67 72.24 -1.84
C GLU L 103 13.98 70.83 -1.40
N ASN L 104 14.84 70.70 -0.37
CA ASN L 104 15.34 69.42 0.10
C ASN L 104 14.26 68.55 0.74
N ASP L 105 14.44 67.23 0.63
CA ASP L 105 13.48 66.25 1.12
C ASP L 105 13.54 66.12 2.63
N LEU L 106 12.35 66.07 3.26
CA LEU L 106 12.22 65.94 4.72
C LEU L 106 11.43 64.70 5.14
N SER L 107 11.28 63.71 4.25
CA SER L 107 10.43 62.56 4.54
C SER L 107 10.78 61.91 5.88
N GLY L 108 12.06 61.80 6.21
CA GLY L 108 12.46 61.12 7.44
C GLY L 108 11.94 61.82 8.68
N LEU L 109 12.18 63.13 8.79
CA LEU L 109 11.74 63.88 9.96
C LEU L 109 10.24 63.73 10.18
N HIS L 110 9.45 64.00 9.14
CA HIS L 110 8.00 63.86 9.22
C HIS L 110 7.60 62.46 9.67
N GLN L 111 8.00 61.44 8.91
CA GLN L 111 7.60 60.07 9.21
C GLN L 111 7.98 59.68 10.65
N ALA L 112 9.17 60.08 11.10
CA ALA L 112 9.50 59.90 12.50
C ALA L 112 8.42 60.49 13.40
N TYR L 113 8.08 61.76 13.17
CA TYR L 113 7.06 62.43 13.99
C TYR L 113 5.78 61.61 14.01
N LEU L 114 5.26 61.26 12.84
CA LEU L 114 4.04 60.46 12.79
C LEU L 114 4.23 59.12 13.49
N GLU L 115 5.38 58.48 13.26
CA GLU L 115 5.70 57.26 13.98
C GLU L 115 5.65 57.51 15.48
N ARG L 116 6.28 58.58 15.94
CA ARG L 116 6.23 58.95 17.35
C ARG L 116 4.78 59.11 17.84
N ILE L 117 3.98 59.89 17.13
CA ILE L 117 2.56 60.00 17.48
C ILE L 117 1.90 58.61 17.50
N ARG L 118 2.02 57.87 16.39
CA ARG L 118 1.41 56.54 16.31
C ARG L 118 1.74 55.70 17.53
N LEU L 119 3.02 55.60 17.88
CA LEU L 119 3.42 54.83 19.05
C LEU L 119 2.65 55.29 20.29
N ALA L 120 2.60 56.60 20.53
CA ALA L 120 1.89 57.13 21.69
C ALA L 120 0.42 56.73 21.68
N ALA L 121 -0.27 56.97 20.57
CA ALA L 121 -1.72 56.72 20.53
C ALA L 121 -2.04 55.24 20.67
N THR L 122 -1.23 54.38 20.06
CA THR L 122 -1.49 52.94 20.02
C THR L 122 -0.93 52.20 21.23
N THR L 123 -0.43 52.90 22.24
CA THR L 123 0.22 52.27 23.36
C THR L 123 -0.68 51.22 24.02
N PRO L 124 -0.28 49.95 24.04
CA PRO L 124 -1.10 48.97 24.76
C PRO L 124 -1.01 49.20 26.26
N ASP L 125 -2.16 49.11 26.93
CA ASP L 125 -2.26 49.33 28.37
C ASP L 125 -1.64 50.67 28.76
N GLY L 126 -1.98 51.71 27.99
CA GLY L 126 -1.50 53.06 28.26
C GLY L 126 -1.85 53.59 29.63
N GLY L 127 -2.76 52.93 30.34
CA GLY L 127 -3.17 53.35 31.66
C GLY L 127 -2.41 52.73 32.82
N ARG L 128 -1.48 51.84 32.53
CA ARG L 128 -0.64 51.23 33.56
C ARG L 128 0.49 52.17 33.94
N ALA L 129 0.81 52.23 35.23
CA ALA L 129 1.84 53.12 35.73
C ALA L 129 2.58 52.44 36.88
N ILE L 130 3.80 52.91 37.12
CA ILE L 130 4.63 52.38 38.20
C ILE L 130 4.33 53.21 39.45
N PRO L 131 3.87 52.60 40.54
CA PRO L 131 3.77 53.35 41.80
C PRO L 131 5.16 53.74 42.28
N LEU L 132 5.31 55.01 42.64
CA LEU L 132 6.58 55.54 43.09
C LEU L 132 6.31 56.41 44.31
N ILE L 133 6.67 55.90 45.48
CA ILE L 133 6.50 56.60 46.74
C ILE L 133 7.88 56.93 47.30
N VAL L 134 8.08 58.20 47.65
CA VAL L 134 9.30 58.66 48.27
C VAL L 134 8.87 59.38 49.53
N GLN L 135 9.36 58.91 50.68
CA GLN L 135 8.91 59.38 51.98
C GLN L 135 10.09 59.84 52.82
N SER L 136 9.72 60.39 53.97
CA SER L 136 10.67 60.88 54.95
C SER L 136 11.36 59.76 55.71
N GLN L 137 12.35 60.16 56.51
CA GLN L 137 13.02 59.26 57.43
C GLN L 137 12.18 59.05 58.69
N HIS L 138 11.01 59.67 58.75
CA HIS L 138 10.14 59.55 59.91
C HIS L 138 8.88 58.84 59.45
N PHE L 139 9.08 57.71 58.78
CA PHE L 139 8.00 56.94 58.18
C PHE L 139 7.51 55.79 59.07
N GLN L 140 8.13 55.56 60.22
CA GLN L 140 7.62 54.58 61.18
C GLN L 140 6.66 55.28 62.13
N THR L 141 5.71 55.97 61.48
CA THR L 141 4.72 56.82 62.11
C THR L 141 3.45 56.74 61.28
N ILE L 142 2.49 57.63 61.56
CA ILE L 142 1.29 57.74 60.75
C ILE L 142 1.56 58.41 59.41
N ASN L 143 2.75 58.99 59.23
CA ASN L 143 3.08 59.75 58.02
C ASN L 143 3.76 58.81 57.02
N ASP L 144 2.98 57.84 56.55
CA ASP L 144 3.47 56.83 55.62
C ASP L 144 2.34 56.39 54.69
N ILE L 145 2.63 56.43 53.39
CA ILE L 145 1.68 56.02 52.36
C ILE L 145 1.95 54.55 52.03
N PRO L 146 1.03 53.63 52.32
CA PRO L 146 1.20 52.27 51.82
C PRO L 146 0.86 52.21 50.34
N VAL L 147 1.49 51.26 49.64
CA VAL L 147 1.34 51.19 48.20
C VAL L 147 -0.14 51.01 47.81
N ARG L 148 -0.88 50.19 48.58
CA ARG L 148 -2.29 49.98 48.29
C ARG L 148 -3.04 51.30 48.26
N ASP L 149 -2.73 52.21 49.18
CA ASP L 149 -3.45 53.48 49.21
C ASP L 149 -3.18 54.29 47.94
N LEU L 150 -1.94 54.24 47.44
CA LEU L 150 -1.65 54.87 46.16
C LEU L 150 -2.38 54.17 45.02
N LEU L 151 -2.36 52.83 45.03
CA LEU L 151 -3.12 52.08 44.03
C LEU L 151 -4.59 52.47 44.05
N THR L 152 -5.15 52.62 45.25
CA THR L 152 -6.54 53.07 45.37
C THR L 152 -6.73 54.41 44.70
N ALA L 153 -5.84 55.38 44.99
CA ALA L 153 -5.93 56.69 44.36
C ALA L 153 -5.79 56.57 42.84
N MET L 154 -4.91 55.68 42.40
CA MET L 154 -4.74 55.44 40.96
C MET L 154 -6.02 54.90 40.33
N SER L 155 -6.55 53.80 40.89
CA SER L 155 -7.77 53.21 40.37
C SER L 155 -8.89 54.23 40.25
N ALA L 156 -9.00 55.16 41.20
CA ALA L 156 -10.04 56.17 41.15
C ALA L 156 -9.93 57.06 39.92
N GLU L 157 -8.75 57.12 39.31
CA GLU L 157 -8.54 57.90 38.09
C GLU L 157 -8.59 57.05 36.82
N GLY L 158 -8.82 55.75 36.96
CA GLY L 158 -8.76 54.84 35.83
C GLY L 158 -7.38 54.29 35.54
N LEU L 159 -6.42 54.47 36.45
CA LEU L 159 -5.08 53.93 36.32
C LEU L 159 -4.92 52.65 37.11
N THR L 160 -3.97 51.82 36.67
CA THR L 160 -3.62 50.56 37.31
C THR L 160 -2.10 50.45 37.33
N ALA L 161 -1.59 49.50 38.10
CA ALA L 161 -0.15 49.38 38.36
C ALA L 161 0.42 48.11 37.73
N PHE L 162 1.72 48.15 37.45
CA PHE L 162 2.37 47.03 36.80
C PHE L 162 2.72 45.90 37.76
N ASP L 163 3.29 46.24 38.91
CA ASP L 163 3.85 45.23 39.83
C ASP L 163 4.13 45.90 41.17
N GLN L 164 4.87 45.20 42.03
CA GLN L 164 5.32 45.79 43.28
C GLN L 164 5.98 47.12 42.96
N GLY L 165 5.40 48.20 43.45
CA GLY L 165 5.91 49.51 43.15
C GLY L 165 7.18 49.84 43.90
N ILE L 166 7.70 51.02 43.59
CA ILE L 166 8.91 51.54 44.19
C ILE L 166 8.50 52.30 45.43
N LYS L 167 9.05 51.95 46.58
CA LYS L 167 8.85 52.74 47.79
C LYS L 167 10.20 53.04 48.42
N ILE L 168 10.58 54.31 48.45
CA ILE L 168 11.92 54.73 48.86
C ILE L 168 11.84 55.65 50.06
N ALA L 169 12.80 55.49 50.97
CA ALA L 169 13.07 56.44 52.05
C ALA L 169 14.51 56.89 51.87
N PHE L 170 14.70 58.18 51.57
CA PHE L 170 16.04 58.72 51.43
C PHE L 170 16.86 58.46 52.69
N ALA L 171 18.14 58.21 52.49
CA ALA L 171 19.00 57.85 53.60
C ALA L 171 19.02 58.98 54.63
N ALA L 172 19.17 58.61 55.89
CA ALA L 172 19.27 59.61 56.93
C ALA L 172 20.54 60.43 56.69
N PRO L 173 20.47 61.76 56.77
CA PRO L 173 21.69 62.54 56.54
C PRO L 173 22.69 62.16 57.60
N GLY L 174 23.96 62.04 57.21
CA GLY L 174 24.96 61.70 58.18
C GLY L 174 25.33 62.93 58.97
N PRO L 175 26.37 62.83 59.79
CA PRO L 175 26.89 64.03 60.45
C PRO L 175 27.44 65.04 59.46
N ARG L 176 27.87 64.57 58.29
CA ARG L 176 28.28 65.44 57.19
C ARG L 176 27.10 66.14 56.52
N GLY L 177 25.89 65.96 57.00
CA GLY L 177 24.75 66.63 56.41
C GLY L 177 24.43 66.15 55.00
N ARG L 178 23.61 66.95 54.33
CA ARG L 178 23.21 66.71 52.94
C ARG L 178 24.08 67.51 51.98
N ASP L 179 25.31 67.04 51.82
CA ASP L 179 26.25 67.62 50.87
C ASP L 179 26.02 67.02 49.48
N THR L 180 26.84 67.45 48.51
CA THR L 180 26.64 67.00 47.13
C THR L 180 26.66 65.48 47.01
N THR L 181 27.52 64.81 47.78
CA THR L 181 27.59 63.35 47.70
C THR L 181 26.28 62.73 48.19
N TYR L 182 25.78 63.19 49.34
CA TYR L 182 24.48 62.71 49.79
C TYR L 182 23.47 62.84 48.66
N TRP L 183 23.37 64.04 48.08
CA TRP L 183 22.41 64.25 47.01
C TRP L 183 22.68 63.35 45.81
N GLN L 184 23.95 63.22 45.42
CA GLN L 184 24.27 62.38 44.27
C GLN L 184 23.87 60.93 44.52
N ASN L 185 24.20 60.39 45.70
CA ASN L 185 23.79 59.03 46.00
C ASN L 185 22.27 58.91 45.97
N VAL L 186 21.57 59.95 46.41
CA VAL L 186 20.11 59.98 46.29
C VAL L 186 19.71 59.86 44.83
N LYS L 187 20.25 60.73 43.97
CA LYS L 187 19.94 60.68 42.55
C LYS L 187 20.25 59.31 41.96
N ASP L 188 21.47 58.82 42.21
CA ASP L 188 21.82 57.48 41.74
C ASP L 188 20.85 56.43 42.29
N SER L 189 20.53 56.51 43.59
CA SER L 189 19.64 55.54 44.21
C SER L 189 18.31 55.48 43.49
N VAL L 190 17.72 56.64 43.22
CA VAL L 190 16.46 56.69 42.48
C VAL L 190 16.63 56.09 41.10
N GLN L 191 17.56 56.65 40.32
CA GLN L 191 17.74 56.22 38.94
C GLN L 191 18.03 54.72 38.84
N TYR L 192 18.81 54.16 39.77
CA TYR L 192 19.00 52.71 39.77
C TYR L 192 17.66 51.99 39.87
N GLU L 193 16.91 52.25 40.95
CA GLU L 193 15.62 51.58 41.15
C GLU L 193 14.73 51.77 39.93
N LEU L 194 14.84 52.93 39.29
CA LEU L 194 14.03 53.22 38.11
C LEU L 194 14.45 52.34 36.94
N GLU L 195 15.76 52.24 36.69
CA GLU L 195 16.25 51.40 35.60
C GLU L 195 15.83 49.95 35.77
N GLN L 196 15.82 49.45 37.00
CA GLN L 196 15.53 48.03 37.21
C GLN L 196 14.13 47.69 36.71
N GLN L 197 13.19 48.65 36.80
CA GLN L 197 11.88 48.43 36.22
C GLN L 197 11.96 48.40 34.70
N LEU L 198 12.92 49.12 34.11
CA LEU L 198 13.09 49.09 32.67
C LEU L 198 13.74 47.79 32.18
N LYS L 199 14.64 47.20 32.96
CA LYS L 199 15.22 45.93 32.54
C LYS L 199 14.22 44.79 32.72
N ARG L 200 13.32 44.90 33.70
CA ARG L 200 12.23 43.95 33.80
C ARG L 200 11.17 44.16 32.75
N ARG L 201 11.25 45.28 32.02
CA ARG L 201 10.36 45.55 30.85
C ARG L 201 10.76 44.57 29.77
N GLY L 202 12.00 44.08 29.80
CA GLY L 202 12.45 43.00 28.89
C GLY L 202 12.87 43.49 27.51
N GLY L 203 13.97 44.21 27.41
CA GLY L 203 14.52 44.67 26.11
C GLY L 203 13.46 45.25 25.20
N THR L 204 12.41 45.89 25.76
CA THR L 204 11.31 46.51 24.98
C THR L 204 11.84 47.87 24.56
N TYR L 205 12.80 47.90 23.64
CA TYR L 205 13.46 49.17 23.28
C TYR L 205 12.37 50.15 22.88
N GLY L 206 12.20 51.29 23.58
CA GLY L 206 11.36 52.36 23.08
C GLY L 206 10.35 52.83 24.11
N ASP L 207 9.49 51.88 24.51
CA ASP L 207 8.34 52.16 25.36
C ASP L 207 8.77 52.21 26.83
N SER L 208 8.76 53.44 27.40
CA SER L 208 9.02 53.65 28.83
C SER L 208 7.72 53.80 29.60
N PRO L 209 7.54 53.13 30.73
CA PRO L 209 6.26 53.24 31.45
C PRO L 209 6.09 54.59 32.12
N ALA L 210 4.85 54.88 32.50
CA ALA L 210 4.53 56.11 33.22
C ALA L 210 4.74 55.92 34.71
N LEU L 211 4.93 57.04 35.40
CA LEU L 211 5.23 57.05 36.84
C LEU L 211 4.09 57.71 37.60
N ALA L 212 3.44 56.93 38.46
CA ALA L 212 2.53 57.47 39.48
C ALA L 212 3.38 57.78 40.70
N VAL L 213 3.80 59.03 40.82
CA VAL L 213 4.81 59.42 41.82
C VAL L 213 4.17 60.32 42.86
N VAL L 214 4.53 60.08 44.11
CA VAL L 214 4.10 60.90 45.24
C VAL L 214 5.28 61.02 46.19
N GLY L 215 5.41 62.18 46.82
CA GLY L 215 6.52 62.44 47.70
C GLY L 215 6.03 62.99 49.02
N LEU L 216 6.77 62.66 50.07
CA LEU L 216 6.46 63.09 51.43
C LEU L 216 7.75 63.40 52.15
N ALA L 217 8.47 64.40 51.64
CA ALA L 217 9.70 64.88 52.25
C ALA L 217 9.81 66.37 52.02
N ASP L 218 10.91 66.96 52.50
CA ASP L 218 11.16 68.38 52.34
C ASP L 218 11.39 68.76 50.88
N ILE L 219 11.37 70.06 50.63
CA ILE L 219 11.40 70.63 49.29
C ILE L 219 12.63 70.16 48.52
N PRO L 220 13.86 70.37 49.02
CA PRO L 220 15.03 69.98 48.22
C PRO L 220 15.00 68.53 47.76
N ALA L 221 14.68 67.61 48.68
CA ALA L 221 14.65 66.18 48.33
C ALA L 221 13.71 65.93 47.16
N LEU L 222 12.47 66.42 47.26
CA LEU L 222 11.50 66.17 46.21
C LEU L 222 11.95 66.78 44.88
N MET L 223 12.54 67.98 44.93
CA MET L 223 13.12 68.55 43.72
C MET L 223 14.15 67.59 43.13
N MET L 224 14.99 67.00 43.99
CA MET L 224 15.99 66.05 43.52
C MET L 224 15.34 64.83 42.89
N LEU L 225 14.26 64.33 43.49
CA LEU L 225 13.47 63.30 42.85
C LEU L 225 13.05 63.72 41.45
N GLY L 226 12.58 64.96 41.32
CA GLY L 226 12.22 65.46 40.00
C GLY L 226 13.39 65.41 39.05
N GLN L 227 14.57 65.84 39.50
CA GLN L 227 15.77 65.74 38.68
C GLN L 227 16.02 64.29 38.28
N SER L 228 15.81 63.35 39.21
CA SER L 228 16.12 61.96 38.94
C SER L 228 15.26 61.39 37.84
N ILE L 229 13.95 61.64 37.90
CA ILE L 229 13.06 61.12 36.86
C ILE L 229 13.19 61.92 35.58
N GLY L 230 13.45 63.21 35.67
CA GLY L 230 13.72 64.01 34.49
C GLY L 230 12.45 64.55 33.84
N ASP L 231 12.61 65.66 33.12
CA ASP L 231 11.45 66.30 32.52
C ASP L 231 10.78 65.41 31.47
N ARG L 232 11.56 64.60 30.76
CA ARG L 232 11.05 63.76 29.67
C ARG L 232 10.32 62.51 30.18
N SER L 233 10.12 62.39 31.49
CA SER L 233 9.36 61.30 32.06
C SER L 233 7.86 61.58 31.98
N LYS L 234 7.09 60.50 31.85
CA LYS L 234 5.62 60.53 31.86
C LYS L 234 5.14 60.58 33.31
N ARG L 235 4.88 61.79 33.81
CA ARG L 235 4.59 61.99 35.23
C ARG L 235 3.09 62.08 35.49
N LEU L 236 2.64 61.28 36.45
CA LEU L 236 1.29 61.36 37.01
C LEU L 236 1.51 61.62 38.50
N ILE L 237 1.53 62.88 38.89
CA ILE L 237 1.93 63.23 40.26
C ILE L 237 0.70 63.12 41.14
N PHE L 238 0.88 62.66 42.37
CA PHE L 238 -0.18 62.65 43.37
C PHE L 238 0.26 63.49 44.55
N SER L 239 -0.74 63.95 45.32
CA SER L 239 -0.50 64.87 46.43
C SER L 239 -1.14 64.33 47.70
N PHE L 240 -0.40 64.44 48.81
CA PHE L 240 -0.87 63.97 50.10
C PHE L 240 -1.28 65.14 51.00
N HIS L 241 -2.49 65.08 51.55
CA HIS L 241 -3.09 66.11 52.38
C HIS L 241 -3.44 65.52 53.75
N ARG L 242 -3.20 66.24 54.84
CA ARG L 242 -3.56 65.84 56.21
C ARG L 242 -4.95 65.21 56.31
N GLU L 243 -5.93 65.84 55.65
CA GLU L 243 -7.34 65.48 55.74
C GLU L 243 -7.75 64.52 54.63
N HIS L 244 -7.66 64.94 53.37
CA HIS L 244 -8.12 64.14 52.23
C HIS L 244 -7.15 63.02 51.81
N LEU L 245 -6.03 62.86 52.51
CA LEU L 245 -5.01 61.86 52.20
C LEU L 245 -4.58 61.99 50.76
N LEU L 246 -4.65 60.94 49.94
CA LEU L 246 -4.32 61.01 48.51
C LEU L 246 -5.48 61.40 47.60
N ARG L 247 -6.70 61.58 48.12
CA ARG L 247 -7.80 62.02 47.28
C ARG L 247 -7.56 63.45 46.82
N TRP L 248 -7.86 63.78 45.58
CA TRP L 248 -7.83 65.16 45.15
C TRP L 248 -8.93 65.96 45.86
N PRO L 249 -8.64 67.16 46.38
CA PRO L 249 -9.64 67.98 47.05
C PRO L 249 -10.87 68.28 46.19
N ASP L 250 -10.69 68.70 44.94
CA ASP L 250 -11.80 69.05 44.04
C ASP L 250 -11.35 68.99 42.57
N GLN L 251 -11.70 67.88 41.91
CA GLN L 251 -11.32 67.77 40.50
C GLN L 251 -11.94 68.86 39.64
N SER L 252 -13.04 69.46 40.08
CA SER L 252 -13.71 70.48 39.28
C SER L 252 -13.10 71.87 39.43
N ALA L 253 -12.40 72.14 40.53
CA ALA L 253 -11.87 73.47 40.78
C ALA L 253 -11.01 73.95 39.61
N GLU L 254 -11.15 75.23 39.27
CA GLU L 254 -10.31 75.79 38.22
C GLU L 254 -8.96 76.20 38.81
N PRO L 255 -7.85 75.87 38.15
CA PRO L 255 -6.54 76.24 38.72
C PRO L 255 -6.42 77.73 38.91
N PRO L 256 -5.63 78.16 39.90
CA PRO L 256 -5.41 79.60 40.09
C PRO L 256 -4.46 80.18 39.05
N SER L 257 -4.50 81.51 38.96
CA SER L 257 -3.50 82.25 38.18
C SER L 257 -2.26 82.50 39.03
N PHE L 258 -1.10 82.47 38.38
CA PHE L 258 0.17 82.68 39.06
C PHE L 258 0.69 84.08 38.73
N LEU L 259 0.77 84.95 39.73
CA LEU L 259 1.12 86.34 39.50
C LEU L 259 2.65 86.48 39.54
N PHE L 260 3.23 86.88 38.41
CA PHE L 260 4.67 87.01 38.26
C PHE L 260 5.10 88.47 38.41
N THR L 261 6.20 88.66 39.14
CA THR L 261 6.79 89.97 39.38
C THR L 261 8.21 90.00 38.85
N PRO L 262 8.50 90.69 37.76
CA PRO L 262 9.87 90.68 37.24
C PRO L 262 10.83 91.30 38.26
N PRO L 263 12.12 91.02 38.15
CA PRO L 263 13.07 91.50 39.15
C PRO L 263 13.52 92.92 38.84
N PRO L 264 14.00 93.65 39.83
CA PRO L 264 14.62 94.95 39.55
C PRO L 264 15.93 94.77 38.79
N ASN L 265 16.30 95.83 38.07
CA ASN L 265 17.48 95.83 37.24
C ASN L 265 18.74 96.04 38.09
N GLY L 266 19.86 95.50 37.62
CA GLY L 266 21.12 95.70 38.31
C GLY L 266 22.12 94.60 37.99
N ASP L 267 23.25 94.67 38.70
CA ASP L 267 24.30 93.67 38.61
C ASP L 267 24.35 92.75 39.82
N GLY L 268 23.47 92.97 40.81
CA GLY L 268 23.41 92.11 41.97
C GLY L 268 22.97 90.71 41.59
N PRO L 269 23.08 89.77 42.52
CA PRO L 269 22.68 88.39 42.23
C PRO L 269 21.16 88.27 42.05
N LEU L 270 20.77 87.55 41.01
CA LEU L 270 19.35 87.34 40.71
C LEU L 270 18.77 86.24 41.59
N ALA L 271 17.61 86.50 42.20
CA ALA L 271 16.96 85.55 43.10
C ALA L 271 15.50 85.37 42.71
N LEU L 272 15.04 84.12 42.73
CA LEU L 272 13.66 83.76 42.41
C LEU L 272 12.94 83.26 43.65
N VAL L 273 11.76 83.82 43.92
CA VAL L 273 10.95 83.46 45.08
C VAL L 273 9.65 82.83 44.59
N LEU L 274 9.31 81.67 45.14
CA LEU L 274 8.05 80.99 44.88
C LEU L 274 7.24 81.05 46.18
N SER L 275 6.24 81.93 46.20
CA SER L 275 5.39 82.14 47.37
C SER L 275 4.01 81.56 47.09
N ILE L 276 3.84 80.26 47.37
CA ILE L 276 2.58 79.59 47.07
C ILE L 276 1.97 79.03 48.34
N SER L 277 2.72 78.20 49.06
CA SER L 277 2.27 77.76 50.37
C SER L 277 2.22 78.93 51.35
N ALA L 278 3.16 79.87 51.22
CA ALA L 278 3.24 81.02 52.12
C ALA L 278 3.97 82.14 51.40
N GLN L 279 3.98 83.30 52.05
CA GLN L 279 4.70 84.47 51.54
C GLN L 279 6.11 84.50 52.12
N VAL L 280 7.11 84.45 51.25
CA VAL L 280 8.51 84.45 51.71
C VAL L 280 8.91 85.86 52.11
N PRO L 281 9.32 86.09 53.35
CA PRO L 281 9.73 87.44 53.76
C PRO L 281 11.02 87.89 53.09
N VAL L 282 10.99 89.09 52.50
CA VAL L 282 12.17 89.65 51.87
C VAL L 282 13.31 89.74 52.89
N ARG L 283 12.96 89.96 54.16
CA ARG L 283 13.98 90.04 55.20
C ARG L 283 14.77 88.74 55.25
N ASP L 284 14.09 87.61 55.05
CA ASP L 284 14.76 86.31 55.06
C ASP L 284 15.63 86.12 53.83
N VAL L 285 15.18 86.58 52.66
CA VAL L 285 15.97 86.44 51.44
C VAL L 285 17.24 87.26 51.53
N THR L 286 17.10 88.58 51.76
CA THR L 286 18.27 89.45 51.80
C THR L 286 19.25 89.02 52.88
N ASP L 287 18.76 88.46 53.99
CA ASP L 287 19.67 87.97 55.02
C ASP L 287 20.52 86.84 54.49
N ALA L 288 19.94 85.97 53.65
CA ALA L 288 20.71 84.87 53.09
C ALA L 288 21.49 85.27 51.85
N LEU L 289 20.97 86.23 51.07
CA LEU L 289 21.61 86.66 49.83
C LEU L 289 21.56 88.17 49.80
N PRO L 290 22.61 88.85 50.30
CA PRO L 290 22.60 90.31 50.32
C PRO L 290 22.52 90.89 48.91
N GLY L 291 21.75 91.97 48.77
CA GLY L 291 21.63 92.65 47.50
C GLY L 291 20.88 91.85 46.46
N ALA L 292 19.99 90.96 46.89
CA ALA L 292 19.28 90.07 45.98
C ALA L 292 18.29 90.87 45.13
N ARG L 293 18.35 90.66 43.82
CA ARG L 293 17.34 91.18 42.89
C ARG L 293 16.22 90.16 42.85
N ILE L 294 15.11 90.46 43.55
CA ILE L 294 14.10 89.46 43.86
C ILE L 294 13.05 89.47 42.75
N ALA L 295 13.01 88.38 41.98
CA ALA L 295 11.86 88.02 41.17
C ALA L 295 10.97 87.08 41.97
N GLU L 296 9.67 87.18 41.76
CA GLU L 296 8.72 86.39 42.55
C GLU L 296 7.60 85.84 41.69
N LEU L 297 7.26 84.59 41.95
CA LEU L 297 6.07 83.93 41.41
C LEU L 297 5.18 83.58 42.61
N SER L 298 3.90 83.94 42.52
CA SER L 298 2.99 83.78 43.65
C SER L 298 1.58 83.56 43.14
N ILE L 299 0.69 83.23 44.08
CA ILE L 299 -0.74 83.15 43.79
C ILE L 299 -1.44 84.25 44.59
N PRO L 300 -2.66 84.62 44.21
CA PRO L 300 -3.37 85.69 44.94
C PRO L 300 -3.49 85.41 46.43
N GLU L 301 -3.90 84.21 46.79
CA GLU L 301 -4.17 83.81 48.18
C GLU L 301 -3.29 82.63 48.54
N PRO L 302 -2.06 82.88 48.98
CA PRO L 302 -1.18 81.76 49.38
C PRO L 302 -1.87 80.83 50.36
N SER L 303 -1.75 79.53 50.11
CA SER L 303 -2.42 78.53 50.93
C SER L 303 -1.61 77.25 50.95
N TYR L 304 -1.67 76.56 52.08
CA TYR L 304 -0.99 75.29 52.24
C TYR L 304 -1.66 74.17 51.44
N ALA L 305 -2.97 74.29 51.20
CA ALA L 305 -3.78 73.25 50.55
C ALA L 305 -4.15 73.57 49.10
N MET L 306 -3.36 74.40 48.42
CA MET L 306 -3.78 74.92 47.13
C MET L 306 -3.75 73.89 45.98
N VAL L 307 -3.18 72.71 46.18
CA VAL L 307 -3.16 71.72 45.11
C VAL L 307 -4.48 70.96 45.12
N GLN L 308 -5.51 71.56 44.50
CA GLN L 308 -6.85 70.99 44.52
C GLN L 308 -7.02 69.83 43.55
N ASN L 309 -6.26 69.82 42.45
CA ASN L 309 -6.32 68.74 41.48
C ASN L 309 -5.07 68.80 40.61
N ARG L 310 -4.83 67.73 39.84
CA ARG L 310 -3.60 67.64 39.10
C ARG L 310 -3.42 68.80 38.12
N ARG L 311 -4.52 69.33 37.56
CA ARG L 311 -4.37 70.46 36.65
C ARG L 311 -3.63 71.62 37.29
N VAL L 312 -3.77 71.79 38.62
CA VAL L 312 -3.01 72.80 39.33
C VAL L 312 -1.52 72.61 39.10
N ILE L 313 -1.04 71.37 39.22
CA ILE L 313 0.38 71.09 38.99
C ILE L 313 0.76 71.46 37.57
N HIS L 314 -0.03 71.00 36.59
CA HIS L 314 0.21 71.36 35.19
C HIS L 314 0.19 72.87 35.01
N ALA L 315 -0.78 73.56 35.60
CA ALA L 315 -0.80 75.02 35.53
C ALA L 315 0.51 75.62 36.02
N PHE L 316 0.95 75.22 37.23
CA PHE L 316 2.26 75.61 37.73
C PHE L 316 3.36 75.37 36.69
N ARG L 317 3.43 74.15 36.16
CA ARG L 317 4.42 73.83 35.14
C ARG L 317 4.39 74.86 34.01
N ASP L 318 3.27 74.95 33.31
CA ASP L 318 3.15 75.86 32.17
C ASP L 318 3.56 77.28 32.53
N ALA L 319 3.02 77.81 33.62
CA ALA L 319 3.34 79.18 34.02
C ALA L 319 4.83 79.34 34.27
N LEU L 320 5.39 78.51 35.15
CA LEU L 320 6.79 78.66 35.52
C LEU L 320 7.73 78.43 34.34
N GLN L 321 7.48 77.36 33.56
CA GLN L 321 8.34 77.05 32.42
C GLN L 321 8.63 78.27 31.56
N ILE L 322 7.63 79.12 31.33
CA ILE L 322 7.84 80.32 30.54
C ILE L 322 8.77 81.27 31.28
N ARG L 323 8.42 81.64 32.51
CA ARG L 323 9.19 82.63 33.24
C ARG L 323 10.66 82.25 33.38
N LEU L 324 10.96 80.95 33.49
CA LEU L 324 12.37 80.56 33.59
C LEU L 324 13.15 80.97 32.35
N SER L 325 12.56 80.76 31.17
CA SER L 325 13.23 81.14 29.92
C SER L 325 13.60 82.62 29.93
N GLN L 326 12.70 83.47 30.42
CA GLN L 326 12.98 84.91 30.46
C GLN L 326 14.15 85.22 31.38
N LEU L 327 14.14 84.63 32.58
CA LEU L 327 15.10 85.00 33.62
C LEU L 327 16.53 84.63 33.24
N GLU L 328 16.74 83.51 32.55
CA GLU L 328 18.11 83.12 32.22
C GLU L 328 18.84 84.18 31.41
N ALA L 329 18.14 84.89 30.53
CA ALA L 329 18.80 85.89 29.70
C ALA L 329 19.19 87.14 30.50
N LEU L 330 18.52 87.39 31.61
CA LEU L 330 18.70 88.61 32.39
C LEU L 330 19.90 88.53 33.34
N THR L 331 20.74 87.50 33.22
CA THR L 331 21.90 87.36 34.08
C THR L 331 22.86 86.36 33.45
N PRO L 332 24.18 86.56 33.62
CA PRO L 332 25.12 85.51 33.25
C PRO L 332 25.39 84.54 34.40
N ASP L 333 25.00 84.94 35.61
CA ASP L 333 25.26 84.23 36.84
C ASP L 333 24.10 83.31 37.22
N PRO L 334 24.35 82.36 38.13
CA PRO L 334 23.30 81.44 38.55
C PRO L 334 22.13 82.17 39.21
N ILE L 335 20.97 81.52 39.19
CA ILE L 335 19.75 82.05 39.80
C ILE L 335 19.51 81.36 41.14
N HIS L 336 19.31 82.17 42.18
CA HIS L 336 19.12 81.68 43.53
C HIS L 336 17.64 81.53 43.84
N VAL L 337 17.25 80.34 44.28
CA VAL L 337 15.85 79.93 44.38
C VAL L 337 15.44 79.85 45.85
N PHE L 338 14.37 80.55 46.20
CA PHE L 338 13.77 80.51 47.53
C PHE L 338 12.30 80.12 47.36
N ALA L 339 11.94 78.91 47.80
CA ALA L 339 10.65 78.34 47.48
C ALA L 339 9.89 78.00 48.76
N ALA L 340 8.61 78.35 48.78
CA ALA L 340 7.66 77.95 49.81
C ALA L 340 6.49 77.33 49.06
N ILE L 341 6.60 76.04 48.73
CA ILE L 341 5.66 75.39 47.82
C ILE L 341 5.21 74.05 48.37
N PRO L 342 4.03 73.56 48.00
CA PRO L 342 3.61 72.23 48.45
C PRO L 342 4.52 71.16 47.90
N ALA L 343 4.47 69.99 48.55
CA ALA L 343 5.29 68.85 48.13
C ALA L 343 5.10 68.57 46.64
N ALA L 344 3.86 68.38 46.21
CA ALA L 344 3.58 67.96 44.83
C ALA L 344 4.26 68.88 43.81
N LEU L 345 4.24 70.19 44.06
CA LEU L 345 4.84 71.13 43.11
C LEU L 345 6.37 71.02 43.12
N ALA L 346 6.95 70.78 44.30
CA ALA L 346 8.40 70.64 44.39
C ALA L 346 8.93 69.56 43.44
N ILE L 347 8.21 68.45 43.31
CA ILE L 347 8.60 67.41 42.37
C ILE L 347 8.65 68.00 40.95
N GLU L 348 7.53 68.56 40.51
CA GLU L 348 7.46 69.13 39.16
C GLU L 348 8.56 70.14 38.90
N PHE L 349 8.76 71.08 39.83
CA PHE L 349 9.83 72.07 39.69
C PHE L 349 11.18 71.39 39.46
N GLY L 350 11.48 70.37 40.27
CA GLY L 350 12.75 69.67 40.11
C GLY L 350 12.86 69.02 38.74
N ALA L 351 11.76 68.49 38.21
CA ALA L 351 11.78 67.88 36.89
C ALA L 351 11.97 68.91 35.80
N LEU L 352 11.28 70.05 35.88
CA LEU L 352 11.41 71.08 34.84
C LEU L 352 12.86 71.43 34.58
N LEU L 353 13.58 71.76 35.65
CA LEU L 353 14.94 72.30 35.54
C LEU L 353 15.87 71.35 34.78
N THR L 354 15.50 70.10 34.60
CA THR L 354 16.33 69.15 33.83
C THR L 354 16.52 69.67 32.42
N THR L 355 15.53 70.34 31.82
CA THR L 355 15.58 70.89 30.43
C THR L 355 16.32 72.21 30.35
N GLN L 356 16.31 73.03 31.40
CA GLN L 356 17.07 74.30 31.47
C GLN L 356 18.54 73.90 31.64
N HIS L 357 19.14 73.24 30.66
CA HIS L 357 20.52 72.69 30.74
C HIS L 357 21.55 73.79 30.63
N GLN L 358 21.17 74.91 30.05
CA GLN L 358 22.11 76.03 29.85
C GLN L 358 22.39 76.76 31.15
N HIS L 359 21.44 76.81 32.08
CA HIS L 359 21.59 77.65 33.30
C HIS L 359 21.71 76.91 34.61
N THR L 360 22.41 77.49 35.57
CA THR L 360 22.62 77.00 36.93
C THR L 360 21.62 77.60 37.91
N TYR L 361 21.04 76.76 38.75
CA TYR L 361 20.13 77.19 39.80
C TYR L 361 20.69 76.76 41.15
N LEU L 362 20.65 77.69 42.11
CA LEU L 362 21.10 77.45 43.48
C LEU L 362 19.87 77.49 44.38
N ILE L 363 19.64 76.40 45.12
CA ILE L 363 18.43 76.22 45.90
C ILE L 363 18.74 76.47 47.37
N PHE L 364 17.97 77.37 47.99
CA PHE L 364 18.11 77.69 49.41
C PHE L 364 16.95 77.07 50.18
N ASP L 365 17.26 76.58 51.38
CA ASP L 365 16.25 75.99 52.26
C ASP L 365 16.49 76.42 53.69
N ARG L 366 15.41 76.44 54.47
CA ARG L 366 15.49 76.76 55.89
C ARG L 366 16.40 75.80 56.64
N ASP L 367 17.28 76.36 57.47
CA ASP L 367 18.16 75.60 58.36
C ASP L 367 17.68 75.84 59.78
N LYS L 368 17.09 74.80 60.40
CA LYS L 368 16.52 74.99 61.74
C LYS L 368 17.59 75.30 62.77
N GLU L 369 18.79 74.76 62.61
CA GLU L 369 19.85 75.02 63.57
C GLU L 369 20.49 76.38 63.40
N ASN L 370 20.12 77.12 62.35
CA ASN L 370 20.57 78.49 62.14
C ASN L 370 19.38 79.45 62.24
N GLN L 371 18.48 79.18 63.18
CA GLN L 371 17.28 79.99 63.43
C GLN L 371 16.39 80.08 62.20
N ASP L 372 16.24 78.95 61.49
CA ASP L 372 15.33 78.89 60.35
C ASP L 372 15.72 79.92 59.27
N ARG L 373 17.00 80.28 59.23
CA ARG L 373 17.52 81.17 58.20
C ARG L 373 17.76 80.39 56.91
N PHE L 374 17.56 81.07 55.78
CA PHE L 374 17.83 80.44 54.49
C PHE L 374 19.32 80.18 54.28
N THR L 375 19.63 78.98 53.83
CA THR L 375 20.99 78.57 53.52
C THR L 375 20.98 77.70 52.27
N GLN L 376 21.97 77.90 51.40
CA GLN L 376 22.09 77.07 50.20
C GLN L 376 22.28 75.62 50.59
N THR L 377 21.39 74.76 50.10
CA THR L 377 21.46 73.33 50.37
C THR L 377 21.72 72.51 49.12
N LEU L 378 21.35 73.02 47.96
CA LEU L 378 21.37 72.24 46.73
C LEU L 378 21.80 73.11 45.56
N GLN L 379 22.67 72.56 44.73
CA GLN L 379 23.19 73.19 43.52
C GLN L 379 22.81 72.39 42.28
N LEU L 380 22.14 73.04 41.34
CA LEU L 380 21.69 72.41 40.10
C LEU L 380 22.39 73.12 38.94
N GLY L 381 23.45 72.48 38.41
CA GLY L 381 24.30 73.10 37.43
C GLY L 381 25.68 73.39 38.00
N PRO L 382 26.58 73.93 37.18
CA PRO L 382 27.93 74.24 37.65
C PRO L 382 28.07 75.66 38.19
N VAL L 383 29.21 75.90 38.82
CA VAL L 383 29.55 77.21 39.36
C VAL L 383 31.03 77.47 39.11
N ALA L 384 31.36 78.70 38.73
CA ALA L 384 32.74 79.10 38.50
C ALA L 384 32.86 80.62 38.46
#